data_9AZ2
#
_entry.id   9AZ2
#
_cell.length_a   78.334
_cell.length_b   114.747
_cell.length_c   143.717
_cell.angle_alpha   83.310
_cell.angle_beta   77.440
_cell.angle_gamma   86.260
#
_symmetry.space_group_name_H-M   'P 1'
#
loop_
_entity.id
_entity.type
_entity.pdbx_description
1 polymer Deferrochelatase
2 non-polymer 'PROTOPORPHYRIN IX CONTAINING FE'
3 non-polymer 'OXYGEN MOLECULE'
4 water water
#
_entity_poly.entity_id   1
_entity_poly.type   'polypeptide(L)'
_entity_poly.pdbx_seq_one_letter_code
;AAPAQVTEAPSSDKTQDRHDFHGQHQSGIVTPRPAAGMLVSFDVLASDRDDLERLFRTLDQRIAFLMRGGPVAQVDPKLP
PLDSGILGPVVTPDNLTITVSVGESLFDERFGLEAAKPKRLIRMVGFPNDALEPACCHGDLSLQFCSNTADTNIHALRDI
VKNLPDLLLVRWKQEGSVPPQAPAKPGEPAQSARNFLGFRDGSANPDSNDPKAMQQIVWVQPGSDEPAWAAHGSYQAVRI
IRNFVERWDRTPLQEQESIIGRIKTSGAPMDGQKESQVPDYARDPHGKVTKLDAHIRLANPRTAQSQQNLILRRPFNYSN
GVNKNGQLDMGLLFICYQADLEKGFIAVQTRLNGEPLEEYLKPTGGGYFFTLPGVTGEEDFIGRSLLDATRPKSTA
;
_entity_poly.pdbx_strand_id   A,B,C,D,E,F,G,H,I,J,K,L
#
# COMPACT_ATOMS: atom_id res chain seq x y z
N PRO A 3 -46.69 11.37 -47.85
CA PRO A 3 -45.41 11.54 -47.16
C PRO A 3 -44.55 10.28 -47.22
N ALA A 4 -43.22 10.45 -47.21
CA ALA A 4 -42.32 9.32 -47.36
C ALA A 4 -42.35 8.43 -46.13
N GLN A 5 -42.23 7.13 -46.36
CA GLN A 5 -42.10 6.19 -45.26
C GLN A 5 -40.77 6.39 -44.55
N VAL A 6 -40.67 5.84 -43.34
CA VAL A 6 -39.55 6.15 -42.46
C VAL A 6 -38.23 5.76 -43.09
N THR A 7 -38.13 4.53 -43.59
CA THR A 7 -36.87 4.00 -44.12
C THR A 7 -36.66 4.33 -45.59
N GLU A 8 -37.53 5.13 -46.19
CA GLU A 8 -37.32 5.53 -47.58
C GLU A 8 -36.03 6.33 -47.71
N ALA A 9 -35.29 6.06 -48.77
CA ALA A 9 -33.97 6.66 -48.93
C ALA A 9 -34.07 8.17 -49.09
N PRO A 10 -33.09 8.92 -48.58
CA PRO A 10 -33.07 10.37 -48.82
C PRO A 10 -32.85 10.67 -50.29
N SER A 11 -33.40 11.79 -50.73
CA SER A 11 -33.31 12.19 -52.13
C SER A 11 -32.01 12.95 -52.37
N SER A 12 -31.36 12.64 -53.50
CA SER A 12 -30.12 13.29 -53.88
C SER A 12 -30.16 13.64 -55.35
N ASP A 13 -29.77 14.87 -55.68
CA ASP A 13 -29.62 15.31 -57.05
C ASP A 13 -28.17 15.33 -57.49
N LYS A 14 -27.23 14.99 -56.61
CA LYS A 14 -25.81 14.99 -56.90
C LYS A 14 -25.27 13.58 -57.14
N THR A 15 -26.15 12.62 -57.42
CA THR A 15 -25.72 11.23 -57.54
C THR A 15 -24.96 10.94 -58.82
N GLN A 16 -25.05 11.82 -59.82
CA GLN A 16 -24.32 11.65 -61.08
C GLN A 16 -23.15 12.61 -61.19
N ASP A 17 -22.76 13.26 -60.10
CA ASP A 17 -21.51 14.02 -60.09
C ASP A 17 -20.35 13.10 -60.46
N ARG A 18 -19.40 13.63 -61.21
CA ARG A 18 -18.34 12.79 -61.75
C ARG A 18 -17.07 13.59 -61.97
N HIS A 19 -15.97 12.86 -62.09
CA HIS A 19 -14.67 13.41 -62.43
C HIS A 19 -13.92 12.41 -63.29
N ASP A 20 -13.08 12.93 -64.18
CA ASP A 20 -12.29 12.07 -65.04
C ASP A 20 -11.30 11.26 -64.22
N PHE A 21 -11.24 9.95 -64.49
CA PHE A 21 -10.18 9.14 -63.89
C PHE A 21 -8.85 9.37 -64.59
N HIS A 22 -8.86 9.40 -65.92
CA HIS A 22 -7.65 9.64 -66.68
C HIS A 22 -7.25 11.11 -66.61
N GLY A 23 -5.98 11.36 -66.84
CA GLY A 23 -5.43 12.70 -66.81
C GLY A 23 -3.96 12.67 -66.49
N GLN A 24 -3.29 13.79 -66.79
CA GLN A 24 -1.87 13.92 -66.47
C GLN A 24 -1.61 13.74 -64.98
N HIS A 25 -2.52 14.26 -64.15
CA HIS A 25 -2.49 14.05 -62.71
C HIS A 25 -3.60 13.11 -62.30
N GLN A 26 -3.41 12.47 -61.15
CA GLN A 26 -4.51 11.77 -60.51
C GLN A 26 -5.50 12.77 -59.94
N SER A 27 -6.78 12.42 -59.98
CA SER A 27 -7.80 13.27 -59.39
C SER A 27 -7.73 13.19 -57.86
N GLY A 28 -8.49 14.06 -57.21
CA GLY A 28 -8.57 14.07 -55.76
C GLY A 28 -7.54 14.94 -55.06
N ILE A 29 -6.83 15.80 -55.78
CA ILE A 29 -5.86 16.70 -55.17
C ILE A 29 -6.23 18.13 -55.50
N VAL A 30 -6.11 18.50 -56.78
CA VAL A 30 -6.64 19.78 -57.24
C VAL A 30 -8.13 19.72 -57.52
N THR A 31 -8.70 18.53 -57.50
CA THR A 31 -10.15 18.39 -57.61
C THR A 31 -10.81 19.10 -56.44
N PRO A 32 -11.91 19.83 -56.67
CA PRO A 32 -12.65 20.42 -55.55
C PRO A 32 -13.07 19.34 -54.55
N ARG A 33 -12.79 19.60 -53.28
CA ARG A 33 -13.00 18.58 -52.25
C ARG A 33 -14.49 18.38 -52.00
N PRO A 34 -15.02 17.16 -52.12
CA PRO A 34 -16.43 16.92 -51.80
C PRO A 34 -16.65 16.82 -50.30
N ALA A 35 -17.87 16.42 -49.91
CA ALA A 35 -18.24 16.47 -48.51
C ALA A 35 -17.72 15.28 -47.70
N ALA A 36 -17.48 14.15 -48.37
CA ALA A 36 -17.05 12.94 -47.68
C ALA A 36 -15.63 12.57 -48.08
N GLY A 37 -14.85 12.12 -47.10
CA GLY A 37 -13.48 11.73 -47.35
C GLY A 37 -13.12 10.49 -46.56
N MET A 38 -12.13 9.75 -47.06
CA MET A 38 -11.69 8.53 -46.42
C MET A 38 -10.27 8.22 -46.87
N LEU A 39 -9.42 7.85 -45.91
CA LEU A 39 -8.05 7.48 -46.21
C LEU A 39 -7.77 6.10 -45.64
N VAL A 40 -7.41 5.15 -46.51
CA VAL A 40 -7.12 3.78 -46.13
C VAL A 40 -5.66 3.50 -46.49
N SER A 41 -4.92 2.94 -45.55
CA SER A 41 -3.55 2.50 -45.77
C SER A 41 -3.50 0.99 -45.77
N PHE A 42 -2.84 0.41 -46.78
CA PHE A 42 -2.78 -1.03 -46.94
C PHE A 42 -1.35 -1.53 -46.81
N ASP A 43 -1.21 -2.84 -46.64
CA ASP A 43 0.03 -3.54 -46.83
C ASP A 43 -0.05 -4.33 -48.13
N VAL A 44 1.02 -4.26 -48.93
CA VAL A 44 1.05 -4.94 -50.22
C VAL A 44 1.56 -6.36 -49.99
N LEU A 45 0.68 -7.34 -50.19
CA LEU A 45 0.99 -8.74 -49.99
C LEU A 45 1.58 -9.40 -51.23
N ALA A 46 2.02 -8.61 -52.21
CA ALA A 46 2.57 -9.15 -53.44
C ALA A 46 3.88 -9.88 -53.17
N SER A 47 4.04 -11.04 -53.82
CA SER A 47 5.27 -11.82 -53.63
C SER A 47 6.39 -11.33 -54.53
N ASP A 48 6.07 -10.96 -55.77
CA ASP A 48 7.07 -10.55 -56.75
C ASP A 48 6.52 -9.36 -57.53
N ARG A 49 7.23 -9.01 -58.61
CA ARG A 49 6.81 -7.87 -59.43
C ARG A 49 5.55 -8.19 -60.23
N ASP A 50 5.39 -9.44 -60.66
CA ASP A 50 4.18 -9.81 -61.40
C ASP A 50 2.94 -9.67 -60.51
N ASP A 51 3.06 -10.03 -59.23
CA ASP A 51 1.95 -9.84 -58.31
C ASP A 51 1.65 -8.36 -58.11
N LEU A 52 2.69 -7.53 -58.09
CA LEU A 52 2.49 -6.09 -57.97
C LEU A 52 1.84 -5.52 -59.22
N GLU A 53 2.22 -6.03 -60.40
CA GLU A 53 1.60 -5.58 -61.64
C GLU A 53 0.11 -5.94 -61.66
N ARG A 54 -0.22 -7.14 -61.19
CA ARG A 54 -1.63 -7.54 -61.14
C ARG A 54 -2.41 -6.65 -60.18
N LEU A 55 -1.79 -6.28 -59.05
CA LEU A 55 -2.45 -5.38 -58.11
C LEU A 55 -2.64 -3.99 -58.71
N PHE A 56 -1.67 -3.52 -59.48
CA PHE A 56 -1.77 -2.19 -60.06
C PHE A 56 -2.84 -2.13 -61.14
N ARG A 57 -2.82 -3.08 -62.07
CA ARG A 57 -3.80 -3.09 -63.16
C ARG A 57 -5.20 -3.36 -62.64
N THR A 58 -5.35 -4.13 -61.56
CA THR A 58 -6.66 -4.35 -60.98
C THR A 58 -7.19 -3.08 -60.33
N LEU A 59 -6.35 -2.39 -59.56
CA LEU A 59 -6.75 -1.11 -59.00
C LEU A 59 -7.15 -0.12 -60.08
N ASP A 60 -6.41 -0.11 -61.19
CA ASP A 60 -6.74 0.78 -62.30
C ASP A 60 -8.13 0.46 -62.85
N GLN A 61 -8.44 -0.83 -63.03
CA GLN A 61 -9.74 -1.20 -63.57
C GLN A 61 -10.86 -0.89 -62.59
N ARG A 62 -10.66 -1.17 -61.30
CA ARG A 62 -11.71 -0.93 -60.32
C ARG A 62 -11.99 0.55 -60.12
N ILE A 63 -10.93 1.36 -60.00
CA ILE A 63 -11.10 2.79 -59.80
C ILE A 63 -11.76 3.44 -61.01
N ALA A 64 -11.47 2.94 -62.21
CA ALA A 64 -12.06 3.51 -63.42
C ALA A 64 -13.57 3.31 -63.43
N PHE A 65 -14.02 2.09 -63.11
CA PHE A 65 -15.46 1.82 -63.11
C PHE A 65 -16.15 2.53 -61.95
N LEU A 66 -15.54 2.51 -60.76
CA LEU A 66 -16.15 3.13 -59.60
C LEU A 66 -16.36 4.62 -59.82
N MET A 67 -15.41 5.28 -60.48
CA MET A 67 -15.51 6.70 -60.75
C MET A 67 -16.43 7.02 -61.93
N ARG A 68 -16.73 6.03 -62.76
CA ARG A 68 -17.63 6.22 -63.90
C ARG A 68 -19.05 5.77 -63.60
N GLY A 69 -19.22 4.68 -62.86
CA GLY A 69 -20.54 4.16 -62.56
C GLY A 69 -21.12 3.38 -63.71
N GLY A 70 -22.18 2.62 -63.41
CA GLY A 70 -22.86 1.84 -64.41
C GLY A 70 -23.48 0.58 -63.87
N PRO A 71 -24.23 -0.13 -64.71
CA PRO A 71 -24.86 -1.37 -64.27
C PRO A 71 -23.84 -2.45 -64.00
N VAL A 72 -24.04 -3.17 -62.90
CA VAL A 72 -23.18 -4.28 -62.53
C VAL A 72 -23.70 -5.55 -63.17
N ALA A 73 -22.83 -6.28 -63.87
CA ALA A 73 -23.24 -7.51 -64.54
C ALA A 73 -23.71 -8.54 -63.52
N GLN A 74 -24.70 -9.33 -63.95
CA GLN A 74 -25.27 -10.38 -63.11
C GLN A 74 -24.68 -11.73 -63.51
N VAL A 75 -24.29 -12.52 -62.51
CA VAL A 75 -23.61 -13.78 -62.75
C VAL A 75 -24.40 -14.95 -62.18
N ASP A 76 -23.82 -16.14 -62.25
CA ASP A 76 -24.48 -17.35 -61.78
C ASP A 76 -24.71 -17.26 -60.27
N PRO A 77 -25.94 -17.50 -59.78
CA PRO A 77 -26.21 -17.33 -58.34
C PRO A 77 -25.36 -18.20 -57.43
N LYS A 78 -24.80 -19.31 -57.93
CA LYS A 78 -23.89 -20.09 -57.11
C LYS A 78 -22.61 -19.34 -56.78
N LEU A 79 -22.30 -18.29 -57.55
CA LEU A 79 -21.13 -17.45 -57.33
C LEU A 79 -21.50 -16.24 -56.48
N PRO A 80 -20.52 -15.65 -55.80
CA PRO A 80 -20.80 -14.42 -55.06
C PRO A 80 -21.18 -13.31 -56.01
N PRO A 81 -21.92 -12.32 -55.53
CA PRO A 81 -22.27 -11.18 -56.39
C PRO A 81 -21.02 -10.39 -56.76
N LEU A 82 -21.06 -9.80 -57.96
CA LEU A 82 -19.94 -9.00 -58.42
C LEU A 82 -19.77 -7.75 -57.58
N ASP A 83 -20.85 -7.26 -56.98
CA ASP A 83 -20.84 -5.99 -56.26
C ASP A 83 -21.54 -6.15 -54.92
N SER A 84 -21.15 -5.33 -53.95
CA SER A 84 -21.78 -5.38 -52.64
C SER A 84 -23.25 -5.00 -52.70
N GLY A 85 -23.62 -4.14 -53.64
CA GLY A 85 -24.99 -3.69 -53.77
C GLY A 85 -25.38 -2.53 -52.91
N ILE A 86 -24.43 -1.88 -52.24
CA ILE A 86 -24.74 -0.78 -51.34
C ILE A 86 -25.42 0.36 -52.09
N LEU A 87 -24.95 0.64 -53.31
CA LEU A 87 -25.49 1.72 -54.12
C LEU A 87 -26.53 1.24 -55.13
N GLY A 88 -26.95 -0.02 -55.05
CA GLY A 88 -27.96 -0.54 -55.94
C GLY A 88 -27.38 -1.32 -57.10
N PRO A 89 -28.27 -1.83 -57.98
CA PRO A 89 -27.77 -2.61 -59.13
C PRO A 89 -26.95 -1.77 -60.10
N VAL A 90 -27.24 -0.49 -60.22
CA VAL A 90 -26.47 0.42 -61.07
C VAL A 90 -25.67 1.33 -60.15
N VAL A 91 -24.34 1.23 -60.23
CA VAL A 91 -23.47 2.03 -59.36
C VAL A 91 -23.49 3.47 -59.82
N THR A 92 -23.60 4.40 -58.86
CA THR A 92 -23.55 5.81 -59.18
C THR A 92 -22.21 6.41 -58.81
N PRO A 93 -21.67 7.30 -59.65
CA PRO A 93 -20.36 7.91 -59.32
C PRO A 93 -20.41 8.74 -58.05
N ASP A 94 -21.35 9.68 -57.96
CA ASP A 94 -21.57 10.48 -56.75
C ASP A 94 -20.31 11.23 -56.33
N ASN A 95 -19.67 11.88 -57.32
CA ASN A 95 -18.50 12.71 -57.12
C ASN A 95 -17.27 11.94 -56.63
N LEU A 96 -17.24 10.63 -56.85
CA LEU A 96 -16.18 9.81 -56.28
C LEU A 96 -14.86 10.01 -57.02
N THR A 97 -13.78 10.13 -56.25
CA THR A 97 -12.42 10.07 -56.76
C THR A 97 -11.61 9.17 -55.83
N ILE A 98 -10.76 8.33 -56.42
CA ILE A 98 -9.88 7.45 -55.67
C ILE A 98 -8.45 7.75 -56.10
N THR A 99 -7.61 8.13 -55.13
CA THR A 99 -6.24 8.53 -55.39
C THR A 99 -5.28 7.52 -54.77
N VAL A 100 -4.34 7.01 -55.57
CA VAL A 100 -3.44 5.95 -55.17
C VAL A 100 -2.08 6.56 -54.86
N SER A 101 -1.49 6.15 -53.73
CA SER A 101 -0.17 6.60 -53.34
C SER A 101 0.60 5.43 -52.76
N VAL A 102 1.92 5.42 -53.00
CA VAL A 102 2.79 4.34 -52.56
C VAL A 102 3.64 4.86 -51.40
N GLY A 103 3.88 3.98 -50.41
CA GLY A 103 4.67 4.35 -49.26
C GLY A 103 6.15 4.02 -49.44
N GLU A 104 6.94 4.44 -48.45
CA GLU A 104 8.37 4.19 -48.50
C GLU A 104 8.68 2.71 -48.35
N SER A 105 7.88 1.98 -47.56
CA SER A 105 8.13 0.55 -47.36
C SER A 105 7.96 -0.26 -48.63
N LEU A 106 7.25 0.27 -49.63
CA LEU A 106 7.11 -0.45 -50.89
C LEU A 106 8.41 -0.50 -51.66
N PHE A 107 9.30 0.47 -51.44
CA PHE A 107 10.57 0.55 -52.16
C PHE A 107 11.68 -0.24 -51.48
N ASP A 108 11.35 -1.37 -50.85
CA ASP A 108 12.35 -2.22 -50.22
C ASP A 108 12.87 -3.22 -51.26
N GLU A 109 13.44 -4.33 -50.79
CA GLU A 109 14.01 -5.35 -51.65
C GLU A 109 12.97 -6.27 -52.27
N ARG A 110 11.68 -6.00 -52.05
CA ARG A 110 10.64 -6.92 -52.51
C ARG A 110 10.43 -6.83 -54.02
N PHE A 111 10.30 -5.61 -54.54
CA PHE A 111 9.89 -5.42 -55.93
C PHE A 111 10.93 -4.66 -56.76
N GLY A 112 12.16 -4.56 -56.27
CA GLY A 112 13.24 -3.98 -57.04
C GLY A 112 13.05 -2.54 -57.42
N LEU A 113 12.21 -1.79 -56.71
CA LEU A 113 11.98 -0.38 -57.00
C LEU A 113 12.84 0.54 -56.16
N GLU A 114 13.76 -0.01 -55.36
CA GLU A 114 14.52 0.79 -54.41
C GLU A 114 15.30 1.91 -55.08
N ALA A 115 15.79 1.68 -56.30
CA ALA A 115 16.60 2.68 -56.99
C ALA A 115 15.80 3.86 -57.52
N ALA A 116 14.47 3.73 -57.61
CA ALA A 116 13.64 4.77 -58.19
C ALA A 116 12.74 5.45 -57.15
N LYS A 117 13.08 5.34 -55.87
CA LYS A 117 12.28 5.96 -54.83
C LYS A 117 12.35 7.48 -54.95
N PRO A 118 11.24 8.19 -54.79
CA PRO A 118 11.29 9.66 -54.73
C PRO A 118 12.25 10.11 -53.65
N LYS A 119 13.05 11.14 -53.97
CA LYS A 119 14.18 11.51 -53.12
C LYS A 119 13.74 11.89 -51.71
N ARG A 120 12.53 12.40 -51.55
CA ARG A 120 12.07 12.89 -50.26
C ARG A 120 11.02 11.97 -49.63
N LEU A 121 10.85 10.76 -50.14
CA LEU A 121 9.88 9.81 -49.58
C LEU A 121 10.57 9.02 -48.46
N ILE A 122 10.16 9.28 -47.22
CA ILE A 122 10.71 8.61 -46.06
C ILE A 122 9.57 8.12 -45.18
N ARG A 123 9.87 7.11 -44.35
CA ARG A 123 8.93 6.69 -43.33
C ARG A 123 8.77 7.80 -42.31
N MET A 124 7.52 8.06 -41.91
CA MET A 124 7.23 9.21 -41.07
C MET A 124 7.90 9.06 -39.70
N VAL A 125 8.60 10.11 -39.29
CA VAL A 125 9.21 10.19 -37.96
C VAL A 125 8.34 11.07 -37.08
N GLY A 126 8.14 10.64 -35.84
CA GLY A 126 7.26 11.37 -34.95
C GLY A 126 7.85 12.69 -34.51
N PHE A 127 6.96 13.67 -34.31
CA PHE A 127 7.27 15.02 -33.90
C PHE A 127 7.08 15.18 -32.39
N PRO A 128 7.65 16.23 -31.79
CA PRO A 128 7.62 16.33 -30.32
C PRO A 128 6.22 16.26 -29.70
N ASN A 129 5.22 16.86 -30.34
CA ASN A 129 3.87 16.84 -29.79
C ASN A 129 3.11 15.56 -30.15
N ASP A 130 3.72 14.63 -30.86
CA ASP A 130 3.03 13.44 -31.31
C ASP A 130 2.90 12.41 -30.19
N ALA A 131 1.84 11.61 -30.28
CA ALA A 131 1.68 10.39 -29.48
C ALA A 131 1.25 9.25 -30.41
N LEU A 132 2.16 8.90 -31.32
CA LEU A 132 1.82 8.02 -32.43
C LEU A 132 1.51 6.60 -31.95
N GLU A 133 0.50 5.99 -32.57
CA GLU A 133 0.19 4.59 -32.33
C GLU A 133 0.70 3.79 -33.52
N PRO A 134 1.60 2.82 -33.31
CA PRO A 134 2.21 2.13 -34.47
C PRO A 134 1.21 1.39 -35.33
N ALA A 135 0.06 1.00 -34.79
CA ALA A 135 -0.95 0.32 -35.61
C ALA A 135 -1.61 1.26 -36.61
N CYS A 136 -1.63 2.56 -36.32
CA CYS A 136 -2.26 3.55 -37.19
C CYS A 136 -1.23 4.38 -37.96
N CYS A 137 -0.08 3.79 -38.29
CA CYS A 137 1.00 4.52 -38.94
C CYS A 137 1.54 3.73 -40.12
N HIS A 138 1.99 4.48 -41.13
CA HIS A 138 2.68 3.94 -42.30
C HIS A 138 1.82 2.98 -43.10
N GLY A 139 2.44 2.32 -44.08
CA GLY A 139 1.75 1.38 -44.94
C GLY A 139 2.39 1.35 -46.31
N ASP A 140 2.24 0.21 -46.98
CA ASP A 140 2.82 0.05 -48.31
C ASP A 140 2.10 0.92 -49.34
N LEU A 141 0.78 1.03 -49.23
CA LEU A 141 -0.03 1.73 -50.21
C LEU A 141 -1.17 2.44 -49.49
N SER A 142 -1.54 3.62 -50.01
CA SER A 142 -2.63 4.39 -49.45
C SER A 142 -3.62 4.75 -50.54
N LEU A 143 -4.91 4.58 -50.24
CA LEU A 143 -6.00 4.96 -51.12
C LEU A 143 -6.80 6.07 -50.46
N GLN A 144 -7.05 7.14 -51.20
CA GLN A 144 -7.86 8.27 -50.71
C GLN A 144 -9.20 8.25 -51.44
N PHE A 145 -10.28 8.08 -50.68
CA PHE A 145 -11.62 8.05 -51.21
C PHE A 145 -12.34 9.35 -50.85
N CYS A 146 -12.77 10.08 -51.87
CA CYS A 146 -13.56 11.29 -51.67
C CYS A 146 -14.78 11.24 -52.56
N SER A 147 -15.95 11.51 -51.99
CA SER A 147 -17.20 11.48 -52.72
C SER A 147 -18.22 12.36 -52.00
N ASN A 148 -19.46 12.33 -52.47
CA ASN A 148 -20.52 13.13 -51.86
C ASN A 148 -21.05 12.51 -50.57
N THR A 149 -20.94 11.19 -50.40
CA THR A 149 -21.42 10.52 -49.21
C THR A 149 -20.40 9.50 -48.76
N ALA A 150 -20.43 9.19 -47.45
CA ALA A 150 -19.56 8.15 -46.92
C ALA A 150 -19.95 6.78 -47.45
N ASP A 151 -21.23 6.57 -47.75
CA ASP A 151 -21.66 5.27 -48.27
C ASP A 151 -21.13 5.01 -49.67
N THR A 152 -20.99 6.05 -50.49
CA THR A 152 -20.30 5.89 -51.76
C THR A 152 -18.83 5.53 -51.54
N ASN A 153 -18.20 6.14 -50.53
CA ASN A 153 -16.82 5.80 -50.20
C ASN A 153 -16.71 4.38 -49.69
N ILE A 154 -17.57 3.99 -48.75
CA ILE A 154 -17.51 2.65 -48.18
C ILE A 154 -17.80 1.60 -49.25
N HIS A 155 -18.73 1.89 -50.16
CA HIS A 155 -18.98 0.99 -51.27
C HIS A 155 -17.75 0.85 -52.15
N ALA A 156 -17.02 1.96 -52.34
CA ALA A 156 -15.80 1.90 -53.13
C ALA A 156 -14.72 1.08 -52.42
N LEU A 157 -14.61 1.23 -51.10
CA LEU A 157 -13.65 0.43 -50.34
C LEU A 157 -14.00 -1.05 -50.42
N ARG A 158 -15.28 -1.38 -50.34
CA ARG A 158 -15.69 -2.78 -50.39
C ARG A 158 -15.35 -3.41 -51.74
N ASP A 159 -15.42 -2.62 -52.82
CA ASP A 159 -15.06 -3.16 -54.13
C ASP A 159 -13.57 -3.48 -54.20
N ILE A 160 -12.73 -2.62 -53.62
CA ILE A 160 -11.29 -2.81 -53.69
C ILE A 160 -10.87 -4.05 -52.90
N VAL A 161 -11.39 -4.19 -51.68
CA VAL A 161 -10.99 -5.31 -50.83
C VAL A 161 -11.59 -6.62 -51.34
N LYS A 162 -12.77 -6.55 -51.99
CA LYS A 162 -13.36 -7.77 -52.53
C LYS A 162 -12.57 -8.30 -53.71
N ASN A 163 -12.15 -7.42 -54.62
CA ASN A 163 -11.44 -7.83 -55.82
C ASN A 163 -9.95 -8.04 -55.58
N LEU A 164 -9.43 -7.66 -54.42
CA LEU A 164 -8.02 -7.85 -54.08
C LEU A 164 -7.91 -8.40 -52.66
N PRO A 165 -8.38 -9.63 -52.42
CA PRO A 165 -8.36 -10.17 -51.06
C PRO A 165 -6.99 -10.70 -50.65
N ASP A 166 -6.24 -11.23 -51.61
CA ASP A 166 -4.94 -11.85 -51.34
C ASP A 166 -3.77 -10.93 -51.65
N LEU A 167 -4.02 -9.71 -52.10
CA LEU A 167 -2.95 -8.77 -52.41
C LEU A 167 -2.94 -7.55 -51.49
N LEU A 168 -4.07 -7.20 -50.87
CA LEU A 168 -4.17 -6.03 -50.03
C LEU A 168 -4.67 -6.43 -48.65
N LEU A 169 -3.97 -5.99 -47.61
CA LEU A 169 -4.41 -6.12 -46.23
C LEU A 169 -4.54 -4.72 -45.64
N VAL A 170 -5.73 -4.42 -45.11
CA VAL A 170 -6.01 -3.08 -44.61
C VAL A 170 -5.24 -2.86 -43.31
N ARG A 171 -4.32 -1.90 -43.32
CA ARG A 171 -3.55 -1.59 -42.12
C ARG A 171 -4.34 -0.69 -41.18
N TRP A 172 -4.67 0.52 -41.64
CA TRP A 172 -5.48 1.43 -40.84
C TRP A 172 -6.29 2.31 -41.78
N LYS A 173 -7.34 2.93 -41.22
CA LYS A 173 -8.23 3.77 -42.00
C LYS A 173 -8.81 4.86 -41.11
N GLN A 174 -9.29 5.92 -41.77
CA GLN A 174 -9.90 7.04 -41.05
C GLN A 174 -10.77 7.82 -42.02
N GLU A 175 -12.08 7.82 -41.77
CA GLU A 175 -13.01 8.58 -42.58
C GLU A 175 -13.27 9.96 -41.94
N GLY A 176 -13.88 10.84 -42.71
CA GLY A 176 -14.15 12.19 -42.23
C GLY A 176 -15.05 12.91 -43.20
N SER A 177 -15.37 14.16 -42.83
CA SER A 177 -16.27 14.97 -43.63
C SER A 177 -16.00 16.44 -43.36
N VAL A 178 -16.60 17.29 -44.19
CA VAL A 178 -16.58 18.74 -44.01
C VAL A 178 -18.02 19.24 -44.13
N PRO A 179 -18.39 20.35 -43.49
CA PRO A 179 -19.79 20.78 -43.52
C PRO A 179 -20.11 21.52 -44.81
N PRO A 180 -21.14 21.10 -45.53
CA PRO A 180 -21.58 21.86 -46.70
C PRO A 180 -22.25 23.17 -46.27
N GLN A 181 -22.31 24.12 -47.20
CA GLN A 181 -22.86 25.43 -46.92
C GLN A 181 -23.87 25.81 -48.00
N ALA A 182 -24.79 26.69 -47.63
CA ALA A 182 -25.79 27.19 -48.57
C ALA A 182 -25.08 27.91 -49.72
N PRO A 183 -25.72 27.98 -50.89
CA PRO A 183 -25.08 28.64 -52.03
C PRO A 183 -24.77 30.11 -51.74
N ALA A 184 -23.61 30.55 -52.20
CA ALA A 184 -23.20 31.93 -51.98
C ALA A 184 -24.04 32.88 -52.84
N LYS A 185 -24.43 34.00 -52.26
CA LYS A 185 -25.19 35.00 -52.98
C LYS A 185 -24.32 35.65 -54.05
N PRO A 186 -24.92 36.05 -55.19
CA PRO A 186 -24.12 36.56 -56.31
C PRO A 186 -23.30 37.78 -55.92
N GLY A 187 -22.03 37.78 -56.32
CA GLY A 187 -21.12 38.84 -55.98
C GLY A 187 -20.39 38.65 -54.67
N GLU A 188 -20.77 37.66 -53.87
CA GLU A 188 -20.10 37.42 -52.60
C GLU A 188 -19.16 36.23 -52.73
N PRO A 189 -17.91 36.36 -52.29
CA PRO A 189 -16.95 35.27 -52.48
C PRO A 189 -17.30 34.07 -51.61
N ALA A 190 -17.06 32.88 -52.15
CA ALA A 190 -17.28 31.65 -51.39
C ALA A 190 -16.24 31.51 -50.28
N GLN A 191 -16.49 30.58 -49.37
CA GLN A 191 -15.67 30.41 -48.19
C GLN A 191 -15.11 29.00 -48.11
N SER A 192 -13.97 28.86 -47.44
CA SER A 192 -13.43 27.55 -47.14
C SER A 192 -14.29 26.88 -46.07
N ALA A 193 -14.30 25.55 -46.09
CA ALA A 193 -15.06 24.80 -45.10
C ALA A 193 -14.42 24.96 -43.72
N ARG A 194 -15.23 24.76 -42.69
CA ARG A 194 -14.80 24.92 -41.31
C ARG A 194 -14.43 23.57 -40.71
N ASN A 195 -13.43 23.59 -39.83
CA ASN A 195 -13.01 22.38 -39.13
C ASN A 195 -13.72 22.27 -37.79
N PHE A 196 -13.42 21.21 -37.05
CA PHE A 196 -14.09 20.99 -35.78
C PHE A 196 -13.60 21.92 -34.66
N LEU A 197 -12.72 22.86 -34.98
CA LEU A 197 -12.38 23.95 -34.08
C LEU A 197 -13.16 25.22 -34.38
N GLY A 198 -14.04 25.19 -35.38
CA GLY A 198 -14.90 26.31 -35.71
C GLY A 198 -14.33 27.29 -36.71
N PHE A 199 -13.07 27.14 -37.11
CA PHE A 199 -12.40 28.08 -37.99
C PHE A 199 -12.43 27.59 -39.43
N ARG A 200 -12.47 28.53 -40.37
CA ARG A 200 -12.36 28.21 -41.78
C ARG A 200 -10.99 27.61 -42.06
N ASP A 201 -10.98 26.48 -42.77
CA ASP A 201 -9.77 25.70 -43.00
C ASP A 201 -9.44 25.70 -44.49
N GLY A 202 -8.28 26.23 -44.84
CA GLY A 202 -7.81 26.27 -46.21
C GLY A 202 -7.86 27.61 -46.90
N SER A 203 -8.10 28.69 -46.16
CA SER A 203 -8.24 30.01 -46.79
C SER A 203 -6.97 30.41 -47.54
N ALA A 204 -5.80 30.19 -46.94
CA ALA A 204 -4.54 30.60 -47.52
C ALA A 204 -3.94 29.55 -48.45
N ASN A 205 -4.74 28.59 -48.90
CA ASN A 205 -4.25 27.61 -49.87
C ASN A 205 -3.86 28.32 -51.16
N PRO A 206 -2.81 27.88 -51.84
CA PRO A 206 -2.48 28.46 -53.15
C PRO A 206 -3.60 28.25 -54.14
N ASP A 207 -3.61 29.09 -55.18
CA ASP A 207 -4.68 29.06 -56.18
C ASP A 207 -4.59 27.76 -56.97
N SER A 208 -5.59 26.88 -56.78
CA SER A 208 -5.65 25.64 -57.53
C SER A 208 -6.03 25.85 -58.99
N ASN A 209 -6.45 27.05 -59.37
CA ASN A 209 -6.70 27.39 -60.76
C ASN A 209 -5.47 27.92 -61.48
N ASP A 210 -4.38 28.16 -60.75
CA ASP A 210 -3.13 28.62 -61.32
C ASP A 210 -2.23 27.43 -61.59
N PRO A 211 -2.11 26.97 -62.84
CA PRO A 211 -1.26 25.82 -63.12
C PRO A 211 0.20 26.06 -62.82
N LYS A 212 0.67 27.30 -63.01
CA LYS A 212 2.05 27.62 -62.66
C LYS A 212 2.28 27.47 -61.16
N ALA A 213 1.32 27.88 -60.34
CA ALA A 213 1.44 27.72 -58.90
C ALA A 213 1.37 26.24 -58.51
N MET A 214 0.53 25.48 -59.19
CA MET A 214 0.43 24.04 -58.89
C MET A 214 1.67 23.30 -59.36
N GLN A 215 2.22 23.69 -60.51
CA GLN A 215 3.47 23.10 -60.97
C GLN A 215 4.65 23.47 -60.08
N GLN A 216 4.50 24.50 -59.25
CA GLN A 216 5.57 24.96 -58.37
C GLN A 216 5.47 24.35 -56.98
N ILE A 217 4.27 24.09 -56.48
CA ILE A 217 4.05 23.71 -55.10
C ILE A 217 3.64 22.25 -54.97
N VAL A 218 2.80 21.76 -55.87
CA VAL A 218 2.13 20.47 -55.71
C VAL A 218 2.77 19.38 -56.56
N TRP A 219 2.98 19.65 -57.85
CA TRP A 219 3.31 18.60 -58.81
C TRP A 219 4.80 18.51 -59.04
N VAL A 220 5.31 17.27 -59.07
CA VAL A 220 6.70 17.03 -59.44
C VAL A 220 6.87 17.32 -60.92
N GLN A 221 7.86 18.15 -61.24
CA GLN A 221 8.05 18.45 -62.65
C GLN A 221 9.12 17.55 -63.25
N PRO A 222 9.00 17.22 -64.55
CA PRO A 222 9.98 16.30 -65.15
C PRO A 222 11.41 16.80 -65.10
N GLY A 223 11.63 18.11 -65.12
CA GLY A 223 12.97 18.65 -65.07
C GLY A 223 13.63 18.66 -63.71
N SER A 224 12.94 18.20 -62.67
CA SER A 224 13.45 18.26 -61.32
C SER A 224 14.52 17.19 -61.09
N ASP A 225 15.00 17.10 -59.85
CA ASP A 225 15.96 16.09 -59.45
C ASP A 225 15.29 14.78 -59.01
N GLU A 226 13.97 14.69 -59.13
CA GLU A 226 13.26 13.46 -58.81
C GLU A 226 13.42 12.45 -59.94
N PRO A 227 13.15 11.17 -59.67
CA PRO A 227 13.15 10.18 -60.76
C PRO A 227 12.21 10.58 -61.89
N ALA A 228 12.59 10.18 -63.11
CA ALA A 228 11.86 10.62 -64.28
C ALA A 228 10.43 10.08 -64.29
N TRP A 229 10.23 8.87 -63.77
CA TRP A 229 8.90 8.28 -63.76
C TRP A 229 7.94 9.07 -62.86
N ALA A 230 8.46 9.71 -61.82
CA ALA A 230 7.64 10.35 -60.81
C ALA A 230 7.05 11.68 -61.26
N ALA A 231 7.29 12.09 -62.51
CA ALA A 231 6.76 13.35 -63.00
C ALA A 231 5.24 13.38 -62.88
N HIS A 232 4.71 14.55 -62.51
CA HIS A 232 3.28 14.82 -62.32
C HIS A 232 2.69 14.08 -61.13
N GLY A 233 3.53 13.48 -60.28
CA GLY A 233 3.09 12.96 -59.01
C GLY A 233 3.17 14.01 -57.92
N SER A 234 2.96 13.57 -56.69
CA SER A 234 2.98 14.49 -55.56
C SER A 234 3.16 13.71 -54.26
N TYR A 235 3.85 14.33 -53.31
CA TYR A 235 4.01 13.76 -51.98
C TYR A 235 2.74 13.99 -51.18
N GLN A 236 2.24 12.92 -50.55
CA GLN A 236 1.02 12.98 -49.75
C GLN A 236 1.38 12.78 -48.29
N ALA A 237 0.99 13.74 -47.46
CA ALA A 237 1.19 13.67 -46.02
C ALA A 237 -0.16 13.53 -45.33
N VAL A 238 -0.28 12.56 -44.43
CA VAL A 238 -1.50 12.32 -43.68
C VAL A 238 -1.17 12.35 -42.20
N ARG A 239 -2.01 13.04 -41.42
CA ARG A 239 -1.86 13.12 -39.97
C ARG A 239 -3.25 13.08 -39.35
N ILE A 240 -3.52 12.08 -38.51
CA ILE A 240 -4.74 12.02 -37.73
C ILE A 240 -4.48 12.81 -36.45
N ILE A 241 -5.03 14.02 -36.39
CA ILE A 241 -4.75 14.94 -35.30
C ILE A 241 -6.00 15.05 -34.42
N ARG A 242 -5.86 14.65 -33.17
CA ARG A 242 -6.96 14.74 -32.21
C ARG A 242 -7.20 16.19 -31.82
N ASN A 243 -8.47 16.52 -31.59
CA ASN A 243 -8.88 17.82 -31.08
C ASN A 243 -9.47 17.64 -29.69
N PHE A 244 -8.91 18.34 -28.71
CA PHE A 244 -9.47 18.37 -27.36
C PHE A 244 -10.54 19.47 -27.36
N VAL A 245 -11.73 19.09 -27.84
CA VAL A 245 -12.75 20.07 -28.20
C VAL A 245 -13.39 20.69 -26.98
N GLU A 246 -13.53 19.93 -25.89
CA GLU A 246 -14.13 20.49 -24.67
C GLU A 246 -13.25 21.59 -24.10
N ARG A 247 -11.95 21.34 -23.99
CA ARG A 247 -11.03 22.39 -23.53
C ARG A 247 -10.97 23.55 -24.50
N TRP A 248 -11.10 23.27 -25.80
CA TRP A 248 -11.08 24.35 -26.79
C TRP A 248 -12.34 25.19 -26.72
N ASP A 249 -13.49 24.56 -26.49
CA ASP A 249 -14.74 25.30 -26.39
C ASP A 249 -14.81 26.13 -25.11
N ARG A 250 -14.03 25.77 -24.08
CA ARG A 250 -13.94 26.58 -22.86
C ARG A 250 -12.95 27.72 -23.00
N THR A 251 -12.22 27.79 -24.11
CA THR A 251 -11.18 28.80 -24.30
C THR A 251 -11.83 30.11 -24.78
N PRO A 252 -11.42 31.25 -24.19
CA PRO A 252 -11.95 32.54 -24.65
C PRO A 252 -11.74 32.75 -26.15
N LEU A 253 -12.67 33.50 -26.74
CA LEU A 253 -12.64 33.72 -28.19
C LEU A 253 -11.37 34.46 -28.61
N GLN A 254 -10.99 35.49 -27.87
CA GLN A 254 -9.79 36.24 -28.21
C GLN A 254 -8.54 35.37 -28.13
N GLU A 255 -8.53 34.40 -27.21
CA GLU A 255 -7.42 33.45 -27.15
C GLU A 255 -7.43 32.53 -28.37
N GLN A 256 -8.62 32.06 -28.76
CA GLN A 256 -8.74 31.22 -29.96
C GLN A 256 -8.18 31.94 -31.18
N GLU A 257 -8.57 33.20 -31.37
CA GLU A 257 -8.16 33.93 -32.57
C GLU A 257 -6.68 34.32 -32.51
N SER A 258 -6.17 34.62 -31.32
CA SER A 258 -4.76 34.99 -31.21
C SER A 258 -3.84 33.79 -31.38
N ILE A 259 -4.34 32.57 -31.15
CA ILE A 259 -3.51 31.37 -31.30
C ILE A 259 -3.49 30.90 -32.74
N ILE A 260 -4.63 30.89 -33.41
CA ILE A 260 -4.67 30.50 -34.82
C ILE A 260 -4.12 31.62 -35.70
N GLY A 261 -4.47 32.86 -35.40
CA GLY A 261 -4.04 34.00 -36.19
C GLY A 261 -5.08 34.58 -37.11
N ARG A 262 -6.35 34.20 -36.96
CA ARG A 262 -7.40 34.69 -37.83
C ARG A 262 -8.69 34.83 -37.03
N ILE A 263 -9.55 35.76 -37.47
CA ILE A 263 -10.85 35.93 -36.83
C ILE A 263 -11.73 34.73 -37.13
N LYS A 264 -12.50 34.30 -36.14
CA LYS A 264 -13.28 33.08 -36.29
C LYS A 264 -14.44 33.27 -37.26
N THR A 265 -15.24 34.31 -37.07
CA THR A 265 -16.46 34.49 -37.84
C THR A 265 -16.15 34.69 -39.33
N SER A 266 -15.34 35.70 -39.64
CA SER A 266 -15.08 36.07 -41.02
C SER A 266 -13.91 35.31 -41.65
N GLY A 267 -13.10 34.62 -40.85
CA GLY A 267 -11.90 34.01 -41.38
C GLY A 267 -10.84 35.00 -41.81
N ALA A 268 -10.96 36.26 -41.42
CA ALA A 268 -10.08 37.32 -41.86
C ALA A 268 -8.76 37.30 -41.10
N PRO A 269 -7.70 37.82 -41.70
CA PRO A 269 -6.46 38.01 -40.94
C PRO A 269 -6.62 39.10 -39.89
N MET A 270 -5.71 39.09 -38.91
CA MET A 270 -5.81 40.02 -37.80
C MET A 270 -5.71 41.48 -38.24
N ASP A 271 -5.13 41.75 -39.41
CA ASP A 271 -5.01 43.11 -39.92
C ASP A 271 -5.93 43.36 -41.11
N GLY A 272 -6.84 42.44 -41.40
CA GLY A 272 -7.70 42.60 -42.56
C GLY A 272 -9.18 42.54 -42.23
N GLN A 273 -10.01 42.27 -43.23
CA GLN A 273 -11.46 42.24 -43.06
C GLN A 273 -12.15 41.05 -43.73
N LYS A 274 -11.60 40.46 -44.79
CA LYS A 274 -12.21 39.33 -45.47
C LYS A 274 -11.27 38.14 -45.50
N GLU A 275 -11.84 36.96 -45.76
CA GLU A 275 -11.09 35.71 -45.67
C GLU A 275 -9.98 35.64 -46.72
N SER A 276 -10.21 36.23 -47.90
CA SER A 276 -9.24 36.16 -48.98
C SER A 276 -8.00 37.00 -48.75
N GLN A 277 -7.93 37.76 -47.66
CA GLN A 277 -6.81 38.65 -47.41
C GLN A 277 -5.73 37.95 -46.60
N VAL A 278 -4.49 38.41 -46.81
CA VAL A 278 -3.33 37.85 -46.12
C VAL A 278 -2.76 38.92 -45.19
N PRO A 279 -2.16 38.55 -44.07
CA PRO A 279 -1.58 39.55 -43.16
C PRO A 279 -0.26 40.09 -43.67
N ASP A 280 0.10 41.26 -43.13
CA ASP A 280 1.34 41.97 -43.47
C ASP A 280 2.28 41.84 -42.28
N TYR A 281 3.15 40.81 -42.32
CA TYR A 281 4.04 40.55 -41.19
C TYR A 281 5.18 41.55 -41.11
N ALA A 282 5.60 42.10 -42.25
CA ALA A 282 6.74 43.01 -42.25
C ALA A 282 6.45 44.26 -41.42
N ARG A 283 5.24 44.79 -41.51
CA ARG A 283 4.85 45.94 -40.71
C ARG A 283 4.53 45.57 -39.26
N ASP A 284 4.55 44.28 -38.92
CA ASP A 284 4.26 43.81 -37.57
C ASP A 284 5.38 42.89 -37.10
N PRO A 285 6.60 43.42 -36.94
CA PRO A 285 7.74 42.54 -36.60
C PRO A 285 7.70 42.04 -35.17
N HIS A 286 7.02 42.73 -34.26
CA HIS A 286 6.98 42.34 -32.86
C HIS A 286 5.76 41.50 -32.50
N GLY A 287 4.80 41.36 -33.41
CA GLY A 287 3.68 40.48 -33.16
C GLY A 287 2.54 41.07 -32.38
N LYS A 288 2.37 42.40 -32.41
CA LYS A 288 1.26 43.01 -31.71
C LYS A 288 -0.07 42.71 -32.38
N VAL A 289 -0.08 42.57 -33.70
CA VAL A 289 -1.30 42.32 -34.45
C VAL A 289 -1.50 40.82 -34.60
N THR A 290 -0.52 40.14 -35.20
CA THR A 290 -0.52 38.69 -35.32
C THR A 290 0.64 38.14 -34.49
N LYS A 291 0.31 37.32 -33.50
CA LYS A 291 1.32 36.81 -32.57
C LYS A 291 2.39 36.04 -33.33
N LEU A 292 3.64 36.15 -32.85
CA LEU A 292 4.74 35.45 -33.46
C LEU A 292 4.60 33.94 -33.34
N ASP A 293 3.74 33.45 -32.44
CA ASP A 293 3.47 32.03 -32.29
C ASP A 293 2.09 31.65 -32.79
N ALA A 294 1.48 32.49 -33.64
CA ALA A 294 0.22 32.12 -34.25
C ALA A 294 0.42 30.94 -35.20
N HIS A 295 -0.66 30.19 -35.43
CA HIS A 295 -0.57 29.01 -36.28
C HIS A 295 -0.20 29.38 -37.71
N ILE A 296 -0.89 30.38 -38.28
CA ILE A 296 -0.63 30.75 -39.66
C ILE A 296 0.70 31.48 -39.79
N ARG A 297 1.10 32.23 -38.76
CA ARG A 297 2.38 32.93 -38.82
C ARG A 297 3.54 31.93 -38.73
N LEU A 298 3.38 30.88 -37.92
CA LEU A 298 4.42 29.87 -37.82
C LEU A 298 4.44 28.96 -39.04
N ALA A 299 3.27 28.68 -39.61
CA ALA A 299 3.20 27.84 -40.80
C ALA A 299 3.60 28.56 -42.07
N ASN A 300 3.61 29.90 -42.05
CA ASN A 300 3.96 30.67 -43.23
C ASN A 300 4.47 32.05 -42.83
N PRO A 301 5.79 32.22 -42.67
CA PRO A 301 6.32 33.56 -42.39
C PRO A 301 6.10 34.54 -43.53
N ARG A 302 5.70 34.06 -44.72
CA ARG A 302 5.42 34.91 -45.87
C ARG A 302 6.65 35.73 -46.26
N THR A 303 7.82 35.13 -46.13
CA THR A 303 9.05 35.69 -46.66
C THR A 303 9.31 35.10 -48.05
N ALA A 304 10.36 35.58 -48.71
CA ALA A 304 10.75 34.98 -49.98
C ALA A 304 11.37 33.61 -49.76
N GLN A 305 12.04 33.41 -48.64
CA GLN A 305 12.64 32.12 -48.30
C GLN A 305 11.60 31.08 -47.89
N SER A 306 10.36 31.49 -47.64
CA SER A 306 9.31 30.58 -47.21
C SER A 306 8.36 30.18 -48.32
N GLN A 307 8.41 30.84 -49.47
CA GLN A 307 7.54 30.46 -50.58
C GLN A 307 7.85 29.06 -51.11
N GLN A 308 9.01 28.51 -50.77
CA GLN A 308 9.34 27.13 -51.09
C GLN A 308 8.74 26.15 -50.10
N ASN A 309 8.11 26.62 -49.03
CA ASN A 309 7.48 25.76 -48.04
C ASN A 309 5.95 25.80 -48.12
N LEU A 310 5.39 26.35 -49.18
CA LEU A 310 3.95 26.35 -49.36
C LEU A 310 3.46 24.94 -49.64
N ILE A 311 2.21 24.65 -49.22
CA ILE A 311 1.60 23.34 -49.40
C ILE A 311 0.15 23.52 -49.80
N LEU A 312 -0.42 22.45 -50.35
CA LEU A 312 -1.84 22.39 -50.72
C LEU A 312 -2.55 21.52 -49.70
N ARG A 313 -3.30 22.14 -48.80
CA ARG A 313 -4.00 21.40 -47.75
C ARG A 313 -5.37 20.96 -48.23
N ARG A 314 -5.73 19.73 -47.90
CA ARG A 314 -7.00 19.14 -48.32
C ARG A 314 -7.56 18.24 -47.22
N PRO A 315 -7.92 18.80 -46.07
CA PRO A 315 -8.25 17.96 -44.92
C PRO A 315 -9.73 17.63 -44.82
N PHE A 316 -10.06 16.78 -43.85
CA PHE A 316 -11.43 16.48 -43.46
C PHE A 316 -11.52 16.51 -41.94
N ASN A 317 -12.74 16.70 -41.44
CA ASN A 317 -13.00 16.62 -40.00
C ASN A 317 -13.46 15.21 -39.67
N TYR A 318 -12.76 14.56 -38.75
CA TYR A 318 -13.08 13.20 -38.34
C TYR A 318 -13.71 13.19 -36.96
N SER A 319 -14.51 12.15 -36.71
CA SER A 319 -15.18 11.99 -35.42
C SER A 319 -15.38 10.50 -35.19
N ASN A 320 -14.66 9.95 -34.21
CA ASN A 320 -14.79 8.53 -33.88
C ASN A 320 -15.61 8.35 -32.60
N GLY A 321 -15.15 7.47 -31.71
CA GLY A 321 -15.86 7.20 -30.48
C GLY A 321 -15.59 8.25 -29.41
N VAL A 322 -15.86 7.87 -28.18
CA VAL A 322 -15.64 8.72 -27.01
C VAL A 322 -14.59 8.07 -26.14
N ASN A 323 -13.59 8.86 -25.73
CA ASN A 323 -12.54 8.35 -24.87
C ASN A 323 -13.10 8.04 -23.49
N LYS A 324 -12.45 7.08 -22.81
CA LYS A 324 -12.96 6.61 -21.52
C LYS A 324 -12.99 7.71 -20.48
N ASN A 325 -12.13 8.72 -20.62
CA ASN A 325 -12.15 9.85 -19.69
C ASN A 325 -13.42 10.69 -19.80
N GLY A 326 -14.22 10.47 -20.85
CA GLY A 326 -15.47 11.17 -21.05
C GLY A 326 -15.48 12.10 -22.25
N GLN A 327 -14.31 12.47 -22.76
CA GLN A 327 -14.21 13.44 -23.84
C GLN A 327 -14.31 12.76 -25.20
N LEU A 328 -14.75 13.55 -26.19
CA LEU A 328 -15.02 13.01 -27.52
C LEU A 328 -13.74 12.94 -28.35
N ASP A 329 -13.57 11.81 -29.04
CA ASP A 329 -12.43 11.63 -29.94
C ASP A 329 -12.84 12.13 -31.32
N MET A 330 -12.52 13.39 -31.58
CA MET A 330 -12.76 14.00 -32.88
C MET A 330 -11.65 15.00 -33.15
N GLY A 331 -11.45 15.30 -34.44
CA GLY A 331 -10.40 16.24 -34.80
C GLY A 331 -10.28 16.48 -36.28
N LEU A 332 -9.05 16.56 -36.77
CA LEU A 332 -8.76 16.89 -38.16
C LEU A 332 -8.08 15.71 -38.83
N LEU A 333 -8.69 15.20 -39.91
CA LEU A 333 -8.02 14.27 -40.80
C LEU A 333 -7.18 15.09 -41.76
N PHE A 334 -5.95 15.37 -41.36
CA PHE A 334 -5.08 16.25 -42.12
C PHE A 334 -4.51 15.53 -43.34
N ILE A 335 -4.70 16.14 -44.51
CA ILE A 335 -4.16 15.63 -45.77
C ILE A 335 -3.65 16.83 -46.57
N CYS A 336 -2.36 16.82 -46.92
CA CYS A 336 -1.79 17.88 -47.71
C CYS A 336 -0.84 17.28 -48.74
N TYR A 337 -0.67 17.99 -49.85
CA TYR A 337 0.15 17.53 -50.96
C TYR A 337 1.22 18.58 -51.27
N GLN A 338 2.35 18.11 -51.77
CA GLN A 338 3.49 18.98 -52.05
C GLN A 338 4.41 18.31 -53.05
N ALA A 339 5.06 19.12 -53.88
CA ALA A 339 6.06 18.59 -54.81
C ALA A 339 7.33 18.15 -54.10
N ASP A 340 7.59 18.68 -52.91
CA ASP A 340 8.75 18.32 -52.11
C ASP A 340 8.28 18.07 -50.68
N LEU A 341 8.39 16.82 -50.22
CA LEU A 341 7.89 16.48 -48.89
C LEU A 341 8.74 17.14 -47.80
N GLU A 342 10.06 17.10 -47.95
CA GLU A 342 10.93 17.72 -46.95
C GLU A 342 10.73 19.23 -46.92
N LYS A 343 10.67 19.86 -48.09
CA LYS A 343 10.44 21.30 -48.14
C LYS A 343 9.01 21.66 -47.76
N GLY A 344 8.07 20.75 -47.97
CA GLY A 344 6.67 21.02 -47.70
C GLY A 344 6.25 20.77 -46.27
N PHE A 345 5.55 19.64 -46.04
CA PHE A 345 4.96 19.38 -44.73
C PHE A 345 6.04 19.28 -43.64
N ILE A 346 7.15 18.61 -43.94
CA ILE A 346 8.17 18.37 -42.93
C ILE A 346 8.74 19.70 -42.43
N ALA A 347 9.05 20.60 -43.37
CA ALA A 347 9.60 21.91 -42.98
C ALA A 347 8.58 22.74 -42.23
N VAL A 348 7.31 22.65 -42.62
CA VAL A 348 6.27 23.46 -41.96
C VAL A 348 6.00 22.95 -40.56
N GLN A 349 5.81 21.63 -40.41
CA GLN A 349 5.56 21.06 -39.09
C GLN A 349 6.73 21.31 -38.14
N THR A 350 7.94 21.41 -38.68
CA THR A 350 9.09 21.75 -37.83
C THR A 350 8.93 23.14 -37.24
N ARG A 351 8.48 24.10 -38.04
CA ARG A 351 8.25 25.45 -37.53
C ARG A 351 7.09 25.50 -36.55
N LEU A 352 6.06 24.67 -36.76
CA LEU A 352 4.91 24.63 -35.87
C LEU A 352 5.20 23.91 -34.55
N ASN A 353 6.36 23.29 -34.41
CA ASN A 353 6.69 22.56 -33.19
C ASN A 353 6.70 23.50 -31.99
N GLY A 354 5.94 23.15 -30.96
CA GLY A 354 5.84 23.97 -29.77
C GLY A 354 4.82 25.08 -29.85
N GLU A 355 4.01 25.13 -30.91
CA GLU A 355 3.04 26.18 -31.06
C GLU A 355 2.00 26.14 -29.94
N PRO A 356 1.43 27.28 -29.56
CA PRO A 356 0.37 27.27 -28.54
C PRO A 356 -0.86 26.49 -28.96
N LEU A 357 -1.01 26.18 -30.25
CA LEU A 357 -2.10 25.33 -30.70
C LEU A 357 -1.94 23.89 -30.23
N GLU A 358 -0.71 23.47 -29.89
CA GLU A 358 -0.48 22.10 -29.46
C GLU A 358 -1.19 21.76 -28.16
N GLU A 359 -1.57 22.77 -27.37
CA GLU A 359 -2.36 22.52 -26.18
C GLU A 359 -3.67 21.81 -26.48
N TYR A 360 -4.16 21.90 -27.72
CA TYR A 360 -5.43 21.31 -28.12
C TYR A 360 -5.28 20.28 -29.22
N LEU A 361 -4.05 19.86 -29.52
CA LEU A 361 -3.80 18.92 -30.61
C LEU A 361 -3.08 17.68 -30.10
N LYS A 362 -3.29 16.56 -30.79
CA LYS A 362 -2.60 15.32 -30.47
C LYS A 362 -2.56 14.41 -31.69
N PRO A 363 -1.52 14.51 -32.52
CA PRO A 363 -1.40 13.61 -33.68
C PRO A 363 -1.13 12.18 -33.22
N THR A 364 -1.97 11.26 -33.66
CA THR A 364 -1.90 9.87 -33.23
C THR A 364 -1.62 8.89 -34.36
N GLY A 365 -1.58 9.33 -35.61
CA GLY A 365 -1.31 8.41 -36.71
C GLY A 365 -1.24 9.16 -38.01
N GLY A 366 -0.97 8.41 -39.06
CA GLY A 366 -0.83 8.94 -40.41
C GLY A 366 0.33 8.28 -41.11
N GLY A 367 0.87 8.96 -42.10
CA GLY A 367 2.02 8.44 -42.83
C GLY A 367 2.32 9.29 -44.04
N TYR A 368 3.49 9.01 -44.61
CA TYR A 368 3.93 9.68 -45.83
C TYR A 368 3.79 8.73 -47.01
N PHE A 369 3.28 9.25 -48.12
CA PHE A 369 3.12 8.49 -49.35
C PHE A 369 3.41 9.39 -50.53
N PHE A 370 3.70 8.79 -51.67
CA PHE A 370 3.89 9.52 -52.92
C PHE A 370 2.75 9.17 -53.87
N THR A 371 1.93 10.16 -54.21
CA THR A 371 0.85 9.96 -55.16
C THR A 371 1.42 9.72 -56.55
N LEU A 372 1.10 8.57 -57.13
CA LEU A 372 1.61 8.21 -58.44
C LEU A 372 1.12 9.21 -59.49
N PRO A 373 1.86 9.34 -60.60
CA PRO A 373 1.39 10.20 -61.68
C PRO A 373 0.06 9.73 -62.24
N GLY A 374 -0.59 10.62 -62.98
CA GLY A 374 -1.88 10.32 -63.54
C GLY A 374 -1.81 9.32 -64.67
N VAL A 375 -2.94 8.64 -64.90
CA VAL A 375 -3.08 7.66 -65.96
C VAL A 375 -3.46 8.39 -67.24
N THR A 376 -2.55 8.42 -68.20
CA THR A 376 -2.73 9.18 -69.44
C THR A 376 -3.11 8.22 -70.56
N GLY A 377 -4.41 7.96 -70.69
CA GLY A 377 -4.92 7.21 -71.82
C GLY A 377 -5.28 5.78 -71.45
N GLU A 378 -5.86 5.09 -72.44
CA GLU A 378 -6.35 3.73 -72.26
C GLU A 378 -5.26 2.68 -72.26
N GLU A 379 -4.03 3.03 -72.63
CA GLU A 379 -2.91 2.10 -72.57
C GLU A 379 -2.09 2.26 -71.30
N ASP A 380 -2.26 3.35 -70.57
CA ASP A 380 -1.63 3.54 -69.28
C ASP A 380 -2.50 2.95 -68.18
N PHE A 381 -1.89 2.71 -67.02
CA PHE A 381 -2.64 2.29 -65.84
C PHE A 381 -1.89 2.78 -64.60
N ILE A 382 -2.51 2.54 -63.44
CA ILE A 382 -1.97 3.03 -62.18
C ILE A 382 -0.61 2.39 -61.91
N GLY A 383 0.42 3.22 -61.81
CA GLY A 383 1.74 2.75 -61.47
C GLY A 383 2.51 2.10 -62.61
N ARG A 384 2.04 2.22 -63.85
CA ARG A 384 2.77 1.64 -64.97
C ARG A 384 4.13 2.30 -65.16
N SER A 385 4.18 3.64 -65.03
CA SER A 385 5.45 4.34 -65.15
C SER A 385 6.45 3.89 -64.09
N LEU A 386 5.96 3.57 -62.89
CA LEU A 386 6.84 3.07 -61.83
C LEU A 386 7.40 1.69 -62.20
N LEU A 387 6.57 0.82 -62.76
CA LEU A 387 7.03 -0.51 -63.14
C LEU A 387 8.05 -0.42 -64.27
N ASP A 388 7.71 0.31 -65.35
CA ASP A 388 8.56 0.34 -66.53
C ASP A 388 9.93 0.97 -66.24
N ALA A 389 9.99 1.96 -65.36
CA ALA A 389 11.25 2.62 -65.06
C ALA A 389 12.19 1.74 -64.25
N THR A 390 11.72 0.64 -63.67
CA THR A 390 12.52 -0.23 -62.83
C THR A 390 12.73 -1.61 -63.44
N ARG A 391 12.30 -1.82 -64.67
CA ARG A 391 12.45 -3.14 -65.29
C ARG A 391 13.90 -3.36 -65.72
N PRO A 392 14.48 -4.53 -65.44
CA PRO A 392 15.84 -4.87 -65.90
C PRO A 392 15.86 -5.25 -67.37
N ALA B 2 5.32 -22.54 -1.77
CA ALA B 2 5.04 -21.93 -3.07
C ALA B 2 6.21 -21.06 -3.51
N PRO B 3 6.76 -21.36 -4.70
CA PRO B 3 7.88 -20.55 -5.21
C PRO B 3 7.53 -19.08 -5.27
N ALA B 4 8.53 -18.25 -4.97
CA ALA B 4 8.32 -16.81 -4.89
C ALA B 4 7.98 -16.21 -6.25
N GLN B 5 7.21 -15.14 -6.22
CA GLN B 5 6.95 -14.38 -7.43
C GLN B 5 8.20 -13.59 -7.82
N VAL B 6 8.23 -13.17 -9.10
CA VAL B 6 9.43 -12.52 -9.62
C VAL B 6 9.76 -11.26 -8.82
N THR B 7 8.75 -10.45 -8.52
CA THR B 7 8.95 -9.18 -7.84
C THR B 7 8.96 -9.31 -6.32
N GLU B 8 8.86 -10.53 -5.78
CA GLU B 8 8.91 -10.72 -4.34
C GLU B 8 10.25 -10.23 -3.80
N ALA B 9 10.19 -9.49 -2.69
CA ALA B 9 11.38 -8.91 -2.11
C ALA B 9 12.34 -10.01 -1.65
N PRO B 10 13.64 -9.78 -1.73
CA PRO B 10 14.60 -10.76 -1.23
C PRO B 10 14.50 -10.90 0.28
N SER B 11 14.92 -12.07 0.76
CA SER B 11 14.87 -12.36 2.18
C SER B 11 16.15 -11.90 2.87
N SER B 12 16.00 -11.34 4.07
CA SER B 12 17.13 -10.88 4.85
C SER B 12 16.87 -11.15 6.32
N ASP B 13 17.87 -11.69 7.01
CA ASP B 13 17.81 -11.91 8.44
C ASP B 13 18.48 -10.79 9.23
N LYS B 14 18.94 -9.73 8.56
CA LYS B 14 19.73 -8.68 9.19
C LYS B 14 19.04 -7.32 9.14
N THR B 15 17.72 -7.29 8.96
CA THR B 15 17.02 -6.01 8.90
C THR B 15 16.97 -5.32 10.25
N GLN B 16 17.01 -6.09 11.33
CA GLN B 16 17.00 -5.54 12.68
C GLN B 16 18.39 -5.42 13.28
N ASP B 17 19.44 -5.65 12.48
CA ASP B 17 20.80 -5.37 12.93
C ASP B 17 20.94 -3.89 13.26
N ARG B 18 21.41 -3.60 14.47
CA ARG B 18 21.44 -2.23 14.96
C ARG B 18 22.81 -1.88 15.50
N HIS B 19 23.15 -0.60 15.43
CA HIS B 19 24.35 -0.06 16.03
C HIS B 19 23.99 1.12 16.90
N ASP B 20 24.86 1.40 17.87
CA ASP B 20 24.62 2.50 18.80
C ASP B 20 24.99 3.83 18.16
N PHE B 21 24.04 4.77 18.15
CA PHE B 21 24.33 6.11 17.66
C PHE B 21 25.06 6.93 18.71
N HIS B 22 24.61 6.86 19.97
CA HIS B 22 25.28 7.57 21.04
C HIS B 22 26.59 6.88 21.42
N GLY B 23 27.51 7.67 21.96
CA GLY B 23 28.79 7.15 22.38
C GLY B 23 29.83 8.24 22.45
N GLN B 24 30.96 7.90 23.07
CA GLN B 24 32.07 8.85 23.17
C GLN B 24 32.55 9.28 21.79
N HIS B 25 32.68 8.32 20.88
CA HIS B 25 32.94 8.60 19.48
C HIS B 25 31.71 8.29 18.64
N GLN B 26 31.63 8.92 17.47
CA GLN B 26 30.59 8.59 16.52
C GLN B 26 30.82 7.19 15.96
N SER B 27 29.74 6.57 15.52
CA SER B 27 29.82 5.26 14.89
C SER B 27 30.32 5.39 13.45
N GLY B 28 30.52 4.25 12.80
CA GLY B 28 30.95 4.24 11.43
C GLY B 28 32.44 4.42 11.21
N ILE B 29 33.23 4.40 12.27
CA ILE B 29 34.69 4.53 12.15
C ILE B 29 35.34 3.23 12.60
N VAL B 30 35.27 2.94 13.91
CA VAL B 30 35.73 1.65 14.42
C VAL B 30 34.65 0.59 14.33
N THR B 31 33.45 0.94 13.90
CA THR B 31 32.40 -0.05 13.70
C THR B 31 32.83 -1.02 12.58
N PRO B 32 32.52 -2.30 12.72
CA PRO B 32 32.71 -3.23 11.60
C PRO B 32 32.04 -2.71 10.33
N ARG B 33 32.80 -2.69 9.25
CA ARG B 33 32.32 -2.11 8.01
C ARG B 33 31.28 -3.01 7.36
N PRO B 34 30.05 -2.55 7.14
CA PRO B 34 29.05 -3.40 6.47
C PRO B 34 29.26 -3.46 4.98
N ALA B 35 28.27 -3.99 4.25
CA ALA B 35 28.45 -4.24 2.82
C ALA B 35 28.21 -3.00 1.97
N ALA B 36 27.42 -2.04 2.44
CA ALA B 36 27.02 -0.90 1.64
C ALA B 36 27.51 0.39 2.29
N GLY B 37 28.17 1.23 1.51
CA GLY B 37 28.67 2.50 1.99
C GLY B 37 28.31 3.63 1.04
N MET B 38 28.23 4.83 1.60
CA MET B 38 27.86 6.01 0.82
C MET B 38 28.36 7.24 1.55
N LEU B 39 28.96 8.16 0.77
CA LEU B 39 29.45 9.42 1.31
C LEU B 39 28.86 10.57 0.51
N VAL B 40 28.29 11.55 1.22
CA VAL B 40 27.67 12.71 0.60
C VAL B 40 28.31 13.96 1.18
N SER B 41 28.63 14.90 0.31
CA SER B 41 29.17 16.20 0.71
C SER B 41 28.08 17.25 0.55
N PHE B 42 27.87 18.06 1.58
CA PHE B 42 26.81 19.05 1.60
C PHE B 42 27.38 20.46 1.69
N ASP B 43 26.58 21.43 1.27
CA ASP B 43 26.82 22.84 1.53
C ASP B 43 25.84 23.31 2.59
N VAL B 44 26.35 23.90 3.67
CA VAL B 44 25.50 24.37 4.76
C VAL B 44 24.88 25.69 4.34
N LEU B 45 23.56 25.70 4.19
CA LEU B 45 22.83 26.90 3.79
C LEU B 45 22.48 27.79 4.98
N ALA B 46 22.97 27.47 6.17
CA ALA B 46 22.69 28.29 7.35
C ALA B 46 23.28 29.68 7.19
N SER B 47 22.50 30.68 7.58
CA SER B 47 22.94 32.08 7.47
C SER B 47 23.67 32.55 8.71
N ASP B 48 23.12 32.26 9.89
CA ASP B 48 23.72 32.63 11.16
C ASP B 48 24.04 31.37 11.96
N ARG B 49 24.50 31.57 13.19
CA ARG B 49 24.80 30.47 14.09
C ARG B 49 23.55 29.85 14.70
N ASP B 50 22.40 30.51 14.58
CA ASP B 50 21.14 29.90 15.03
C ASP B 50 20.59 28.95 13.98
N ASP B 51 20.81 29.24 12.70
CA ASP B 51 20.42 28.30 11.66
C ASP B 51 21.35 27.08 11.65
N LEU B 52 22.63 27.28 11.99
CA LEU B 52 23.55 26.15 12.07
C LEU B 52 23.20 25.24 13.24
N GLU B 53 22.73 25.81 14.35
CA GLU B 53 22.37 24.98 15.50
C GLU B 53 21.12 24.15 15.20
N ARG B 54 20.12 24.75 14.56
CA ARG B 54 18.94 23.99 14.17
C ARG B 54 19.31 22.86 13.22
N LEU B 55 20.25 23.11 12.31
CA LEU B 55 20.74 22.06 11.43
C LEU B 55 21.41 20.95 12.21
N PHE B 56 22.30 21.32 13.15
CA PHE B 56 22.98 20.32 13.95
C PHE B 56 21.99 19.54 14.81
N ARG B 57 20.98 20.21 15.36
CA ARG B 57 19.99 19.52 16.18
C ARG B 57 19.10 18.63 15.33
N THR B 58 18.77 19.07 14.11
CA THR B 58 17.94 18.26 13.24
C THR B 58 18.68 16.99 12.81
N LEU B 59 19.95 17.13 12.41
CA LEU B 59 20.74 15.96 12.07
C LEU B 59 20.82 14.99 13.24
N ASP B 60 20.92 15.52 14.46
CA ASP B 60 21.08 14.68 15.63
C ASP B 60 19.87 13.77 15.84
N GLN B 61 18.66 14.32 15.67
CA GLN B 61 17.46 13.53 15.92
C GLN B 61 17.11 12.61 14.76
N ARG B 62 17.43 13.01 13.53
CA ARG B 62 17.14 12.14 12.38
C ARG B 62 18.06 10.92 12.39
N ILE B 63 19.36 11.15 12.63
CA ILE B 63 20.31 10.04 12.70
C ILE B 63 19.97 9.12 13.88
N ALA B 64 19.50 9.71 14.99
CA ALA B 64 19.15 8.91 16.15
C ALA B 64 17.99 7.97 15.85
N PHE B 65 17.00 8.44 15.08
CA PHE B 65 15.86 7.59 14.75
C PHE B 65 16.22 6.59 13.67
N LEU B 66 16.91 7.03 12.62
CA LEU B 66 17.22 6.15 11.49
C LEU B 66 18.12 5.00 11.92
N MET B 67 19.06 5.27 12.83
CA MET B 67 19.91 4.22 13.35
C MET B 67 19.18 3.32 14.35
N ARG B 68 18.12 3.81 14.98
CA ARG B 68 17.37 3.04 15.96
C ARG B 68 16.24 2.24 15.32
N GLY B 69 15.56 2.81 14.32
CA GLY B 69 14.45 2.16 13.68
C GLY B 69 13.17 2.28 14.48
N GLY B 70 12.05 2.00 13.81
CA GLY B 70 10.76 2.06 14.43
C GLY B 70 9.67 2.51 13.48
N PRO B 71 8.42 2.45 13.94
CA PRO B 71 7.30 2.82 13.07
C PRO B 71 7.28 4.31 12.77
N VAL B 72 6.67 4.64 11.62
CA VAL B 72 6.48 6.02 11.20
C VAL B 72 5.00 6.34 11.31
N ALA B 73 4.69 7.46 11.98
CA ALA B 73 3.30 7.85 12.16
C ALA B 73 2.69 8.31 10.84
N GLN B 74 1.38 8.15 10.73
CA GLN B 74 0.64 8.66 9.58
C GLN B 74 0.11 10.04 9.90
N VAL B 75 0.32 10.98 8.98
CA VAL B 75 -0.16 12.35 9.17
C VAL B 75 -1.41 12.56 8.33
N ASP B 76 -1.86 13.81 8.23
CA ASP B 76 -3.00 14.13 7.41
C ASP B 76 -2.73 13.73 5.96
N PRO B 77 -3.67 13.07 5.28
CA PRO B 77 -3.44 12.71 3.88
C PRO B 77 -3.19 13.92 2.98
N LYS B 78 -3.68 15.10 3.37
CA LYS B 78 -3.39 16.31 2.61
C LYS B 78 -1.96 16.78 2.79
N LEU B 79 -1.26 16.27 3.79
CA LEU B 79 0.14 16.59 4.01
C LEU B 79 1.04 15.58 3.33
N PRO B 80 2.28 15.96 3.01
CA PRO B 80 3.24 14.97 2.49
C PRO B 80 3.57 13.95 3.56
N PRO B 81 3.88 12.72 3.17
CA PRO B 81 4.25 11.71 4.17
C PRO B 81 5.56 12.08 4.86
N LEU B 82 5.64 11.76 6.15
CA LEU B 82 6.86 12.03 6.90
C LEU B 82 8.02 11.22 6.34
N ASP B 83 7.77 9.99 5.93
CA ASP B 83 8.78 9.10 5.41
C ASP B 83 8.55 8.85 3.93
N SER B 84 9.65 8.52 3.22
CA SER B 84 9.52 8.15 1.82
C SER B 84 8.90 6.77 1.67
N GLY B 85 9.05 5.90 2.68
CA GLY B 85 8.44 4.59 2.65
C GLY B 85 9.22 3.53 1.90
N ILE B 86 10.51 3.76 1.62
CA ILE B 86 11.30 2.79 0.88
C ILE B 86 11.38 1.47 1.64
N LEU B 87 11.55 1.54 2.96
CA LEU B 87 11.64 0.35 3.79
C LEU B 87 10.29 -0.08 4.34
N GLY B 88 9.21 0.55 3.92
CA GLY B 88 7.89 0.21 4.38
C GLY B 88 7.40 1.12 5.50
N PRO B 89 6.31 0.74 6.16
CA PRO B 89 5.76 1.59 7.23
C PRO B 89 6.56 1.53 8.51
N VAL B 90 7.44 0.54 8.68
CA VAL B 90 8.29 0.42 9.86
C VAL B 90 9.73 0.60 9.38
N VAL B 91 10.35 1.71 9.75
CA VAL B 91 11.74 1.93 9.40
C VAL B 91 12.60 0.89 10.10
N THR B 92 13.44 0.21 9.32
CA THR B 92 14.28 -0.87 9.81
C THR B 92 15.74 -0.44 9.91
N PRO B 93 16.42 -0.78 11.01
CA PRO B 93 17.80 -0.28 11.23
C PRO B 93 18.79 -0.77 10.20
N ASP B 94 18.91 -2.08 10.03
CA ASP B 94 19.73 -2.68 8.97
C ASP B 94 21.20 -2.25 9.05
N ASN B 95 21.75 -2.26 10.27
CA ASN B 95 23.16 -1.97 10.52
C ASN B 95 23.56 -0.56 10.12
N LEU B 96 22.60 0.37 10.07
CA LEU B 96 22.88 1.71 9.57
C LEU B 96 23.71 2.52 10.57
N THR B 97 24.72 3.23 10.04
CA THR B 97 25.47 4.22 10.80
C THR B 97 25.61 5.47 9.94
N ILE B 98 25.46 6.63 10.56
CA ILE B 98 25.59 7.93 9.90
C ILE B 98 26.61 8.75 10.67
N THR B 99 27.72 9.10 10.03
CA THR B 99 28.80 9.84 10.66
C THR B 99 28.81 11.27 10.16
N VAL B 100 28.93 12.21 11.08
CA VAL B 100 28.86 13.64 10.78
C VAL B 100 30.26 14.22 10.86
N SER B 101 30.72 14.81 9.76
CA SER B 101 32.01 15.49 9.70
C SER B 101 31.83 16.84 9.04
N VAL B 102 32.62 17.81 9.51
CA VAL B 102 32.53 19.18 9.01
C VAL B 102 33.81 19.51 8.25
N GLY B 103 33.66 20.32 7.20
CA GLY B 103 34.78 20.68 6.35
C GLY B 103 35.45 21.98 6.76
N GLU B 104 36.58 22.25 6.10
CA GLU B 104 37.32 23.48 6.39
C GLU B 104 36.52 24.72 6.03
N SER B 105 35.71 24.65 4.96
CA SER B 105 34.96 25.82 4.52
C SER B 105 33.92 26.26 5.53
N LEU B 106 33.59 25.43 6.51
CA LEU B 106 32.63 25.82 7.54
C LEU B 106 33.22 26.85 8.51
N PHE B 107 34.54 26.91 8.63
CA PHE B 107 35.21 27.77 9.60
C PHE B 107 35.63 29.10 8.96
N ASP B 108 34.71 29.73 8.25
CA ASP B 108 34.99 30.93 7.48
C ASP B 108 34.23 32.11 8.12
N GLU B 109 33.63 33.01 7.35
CA GLU B 109 33.01 34.24 7.87
C GLU B 109 31.62 34.05 8.46
N ARG B 110 30.95 32.92 8.19
CA ARG B 110 29.54 32.75 8.52
C ARG B 110 29.31 32.59 10.02
N PHE B 111 29.86 31.52 10.61
CA PHE B 111 29.43 31.07 11.92
C PHE B 111 30.44 31.34 13.03
N GLY B 112 31.44 32.18 12.79
CA GLY B 112 32.38 32.55 13.83
C GLY B 112 33.11 31.39 14.47
N LEU B 113 33.26 30.27 13.74
CA LEU B 113 33.98 29.12 14.23
C LEU B 113 35.47 29.16 13.90
N GLU B 114 35.96 30.30 13.43
CA GLU B 114 37.32 30.37 12.88
C GLU B 114 38.37 29.96 13.91
N ALA B 115 38.24 30.46 15.14
CA ALA B 115 39.27 30.23 16.14
C ALA B 115 39.30 28.78 16.64
N ALA B 116 38.23 28.02 16.44
CA ALA B 116 38.14 26.65 16.94
C ALA B 116 38.36 25.61 15.86
N LYS B 117 38.90 25.99 14.72
CA LYS B 117 39.14 25.04 13.64
C LYS B 117 40.18 24.01 14.09
N PRO B 118 40.00 22.74 13.74
CA PRO B 118 41.06 21.75 14.01
C PRO B 118 42.38 22.18 13.39
N LYS B 119 43.46 21.92 14.11
CA LYS B 119 44.76 22.47 13.73
C LYS B 119 45.24 21.95 12.38
N ARG B 120 44.80 20.75 11.98
CA ARG B 120 45.24 20.15 10.73
C ARG B 120 44.14 20.09 9.68
N LEU B 121 42.96 20.62 9.97
CA LEU B 121 41.88 20.63 9.00
C LEU B 121 42.13 21.70 7.95
N ILE B 122 42.26 21.29 6.68
CA ILE B 122 42.54 22.20 5.58
C ILE B 122 41.71 21.80 4.38
N ARG B 123 41.60 22.72 3.42
CA ARG B 123 40.95 22.43 2.16
C ARG B 123 41.86 21.58 1.29
N MET B 124 41.33 20.49 0.75
CA MET B 124 42.15 19.54 -0.01
C MET B 124 42.62 20.18 -1.31
N VAL B 125 43.93 20.30 -1.47
CA VAL B 125 44.53 20.71 -2.72
C VAL B 125 45.06 19.47 -3.42
N GLY B 126 45.14 19.54 -4.75
CA GLY B 126 45.42 18.35 -5.53
C GLY B 126 46.84 17.83 -5.35
N PHE B 127 46.99 16.54 -5.55
CA PHE B 127 48.26 15.85 -5.57
C PHE B 127 48.73 15.69 -7.01
N PRO B 128 50.02 15.35 -7.22
CA PRO B 128 50.53 15.27 -8.61
C PRO B 128 49.69 14.41 -9.55
N ASN B 129 49.24 13.24 -9.12
CA ASN B 129 48.44 12.35 -9.97
C ASN B 129 46.96 12.69 -9.95
N ASP B 130 46.57 13.79 -9.32
CA ASP B 130 45.15 14.10 -9.15
C ASP B 130 44.61 14.80 -10.39
N ALA B 131 43.37 14.46 -10.74
CA ALA B 131 42.59 15.21 -11.72
C ALA B 131 41.31 15.69 -11.06
N LEU B 132 41.46 16.47 -9.99
CA LEU B 132 40.32 16.84 -9.16
C LEU B 132 39.37 17.76 -9.91
N GLU B 133 38.10 17.37 -9.95
CA GLU B 133 37.04 18.24 -10.46
C GLU B 133 36.40 18.98 -9.29
N PRO B 134 36.36 20.31 -9.31
CA PRO B 134 35.78 21.04 -8.17
C PRO B 134 34.32 20.70 -7.90
N ALA B 135 33.58 20.21 -8.90
CA ALA B 135 32.20 19.80 -8.68
C ALA B 135 32.09 18.59 -7.77
N CYS B 136 33.13 17.76 -7.70
CA CYS B 136 33.13 16.56 -6.86
C CYS B 136 34.15 16.64 -5.74
N CYS B 137 34.42 17.84 -5.24
CA CYS B 137 35.45 18.04 -4.24
C CYS B 137 34.94 18.96 -3.14
N HIS B 138 35.57 18.86 -1.97
CA HIS B 138 35.29 19.69 -0.79
C HIS B 138 33.83 19.61 -0.36
N GLY B 139 33.41 20.58 0.43
CA GLY B 139 32.06 20.63 0.97
C GLY B 139 32.08 21.13 2.40
N ASP B 140 30.92 21.66 2.83
CA ASP B 140 30.82 22.22 4.17
C ASP B 140 30.64 21.13 5.23
N LEU B 141 29.84 20.11 4.93
CA LEU B 141 29.54 19.06 5.87
C LEU B 141 29.59 17.71 5.18
N SER B 142 30.05 16.69 5.90
CA SER B 142 30.21 15.34 5.36
C SER B 142 29.30 14.38 6.10
N LEU B 143 28.64 13.50 5.36
CA LEU B 143 27.79 12.46 5.92
C LEU B 143 28.21 11.12 5.32
N GLN B 144 28.45 10.14 6.18
CA GLN B 144 28.85 8.80 5.77
C GLN B 144 27.77 7.82 6.18
N PHE B 145 27.08 7.25 5.19
CA PHE B 145 26.04 6.26 5.41
C PHE B 145 26.62 4.86 5.17
N CYS B 146 26.48 3.99 6.16
CA CYS B 146 26.99 2.62 6.06
C CYS B 146 25.94 1.68 6.63
N SER B 147 25.52 0.70 5.84
CA SER B 147 24.50 -0.26 6.26
C SER B 147 24.66 -1.53 5.45
N ASN B 148 23.73 -2.46 5.64
CA ASN B 148 23.80 -3.74 4.94
C ASN B 148 23.43 -3.61 3.47
N THR B 149 22.51 -2.70 3.14
CA THR B 149 22.05 -2.53 1.76
C THR B 149 22.09 -1.06 1.37
N ALA B 150 22.24 -0.82 0.07
CA ALA B 150 22.26 0.55 -0.44
C ALA B 150 20.90 1.22 -0.29
N ASP B 151 19.82 0.45 -0.34
CA ASP B 151 18.49 1.03 -0.19
C ASP B 151 18.28 1.59 1.21
N THR B 152 18.90 0.98 2.22
CA THR B 152 18.85 1.56 3.56
C THR B 152 19.59 2.89 3.61
N ASN B 153 20.76 2.97 2.97
CA ASN B 153 21.51 4.21 2.92
C ASN B 153 20.73 5.30 2.19
N ILE B 154 20.02 4.92 1.13
CA ILE B 154 19.29 5.90 0.33
C ILE B 154 18.06 6.40 1.07
N HIS B 155 17.35 5.50 1.75
CA HIS B 155 16.23 5.92 2.59
C HIS B 155 16.72 6.84 3.70
N ALA B 156 17.90 6.56 4.26
CA ALA B 156 18.47 7.44 5.27
C ALA B 156 18.85 8.79 4.66
N LEU B 157 19.47 8.77 3.48
CA LEU B 157 19.82 10.02 2.82
C LEU B 157 18.57 10.81 2.44
N ARG B 158 17.54 10.12 1.95
CA ARG B 158 16.32 10.81 1.53
C ARG B 158 15.55 11.37 2.71
N ASP B 159 15.69 10.76 3.90
CA ASP B 159 15.06 11.32 5.09
C ASP B 159 15.72 12.62 5.49
N ILE B 160 17.04 12.73 5.30
CA ILE B 160 17.77 13.90 5.75
C ILE B 160 17.56 15.07 4.78
N VAL B 161 17.52 14.80 3.48
CA VAL B 161 17.30 15.89 2.53
C VAL B 161 15.86 16.39 2.60
N LYS B 162 14.92 15.53 2.99
CA LYS B 162 13.54 15.97 3.13
C LYS B 162 13.36 16.87 4.34
N ASN B 163 13.95 16.50 5.47
CA ASN B 163 13.83 17.28 6.69
C ASN B 163 14.75 18.49 6.72
N LEU B 164 15.65 18.64 5.75
CA LEU B 164 16.52 19.80 5.63
C LEU B 164 16.61 20.24 4.18
N PRO B 165 15.51 20.77 3.63
CA PRO B 165 15.52 21.18 2.22
C PRO B 165 16.14 22.56 2.03
N ASP B 166 16.03 23.43 3.03
CA ASP B 166 16.55 24.78 2.96
C ASP B 166 17.82 24.98 3.78
N LEU B 167 18.22 24.00 4.58
CA LEU B 167 19.45 24.09 5.35
C LEU B 167 20.59 23.27 4.78
N LEU B 168 20.29 22.27 3.95
CA LEU B 168 21.30 21.42 3.34
C LEU B 168 21.09 21.38 1.83
N LEU B 169 22.18 21.48 1.09
CA LEU B 169 22.20 21.26 -0.35
C LEU B 169 23.23 20.17 -0.66
N VAL B 170 22.83 19.18 -1.45
CA VAL B 170 23.74 18.11 -1.82
C VAL B 170 24.73 18.64 -2.85
N ARG B 171 26.02 18.54 -2.53
CA ARG B 171 27.07 19.00 -3.44
C ARG B 171 27.57 17.87 -4.33
N TRP B 172 28.12 16.81 -3.74
CA TRP B 172 28.47 15.61 -4.48
C TRP B 172 28.28 14.40 -3.59
N LYS B 173 28.34 13.22 -4.19
CA LYS B 173 28.00 11.98 -3.50
C LYS B 173 28.58 10.81 -4.27
N GLN B 174 28.99 9.77 -3.53
CA GLN B 174 29.53 8.56 -4.14
C GLN B 174 29.14 7.35 -3.30
N GLU B 175 28.52 6.36 -3.93
CA GLU B 175 28.15 5.11 -3.29
C GLU B 175 29.17 4.03 -3.60
N GLY B 176 29.16 2.98 -2.78
CA GLY B 176 30.08 1.88 -2.97
C GLY B 176 29.64 0.66 -2.18
N SER B 177 30.43 -0.40 -2.30
CA SER B 177 30.13 -1.65 -1.61
C SER B 177 31.39 -2.49 -1.51
N VAL B 178 31.30 -3.57 -0.76
CA VAL B 178 32.38 -4.55 -0.63
C VAL B 178 31.78 -5.94 -0.73
N PRO B 179 32.46 -6.90 -1.37
CA PRO B 179 31.89 -8.24 -1.52
C PRO B 179 31.91 -8.99 -0.20
N PRO B 180 30.74 -9.46 0.26
CA PRO B 180 30.73 -10.31 1.46
C PRO B 180 31.28 -11.69 1.14
N GLN B 181 31.75 -12.35 2.19
CA GLN B 181 32.38 -13.65 2.06
C GLN B 181 31.65 -14.69 2.91
N ALA B 182 31.83 -15.95 2.54
CA ALA B 182 31.28 -17.04 3.33
C ALA B 182 31.92 -17.05 4.72
N PRO B 183 31.21 -17.56 5.73
CA PRO B 183 31.79 -17.61 7.08
C PRO B 183 33.08 -18.41 7.09
N ALA B 184 34.04 -17.95 7.88
CA ALA B 184 35.33 -18.61 7.96
C ALA B 184 35.18 -20.02 8.50
N LYS B 185 35.81 -20.98 7.82
CA LYS B 185 35.79 -22.36 8.27
C LYS B 185 36.44 -22.48 9.65
N PRO B 186 36.11 -23.54 10.39
CA PRO B 186 36.76 -23.74 11.69
C PRO B 186 38.27 -23.88 11.53
N GLY B 187 39.01 -23.10 12.32
CA GLY B 187 40.45 -23.08 12.22
C GLY B 187 41.01 -22.25 11.09
N GLU B 188 40.21 -21.38 10.48
CA GLU B 188 40.66 -20.53 9.40
C GLU B 188 40.31 -19.08 9.75
N PRO B 189 41.23 -18.14 9.57
CA PRO B 189 40.97 -16.76 9.96
C PRO B 189 40.10 -16.02 8.96
N ALA B 190 39.46 -14.97 9.44
CA ALA B 190 38.67 -14.10 8.58
C ALA B 190 39.57 -13.19 7.77
N GLN B 191 39.10 -12.80 6.59
CA GLN B 191 39.90 -12.02 5.65
C GLN B 191 39.30 -10.64 5.45
N SER B 192 40.15 -9.72 5.00
CA SER B 192 39.70 -8.39 4.61
C SER B 192 39.01 -8.45 3.25
N ALA B 193 38.07 -7.54 3.04
CA ALA B 193 37.34 -7.49 1.78
C ALA B 193 38.28 -7.10 0.65
N ARG B 194 37.92 -7.51 -0.56
CA ARG B 194 38.69 -7.20 -1.76
C ARG B 194 38.25 -5.89 -2.37
N ASN B 195 39.20 -5.21 -3.01
CA ASN B 195 38.87 -4.03 -3.82
C ASN B 195 38.64 -4.45 -5.26
N PHE B 196 38.29 -3.49 -6.11
CA PHE B 196 38.02 -3.80 -7.51
C PHE B 196 39.30 -4.02 -8.33
N LEU B 197 40.46 -4.09 -7.66
CA LEU B 197 41.68 -4.59 -8.27
C LEU B 197 41.91 -6.06 -7.98
N GLY B 198 41.07 -6.68 -7.15
CA GLY B 198 41.19 -8.08 -6.81
C GLY B 198 42.02 -8.38 -5.59
N PHE B 199 42.59 -7.37 -4.94
CA PHE B 199 43.47 -7.56 -3.80
C PHE B 199 42.72 -7.30 -2.49
N ARG B 200 43.14 -8.01 -1.44
CA ARG B 200 42.58 -7.79 -0.11
C ARG B 200 42.99 -6.41 0.39
N ASP B 201 42.00 -5.63 0.83
CA ASP B 201 42.21 -4.24 1.25
C ASP B 201 41.92 -4.12 2.73
N GLY B 202 42.91 -3.70 3.50
CA GLY B 202 42.77 -3.51 4.93
C GLY B 202 43.51 -4.51 5.81
N SER B 203 44.42 -5.30 5.23
CA SER B 203 45.09 -6.34 6.01
C SER B 203 45.96 -5.76 7.11
N ALA B 204 46.79 -4.77 6.77
CA ALA B 204 47.72 -4.18 7.72
C ALA B 204 47.09 -3.04 8.52
N ASN B 205 45.76 -2.95 8.54
CA ASN B 205 45.09 -1.96 9.36
C ASN B 205 45.44 -2.20 10.84
N PRO B 206 45.59 -1.14 11.63
CA PRO B 206 45.80 -1.34 13.07
C PRO B 206 44.60 -2.02 13.70
N ASP B 207 44.85 -2.64 14.86
CA ASP B 207 43.81 -3.41 15.54
C ASP B 207 42.69 -2.49 15.99
N SER B 208 41.49 -2.69 15.43
CA SER B 208 40.33 -1.89 15.82
C SER B 208 39.87 -2.18 17.23
N ASN B 209 40.18 -3.37 17.77
CA ASN B 209 39.79 -3.73 19.12
C ASN B 209 40.80 -3.32 20.18
N ASP B 210 41.92 -2.72 19.78
CA ASP B 210 42.92 -2.24 20.72
C ASP B 210 42.66 -0.76 21.01
N PRO B 211 42.09 -0.43 22.17
CA PRO B 211 41.76 0.98 22.43
C PRO B 211 42.98 1.86 22.58
N LYS B 212 44.12 1.30 22.99
CA LYS B 212 45.35 2.09 23.06
C LYS B 212 45.79 2.53 21.68
N ALA B 213 45.81 1.61 20.71
CA ALA B 213 46.20 1.96 19.35
C ALA B 213 45.24 2.96 18.74
N MET B 214 43.94 2.77 18.93
CA MET B 214 42.96 3.70 18.37
C MET B 214 43.07 5.08 19.01
N GLN B 215 43.47 5.15 20.28
CA GLN B 215 43.64 6.44 20.93
C GLN B 215 44.75 7.26 20.29
N GLN B 216 45.85 6.61 19.92
CA GLN B 216 46.99 7.32 19.36
C GLN B 216 46.94 7.44 17.84
N ILE B 217 46.10 6.67 17.17
CA ILE B 217 46.04 6.64 15.72
C ILE B 217 44.78 7.32 15.18
N VAL B 218 43.63 7.08 15.81
CA VAL B 218 42.34 7.47 15.26
C VAL B 218 41.74 8.67 15.98
N TRP B 219 41.68 8.62 17.31
CA TRP B 219 40.92 9.59 18.09
C TRP B 219 41.82 10.71 18.58
N VAL B 220 41.34 11.95 18.44
CA VAL B 220 42.01 13.10 19.03
C VAL B 220 41.93 12.98 20.55
N GLN B 221 43.07 13.14 21.21
CA GLN B 221 43.05 13.00 22.65
C GLN B 221 42.97 14.36 23.32
N PRO B 222 42.34 14.43 24.51
CA PRO B 222 42.17 15.73 25.17
C PRO B 222 43.46 16.45 25.51
N GLY B 223 44.57 15.72 25.66
CA GLY B 223 45.83 16.34 25.99
C GLY B 223 46.66 16.84 24.84
N SER B 224 46.13 16.77 23.62
CA SER B 224 46.88 17.18 22.44
C SER B 224 46.77 18.69 22.22
N ASP B 225 47.43 19.18 21.18
CA ASP B 225 47.38 20.59 20.83
C ASP B 225 46.09 20.98 20.10
N GLU B 226 45.23 20.01 19.81
CA GLU B 226 43.96 20.31 19.18
C GLU B 226 43.06 21.08 20.15
N PRO B 227 42.08 21.82 19.63
CA PRO B 227 41.14 22.51 20.52
C PRO B 227 40.41 21.52 21.43
N ALA B 228 40.11 21.98 22.64
CA ALA B 228 39.53 21.10 23.65
C ALA B 228 38.19 20.53 23.22
N TRP B 229 37.42 21.29 22.43
CA TRP B 229 36.10 20.82 22.02
C TRP B 229 36.19 19.59 21.12
N ALA B 230 37.29 19.45 20.38
CA ALA B 230 37.42 18.41 19.36
C ALA B 230 37.94 17.09 19.91
N ALA B 231 37.98 16.92 21.23
CA ALA B 231 38.43 15.67 21.81
C ALA B 231 37.50 14.54 21.38
N HIS B 232 38.09 13.37 21.11
CA HIS B 232 37.40 12.16 20.67
C HIS B 232 36.78 12.32 19.28
N GLY B 233 37.25 13.29 18.49
CA GLY B 233 36.92 13.36 17.09
C GLY B 233 37.96 12.65 16.25
N SER B 234 37.87 12.88 14.94
CA SER B 234 38.82 12.27 14.02
C SER B 234 38.79 13.02 12.69
N TYR B 235 39.93 13.07 12.03
CA TYR B 235 40.01 13.61 10.69
C TYR B 235 39.56 12.57 9.67
N GLN B 236 38.77 12.99 8.69
CA GLN B 236 38.21 12.10 7.68
C GLN B 236 38.76 12.49 6.31
N ALA B 237 39.53 11.59 5.71
CA ALA B 237 40.09 11.79 4.38
C ALA B 237 39.28 10.96 3.38
N VAL B 238 38.75 11.63 2.36
CA VAL B 238 37.90 10.99 1.35
C VAL B 238 38.54 11.21 -0.01
N ARG B 239 38.67 10.13 -0.78
CA ARG B 239 39.28 10.18 -2.10
C ARG B 239 38.52 9.26 -3.03
N ILE B 240 37.97 9.81 -4.11
CA ILE B 240 37.32 9.03 -5.15
C ILE B 240 38.36 8.72 -6.21
N ILE B 241 38.93 7.53 -6.14
CA ILE B 241 40.04 7.12 -7.00
C ILE B 241 39.54 6.11 -8.01
N ARG B 242 39.64 6.46 -9.29
CA ARG B 242 39.18 5.60 -10.36
C ARG B 242 40.25 4.57 -10.73
N ASN B 243 39.82 3.33 -10.92
CA ASN B 243 40.69 2.26 -11.39
C ASN B 243 40.48 2.06 -12.88
N PHE B 244 41.59 1.98 -13.63
CA PHE B 244 41.54 1.63 -15.04
C PHE B 244 41.56 0.11 -15.13
N VAL B 245 40.36 -0.47 -14.98
CA VAL B 245 40.24 -1.90 -14.69
C VAL B 245 40.54 -2.75 -15.91
N GLU B 246 40.25 -2.26 -17.11
CA GLU B 246 40.54 -3.03 -18.31
C GLU B 246 42.03 -3.20 -18.50
N ARG B 247 42.80 -2.12 -18.36
CA ARG B 247 44.25 -2.21 -18.46
C ARG B 247 44.83 -3.01 -17.30
N TRP B 248 44.25 -2.88 -16.11
CA TRP B 248 44.74 -3.62 -14.95
C TRP B 248 44.53 -5.12 -15.13
N ASP B 249 43.42 -5.52 -15.73
CA ASP B 249 43.17 -6.93 -15.99
C ASP B 249 44.07 -7.48 -17.09
N ARG B 250 44.63 -6.61 -17.93
CA ARG B 250 45.59 -7.00 -18.95
C ARG B 250 47.03 -6.99 -18.44
N THR B 251 47.25 -6.57 -17.20
CA THR B 251 48.57 -6.51 -16.58
C THR B 251 48.96 -7.89 -16.06
N PRO B 252 50.19 -8.33 -16.31
CA PRO B 252 50.62 -9.64 -15.80
C PRO B 252 50.51 -9.72 -14.28
N LEU B 253 50.29 -10.95 -13.80
CA LEU B 253 50.16 -11.16 -12.36
C LEU B 253 51.48 -10.86 -11.65
N GLN B 254 52.61 -11.22 -12.27
CA GLN B 254 53.91 -10.93 -11.69
C GLN B 254 54.06 -9.44 -11.38
N GLU B 255 53.65 -8.59 -12.33
CA GLU B 255 53.68 -7.15 -12.09
C GLU B 255 52.67 -6.75 -11.02
N GLN B 256 51.41 -7.19 -11.18
CA GLN B 256 50.33 -6.81 -10.27
C GLN B 256 50.74 -6.90 -8.81
N GLU B 257 51.27 -8.05 -8.40
CA GLU B 257 51.73 -8.19 -7.02
C GLU B 257 52.97 -7.35 -6.76
N SER B 258 53.82 -7.15 -7.77
CA SER B 258 55.04 -6.38 -7.58
C SER B 258 54.72 -4.90 -7.30
N ILE B 259 53.60 -4.39 -7.81
CA ILE B 259 53.23 -3.02 -7.52
C ILE B 259 52.61 -2.92 -6.13
N ILE B 260 51.69 -3.83 -5.81
CA ILE B 260 50.98 -3.77 -4.53
C ILE B 260 51.93 -4.12 -3.39
N GLY B 261 52.75 -5.15 -3.57
CA GLY B 261 53.59 -5.65 -2.49
C GLY B 261 52.99 -6.79 -1.71
N ARG B 262 51.94 -7.42 -2.21
CA ARG B 262 51.29 -8.54 -1.55
C ARG B 262 50.86 -9.56 -2.60
N ILE B 263 50.91 -10.84 -2.21
CA ILE B 263 50.41 -11.89 -3.09
C ILE B 263 48.90 -11.78 -3.20
N LYS B 264 48.38 -11.93 -4.41
CA LYS B 264 46.97 -11.61 -4.67
C LYS B 264 46.02 -12.58 -3.97
N THR B 265 46.20 -13.89 -4.21
CA THR B 265 45.24 -14.86 -3.72
C THR B 265 45.24 -14.94 -2.20
N SER B 266 46.43 -15.01 -1.59
CA SER B 266 46.54 -15.22 -0.16
C SER B 266 46.65 -13.93 0.64
N GLY B 267 46.97 -12.81 0.00
CA GLY B 267 47.22 -11.59 0.74
C GLY B 267 48.50 -11.60 1.55
N ALA B 268 49.37 -12.56 1.33
CA ALA B 268 50.61 -12.70 2.09
C ALA B 268 51.64 -11.68 1.64
N PRO B 269 52.52 -11.25 2.55
CA PRO B 269 53.67 -10.44 2.13
C PRO B 269 54.61 -11.27 1.29
N MET B 270 55.50 -10.56 0.57
CA MET B 270 56.44 -11.24 -0.32
C MET B 270 57.39 -12.18 0.40
N ASP B 271 57.45 -12.11 1.74
CA ASP B 271 58.29 -13.01 2.52
C ASP B 271 57.47 -13.87 3.49
N GLY B 272 56.19 -14.07 3.21
CA GLY B 272 55.33 -14.81 4.11
C GLY B 272 54.33 -15.71 3.43
N GLN B 273 53.36 -16.23 4.18
CA GLN B 273 52.38 -17.16 3.64
C GLN B 273 50.96 -16.76 4.01
N LYS B 274 50.79 -16.06 5.13
CA LYS B 274 49.47 -15.65 5.60
C LYS B 274 49.26 -14.16 5.38
N GLU B 275 47.98 -13.78 5.34
CA GLU B 275 47.64 -12.36 5.21
C GLU B 275 48.02 -11.57 6.46
N SER B 276 47.92 -12.19 7.63
CA SER B 276 48.24 -11.49 8.87
C SER B 276 49.73 -11.23 9.04
N GLN B 277 50.58 -11.91 8.28
CA GLN B 277 52.01 -11.72 8.38
C GLN B 277 52.42 -10.40 7.71
N VAL B 278 53.53 -9.85 8.18
CA VAL B 278 54.03 -8.56 7.69
C VAL B 278 55.44 -8.74 7.16
N PRO B 279 55.88 -7.95 6.18
CA PRO B 279 57.22 -8.11 5.64
C PRO B 279 58.28 -7.53 6.58
N ASP B 280 59.49 -8.06 6.43
CA ASP B 280 60.66 -7.60 7.18
C ASP B 280 61.55 -6.83 6.20
N TYR B 281 61.42 -5.50 6.22
CA TYR B 281 62.22 -4.66 5.34
C TYR B 281 63.67 -4.56 5.78
N ALA B 282 63.99 -4.96 7.02
CA ALA B 282 65.38 -4.93 7.46
C ALA B 282 66.22 -5.95 6.70
N ARG B 283 65.66 -7.14 6.44
CA ARG B 283 66.34 -8.17 5.66
C ARG B 283 66.19 -7.96 4.16
N ASP B 284 65.67 -6.82 3.73
CA ASP B 284 65.46 -6.53 2.32
C ASP B 284 65.69 -5.04 2.08
N PRO B 285 66.94 -4.58 2.20
CA PRO B 285 67.20 -3.14 2.08
C PRO B 285 67.21 -2.65 0.63
N HIS B 286 67.52 -3.55 -0.30
CA HIS B 286 67.58 -3.19 -1.70
C HIS B 286 66.25 -3.37 -2.43
N GLY B 287 65.24 -3.93 -1.76
CA GLY B 287 63.95 -4.09 -2.38
C GLY B 287 63.85 -5.24 -3.35
N LYS B 288 64.50 -6.37 -3.06
CA LYS B 288 64.48 -7.52 -3.96
C LYS B 288 63.29 -8.44 -3.71
N VAL B 289 62.82 -8.52 -2.47
CA VAL B 289 61.64 -9.33 -2.15
C VAL B 289 60.40 -8.47 -2.30
N THR B 290 60.35 -7.36 -1.58
CA THR B 290 59.31 -6.34 -1.74
C THR B 290 59.95 -5.10 -2.35
N LYS B 291 59.46 -4.69 -3.51
CA LYS B 291 60.07 -3.60 -4.25
C LYS B 291 60.07 -2.31 -3.43
N LEU B 292 61.07 -1.47 -3.69
CA LEU B 292 61.18 -0.20 -2.95
C LEU B 292 60.02 0.74 -3.29
N ASP B 293 59.43 0.58 -4.48
CA ASP B 293 58.28 1.38 -4.88
C ASP B 293 56.98 0.60 -4.80
N ALA B 294 56.97 -0.53 -4.11
CA ALA B 294 55.72 -1.24 -3.86
C ALA B 294 54.78 -0.37 -3.03
N HIS B 295 53.48 -0.56 -3.25
CA HIS B 295 52.49 0.31 -2.62
C HIS B 295 52.56 0.21 -1.10
N ILE B 296 52.64 -1.00 -0.57
CA ILE B 296 52.66 -1.15 0.89
C ILE B 296 54.00 -0.72 1.47
N ARG B 297 55.09 -0.84 0.70
CA ARG B 297 56.39 -0.40 1.20
C ARG B 297 56.47 1.11 1.25
N LEU B 298 55.88 1.79 0.25
CA LEU B 298 55.86 3.25 0.28
C LEU B 298 54.87 3.77 1.30
N ALA B 299 53.77 3.06 1.54
CA ALA B 299 52.77 3.52 2.49
C ALA B 299 53.26 3.38 3.93
N ASN B 300 53.80 2.21 4.28
CA ASN B 300 54.35 1.96 5.60
C ASN B 300 55.77 1.44 5.44
N PRO B 301 56.77 2.33 5.50
CA PRO B 301 58.16 1.87 5.45
C PRO B 301 58.54 0.97 6.61
N ARG B 302 57.67 0.84 7.62
CA ARG B 302 57.90 -0.04 8.76
C ARG B 302 59.21 0.30 9.48
N THR B 303 59.43 1.59 9.67
CA THR B 303 60.56 2.12 10.43
C THR B 303 60.05 2.63 11.77
N ALA B 304 60.99 3.12 12.59
CA ALA B 304 60.60 3.62 13.91
C ALA B 304 59.83 4.93 13.82
N GLN B 305 60.14 5.77 12.82
CA GLN B 305 59.47 7.06 12.69
C GLN B 305 58.13 6.94 11.97
N SER B 306 58.02 6.02 11.00
CA SER B 306 56.82 5.90 10.19
C SER B 306 55.60 5.45 10.98
N GLN B 307 55.77 4.98 12.22
CA GLN B 307 54.62 4.64 13.05
C GLN B 307 53.76 5.85 13.37
N GLN B 308 54.32 7.05 13.21
CA GLN B 308 53.53 8.28 13.29
C GLN B 308 52.45 8.32 12.23
N ASN B 309 52.61 7.61 11.12
CA ASN B 309 51.82 7.78 9.92
C ASN B 309 50.78 6.67 9.73
N LEU B 310 50.50 5.89 10.76
CA LEU B 310 49.48 4.87 10.66
C LEU B 310 48.10 5.51 10.53
N ILE B 311 47.23 4.87 9.76
CA ILE B 311 45.87 5.35 9.52
C ILE B 311 44.91 4.17 9.63
N LEU B 312 43.63 4.49 9.82
CA LEU B 312 42.57 3.51 9.83
C LEU B 312 41.82 3.62 8.50
N ARG B 313 42.11 2.71 7.58
CA ARG B 313 41.45 2.67 6.29
C ARG B 313 40.16 1.87 6.38
N ARG B 314 39.10 2.40 5.77
CA ARG B 314 37.89 1.62 5.53
C ARG B 314 37.23 2.13 4.26
N PRO B 315 37.64 1.62 3.10
CA PRO B 315 37.08 2.12 1.84
C PRO B 315 35.90 1.31 1.36
N PHE B 316 35.39 1.67 0.19
CA PHE B 316 34.35 0.90 -0.50
C PHE B 316 34.70 0.86 -1.98
N ASN B 317 34.17 -0.15 -2.67
CA ASN B 317 34.35 -0.29 -4.10
C ASN B 317 33.17 0.35 -4.82
N TYR B 318 33.44 1.38 -5.62
CA TYR B 318 32.40 2.12 -6.30
C TYR B 318 32.33 1.73 -7.77
N SER B 319 31.13 1.84 -8.33
CA SER B 319 30.88 1.63 -9.76
C SER B 319 29.95 2.72 -10.25
N ASN B 320 30.37 3.44 -11.30
CA ASN B 320 29.66 4.62 -11.74
C ASN B 320 29.24 4.59 -13.21
N GLY B 321 29.44 3.49 -13.90
CA GLY B 321 29.02 3.38 -15.28
C GLY B 321 30.17 3.48 -16.27
N VAL B 322 29.81 3.85 -17.50
CA VAL B 322 30.74 3.90 -18.62
C VAL B 322 30.89 5.34 -19.08
N ASN B 323 32.05 5.64 -19.66
CA ASN B 323 32.31 6.95 -20.23
C ASN B 323 32.35 6.84 -21.76
N LYS B 324 33.07 7.74 -22.41
CA LYS B 324 32.93 7.91 -23.86
C LYS B 324 33.55 6.74 -24.62
N ASN B 325 34.82 6.45 -24.36
CA ASN B 325 35.53 5.42 -25.12
C ASN B 325 35.17 4.00 -24.68
N GLY B 326 34.28 3.84 -23.71
CA GLY B 326 33.79 2.52 -23.34
C GLY B 326 34.41 1.90 -22.11
N GLN B 327 35.39 2.56 -21.48
CA GLN B 327 36.03 1.99 -20.31
C GLN B 327 35.14 2.15 -19.08
N LEU B 328 35.09 1.10 -18.25
CA LEU B 328 34.22 1.11 -17.08
C LEU B 328 34.77 2.04 -16.02
N ASP B 329 33.94 2.97 -15.56
CA ASP B 329 34.32 3.94 -14.53
C ASP B 329 34.01 3.32 -13.17
N MET B 330 35.04 2.77 -12.54
CA MET B 330 34.89 2.18 -11.21
C MET B 330 36.24 2.24 -10.51
N GLY B 331 36.20 2.15 -9.18
CA GLY B 331 37.42 2.22 -8.41
C GLY B 331 37.22 2.07 -6.92
N LEU B 332 37.98 2.83 -6.14
CA LEU B 332 37.98 2.72 -4.69
C LEU B 332 37.43 4.01 -4.08
N LEU B 333 36.32 3.90 -3.35
CA LEU B 333 35.81 4.99 -2.52
C LEU B 333 36.67 5.02 -1.26
N PHE B 334 37.84 5.65 -1.37
CA PHE B 334 38.81 5.65 -0.29
C PHE B 334 38.33 6.52 0.86
N ILE B 335 38.22 5.93 2.05
CA ILE B 335 37.92 6.64 3.28
C ILE B 335 38.88 6.15 4.35
N CYS B 336 39.55 7.09 5.03
CA CYS B 336 40.47 6.74 6.09
C CYS B 336 40.37 7.78 7.20
N TYR B 337 40.57 7.32 8.43
CA TYR B 337 40.44 8.16 9.62
C TYR B 337 41.76 8.19 10.37
N GLN B 338 41.98 9.29 11.09
CA GLN B 338 43.22 9.51 11.81
C GLN B 338 43.03 10.67 12.78
N ALA B 339 43.86 10.70 13.83
CA ALA B 339 43.84 11.80 14.78
C ALA B 339 44.61 13.02 14.28
N ASP B 340 45.50 12.84 13.31
CA ASP B 340 46.29 13.92 12.73
C ASP B 340 46.24 13.78 11.21
N LEU B 341 45.51 14.66 10.54
CA LEU B 341 45.41 14.58 9.09
C LEU B 341 46.75 14.81 8.42
N GLU B 342 47.60 15.65 9.01
CA GLU B 342 48.92 15.90 8.44
C GLU B 342 49.80 14.66 8.54
N LYS B 343 49.92 14.10 9.74
CA LYS B 343 50.75 12.91 9.93
C LYS B 343 50.11 11.67 9.30
N GLY B 344 48.79 11.66 9.12
CA GLY B 344 48.12 10.51 8.59
C GLY B 344 48.09 10.44 7.08
N PHE B 345 46.96 10.83 6.49
CA PHE B 345 46.75 10.66 5.05
C PHE B 345 47.77 11.47 4.25
N ILE B 346 47.89 12.77 4.57
CA ILE B 346 48.72 13.67 3.76
C ILE B 346 50.16 13.19 3.73
N ALA B 347 50.67 12.67 4.84
CA ALA B 347 52.04 12.20 4.89
C ALA B 347 52.20 10.88 4.12
N VAL B 348 51.15 10.06 4.08
CA VAL B 348 51.25 8.79 3.36
C VAL B 348 51.11 9.00 1.86
N GLN B 349 50.14 9.82 1.44
CA GLN B 349 49.98 10.09 0.01
C GLN B 349 51.20 10.78 -0.57
N THR B 350 51.88 11.61 0.22
CA THR B 350 53.11 12.23 -0.24
C THR B 350 54.18 11.16 -0.52
N ARG B 351 54.28 10.15 0.34
CA ARG B 351 55.19 9.04 0.09
C ARG B 351 54.78 8.25 -1.13
N LEU B 352 53.48 8.15 -1.40
CA LEU B 352 52.98 7.42 -2.55
C LEU B 352 53.05 8.20 -3.85
N ASN B 353 53.37 9.50 -3.79
CA ASN B 353 53.40 10.32 -4.99
C ASN B 353 54.44 9.79 -5.96
N GLY B 354 53.98 9.37 -7.14
CA GLY B 354 54.85 8.76 -8.13
C GLY B 354 54.95 7.25 -8.05
N GLU B 355 54.10 6.60 -7.27
CA GLU B 355 54.15 5.15 -7.15
C GLU B 355 53.76 4.50 -8.48
N PRO B 356 54.31 3.32 -8.78
CA PRO B 356 53.95 2.64 -10.03
C PRO B 356 52.48 2.23 -10.12
N LEU B 357 51.73 2.32 -9.03
CA LEU B 357 50.29 2.08 -9.09
C LEU B 357 49.55 3.25 -9.73
N GLU B 358 50.14 4.43 -9.76
CA GLU B 358 49.48 5.60 -10.32
C GLU B 358 49.15 5.44 -11.80
N GLU B 359 49.84 4.53 -12.50
CA GLU B 359 49.51 4.24 -13.88
C GLU B 359 48.12 3.65 -14.04
N TYR B 360 47.49 3.21 -12.95
CA TYR B 360 46.15 2.65 -12.98
C TYR B 360 45.16 3.43 -12.13
N LEU B 361 45.59 4.50 -11.48
CA LEU B 361 44.75 5.30 -10.61
C LEU B 361 44.53 6.69 -11.18
N LYS B 362 43.46 7.34 -10.74
CA LYS B 362 43.16 8.72 -11.08
C LYS B 362 42.16 9.30 -10.09
N PRO B 363 42.63 9.94 -9.01
CA PRO B 363 41.71 10.54 -8.04
C PRO B 363 40.96 11.71 -8.67
N THR B 364 39.64 11.59 -8.75
CA THR B 364 38.81 12.60 -9.38
C THR B 364 38.07 13.48 -8.38
N GLY B 365 38.03 13.11 -7.11
CA GLY B 365 37.32 13.92 -6.15
C GLY B 365 37.55 13.45 -4.73
N GLY B 366 36.79 14.05 -3.81
CA GLY B 366 36.91 13.75 -2.40
C GLY B 366 36.98 15.00 -1.55
N GLY B 367 37.64 14.91 -0.41
CA GLY B 367 37.81 16.08 0.43
C GLY B 367 38.27 15.70 1.82
N TYR B 368 38.65 16.72 2.58
CA TYR B 368 39.06 16.57 3.97
C TYR B 368 37.94 17.07 4.87
N PHE B 369 37.65 16.30 5.92
CA PHE B 369 36.65 16.67 6.91
C PHE B 369 37.14 16.25 8.28
N PHE B 370 36.47 16.77 9.32
CA PHE B 370 36.77 16.40 10.69
C PHE B 370 35.51 15.79 11.31
N THR B 371 35.56 14.50 11.59
CA THR B 371 34.46 13.82 12.27
C THR B 371 34.27 14.40 13.67
N LEU B 372 33.09 14.96 13.93
CA LEU B 372 32.82 15.60 15.20
C LEU B 372 32.88 14.59 16.34
N PRO B 373 33.13 15.06 17.56
CA PRO B 373 33.09 14.14 18.71
C PRO B 373 31.71 13.52 18.87
N GLY B 374 31.70 12.25 19.25
CA GLY B 374 30.44 11.56 19.48
C GLY B 374 29.68 12.15 20.65
N VAL B 375 28.36 12.02 20.59
CA VAL B 375 27.47 12.56 21.61
C VAL B 375 26.92 11.41 22.43
N THR B 376 26.84 11.63 23.74
CA THR B 376 26.26 10.65 24.66
C THR B 376 25.43 11.40 25.69
N GLY B 377 24.17 11.00 25.81
CA GLY B 377 23.21 11.62 26.72
C GLY B 377 22.03 12.17 25.96
N GLU B 378 21.25 13.00 26.66
CA GLU B 378 20.05 13.61 26.11
C GLU B 378 20.08 15.14 26.10
N GLU B 379 21.06 15.77 26.74
CA GLU B 379 21.25 17.21 26.64
C GLU B 379 22.29 17.59 25.60
N ASP B 380 23.08 16.63 25.13
CA ASP B 380 24.11 16.86 24.12
C ASP B 380 23.61 16.43 22.75
N PHE B 381 24.03 17.17 21.72
CA PHE B 381 23.67 16.85 20.35
C PHE B 381 24.89 17.08 19.47
N ILE B 382 24.80 16.57 18.23
CA ILE B 382 25.93 16.59 17.32
C ILE B 382 26.37 18.03 17.08
N GLY B 383 27.64 18.32 17.36
CA GLY B 383 28.19 19.63 17.15
C GLY B 383 27.93 20.64 18.26
N ARG B 384 27.39 20.20 19.39
CA ARG B 384 27.13 21.12 20.49
C ARG B 384 28.43 21.62 21.11
N SER B 385 29.41 20.73 21.28
CA SER B 385 30.70 21.13 21.82
C SER B 385 31.40 22.13 20.91
N LEU B 386 31.18 22.03 19.60
CA LEU B 386 31.76 23.01 18.68
C LEU B 386 31.08 24.37 18.82
N LEU B 387 29.75 24.38 18.92
CA LEU B 387 29.04 25.65 19.06
C LEU B 387 29.29 26.28 20.42
N ASP B 388 29.36 25.46 21.47
CA ASP B 388 29.58 26.00 22.81
C ASP B 388 30.98 26.57 22.96
N ALA B 389 31.94 26.09 22.17
CA ALA B 389 33.31 26.62 22.23
C ALA B 389 33.47 27.93 21.47
N THR B 390 32.54 28.24 20.56
CA THR B 390 32.58 29.47 19.78
C THR B 390 31.45 30.41 20.13
N ARG B 391 30.88 30.27 21.32
CA ARG B 391 29.73 31.08 21.73
C ARG B 391 30.11 32.56 21.76
N PRO B 392 29.39 33.43 21.05
CA PRO B 392 29.70 34.86 21.11
C PRO B 392 29.61 35.39 22.53
N LYS B 393 30.45 36.38 22.81
CA LYS B 393 30.52 36.97 24.15
C LYS B 393 30.27 38.47 24.11
N PRO C 3 -4.45 -86.99 14.25
CA PRO C 3 -5.17 -86.54 13.06
C PRO C 3 -5.86 -85.19 13.28
N ALA C 4 -5.09 -84.11 13.17
CA ALA C 4 -5.62 -82.79 13.48
C ALA C 4 -6.73 -82.40 12.50
N GLN C 5 -7.54 -81.43 12.91
CA GLN C 5 -8.62 -80.93 12.09
C GLN C 5 -8.06 -80.22 10.85
N VAL C 6 -8.96 -79.89 9.93
CA VAL C 6 -8.54 -79.34 8.64
C VAL C 6 -7.91 -77.97 8.81
N THR C 7 -8.63 -77.05 9.46
CA THR C 7 -8.21 -75.66 9.55
C THR C 7 -7.31 -75.37 10.74
N GLU C 8 -6.84 -76.39 11.44
CA GLU C 8 -5.89 -76.16 12.52
C GLU C 8 -4.59 -75.58 11.97
N ALA C 9 -4.07 -74.56 12.65
CA ALA C 9 -2.93 -73.83 12.14
C ALA C 9 -1.71 -74.74 12.04
N PRO C 10 -0.89 -74.59 11.00
CA PRO C 10 0.35 -75.37 10.92
C PRO C 10 1.27 -75.06 12.09
N SER C 11 1.90 -76.09 12.62
CA SER C 11 2.81 -75.93 13.75
C SER C 11 4.16 -75.39 13.26
N SER C 12 4.69 -74.42 13.99
CA SER C 12 5.95 -73.79 13.62
C SER C 12 6.80 -73.59 14.86
N ASP C 13 8.08 -73.96 14.78
CA ASP C 13 9.04 -73.71 15.85
C ASP C 13 9.88 -72.48 15.61
N LYS C 14 9.60 -71.71 14.57
CA LYS C 14 10.39 -70.54 14.21
C LYS C 14 9.67 -69.23 14.50
N THR C 15 8.59 -69.26 15.29
CA THR C 15 7.82 -68.06 15.54
C THR C 15 8.61 -67.04 16.36
N GLN C 16 9.55 -67.49 17.18
CA GLN C 16 10.34 -66.59 18.01
C GLN C 16 11.65 -66.18 17.37
N ASP C 17 11.87 -66.51 16.10
CA ASP C 17 13.04 -66.02 15.39
C ASP C 17 13.02 -64.50 15.37
N ARG C 18 14.19 -63.89 15.59
CA ARG C 18 14.24 -62.44 15.75
C ARG C 18 15.57 -61.90 15.27
N HIS C 19 15.57 -60.62 14.94
CA HIS C 19 16.77 -59.89 14.55
C HIS C 19 16.75 -58.51 15.19
N ASP C 20 17.93 -58.00 15.51
CA ASP C 20 18.05 -56.66 16.09
C ASP C 20 17.52 -55.62 15.12
N PHE C 21 16.66 -54.74 15.64
CA PHE C 21 16.29 -53.56 14.87
C PHE C 21 17.39 -52.51 14.91
N HIS C 22 17.99 -52.31 16.08
CA HIS C 22 19.05 -51.34 16.25
C HIS C 22 20.37 -51.88 15.72
N GLY C 23 21.18 -51.00 15.16
CA GLY C 23 22.47 -51.38 14.64
C GLY C 23 23.06 -50.25 13.82
N GLN C 24 24.36 -50.39 13.54
CA GLN C 24 25.03 -49.41 12.69
C GLN C 24 24.38 -49.35 11.30
N HIS C 25 24.00 -50.51 10.76
CA HIS C 25 23.20 -50.57 9.55
C HIS C 25 21.80 -51.05 9.89
N GLN C 26 20.88 -50.83 8.95
CA GLN C 26 19.57 -51.43 9.04
C GLN C 26 19.66 -52.94 8.78
N SER C 27 18.77 -53.69 9.42
CA SER C 27 18.68 -55.11 9.13
C SER C 27 18.07 -55.32 7.74
N GLY C 28 18.13 -56.56 7.28
CA GLY C 28 17.55 -56.91 5.99
C GLY C 28 18.45 -56.74 4.79
N ILE C 29 19.76 -56.68 4.99
CA ILE C 29 20.70 -56.61 3.88
C ILE C 29 21.74 -57.71 4.05
N VAL C 30 22.70 -57.51 4.95
CA VAL C 30 23.62 -58.58 5.30
C VAL C 30 22.97 -59.64 6.18
N THR C 31 21.76 -59.36 6.68
CA THR C 31 20.99 -60.37 7.39
C THR C 31 20.74 -61.58 6.49
N PRO C 32 20.88 -62.80 7.00
CA PRO C 32 20.51 -63.97 6.21
C PRO C 32 19.07 -63.88 5.74
N ARG C 33 18.85 -64.18 4.47
CA ARG C 33 17.55 -63.97 3.84
C ARG C 33 16.56 -65.04 4.31
N PRO C 34 15.42 -64.66 4.86
CA PRO C 34 14.40 -65.65 5.25
C PRO C 34 13.66 -66.14 4.02
N ALA C 35 12.64 -66.97 4.27
CA ALA C 35 11.89 -67.57 3.17
C ALA C 35 11.02 -66.54 2.46
N ALA C 36 10.36 -65.66 3.22
CA ALA C 36 9.37 -64.75 2.67
C ALA C 36 9.92 -63.33 2.59
N GLY C 37 9.73 -62.69 1.44
CA GLY C 37 10.10 -61.31 1.27
C GLY C 37 8.96 -60.52 0.66
N MET C 38 9.01 -59.21 0.88
CA MET C 38 7.96 -58.34 0.37
C MET C 38 8.51 -56.93 0.26
N LEU C 39 8.32 -56.31 -0.89
CA LEU C 39 8.78 -54.94 -1.12
C LEU C 39 7.58 -54.07 -1.49
N VAL C 40 7.41 -52.97 -0.76
CA VAL C 40 6.30 -52.06 -0.95
C VAL C 40 6.86 -50.65 -1.11
N SER C 41 6.46 -49.98 -2.19
CA SER C 41 6.85 -48.60 -2.45
C SER C 41 5.68 -47.68 -2.14
N PHE C 42 5.95 -46.60 -1.42
CA PHE C 42 4.92 -45.65 -1.01
C PHE C 42 5.15 -44.30 -1.65
N ASP C 43 4.07 -43.52 -1.70
CA ASP C 43 4.14 -42.09 -1.93
C ASP C 43 3.96 -41.39 -0.58
N VAL C 44 4.89 -40.51 -0.24
CA VAL C 44 4.82 -39.80 1.03
C VAL C 44 3.78 -38.71 0.92
N LEU C 45 2.78 -38.76 1.81
CA LEU C 45 1.69 -37.77 1.82
C LEU C 45 1.99 -36.60 2.75
N ALA C 46 3.13 -36.59 3.41
CA ALA C 46 3.48 -35.48 4.28
C ALA C 46 3.58 -34.18 3.50
N SER C 47 3.17 -33.08 4.13
CA SER C 47 3.16 -31.77 3.49
C SER C 47 4.32 -30.88 3.90
N ASP C 48 4.84 -31.04 5.12
CA ASP C 48 5.96 -30.26 5.60
C ASP C 48 6.93 -31.18 6.32
N ARG C 49 8.05 -30.60 6.76
CA ARG C 49 9.05 -31.40 7.47
C ARG C 49 8.52 -31.92 8.80
N ASP C 50 7.61 -31.17 9.44
CA ASP C 50 7.04 -31.63 10.70
C ASP C 50 6.22 -32.90 10.50
N ASP C 51 5.50 -33.00 9.38
CA ASP C 51 4.79 -34.23 9.06
C ASP C 51 5.75 -35.34 8.68
N LEU C 52 6.89 -35.00 8.06
CA LEU C 52 7.88 -36.00 7.72
C LEU C 52 8.57 -36.56 8.97
N GLU C 53 8.72 -35.74 10.01
CA GLU C 53 9.30 -36.22 11.24
C GLU C 53 8.34 -37.17 11.97
N ARG C 54 7.05 -36.84 11.98
CA ARG C 54 6.07 -37.75 12.56
C ARG C 54 6.03 -39.07 11.80
N LEU C 55 6.24 -39.02 10.48
CA LEU C 55 6.29 -40.25 9.69
C LEU C 55 7.47 -41.12 10.12
N PHE C 56 8.67 -40.52 10.18
CA PHE C 56 9.86 -41.29 10.55
C PHE C 56 9.77 -41.81 11.97
N ARG C 57 9.31 -40.97 12.91
CA ARG C 57 9.22 -41.40 14.30
C ARG C 57 8.21 -42.53 14.46
N THR C 58 7.05 -42.41 13.82
CA THR C 58 6.07 -43.49 13.87
C THR C 58 6.62 -44.75 13.20
N LEU C 59 7.30 -44.59 12.06
CA LEU C 59 7.91 -45.73 11.39
C LEU C 59 8.91 -46.42 12.30
N ASP C 60 9.67 -45.65 13.08
CA ASP C 60 10.64 -46.24 13.99
C ASP C 60 9.95 -47.03 15.10
N GLN C 61 8.85 -46.49 15.64
CA GLN C 61 8.16 -47.18 16.72
C GLN C 61 7.49 -48.46 16.23
N ARG C 62 6.88 -48.42 15.05
CA ARG C 62 6.14 -49.58 14.55
C ARG C 62 7.09 -50.71 14.15
N ILE C 63 8.19 -50.38 13.48
CA ILE C 63 9.12 -51.41 13.03
C ILE C 63 9.80 -52.06 14.23
N ALA C 64 10.20 -51.26 15.23
CA ALA C 64 10.87 -51.81 16.40
C ALA C 64 9.98 -52.79 17.15
N PHE C 65 8.68 -52.49 17.26
CA PHE C 65 7.76 -53.41 17.92
C PHE C 65 7.50 -54.64 17.06
N LEU C 66 7.21 -54.42 15.77
CA LEU C 66 6.89 -55.55 14.88
C LEU C 66 8.06 -56.52 14.79
N MET C 67 9.29 -56.00 14.80
CA MET C 67 10.47 -56.86 14.73
C MET C 67 10.71 -57.58 16.05
N ARG C 68 10.24 -57.02 17.16
CA ARG C 68 10.42 -57.61 18.49
C ARG C 68 9.24 -58.46 18.92
N GLY C 69 8.02 -58.03 18.61
CA GLY C 69 6.83 -58.78 18.97
C GLY C 69 6.45 -58.57 20.43
N GLY C 70 5.28 -59.10 20.78
CA GLY C 70 4.78 -59.01 22.12
C GLY C 70 3.27 -58.89 22.17
N PRO C 71 2.72 -58.82 23.39
CA PRO C 71 1.26 -58.75 23.51
C PRO C 71 0.74 -57.36 23.15
N VAL C 72 -0.44 -57.34 22.56
CA VAL C 72 -1.10 -56.10 22.15
C VAL C 72 -2.14 -55.75 23.20
N ALA C 73 -2.02 -54.54 23.75
CA ALA C 73 -2.97 -54.09 24.77
C ALA C 73 -4.36 -53.91 24.17
N GLN C 74 -5.37 -54.18 24.99
CA GLN C 74 -6.76 -54.03 24.59
C GLN C 74 -7.28 -52.67 25.04
N VAL C 75 -8.05 -52.02 24.16
CA VAL C 75 -8.54 -50.67 24.42
C VAL C 75 -10.06 -50.67 24.43
N ASP C 76 -10.64 -49.48 24.42
CA ASP C 76 -12.09 -49.32 24.46
C ASP C 76 -12.73 -50.12 23.32
N PRO C 77 -13.69 -51.00 23.62
CA PRO C 77 -14.33 -51.80 22.55
C PRO C 77 -14.92 -50.97 21.42
N LYS C 78 -15.37 -49.74 21.69
CA LYS C 78 -15.87 -48.89 20.60
C LYS C 78 -14.76 -48.24 19.80
N LEU C 79 -13.50 -48.50 20.15
CA LEU C 79 -12.37 -48.08 19.34
C LEU C 79 -11.87 -49.26 18.50
N PRO C 80 -11.31 -49.00 17.33
CA PRO C 80 -10.72 -50.08 16.53
C PRO C 80 -9.58 -50.74 17.28
N PRO C 81 -9.40 -52.05 17.15
CA PRO C 81 -8.28 -52.71 17.81
C PRO C 81 -6.96 -52.18 17.28
N LEU C 82 -5.97 -52.13 18.18
CA LEU C 82 -4.66 -51.60 17.81
C LEU C 82 -3.95 -52.46 16.79
N ASP C 83 -4.33 -53.73 16.66
CA ASP C 83 -3.67 -54.66 15.76
C ASP C 83 -4.70 -55.37 14.90
N SER C 84 -4.30 -55.73 13.68
CA SER C 84 -5.18 -56.47 12.79
C SER C 84 -5.56 -57.82 13.39
N GLY C 85 -4.67 -58.43 14.16
CA GLY C 85 -4.92 -59.71 14.78
C GLY C 85 -4.48 -60.91 13.96
N ILE C 86 -3.90 -60.69 12.78
CA ILE C 86 -3.52 -61.79 11.89
C ILE C 86 -2.63 -62.79 12.61
N LEU C 87 -1.67 -62.31 13.38
CA LEU C 87 -0.74 -63.17 14.11
C LEU C 87 -1.22 -63.49 15.52
N GLY C 88 -2.47 -63.17 15.85
CA GLY C 88 -3.02 -63.49 17.14
C GLY C 88 -2.88 -62.36 18.14
N PRO C 89 -3.37 -62.56 19.36
CA PRO C 89 -3.32 -61.50 20.37
C PRO C 89 -1.92 -61.18 20.85
N VAL C 90 -0.94 -62.06 20.62
CA VAL C 90 0.45 -61.82 20.99
C VAL C 90 1.24 -61.79 19.69
N VAL C 91 1.60 -60.59 19.23
CA VAL C 91 2.32 -60.45 17.97
C VAL C 91 3.65 -61.19 18.05
N THR C 92 3.92 -62.00 17.03
CA THR C 92 5.11 -62.85 17.00
C THR C 92 6.12 -62.33 15.98
N PRO C 93 7.42 -62.34 16.32
CA PRO C 93 8.43 -61.74 15.43
C PRO C 93 8.62 -62.50 14.13
N ASP C 94 8.91 -63.80 14.23
CA ASP C 94 8.98 -64.68 13.07
C ASP C 94 10.03 -64.20 12.05
N ASN C 95 11.22 -63.89 12.55
CA ASN C 95 12.38 -63.54 11.73
C ASN C 95 12.16 -62.26 10.93
N LEU C 96 11.26 -61.39 11.37
CA LEU C 96 10.89 -60.21 10.57
C LEU C 96 11.95 -59.13 10.67
N THR C 97 12.32 -58.57 9.52
CA THR C 97 13.10 -57.34 9.43
C THR C 97 12.40 -56.40 8.46
N ILE C 98 12.43 -55.10 8.78
CA ILE C 98 11.87 -54.07 7.92
C ILE C 98 12.96 -53.04 7.64
N THR C 99 13.18 -52.74 6.37
CA THR C 99 14.25 -51.84 5.95
C THR C 99 13.64 -50.64 5.24
N VAL C 100 13.91 -49.45 5.77
CA VAL C 100 13.35 -48.21 5.23
C VAL C 100 14.35 -47.61 4.25
N SER C 101 13.86 -47.22 3.08
CA SER C 101 14.68 -46.58 2.06
C SER C 101 13.89 -45.45 1.43
N VAL C 102 14.60 -44.40 1.03
CA VAL C 102 13.99 -43.21 0.45
C VAL C 102 14.40 -43.11 -1.01
N GLY C 103 13.49 -42.57 -1.82
CA GLY C 103 13.69 -42.47 -3.25
C GLY C 103 14.17 -41.09 -3.69
N GLU C 104 14.45 -40.98 -4.98
CA GLU C 104 14.87 -39.71 -5.55
C GLU C 104 13.81 -38.64 -5.39
N SER C 105 12.53 -39.04 -5.42
CA SER C 105 11.43 -38.07 -5.35
C SER C 105 11.33 -37.39 -3.99
N LEU C 106 11.82 -38.03 -2.93
CA LEU C 106 11.73 -37.43 -1.60
C LEU C 106 12.65 -36.22 -1.44
N PHE C 107 13.60 -36.01 -2.34
CA PHE C 107 14.57 -34.92 -2.24
C PHE C 107 14.22 -33.77 -3.16
N ASP C 108 12.93 -33.42 -3.27
CA ASP C 108 12.52 -32.30 -4.09
C ASP C 108 12.28 -31.05 -3.24
N GLU C 109 11.36 -30.19 -3.68
CA GLU C 109 11.06 -28.95 -2.98
C GLU C 109 10.18 -29.14 -1.76
N ARG C 110 9.75 -30.37 -1.47
CA ARG C 110 8.77 -30.59 -0.41
C ARG C 110 9.39 -30.41 0.98
N PHE C 111 10.50 -31.11 1.25
CA PHE C 111 11.05 -31.20 2.59
C PHE C 111 12.44 -30.61 2.72
N GLY C 112 12.92 -29.89 1.71
CA GLY C 112 14.19 -29.19 1.83
C GLY C 112 15.40 -30.09 1.99
N LEU C 113 15.33 -31.31 1.49
CA LEU C 113 16.45 -32.25 1.55
C LEU C 113 17.27 -32.25 0.26
N GLU C 114 17.04 -31.28 -0.62
CA GLU C 114 17.62 -31.32 -1.97
C GLU C 114 19.14 -31.37 -1.92
N ALA C 115 19.76 -30.63 -1.00
CA ALA C 115 21.22 -30.58 -0.95
C ALA C 115 21.83 -31.82 -0.31
N ALA C 116 21.04 -32.61 0.41
CA ALA C 116 21.55 -33.80 1.09
C ALA C 116 21.20 -35.09 0.35
N LYS C 117 20.81 -34.99 -0.93
CA LYS C 117 20.49 -36.18 -1.68
C LYS C 117 21.74 -37.03 -1.90
N PRO C 118 21.63 -38.36 -1.73
CA PRO C 118 22.76 -39.23 -2.05
C PRO C 118 23.23 -38.98 -3.48
N LYS C 119 24.56 -39.03 -3.66
CA LYS C 119 25.17 -38.53 -4.89
C LYS C 119 24.75 -39.33 -6.12
N ARG C 120 24.22 -40.53 -5.95
CA ARG C 120 23.85 -41.39 -7.08
C ARG C 120 22.38 -41.79 -7.06
N LEU C 121 21.57 -41.20 -6.19
CA LEU C 121 20.15 -41.53 -6.14
C LEU C 121 19.43 -40.78 -7.26
N ILE C 122 18.96 -41.53 -8.26
CA ILE C 122 18.27 -40.97 -9.42
C ILE C 122 16.99 -41.77 -9.66
N ARG C 123 16.13 -41.22 -10.50
CA ARG C 123 14.94 -41.92 -10.93
C ARG C 123 15.31 -42.98 -11.96
N MET C 124 14.72 -44.16 -11.84
CA MET C 124 15.02 -45.25 -12.74
C MET C 124 14.57 -44.92 -14.16
N VAL C 125 15.46 -45.10 -15.12
CA VAL C 125 15.13 -44.98 -16.54
C VAL C 125 15.19 -46.36 -17.16
N GLY C 126 14.32 -46.59 -18.13
CA GLY C 126 14.17 -47.91 -18.70
C GLY C 126 15.40 -48.36 -19.48
N PHE C 127 15.68 -49.64 -19.41
CA PHE C 127 16.74 -50.31 -20.14
C PHE C 127 16.18 -50.91 -21.44
N PRO C 128 17.05 -51.24 -22.41
CA PRO C 128 16.54 -51.69 -23.71
C PRO C 128 15.55 -52.85 -23.65
N ASN C 129 15.71 -53.79 -22.71
CA ASN C 129 14.81 -54.92 -22.59
C ASN C 129 13.65 -54.65 -21.64
N ASP C 130 13.49 -53.41 -21.18
CA ASP C 130 12.46 -53.09 -20.20
C ASP C 130 11.13 -52.75 -20.86
N ALA C 131 10.06 -53.23 -20.25
CA ALA C 131 8.70 -52.82 -20.57
C ALA C 131 8.09 -52.23 -19.29
N LEU C 132 8.68 -51.13 -18.84
CA LEU C 132 8.31 -50.54 -17.56
C LEU C 132 6.90 -49.98 -17.60
N GLU C 133 6.15 -50.21 -16.52
CA GLU C 133 4.84 -49.64 -16.34
C GLU C 133 4.90 -48.58 -15.24
N PRO C 134 4.51 -47.34 -15.53
CA PRO C 134 4.78 -46.24 -14.57
C PRO C 134 4.09 -46.41 -13.23
N ALA C 135 2.93 -47.07 -13.18
CA ALA C 135 2.26 -47.28 -11.90
C ALA C 135 3.06 -48.19 -10.99
N CYS C 136 3.99 -48.97 -11.52
CA CYS C 136 4.81 -49.90 -10.75
C CYS C 136 6.26 -49.46 -10.70
N CYS C 137 6.51 -48.15 -10.61
CA CYS C 137 7.86 -47.63 -10.66
C CYS C 137 8.03 -46.51 -9.63
N HIS C 138 9.28 -46.32 -9.20
CA HIS C 138 9.68 -45.23 -8.32
C HIS C 138 8.94 -45.22 -6.99
N GLY C 139 8.92 -44.08 -6.33
CA GLY C 139 8.26 -43.93 -5.04
C GLY C 139 9.07 -43.05 -4.11
N ASP C 140 8.36 -42.37 -3.20
CA ASP C 140 9.03 -41.54 -2.21
C ASP C 140 9.79 -42.37 -1.18
N LEU C 141 9.27 -43.55 -0.86
CA LEU C 141 9.81 -44.36 0.23
C LEU C 141 9.55 -45.83 -0.08
N SER C 142 10.51 -46.67 0.27
CA SER C 142 10.40 -48.12 0.08
C SER C 142 10.53 -48.83 1.42
N LEU C 143 9.75 -49.90 1.58
CA LEU C 143 9.81 -50.75 2.77
C LEU C 143 10.00 -52.18 2.32
N GLN C 144 11.02 -52.84 2.86
CA GLN C 144 11.32 -54.24 2.52
C GLN C 144 11.00 -55.10 3.74
N PHE C 145 9.89 -55.82 3.68
CA PHE C 145 9.51 -56.76 4.72
C PHE C 145 10.08 -58.14 4.40
N CYS C 146 10.82 -58.71 5.35
CA CYS C 146 11.37 -60.05 5.20
C CYS C 146 11.12 -60.83 6.48
N SER C 147 10.53 -62.01 6.37
CA SER C 147 10.22 -62.84 7.52
C SER C 147 10.10 -64.28 7.07
N ASN C 148 9.76 -65.16 8.01
CA ASN C 148 9.64 -66.58 7.71
C ASN C 148 8.44 -66.85 6.81
N THR C 149 7.32 -66.17 7.05
CA THR C 149 6.07 -66.44 6.36
C THR C 149 5.52 -65.16 5.73
N ALA C 150 4.67 -65.35 4.72
CA ALA C 150 4.06 -64.21 4.04
C ALA C 150 3.06 -63.51 4.95
N ASP C 151 2.36 -64.26 5.80
CA ASP C 151 1.38 -63.66 6.69
C ASP C 151 2.03 -62.81 7.78
N THR C 152 3.31 -63.03 8.06
CA THR C 152 4.03 -62.15 8.96
C THR C 152 4.38 -60.82 8.29
N ASN C 153 4.87 -60.89 7.05
CA ASN C 153 5.10 -59.67 6.28
C ASN C 153 3.81 -58.88 6.11
N ILE C 154 2.71 -59.57 5.80
CA ILE C 154 1.45 -58.90 5.55
C ILE C 154 0.89 -58.29 6.83
N HIS C 155 1.06 -58.98 7.96
CA HIS C 155 0.64 -58.41 9.23
C HIS C 155 1.42 -57.14 9.55
N ALA C 156 2.70 -57.10 9.18
CA ALA C 156 3.49 -55.90 9.42
C ALA C 156 3.10 -54.78 8.46
N LEU C 157 2.77 -55.12 7.22
CA LEU C 157 2.33 -54.10 6.27
C LEU C 157 0.99 -53.51 6.70
N ARG C 158 0.09 -54.34 7.23
CA ARG C 158 -1.19 -53.83 7.71
C ARG C 158 -1.01 -52.91 8.90
N ASP C 159 -0.06 -53.23 9.80
CA ASP C 159 0.18 -52.39 10.97
C ASP C 159 0.68 -51.01 10.55
N ILE C 160 1.54 -50.96 9.53
CA ILE C 160 2.16 -49.69 9.15
C ILE C 160 1.19 -48.80 8.41
N VAL C 161 0.42 -49.36 7.47
CA VAL C 161 -0.53 -48.53 6.72
C VAL C 161 -1.70 -48.11 7.60
N LYS C 162 -2.02 -48.89 8.63
CA LYS C 162 -3.09 -48.51 9.55
C LYS C 162 -2.65 -47.36 10.44
N ASN C 163 -1.40 -47.38 10.89
CA ASN C 163 -0.89 -46.33 11.76
C ASN C 163 -0.43 -45.08 11.01
N LEU C 164 -0.38 -45.12 9.68
CA LEU C 164 0.00 -43.96 8.87
C LEU C 164 -0.95 -43.82 7.69
N PRO C 165 -2.25 -43.62 7.95
CA PRO C 165 -3.21 -43.52 6.84
C PRO C 165 -3.19 -42.18 6.14
N ASP C 166 -2.61 -41.14 6.74
CA ASP C 166 -2.54 -39.82 6.15
C ASP C 166 -1.12 -39.42 5.78
N LEU C 167 -0.16 -40.31 5.93
CA LEU C 167 1.23 -40.03 5.61
C LEU C 167 1.83 -40.96 4.58
N LEU C 168 1.37 -42.20 4.50
CA LEU C 168 1.87 -43.18 3.53
C LEU C 168 0.73 -43.66 2.65
N LEU C 169 0.97 -43.66 1.34
CA LEU C 169 0.01 -44.18 0.36
C LEU C 169 0.72 -45.23 -0.47
N VAL C 170 0.24 -46.47 -0.38
CA VAL C 170 0.87 -47.57 -1.10
C VAL C 170 0.82 -47.30 -2.60
N ARG C 171 1.99 -47.17 -3.22
CA ARG C 171 2.08 -46.91 -4.65
C ARG C 171 2.12 -48.21 -5.45
N TRP C 172 3.04 -49.11 -5.12
CA TRP C 172 3.06 -50.45 -5.70
C TRP C 172 3.76 -51.39 -4.72
N LYS C 173 3.49 -52.68 -4.88
CA LYS C 173 4.08 -53.68 -4.02
C LYS C 173 4.27 -54.97 -4.81
N GLN C 174 5.27 -55.75 -4.40
CA GLN C 174 5.53 -57.06 -4.98
C GLN C 174 5.94 -58.02 -3.88
N GLU C 175 5.28 -59.17 -3.83
CA GLU C 175 5.59 -60.21 -2.86
C GLU C 175 6.27 -61.37 -3.56
N GLY C 176 7.38 -61.83 -3.00
CA GLY C 176 8.07 -63.00 -3.50
C GLY C 176 8.58 -63.84 -2.33
N SER C 177 9.19 -64.98 -2.67
CA SER C 177 9.73 -65.86 -1.65
C SER C 177 10.64 -66.88 -2.31
N VAL C 178 11.55 -67.42 -1.52
CA VAL C 178 12.55 -68.38 -2.00
C VAL C 178 12.24 -69.75 -1.40
N PRO C 179 12.66 -70.85 -2.04
CA PRO C 179 12.34 -72.18 -1.51
C PRO C 179 13.32 -72.61 -0.45
N PRO C 180 12.82 -73.11 0.68
CA PRO C 180 13.70 -73.57 1.75
C PRO C 180 14.33 -74.92 1.41
N GLN C 181 15.34 -75.28 2.19
CA GLN C 181 16.08 -76.51 2.00
C GLN C 181 16.32 -77.20 3.34
N ALA C 182 16.48 -78.51 3.29
CA ALA C 182 16.75 -79.29 4.50
C ALA C 182 18.16 -78.99 5.01
N PRO C 183 18.41 -79.24 6.30
CA PRO C 183 19.78 -79.07 6.82
C PRO C 183 20.76 -79.97 6.09
N ALA C 184 21.99 -79.47 5.95
CA ALA C 184 23.00 -80.15 5.16
C ALA C 184 23.57 -81.36 5.91
N LYS C 185 23.88 -82.41 5.15
CA LYS C 185 24.51 -83.59 5.69
C LYS C 185 25.94 -83.27 6.11
N PRO C 186 26.59 -84.13 6.90
CA PRO C 186 28.00 -83.90 7.23
C PRO C 186 28.86 -83.92 5.98
N GLY C 187 29.79 -82.96 5.91
CA GLY C 187 30.71 -82.88 4.78
C GLY C 187 30.12 -82.28 3.53
N GLU C 188 28.88 -81.80 3.57
CA GLU C 188 28.24 -81.19 2.42
C GLU C 188 28.01 -79.71 2.67
N PRO C 189 28.38 -78.83 1.75
CA PRO C 189 28.22 -77.39 1.98
C PRO C 189 26.78 -76.94 1.77
N ALA C 190 26.37 -75.97 2.57
CA ALA C 190 25.06 -75.36 2.40
C ALA C 190 25.01 -74.61 1.07
N GLN C 191 23.89 -74.76 0.36
CA GLN C 191 23.74 -74.20 -0.97
C GLN C 191 22.92 -72.91 -0.94
N SER C 192 22.99 -72.18 -2.05
CA SER C 192 22.24 -70.95 -2.21
C SER C 192 20.88 -71.25 -2.83
N ALA C 193 19.87 -70.49 -2.43
CA ALA C 193 18.51 -70.74 -2.89
C ALA C 193 18.39 -70.56 -4.39
N ARG C 194 17.38 -71.20 -4.97
CA ARG C 194 17.15 -71.20 -6.41
C ARG C 194 16.04 -70.23 -6.77
N ASN C 195 16.09 -69.75 -8.01
CA ASN C 195 15.07 -68.86 -8.56
C ASN C 195 14.08 -69.68 -9.39
N PHE C 196 13.19 -68.99 -10.08
CA PHE C 196 12.17 -69.67 -10.88
C PHE C 196 12.67 -70.12 -12.25
N LEU C 197 13.96 -69.94 -12.53
CA LEU C 197 14.60 -70.57 -13.67
C LEU C 197 15.24 -71.90 -13.30
N GLY C 198 15.24 -72.27 -12.02
CA GLY C 198 15.79 -73.52 -11.56
C GLY C 198 17.24 -73.48 -11.16
N PHE C 199 17.90 -72.33 -11.27
CA PHE C 199 19.33 -72.21 -10.98
C PHE C 199 19.54 -71.60 -9.61
N ARG C 200 20.66 -71.98 -8.99
CA ARG C 200 21.04 -71.39 -7.70
C ARG C 200 21.35 -69.91 -7.89
N ASP C 201 20.80 -69.06 -7.02
CA ASP C 201 20.88 -67.62 -7.16
C ASP C 201 21.68 -67.05 -5.99
N GLY C 202 22.73 -66.28 -6.32
CA GLY C 202 23.54 -65.64 -5.31
C GLY C 202 24.78 -66.39 -4.87
N SER C 203 25.29 -67.30 -5.70
CA SER C 203 26.46 -68.09 -5.30
C SER C 203 27.72 -67.24 -5.25
N ALA C 204 27.91 -66.37 -6.24
CA ALA C 204 29.08 -65.50 -6.31
C ALA C 204 28.88 -64.19 -5.55
N ASN C 205 27.90 -64.13 -4.66
CA ASN C 205 27.75 -62.97 -3.80
C ASN C 205 29.02 -62.76 -2.99
N PRO C 206 29.44 -61.52 -2.77
CA PRO C 206 30.60 -61.28 -1.90
C PRO C 206 30.33 -61.77 -0.50
N ASP C 207 31.42 -62.08 0.22
CA ASP C 207 31.33 -62.64 1.56
C ASP C 207 30.64 -61.67 2.51
N SER C 208 29.43 -62.04 2.95
CA SER C 208 28.69 -61.20 3.89
C SER C 208 29.27 -61.26 5.30
N ASN C 209 30.11 -62.25 5.59
CA ASN C 209 30.78 -62.36 6.88
C ASN C 209 32.13 -61.63 6.89
N ASP C 210 32.55 -61.09 5.74
CA ASP C 210 33.77 -60.30 5.65
C ASP C 210 33.41 -58.83 5.82
N PRO C 211 33.68 -58.23 6.98
CA PRO C 211 33.30 -56.83 7.17
C PRO C 211 33.99 -55.88 6.22
N LYS C 212 35.27 -56.14 5.91
CA LYS C 212 35.99 -55.26 4.98
C LYS C 212 35.40 -55.34 3.58
N ALA C 213 35.01 -56.54 3.14
CA ALA C 213 34.40 -56.68 1.82
C ALA C 213 33.09 -55.92 1.73
N MET C 214 32.35 -55.82 2.84
CA MET C 214 31.06 -55.15 2.83
C MET C 214 31.17 -53.64 2.86
N GLN C 215 32.27 -53.09 3.36
CA GLN C 215 32.42 -51.65 3.43
C GLN C 215 32.78 -51.03 2.09
N GLN C 216 33.47 -51.77 1.22
CA GLN C 216 33.82 -51.25 -0.10
C GLN C 216 32.76 -51.54 -1.16
N ILE C 217 31.84 -52.45 -0.88
CA ILE C 217 30.83 -52.87 -1.84
C ILE C 217 29.45 -52.34 -1.47
N VAL C 218 29.05 -52.52 -0.22
CA VAL C 218 27.67 -52.36 0.20
C VAL C 218 27.45 -51.06 0.97
N TRP C 219 28.28 -50.79 1.97
CA TRP C 219 28.04 -49.70 2.88
C TRP C 219 28.76 -48.43 2.43
N VAL C 220 28.10 -47.29 2.63
CA VAL C 220 28.71 -45.99 2.38
C VAL C 220 29.58 -45.62 3.56
N GLN C 221 30.81 -45.19 3.28
CA GLN C 221 31.81 -44.90 4.31
C GLN C 221 31.81 -43.41 4.66
N PRO C 222 32.15 -43.08 5.90
CA PRO C 222 32.05 -41.68 6.35
C PRO C 222 32.95 -40.71 5.59
N GLY C 223 34.06 -41.18 5.03
CA GLY C 223 34.97 -40.31 4.30
C GLY C 223 34.71 -40.20 2.82
N SER C 224 33.59 -40.70 2.33
CA SER C 224 33.31 -40.73 0.91
C SER C 224 32.85 -39.36 0.41
N ASP C 225 32.56 -39.27 -0.89
CA ASP C 225 32.02 -38.06 -1.48
C ASP C 225 30.53 -37.88 -1.22
N GLU C 226 29.86 -38.92 -0.70
CA GLU C 226 28.47 -38.79 -0.30
C GLU C 226 28.36 -37.88 0.93
N PRO C 227 27.18 -37.33 1.18
CA PRO C 227 27.00 -36.50 2.37
C PRO C 227 27.34 -37.28 3.64
N ALA C 228 27.71 -36.53 4.68
CA ALA C 228 28.15 -37.16 5.93
C ALA C 228 27.04 -37.98 6.58
N TRP C 229 25.77 -37.54 6.42
CA TRP C 229 24.66 -38.27 7.02
C TRP C 229 24.48 -39.64 6.40
N ALA C 230 24.80 -39.80 5.12
CA ALA C 230 24.58 -41.04 4.40
C ALA C 230 25.52 -42.16 4.80
N ALA C 231 26.41 -41.93 5.76
CA ALA C 231 27.34 -42.96 6.19
C ALA C 231 26.59 -44.18 6.72
N HIS C 232 27.12 -45.36 6.40
CA HIS C 232 26.62 -46.67 6.80
C HIS C 232 25.29 -47.03 6.16
N GLY C 233 24.77 -46.19 5.25
CA GLY C 233 23.62 -46.56 4.45
C GLY C 233 24.03 -47.34 3.23
N SER C 234 23.07 -47.54 2.33
CA SER C 234 23.33 -48.28 1.10
C SER C 234 22.27 -47.94 0.07
N TYR C 235 22.64 -48.06 -1.20
CA TYR C 235 21.70 -47.86 -2.30
C TYR C 235 20.93 -49.14 -2.55
N GLN C 236 19.61 -49.02 -2.70
CA GLN C 236 18.73 -50.16 -2.94
C GLN C 236 18.24 -50.10 -4.37
N ALA C 237 18.53 -51.15 -5.13
CA ALA C 237 18.08 -51.26 -6.52
C ALA C 237 17.06 -52.39 -6.60
N VAL C 238 15.88 -52.08 -7.14
CA VAL C 238 14.80 -53.04 -7.24
C VAL C 238 14.36 -53.18 -8.69
N ARG C 239 14.11 -54.42 -9.11
CA ARG C 239 13.64 -54.72 -10.44
C ARG C 239 12.66 -55.87 -10.37
N ILE C 240 11.50 -55.71 -11.02
CA ILE C 240 10.50 -56.77 -11.14
C ILE C 240 10.68 -57.36 -12.54
N ILE C 241 11.33 -58.51 -12.63
CA ILE C 241 11.73 -59.11 -13.89
C ILE C 241 10.95 -60.40 -14.09
N ARG C 242 10.14 -60.44 -15.16
CA ARG C 242 9.33 -61.60 -15.45
C ARG C 242 10.17 -62.71 -16.09
N ASN C 243 9.73 -63.95 -15.89
CA ASN C 243 10.38 -65.12 -16.47
C ASN C 243 9.37 -65.82 -17.37
N PHE C 244 9.73 -66.00 -18.64
CA PHE C 244 8.90 -66.75 -19.58
C PHE C 244 9.17 -68.23 -19.36
N VAL C 245 8.52 -68.77 -18.32
CA VAL C 245 8.87 -70.09 -17.82
C VAL C 245 8.48 -71.20 -18.79
N GLU C 246 7.37 -71.03 -19.52
CA GLU C 246 6.99 -72.02 -20.51
C GLU C 246 8.02 -72.11 -21.63
N ARG C 247 8.44 -70.95 -22.15
CA ARG C 247 9.51 -70.92 -23.14
C ARG C 247 10.82 -71.44 -22.56
N TRP C 248 11.10 -71.10 -21.31
CA TRP C 248 12.37 -71.51 -20.68
C TRP C 248 12.38 -73.01 -20.39
N ASP C 249 11.25 -73.56 -19.96
CA ASP C 249 11.20 -74.98 -19.60
C ASP C 249 11.32 -75.89 -20.82
N ARG C 250 11.07 -75.37 -22.02
CA ARG C 250 11.27 -76.13 -23.25
C ARG C 250 12.62 -75.84 -23.90
N THR C 251 13.46 -75.04 -23.26
CA THR C 251 14.81 -74.76 -23.73
C THR C 251 15.76 -75.84 -23.21
N PRO C 252 16.63 -76.39 -24.07
CA PRO C 252 17.51 -77.48 -23.64
C PRO C 252 18.38 -77.09 -22.45
N LEU C 253 18.82 -78.12 -21.71
CA LEU C 253 19.64 -77.88 -20.53
C LEU C 253 20.96 -77.22 -20.88
N GLN C 254 21.60 -77.66 -21.96
CA GLN C 254 22.87 -77.08 -22.37
C GLN C 254 22.71 -75.60 -22.70
N GLU C 255 21.60 -75.23 -23.33
CA GLU C 255 21.34 -73.82 -23.60
C GLU C 255 21.12 -73.04 -22.30
N GLN C 256 20.31 -73.59 -21.40
CA GLN C 256 20.07 -72.94 -20.11
C GLN C 256 21.38 -72.64 -19.40
N GLU C 257 22.28 -73.62 -19.35
CA GLU C 257 23.55 -73.43 -18.66
C GLU C 257 24.46 -72.50 -19.44
N SER C 258 24.49 -72.62 -20.78
CA SER C 258 25.35 -71.77 -21.58
C SER C 258 24.92 -70.31 -21.54
N ILE C 259 23.62 -70.05 -21.37
CA ILE C 259 23.15 -68.67 -21.25
C ILE C 259 23.59 -68.08 -19.92
N ILE C 260 23.60 -68.88 -18.86
CA ILE C 260 23.89 -68.38 -17.53
C ILE C 260 25.36 -68.55 -17.17
N GLY C 261 26.01 -69.61 -17.62
CA GLY C 261 27.39 -69.86 -17.27
C GLY C 261 27.60 -70.69 -16.03
N ARG C 262 26.58 -71.40 -15.57
CA ARG C 262 26.67 -72.24 -14.39
C ARG C 262 25.98 -73.57 -14.67
N ILE C 263 26.53 -74.64 -14.10
CA ILE C 263 25.88 -75.94 -14.19
C ILE C 263 24.62 -75.90 -13.34
N LYS C 264 23.48 -76.23 -13.95
CA LYS C 264 22.19 -76.09 -13.27
C LYS C 264 22.15 -76.92 -11.99
N THR C 265 22.52 -78.20 -12.09
CA THR C 265 22.36 -79.11 -10.96
C THR C 265 23.25 -78.73 -9.79
N SER C 266 24.56 -78.62 -10.04
CA SER C 266 25.53 -78.41 -8.97
C SER C 266 25.82 -76.95 -8.69
N GLY C 267 25.42 -76.03 -9.56
CA GLY C 267 25.79 -74.64 -9.40
C GLY C 267 27.25 -74.34 -9.64
N ALA C 268 28.01 -75.31 -10.15
CA ALA C 268 29.43 -75.13 -10.38
C ALA C 268 29.68 -74.30 -11.64
N PRO C 269 30.84 -73.65 -11.72
CA PRO C 269 31.22 -72.99 -12.98
C PRO C 269 31.41 -74.01 -14.09
N MET C 270 31.45 -73.50 -15.32
CA MET C 270 31.49 -74.37 -16.49
C MET C 270 32.70 -75.29 -16.47
N ASP C 271 33.79 -74.89 -15.82
CA ASP C 271 34.99 -75.70 -15.72
C ASP C 271 35.25 -76.17 -14.28
N GLY C 272 34.24 -76.13 -13.43
CA GLY C 272 34.38 -76.49 -12.03
C GLY C 272 33.47 -77.64 -11.64
N GLN C 273 33.57 -78.00 -10.36
CA GLN C 273 32.82 -79.12 -9.81
C GLN C 273 31.90 -78.75 -8.65
N LYS C 274 32.12 -77.62 -7.99
CA LYS C 274 31.34 -77.24 -6.82
C LYS C 274 30.86 -75.80 -6.96
N GLU C 275 29.78 -75.49 -6.23
CA GLU C 275 29.18 -74.16 -6.30
C GLU C 275 30.11 -73.09 -5.75
N SER C 276 30.99 -73.45 -4.81
CA SER C 276 31.88 -72.46 -4.21
C SER C 276 32.91 -71.95 -5.20
N GLN C 277 33.27 -72.75 -6.19
CA GLN C 277 34.34 -72.39 -7.10
C GLN C 277 33.89 -71.29 -8.06
N VAL C 278 34.88 -70.69 -8.72
CA VAL C 278 34.65 -69.63 -9.71
C VAL C 278 35.30 -70.03 -11.02
N PRO C 279 34.82 -69.53 -12.16
CA PRO C 279 35.45 -69.89 -13.44
C PRO C 279 36.78 -69.16 -13.62
N ASP C 280 37.65 -69.79 -14.41
CA ASP C 280 38.96 -69.23 -14.72
C ASP C 280 38.88 -68.61 -16.11
N TYR C 281 38.55 -67.32 -16.15
CA TYR C 281 38.46 -66.59 -17.42
C TYR C 281 39.83 -66.34 -18.04
N ALA C 282 40.92 -66.48 -17.27
CA ALA C 282 42.27 -66.36 -17.81
C ALA C 282 42.67 -67.56 -18.65
N ARG C 283 41.89 -68.64 -18.62
CA ARG C 283 42.09 -69.80 -19.47
C ARG C 283 41.12 -69.83 -20.64
N ASP C 284 40.22 -68.85 -20.74
CA ASP C 284 39.16 -68.87 -21.73
C ASP C 284 38.91 -67.48 -22.30
N PRO C 285 39.88 -66.86 -22.98
CA PRO C 285 39.62 -65.53 -23.52
C PRO C 285 38.71 -65.54 -24.73
N HIS C 286 38.48 -66.70 -25.33
CA HIS C 286 37.59 -66.84 -26.47
C HIS C 286 36.19 -67.27 -26.09
N GLY C 287 35.96 -67.62 -24.82
CA GLY C 287 34.64 -68.00 -24.36
C GLY C 287 34.18 -69.35 -24.88
N LYS C 288 35.04 -70.37 -24.72
CA LYS C 288 34.69 -71.71 -25.17
C LYS C 288 33.95 -72.51 -24.09
N VAL C 289 34.44 -72.46 -22.86
CA VAL C 289 33.80 -73.19 -21.77
C VAL C 289 32.72 -72.35 -21.10
N THR C 290 33.05 -71.12 -20.71
CA THR C 290 32.06 -70.14 -20.28
C THR C 290 31.93 -69.10 -21.38
N LYS C 291 30.73 -69.00 -21.97
CA LYS C 291 30.52 -68.16 -23.15
C LYS C 291 30.81 -66.70 -22.83
N LEU C 292 31.14 -65.94 -23.88
CA LEU C 292 31.42 -64.52 -23.72
C LEU C 292 30.16 -63.73 -23.38
N ASP C 293 29.00 -64.17 -23.85
CA ASP C 293 27.74 -63.52 -23.56
C ASP C 293 26.98 -64.17 -22.42
N ALA C 294 27.61 -65.09 -21.70
CA ALA C 294 26.96 -65.73 -20.56
C ALA C 294 26.61 -64.69 -19.49
N HIS C 295 25.62 -65.04 -18.67
CA HIS C 295 25.11 -64.08 -17.70
C HIS C 295 26.16 -63.74 -16.65
N ILE C 296 26.80 -64.76 -16.07
CA ILE C 296 27.74 -64.50 -14.98
C ILE C 296 29.00 -63.82 -15.51
N ARG C 297 29.36 -64.05 -16.78
CA ARG C 297 30.55 -63.40 -17.32
C ARG C 297 30.26 -61.96 -17.70
N LEU C 298 29.07 -61.67 -18.21
CA LEU C 298 28.71 -60.29 -18.51
C LEU C 298 28.51 -59.48 -17.24
N ALA C 299 28.09 -60.13 -16.15
CA ALA C 299 27.87 -59.41 -14.90
C ALA C 299 29.16 -59.22 -14.12
N ASN C 300 30.05 -60.22 -14.15
CA ASN C 300 31.32 -60.15 -13.45
C ASN C 300 32.42 -60.67 -14.37
N PRO C 301 32.98 -59.81 -15.22
CA PRO C 301 34.09 -60.24 -16.09
C PRO C 301 35.36 -60.61 -15.33
N ARG C 302 35.39 -60.41 -14.02
CA ARG C 302 36.52 -60.82 -13.17
C ARG C 302 37.82 -60.14 -13.61
N THR C 303 37.72 -58.84 -13.87
CA THR C 303 38.86 -58.00 -14.21
C THR C 303 39.31 -57.29 -12.94
N ALA C 304 40.41 -56.54 -13.03
CA ALA C 304 40.75 -55.60 -11.97
C ALA C 304 39.76 -54.45 -11.93
N GLN C 305 39.37 -53.94 -13.11
CA GLN C 305 38.38 -52.87 -13.17
C GLN C 305 36.97 -53.36 -12.85
N SER C 306 36.70 -54.65 -13.01
CA SER C 306 35.38 -55.19 -12.75
C SER C 306 35.10 -55.37 -11.25
N GLN C 307 36.13 -55.28 -10.40
CA GLN C 307 35.93 -55.53 -8.98
C GLN C 307 35.20 -54.40 -8.28
N GLN C 308 35.20 -53.19 -8.85
CA GLN C 308 34.42 -52.09 -8.29
C GLN C 308 32.97 -52.11 -8.76
N ASN C 309 32.58 -53.09 -9.57
CA ASN C 309 31.20 -53.23 -10.03
C ASN C 309 30.48 -54.38 -9.34
N LEU C 310 30.99 -54.84 -8.19
CA LEU C 310 30.35 -55.92 -7.46
C LEU C 310 29.15 -55.39 -6.68
N ILE C 311 28.18 -56.28 -6.46
CA ILE C 311 26.94 -55.94 -5.78
C ILE C 311 26.58 -57.07 -4.82
N LEU C 312 25.61 -56.80 -3.96
CA LEU C 312 25.10 -57.78 -3.00
C LEU C 312 23.62 -58.02 -3.30
N ARG C 313 23.30 -59.20 -3.80
CA ARG C 313 21.94 -59.54 -4.21
C ARG C 313 21.27 -60.42 -3.15
N ARG C 314 20.01 -60.12 -2.87
CA ARG C 314 19.13 -61.04 -2.13
C ARG C 314 17.73 -60.92 -2.71
N PRO C 315 17.47 -61.57 -3.85
CA PRO C 315 16.17 -61.45 -4.49
C PRO C 315 15.15 -62.45 -3.94
N PHE C 316 13.94 -62.42 -4.49
CA PHE C 316 12.91 -63.39 -4.15
C PHE C 316 12.23 -63.82 -5.44
N ASN C 317 11.61 -65.00 -5.39
CA ASN C 317 10.89 -65.54 -6.54
C ASN C 317 9.43 -65.15 -6.43
N TYR C 318 8.97 -64.32 -7.38
CA TYR C 318 7.60 -63.83 -7.37
C TYR C 318 6.75 -64.62 -8.35
N SER C 319 5.48 -64.81 -7.97
CA SER C 319 4.49 -65.47 -8.83
C SER C 319 3.20 -64.68 -8.71
N ASN C 320 2.75 -64.09 -9.82
CA ASN C 320 1.69 -63.09 -9.78
C ASN C 320 0.41 -63.49 -10.50
N GLY C 321 0.35 -64.68 -11.10
CA GLY C 321 -0.86 -65.13 -11.77
C GLY C 321 -0.62 -65.43 -13.23
N VAL C 322 -1.68 -65.28 -14.03
CA VAL C 322 -1.65 -65.65 -15.44
C VAL C 322 -2.04 -64.45 -16.30
N ASN C 323 -1.65 -64.51 -17.56
CA ASN C 323 -2.00 -63.51 -18.55
C ASN C 323 -3.09 -64.07 -19.47
N LYS C 324 -3.59 -63.20 -20.36
CA LYS C 324 -4.63 -63.61 -21.29
C LYS C 324 -4.17 -64.75 -22.18
N ASN C 325 -2.88 -64.78 -22.55
CA ASN C 325 -2.34 -65.84 -23.37
C ASN C 325 -2.29 -67.19 -22.65
N GLY C 326 -2.54 -67.22 -21.35
CA GLY C 326 -2.36 -68.43 -20.57
C GLY C 326 -0.97 -68.60 -20.00
N GLN C 327 -0.08 -67.64 -20.21
CA GLN C 327 1.28 -67.73 -19.70
C GLN C 327 1.33 -67.33 -18.24
N LEU C 328 2.04 -68.12 -17.45
CA LEU C 328 2.16 -67.86 -16.02
C LEU C 328 3.07 -66.67 -15.78
N ASP C 329 2.54 -65.62 -15.17
CA ASP C 329 3.33 -64.45 -14.79
C ASP C 329 4.08 -64.77 -13.51
N MET C 330 5.36 -65.07 -13.63
CA MET C 330 6.22 -65.31 -12.48
C MET C 330 7.66 -65.03 -12.89
N GLY C 331 8.50 -64.76 -11.90
CA GLY C 331 9.88 -64.46 -12.17
C GLY C 331 10.70 -64.17 -10.92
N LEU C 332 11.48 -63.10 -10.97
CA LEU C 332 12.42 -62.76 -9.90
C LEU C 332 12.17 -61.34 -9.43
N LEU C 333 11.91 -61.19 -8.14
CA LEU C 333 11.88 -59.87 -7.49
C LEU C 333 13.32 -59.51 -7.18
N PHE C 334 13.97 -58.83 -8.12
CA PHE C 334 15.39 -58.54 -8.00
C PHE C 334 15.62 -57.41 -7.00
N ILE C 335 16.42 -57.67 -5.98
CA ILE C 335 16.82 -56.67 -4.99
C ILE C 335 18.32 -56.81 -4.77
N CYS C 336 19.06 -55.74 -4.99
CA CYS C 336 20.50 -55.74 -4.76
C CYS C 336 20.90 -54.45 -4.06
N TYR C 337 22.00 -54.51 -3.32
CA TYR C 337 22.48 -53.37 -2.54
C TYR C 337 23.93 -53.08 -2.89
N GLN C 338 24.31 -51.82 -2.77
CA GLN C 338 25.62 -51.35 -3.17
C GLN C 338 25.86 -49.97 -2.58
N ALA C 339 27.14 -49.63 -2.38
CA ALA C 339 27.50 -48.33 -1.87
C ALA C 339 27.49 -47.25 -2.95
N ASP C 340 27.51 -47.64 -4.22
CA ASP C 340 27.48 -46.71 -5.34
C ASP C 340 26.54 -47.27 -6.39
N LEU C 341 25.39 -46.62 -6.58
CA LEU C 341 24.40 -47.14 -7.53
C LEU C 341 24.92 -47.10 -8.96
N GLU C 342 25.68 -46.07 -9.31
CA GLU C 342 26.20 -45.98 -10.67
C GLU C 342 27.24 -47.07 -10.93
N LYS C 343 28.16 -47.27 -9.99
CA LYS C 343 29.18 -48.31 -10.17
C LYS C 343 28.59 -49.70 -9.98
N GLY C 344 27.52 -49.82 -9.22
CA GLY C 344 26.95 -51.12 -8.91
C GLY C 344 25.94 -51.62 -9.92
N PHE C 345 24.65 -51.50 -9.58
CA PHE C 345 23.61 -52.11 -10.40
C PHE C 345 23.55 -51.50 -11.80
N ILE C 346 23.71 -50.18 -11.90
CA ILE C 346 23.57 -49.52 -13.20
C ILE C 346 24.67 -49.98 -14.15
N ALA C 347 25.91 -50.02 -13.66
CA ALA C 347 27.02 -50.47 -14.50
C ALA C 347 26.88 -51.94 -14.87
N VAL C 348 26.44 -52.76 -13.93
CA VAL C 348 26.26 -54.19 -14.21
C VAL C 348 25.16 -54.39 -15.25
N GLN C 349 24.01 -53.74 -15.05
CA GLN C 349 22.91 -53.89 -15.99
C GLN C 349 23.27 -53.33 -17.37
N THR C 350 24.05 -52.25 -17.41
CA THR C 350 24.55 -51.74 -18.69
C THR C 350 25.41 -52.78 -19.38
N ARG C 351 26.23 -53.51 -18.60
CA ARG C 351 27.03 -54.59 -19.17
C ARG C 351 26.15 -55.73 -19.67
N LEU C 352 24.99 -55.94 -19.03
CA LEU C 352 24.10 -57.05 -19.38
C LEU C 352 23.18 -56.73 -20.56
N ASN C 353 23.10 -55.47 -20.97
CA ASN C 353 22.16 -55.08 -22.02
C ASN C 353 22.39 -55.88 -23.29
N GLY C 354 21.37 -56.62 -23.71
CA GLY C 354 21.47 -57.46 -24.88
C GLY C 354 21.92 -58.88 -24.63
N GLU C 355 21.96 -59.31 -23.38
CA GLU C 355 22.39 -60.68 -23.08
C GLU C 355 21.38 -61.68 -23.64
N PRO C 356 21.85 -62.88 -24.00
CA PRO C 356 20.92 -63.91 -24.49
C PRO C 356 19.86 -64.30 -23.47
N LEU C 357 20.07 -64.01 -22.19
CA LEU C 357 19.04 -64.26 -21.18
C LEU C 357 17.82 -63.37 -21.37
N GLU C 358 17.97 -62.25 -22.08
CA GLU C 358 16.85 -61.35 -22.29
C GLU C 358 15.71 -61.99 -23.09
N GLU C 359 16.00 -63.10 -23.79
CA GLU C 359 14.95 -63.83 -24.49
C GLU C 359 13.91 -64.38 -23.52
N TYR C 360 14.24 -64.53 -22.24
CA TYR C 360 13.33 -65.07 -21.25
C TYR C 360 12.98 -64.09 -20.13
N LEU C 361 13.48 -62.86 -20.19
CA LEU C 361 13.23 -61.88 -19.15
C LEU C 361 12.37 -60.74 -19.68
N LYS C 362 11.74 -60.03 -18.75
CA LYS C 362 10.95 -58.85 -19.07
C LYS C 362 10.79 -57.97 -17.83
N PRO C 363 11.71 -57.05 -17.58
CA PRO C 363 11.56 -56.13 -16.43
C PRO C 363 10.37 -55.21 -16.64
N THR C 364 9.44 -55.23 -15.69
CA THR C 364 8.23 -54.42 -15.79
C THR C 364 8.16 -53.31 -14.75
N GLY C 365 8.90 -53.41 -13.66
CA GLY C 365 8.84 -52.39 -12.64
C GLY C 365 10.07 -52.43 -11.76
N GLY C 366 10.05 -51.59 -10.72
CA GLY C 366 11.13 -51.47 -9.77
C GLY C 366 11.36 -50.02 -9.43
N GLY C 367 12.55 -49.73 -8.91
CA GLY C 367 12.89 -48.37 -8.55
C GLY C 367 14.22 -48.33 -7.83
N TYR C 368 14.72 -47.10 -7.66
CA TYR C 368 15.97 -46.83 -6.98
C TYR C 368 15.69 -46.16 -5.65
N PHE C 369 16.32 -46.66 -4.59
CA PHE C 369 16.15 -46.12 -3.25
C PHE C 369 17.48 -46.15 -2.52
N PHE C 370 17.63 -45.26 -1.54
CA PHE C 370 18.79 -45.23 -0.67
C PHE C 370 18.35 -45.71 0.71
N THR C 371 18.84 -46.88 1.11
CA THR C 371 18.54 -47.41 2.43
C THR C 371 19.16 -46.51 3.49
N LEU C 372 18.32 -46.03 4.41
CA LEU C 372 18.78 -45.11 5.43
C LEU C 372 19.79 -45.78 6.36
N PRO C 373 20.68 -45.01 6.97
CA PRO C 373 21.61 -45.59 7.94
C PRO C 373 20.87 -46.20 9.13
N GLY C 374 21.58 -47.06 9.85
CA GLY C 374 20.95 -47.80 10.93
C GLY C 374 20.66 -46.93 12.14
N VAL C 375 19.62 -47.31 12.88
CA VAL C 375 19.30 -46.65 14.14
C VAL C 375 20.15 -47.28 15.24
N THR C 376 20.97 -46.46 15.89
CA THR C 376 22.00 -46.96 16.78
C THR C 376 21.64 -46.91 18.26
N GLY C 377 20.60 -46.17 18.64
CA GLY C 377 20.27 -46.07 20.05
C GLY C 377 18.81 -45.77 20.34
N GLU C 378 18.49 -45.55 21.61
CA GLU C 378 17.11 -45.25 21.99
C GLU C 378 16.71 -43.85 21.56
N GLU C 379 17.61 -42.88 21.70
CA GLU C 379 17.31 -41.51 21.29
C GLU C 379 17.30 -41.32 19.78
N ASP C 380 17.83 -42.29 19.03
CA ASP C 380 17.86 -42.24 17.58
C ASP C 380 16.61 -42.88 17.00
N PHE C 381 16.26 -42.45 15.78
CA PHE C 381 15.16 -43.07 15.05
C PHE C 381 15.49 -43.02 13.57
N ILE C 382 14.73 -43.79 12.79
CA ILE C 382 15.01 -43.92 11.36
C ILE C 382 14.85 -42.57 10.67
N GLY C 383 15.77 -42.26 9.77
CA GLY C 383 15.75 -41.00 9.06
C GLY C 383 16.07 -39.78 9.89
N ARG C 384 16.49 -39.94 11.14
CA ARG C 384 16.79 -38.78 11.98
C ARG C 384 18.04 -38.06 11.50
N SER C 385 19.07 -38.82 11.12
CA SER C 385 20.30 -38.20 10.64
C SER C 385 20.07 -37.41 9.36
N LEU C 386 19.08 -37.82 8.55
CA LEU C 386 18.72 -37.04 7.37
C LEU C 386 18.05 -35.73 7.76
N LEU C 387 17.14 -35.77 8.74
CA LEU C 387 16.49 -34.55 9.19
C LEU C 387 17.47 -33.64 9.91
N ASP C 388 18.34 -34.20 10.74
CA ASP C 388 19.31 -33.37 11.47
C ASP C 388 20.36 -32.76 10.56
N ALA C 389 20.57 -33.32 9.38
CA ALA C 389 21.51 -32.76 8.42
C ALA C 389 20.90 -31.66 7.55
N THR C 390 19.58 -31.49 7.59
CA THR C 390 18.86 -30.51 6.78
C THR C 390 18.05 -29.57 7.65
N ARG C 391 18.57 -29.23 8.83
CA ARG C 391 17.85 -28.35 9.74
C ARG C 391 17.70 -26.97 9.11
N PRO C 392 16.49 -26.39 9.12
CA PRO C 392 16.24 -25.05 8.55
C PRO C 392 17.04 -23.95 9.25
N ALA D 1 15.44 23.92 27.20
CA ALA D 1 15.41 24.48 28.56
C ALA D 1 16.30 23.68 29.50
N ALA D 2 16.42 24.14 30.73
CA ALA D 2 17.22 23.43 31.72
C ALA D 2 16.50 22.17 32.18
N PRO D 3 17.20 21.05 32.28
CA PRO D 3 16.55 19.81 32.74
C PRO D 3 15.97 19.98 34.14
N ALA D 4 14.92 19.21 34.41
CA ALA D 4 14.26 19.28 35.71
C ALA D 4 15.15 18.71 36.80
N GLN D 5 14.90 19.16 38.04
CA GLN D 5 15.65 18.66 39.18
C GLN D 5 15.33 17.18 39.39
N VAL D 6 16.24 16.49 40.08
CA VAL D 6 16.16 15.04 40.21
C VAL D 6 14.90 14.64 40.94
N THR D 7 14.66 15.21 42.13
CA THR D 7 13.50 14.86 42.93
C THR D 7 12.25 15.63 42.51
N GLU D 8 12.31 16.41 41.43
CA GLU D 8 11.12 17.09 40.94
C GLU D 8 10.04 16.08 40.61
N ALA D 9 8.84 16.33 41.11
CA ALA D 9 7.74 15.40 40.89
C ALA D 9 7.48 15.23 39.39
N PRO D 10 7.23 14.02 38.93
CA PRO D 10 6.93 13.82 37.51
C PRO D 10 5.69 14.61 37.10
N SER D 11 5.70 15.10 35.86
CA SER D 11 4.62 15.93 35.36
C SER D 11 3.50 15.07 34.80
N SER D 12 2.26 15.44 35.12
CA SER D 12 1.10 14.68 34.71
C SER D 12 -0.02 15.63 34.27
N ASP D 13 -0.73 15.23 33.22
CA ASP D 13 -1.90 15.95 32.74
C ASP D 13 -3.20 15.30 33.17
N LYS D 14 -3.14 14.25 33.99
CA LYS D 14 -4.31 13.46 34.35
C LYS D 14 -4.76 13.67 35.79
N THR D 15 -4.17 14.64 36.50
CA THR D 15 -4.51 14.83 37.91
C THR D 15 -5.94 15.32 38.10
N GLN D 16 -6.55 15.92 37.07
CA GLN D 16 -7.93 16.39 37.16
C GLN D 16 -8.92 15.41 36.55
N ASP D 17 -8.49 14.18 36.24
CA ASP D 17 -9.43 13.16 35.83
C ASP D 17 -10.38 12.85 36.97
N ARG D 18 -11.68 12.95 36.70
CA ARG D 18 -12.69 12.84 37.75
C ARG D 18 -13.82 11.95 37.29
N HIS D 19 -14.24 11.04 38.16
CA HIS D 19 -15.37 10.15 37.91
C HIS D 19 -16.50 10.47 38.88
N ASP D 20 -17.73 10.26 38.42
CA ASP D 20 -18.90 10.53 39.24
C ASP D 20 -18.99 9.51 40.38
N PHE D 21 -19.12 10.01 41.60
CA PHE D 21 -19.38 9.11 42.72
C PHE D 21 -20.83 8.61 42.71
N HIS D 22 -21.75 9.44 42.26
CA HIS D 22 -23.17 9.11 42.27
C HIS D 22 -23.58 8.37 41.01
N GLY D 23 -24.63 7.59 41.12
CA GLY D 23 -25.17 6.83 40.02
C GLY D 23 -26.03 5.70 40.50
N GLN D 24 -26.81 5.14 39.56
CA GLN D 24 -27.61 3.97 39.88
C GLN D 24 -26.74 2.82 40.35
N HIS D 25 -25.61 2.62 39.70
CA HIS D 25 -24.59 1.68 40.16
C HIS D 25 -23.44 2.45 40.81
N GLN D 26 -22.59 1.71 41.51
CA GLN D 26 -21.33 2.27 41.96
C GLN D 26 -20.34 2.33 40.80
N SER D 27 -19.34 3.18 40.93
CA SER D 27 -18.30 3.27 39.93
C SER D 27 -17.23 2.21 40.18
N GLY D 28 -16.32 2.08 39.20
CA GLY D 28 -15.24 1.13 39.31
C GLY D 28 -15.56 -0.27 38.83
N ILE D 29 -16.68 -0.48 38.15
CA ILE D 29 -17.03 -1.77 37.59
C ILE D 29 -17.04 -1.66 36.07
N VAL D 30 -18.03 -0.95 35.53
CA VAL D 30 -18.05 -0.62 34.11
C VAL D 30 -17.24 0.62 33.80
N THR D 31 -16.75 1.31 34.82
CA THR D 31 -15.83 2.42 34.60
C THR D 31 -14.59 1.92 33.88
N PRO D 32 -14.11 2.59 32.84
CA PRO D 32 -12.87 2.17 32.18
C PRO D 32 -11.73 2.05 33.18
N ARG D 33 -11.10 0.88 33.19
CA ARG D 33 -10.13 0.54 34.22
C ARG D 33 -8.87 1.38 34.06
N PRO D 34 -8.48 2.16 35.08
CA PRO D 34 -7.24 2.95 34.97
C PRO D 34 -6.00 2.09 35.18
N ALA D 35 -4.84 2.75 35.31
CA ALA D 35 -3.59 2.00 35.40
C ALA D 35 -3.38 1.39 36.78
N ALA D 36 -3.72 2.12 37.84
CA ALA D 36 -3.42 1.69 39.20
C ALA D 36 -4.68 1.12 39.86
N GLY D 37 -4.53 -0.06 40.44
CA GLY D 37 -5.63 -0.70 41.15
C GLY D 37 -5.17 -1.24 42.47
N MET D 38 -6.09 -1.21 43.44
CA MET D 38 -5.81 -1.71 44.78
C MET D 38 -7.10 -2.14 45.43
N LEU D 39 -7.07 -3.28 46.12
CA LEU D 39 -8.22 -3.80 46.83
C LEU D 39 -7.82 -4.09 48.27
N VAL D 40 -8.51 -3.48 49.22
CA VAL D 40 -8.28 -3.69 50.64
C VAL D 40 -9.50 -4.37 51.24
N SER D 41 -9.26 -5.33 52.12
CA SER D 41 -10.31 -6.04 52.82
C SER D 41 -10.27 -5.65 54.29
N PHE D 42 -11.42 -5.32 54.86
CA PHE D 42 -11.50 -4.80 56.22
C PHE D 42 -12.35 -5.72 57.09
N ASP D 43 -12.16 -5.58 58.40
CA ASP D 43 -13.04 -6.14 59.40
C ASP D 43 -13.78 -5.00 60.08
N VAL D 44 -15.09 -5.11 60.16
CA VAL D 44 -15.93 -4.06 60.72
C VAL D 44 -15.97 -4.22 62.24
N LEU D 45 -15.55 -3.19 62.96
CA LEU D 45 -15.50 -3.20 64.42
C LEU D 45 -16.72 -2.53 65.05
N ALA D 46 -17.82 -2.42 64.32
CA ALA D 46 -19.01 -1.76 64.84
C ALA D 46 -19.63 -2.59 65.96
N SER D 47 -20.03 -1.91 67.03
CA SER D 47 -20.66 -2.60 68.16
C SER D 47 -22.14 -2.81 67.92
N ASP D 48 -22.85 -1.78 67.45
CA ASP D 48 -24.27 -1.89 67.17
C ASP D 48 -24.60 -1.39 65.77
N ARG D 49 -25.90 -1.27 65.47
CA ARG D 49 -26.30 -0.77 64.16
C ARG D 49 -26.01 0.72 64.04
N ASP D 50 -26.07 1.46 65.15
CA ASP D 50 -25.76 2.89 65.10
C ASP D 50 -24.30 3.13 64.73
N ASP D 51 -23.39 2.30 65.26
CA ASP D 51 -21.98 2.41 64.87
C ASP D 51 -21.81 2.11 63.39
N LEU D 52 -22.61 1.18 62.86
CA LEU D 52 -22.47 0.80 61.46
C LEU D 52 -23.03 1.85 60.52
N GLU D 53 -24.11 2.54 60.91
CA GLU D 53 -24.60 3.66 60.10
C GLU D 53 -23.58 4.78 60.05
N ARG D 54 -22.87 5.02 61.15
CA ARG D 54 -21.81 6.01 61.15
C ARG D 54 -20.68 5.61 60.20
N LEU D 55 -20.33 4.32 60.19
CA LEU D 55 -19.32 3.83 59.24
C LEU D 55 -19.75 4.08 57.80
N PHE D 56 -20.97 3.68 57.46
CA PHE D 56 -21.47 3.85 56.10
C PHE D 56 -21.54 5.34 55.74
N ARG D 57 -22.09 6.15 56.63
CA ARG D 57 -22.22 7.58 56.35
C ARG D 57 -20.85 8.25 56.24
N THR D 58 -19.89 7.81 57.06
CA THR D 58 -18.54 8.36 56.96
C THR D 58 -17.86 7.90 55.68
N LEU D 59 -17.98 6.61 55.34
CA LEU D 59 -17.43 6.11 54.09
C LEU D 59 -18.01 6.86 52.90
N ASP D 60 -19.33 7.08 52.89
CA ASP D 60 -19.96 7.82 51.81
C ASP D 60 -19.36 9.22 51.68
N GLN D 61 -19.04 9.85 52.81
CA GLN D 61 -18.49 11.20 52.77
C GLN D 61 -17.05 11.21 52.30
N ARG D 62 -16.24 10.27 52.77
CA ARG D 62 -14.83 10.26 52.38
C ARG D 62 -14.66 9.92 50.91
N ILE D 63 -15.44 8.97 50.40
CA ILE D 63 -15.36 8.62 48.98
C ILE D 63 -15.81 9.78 48.11
N ALA D 64 -16.86 10.48 48.54
CA ALA D 64 -17.35 11.61 47.75
C ALA D 64 -16.29 12.70 47.62
N PHE D 65 -15.52 12.94 48.69
CA PHE D 65 -14.50 13.98 48.64
C PHE D 65 -13.29 13.53 47.83
N LEU D 66 -12.83 12.30 48.05
CA LEU D 66 -11.63 11.82 47.39
C LEU D 66 -11.85 11.67 45.88
N MET D 67 -13.03 11.23 45.48
CA MET D 67 -13.31 11.07 44.05
C MET D 67 -13.56 12.40 43.36
N ARG D 68 -14.05 13.39 44.08
CA ARG D 68 -14.33 14.71 43.50
C ARG D 68 -13.15 15.65 43.60
N GLY D 69 -12.36 15.55 44.66
CA GLY D 69 -11.25 16.46 44.88
C GLY D 69 -11.65 17.64 45.74
N GLY D 70 -10.77 18.63 45.78
CA GLY D 70 -11.02 19.83 46.55
C GLY D 70 -9.92 20.10 47.56
N PRO D 71 -10.00 21.24 48.24
CA PRO D 71 -8.96 21.63 49.20
C PRO D 71 -9.19 21.04 50.59
N VAL D 72 -8.16 21.13 51.41
CA VAL D 72 -8.20 20.72 52.81
C VAL D 72 -7.94 21.95 53.67
N ALA D 73 -8.74 22.10 54.72
CA ALA D 73 -8.61 23.27 55.58
C ALA D 73 -7.53 23.05 56.63
N GLN D 74 -6.99 24.15 57.13
CA GLN D 74 -5.99 24.12 58.19
C GLN D 74 -6.68 24.26 59.54
N VAL D 75 -6.43 23.31 60.44
CA VAL D 75 -6.98 23.36 61.78
C VAL D 75 -5.89 23.86 62.73
N ASP D 76 -6.21 23.91 64.02
CA ASP D 76 -5.24 24.37 65.01
C ASP D 76 -3.97 23.52 64.94
N PRO D 77 -2.79 24.13 64.80
CA PRO D 77 -1.57 23.33 64.62
C PRO D 77 -1.25 22.38 65.76
N LYS D 78 -1.89 22.53 66.92
CA LYS D 78 -1.72 21.56 68.00
C LYS D 78 -2.50 20.28 67.77
N LEU D 79 -3.32 20.22 66.71
CA LEU D 79 -4.11 19.09 66.28
C LEU D 79 -3.45 18.41 65.08
N PRO D 80 -3.69 17.12 64.89
CA PRO D 80 -3.13 16.43 63.71
C PRO D 80 -3.70 17.01 62.43
N PRO D 81 -2.99 16.88 61.31
CA PRO D 81 -3.53 17.39 60.04
C PRO D 81 -4.74 16.58 59.60
N LEU D 82 -5.72 17.28 59.04
CA LEU D 82 -6.92 16.61 58.56
C LEU D 82 -6.60 15.61 57.45
N ASP D 83 -5.59 15.91 56.64
CA ASP D 83 -5.18 15.05 55.53
C ASP D 83 -3.71 14.67 55.70
N SER D 84 -3.33 13.55 55.09
CA SER D 84 -1.95 13.11 55.13
C SER D 84 -1.03 14.05 54.37
N GLY D 85 -1.55 14.80 53.41
CA GLY D 85 -0.73 15.70 52.62
C GLY D 85 0.05 15.06 51.51
N ILE D 86 -0.25 13.80 51.16
CA ILE D 86 0.51 13.10 50.14
C ILE D 86 0.37 13.80 48.79
N LEU D 87 -0.85 14.21 48.44
CA LEU D 87 -1.11 14.89 47.18
C LEU D 87 -1.08 16.40 47.30
N GLY D 88 -0.41 16.93 48.32
CA GLY D 88 -0.32 18.35 48.52
C GLY D 88 -1.53 18.90 49.26
N PRO D 89 -1.57 20.23 49.43
CA PRO D 89 -2.69 20.83 50.18
C PRO D 89 -4.04 20.71 49.49
N VAL D 90 -4.07 20.45 48.18
CA VAL D 90 -5.31 20.30 47.43
C VAL D 90 -5.37 18.87 46.91
N VAL D 91 -6.41 18.14 47.31
CA VAL D 91 -6.55 16.75 46.88
C VAL D 91 -7.00 16.71 45.43
N THR D 92 -6.22 16.05 44.59
CA THR D 92 -6.60 15.91 43.19
C THR D 92 -7.30 14.58 42.96
N PRO D 93 -8.33 14.56 42.10
CA PRO D 93 -9.09 13.31 41.89
C PRO D 93 -8.25 12.22 41.23
N ASP D 94 -7.64 12.54 40.09
CA ASP D 94 -6.71 11.64 39.41
C ASP D 94 -7.37 10.30 39.05
N ASN D 95 -8.57 10.39 38.47
CA ASN D 95 -9.32 9.24 37.97
C ASN D 95 -9.69 8.25 39.06
N LEU D 96 -9.79 8.70 40.31
CA LEU D 96 -10.00 7.80 41.42
C LEU D 96 -11.45 7.35 41.52
N THR D 97 -11.65 6.03 41.70
CA THR D 97 -12.93 5.46 42.06
C THR D 97 -12.73 4.54 43.26
N ILE D 98 -13.67 4.59 44.21
CA ILE D 98 -13.65 3.74 45.39
C ILE D 98 -14.96 2.97 45.43
N THR D 99 -14.87 1.65 45.33
CA THR D 99 -16.04 0.77 45.31
C THR D 99 -16.17 0.06 46.64
N VAL D 100 -17.39 0.02 47.18
CA VAL D 100 -17.69 -0.58 48.47
C VAL D 100 -18.38 -1.92 48.23
N SER D 101 -18.01 -2.92 49.03
CA SER D 101 -18.64 -4.24 48.95
C SER D 101 -18.60 -4.88 50.32
N VAL D 102 -19.65 -5.64 50.63
CA VAL D 102 -19.81 -6.28 51.93
C VAL D 102 -19.65 -7.79 51.75
N GLY D 103 -18.92 -8.41 52.67
CA GLY D 103 -18.79 -9.85 52.68
C GLY D 103 -19.90 -10.52 53.48
N GLU D 104 -19.99 -11.84 53.32
CA GLU D 104 -21.02 -12.59 54.05
C GLU D 104 -20.80 -12.55 55.57
N SER D 105 -19.58 -12.20 56.01
CA SER D 105 -19.32 -12.13 57.44
C SER D 105 -20.10 -10.99 58.09
N LEU D 106 -20.46 -9.97 57.31
CA LEU D 106 -21.24 -8.86 57.85
C LEU D 106 -22.66 -9.27 58.18
N PHE D 107 -23.18 -10.31 57.53
CA PHE D 107 -24.56 -10.76 57.71
C PHE D 107 -24.68 -11.82 58.80
N ASP D 108 -23.98 -11.66 59.91
CA ASP D 108 -24.07 -12.59 61.03
C ASP D 108 -25.03 -12.06 62.08
N GLU D 109 -24.75 -12.36 63.35
CA GLU D 109 -25.62 -11.98 64.45
C GLU D 109 -25.46 -10.53 64.88
N ARG D 110 -24.48 -9.80 64.33
CA ARG D 110 -24.09 -8.53 64.90
C ARG D 110 -25.09 -7.41 64.59
N PHE D 111 -25.53 -7.30 63.34
CA PHE D 111 -26.27 -6.14 62.89
C PHE D 111 -27.65 -6.50 62.33
N GLY D 112 -28.15 -7.69 62.62
CA GLY D 112 -29.49 -8.07 62.19
C GLY D 112 -29.71 -8.01 60.69
N LEU D 113 -28.71 -8.43 59.92
CA LEU D 113 -28.78 -8.40 58.47
C LEU D 113 -28.94 -9.78 57.85
N GLU D 114 -29.05 -10.83 58.67
CA GLU D 114 -29.02 -12.19 58.14
C GLU D 114 -30.15 -12.44 57.15
N ALA D 115 -31.34 -11.92 57.45
CA ALA D 115 -32.50 -12.18 56.58
C ALA D 115 -32.41 -11.43 55.25
N ALA D 116 -31.54 -10.43 55.14
CA ALA D 116 -31.40 -9.64 53.92
C ALA D 116 -30.08 -9.93 53.20
N LYS D 117 -29.45 -11.06 53.50
CA LYS D 117 -28.17 -11.40 52.89
C LYS D 117 -28.37 -11.73 51.41
N PRO D 118 -27.47 -11.30 50.53
CA PRO D 118 -27.57 -11.68 49.12
C PRO D 118 -27.61 -13.19 48.96
N LYS D 119 -28.50 -13.65 48.07
CA LYS D 119 -28.80 -15.07 47.97
C LYS D 119 -27.58 -15.90 47.60
N ARG D 120 -26.61 -15.30 46.91
CA ARG D 120 -25.45 -16.03 46.41
C ARG D 120 -24.17 -15.67 47.14
N LEU D 121 -24.23 -14.78 48.13
CA LEU D 121 -23.04 -14.38 48.87
C LEU D 121 -22.68 -15.45 49.89
N ILE D 122 -21.46 -15.99 49.79
CA ILE D 122 -20.99 -17.03 50.68
C ILE D 122 -19.52 -16.76 51.01
N ARG D 123 -19.02 -17.48 52.01
CA ARG D 123 -17.59 -17.48 52.29
C ARG D 123 -16.88 -18.36 51.27
N MET D 124 -15.70 -17.91 50.83
CA MET D 124 -14.98 -18.57 49.75
C MET D 124 -14.33 -19.84 50.27
N VAL D 125 -14.63 -20.97 49.62
CA VAL D 125 -13.98 -22.24 49.90
C VAL D 125 -12.93 -22.48 48.83
N GLY D 126 -11.89 -23.24 49.19
CA GLY D 126 -10.77 -23.45 48.29
C GLY D 126 -11.11 -24.41 47.17
N PHE D 127 -10.63 -24.07 45.98
CA PHE D 127 -10.70 -24.94 44.81
C PHE D 127 -9.51 -25.87 44.80
N PRO D 128 -9.52 -26.93 43.97
CA PRO D 128 -8.41 -27.89 43.99
C PRO D 128 -7.00 -27.28 43.90
N ASN D 129 -6.76 -26.43 42.91
CA ASN D 129 -5.43 -25.86 42.71
C ASN D 129 -5.05 -24.84 43.78
N ASP D 130 -5.98 -24.47 44.66
CA ASP D 130 -5.75 -23.38 45.58
C ASP D 130 -4.77 -23.75 46.69
N ALA D 131 -4.14 -22.72 47.26
CA ALA D 131 -3.33 -22.83 48.47
C ALA D 131 -3.69 -21.62 49.34
N LEU D 132 -4.91 -21.63 49.87
CA LEU D 132 -5.46 -20.47 50.54
C LEU D 132 -4.82 -20.25 51.90
N GLU D 133 -4.34 -19.03 52.14
CA GLU D 133 -3.89 -18.63 53.46
C GLU D 133 -5.02 -17.85 54.14
N PRO D 134 -5.47 -18.25 55.33
CA PRO D 134 -6.65 -17.60 55.92
C PRO D 134 -6.45 -16.12 56.22
N ALA D 135 -5.22 -15.68 56.49
CA ALA D 135 -4.97 -14.27 56.75
C ALA D 135 -5.17 -13.41 55.50
N CYS D 136 -5.06 -14.00 54.32
CA CYS D 136 -5.22 -13.27 53.06
C CYS D 136 -6.59 -13.49 52.44
N CYS D 137 -7.59 -13.89 53.22
CA CYS D 137 -8.89 -14.22 52.69
C CYS D 137 -9.98 -13.55 53.51
N HIS D 138 -11.17 -13.44 52.89
CA HIS D 138 -12.39 -12.99 53.54
C HIS D 138 -12.29 -11.55 54.04
N GLY D 139 -13.21 -11.16 54.91
CA GLY D 139 -13.28 -9.80 55.42
C GLY D 139 -14.70 -9.28 55.43
N ASP D 140 -14.99 -8.40 56.40
CA ASP D 140 -16.34 -7.86 56.53
C ASP D 140 -16.68 -6.95 55.36
N LEU D 141 -15.77 -6.04 55.02
CA LEU D 141 -16.01 -5.05 53.99
C LEU D 141 -14.79 -4.94 53.09
N SER D 142 -15.03 -4.77 51.79
CA SER D 142 -13.97 -4.63 50.81
C SER D 142 -14.03 -3.24 50.19
N LEU D 143 -12.85 -2.69 49.88
CA LEU D 143 -12.73 -1.40 49.20
C LEU D 143 -11.80 -1.58 48.02
N GLN D 144 -12.29 -1.26 46.82
CA GLN D 144 -11.50 -1.37 45.60
C GLN D 144 -11.12 0.04 45.15
N PHE D 145 -9.84 0.38 45.30
CA PHE D 145 -9.32 1.66 44.87
C PHE D 145 -8.76 1.54 43.46
N CYS D 146 -9.13 2.49 42.60
CA CYS D 146 -8.65 2.51 41.23
C CYS D 146 -8.43 3.96 40.82
N SER D 147 -7.26 4.25 40.27
CA SER D 147 -6.91 5.60 39.84
C SER D 147 -5.74 5.51 38.88
N ASN D 148 -5.16 6.67 38.54
CA ASN D 148 -4.06 6.71 37.58
C ASN D 148 -2.73 6.29 38.21
N THR D 149 -2.52 6.59 39.49
CA THR D 149 -1.25 6.31 40.15
C THR D 149 -1.49 5.58 41.47
N ALA D 150 -0.44 4.92 41.94
CA ALA D 150 -0.54 4.19 43.21
C ALA D 150 -0.63 5.14 44.39
N ASP D 151 0.11 6.26 44.34
CA ASP D 151 0.07 7.22 45.43
C ASP D 151 -1.33 7.79 45.65
N THR D 152 -2.06 8.00 44.55
CA THR D 152 -3.44 8.48 44.67
C THR D 152 -4.30 7.47 45.40
N ASN D 153 -4.15 6.18 45.07
CA ASN D 153 -4.85 5.13 45.80
C ASN D 153 -4.40 5.08 47.25
N ILE D 154 -3.09 5.19 47.49
CA ILE D 154 -2.56 5.10 48.85
C ILE D 154 -3.04 6.29 49.68
N HIS D 155 -3.09 7.48 49.09
CA HIS D 155 -3.64 8.63 49.80
C HIS D 155 -5.12 8.42 50.12
N ALA D 156 -5.84 7.77 49.22
CA ALA D 156 -7.27 7.55 49.44
C ALA D 156 -7.49 6.56 50.58
N LEU D 157 -6.81 5.42 50.56
CA LEU D 157 -6.92 4.45 51.65
C LEU D 157 -6.48 5.05 52.97
N ARG D 158 -5.45 5.89 52.93
CA ARG D 158 -4.97 6.53 54.15
C ARG D 158 -5.99 7.52 54.70
N ASP D 159 -6.80 8.12 53.82
CA ASP D 159 -7.90 8.97 54.30
C ASP D 159 -8.97 8.12 54.99
N ILE D 160 -9.21 6.91 54.50
CA ILE D 160 -10.24 6.05 55.07
C ILE D 160 -9.87 5.63 56.49
N VAL D 161 -8.69 5.04 56.65
CA VAL D 161 -8.31 4.48 57.95
C VAL D 161 -8.10 5.59 58.97
N LYS D 162 -7.67 6.77 58.54
CA LYS D 162 -7.52 7.88 59.49
C LYS D 162 -8.89 8.37 59.96
N ASN D 163 -9.84 8.51 59.03
CA ASN D 163 -11.18 8.97 59.37
C ASN D 163 -12.06 7.88 59.98
N LEU D 164 -11.61 6.63 59.95
CA LEU D 164 -12.34 5.51 60.57
C LEU D 164 -11.36 4.62 61.30
N PRO D 165 -10.77 5.12 62.40
CA PRO D 165 -9.70 4.36 63.07
C PRO D 165 -10.22 3.33 64.06
N ASP D 166 -11.48 3.44 64.47
CA ASP D 166 -12.05 2.55 65.47
C ASP D 166 -13.19 1.69 64.95
N LEU D 167 -13.58 1.85 63.68
CA LEU D 167 -14.61 1.01 63.08
C LEU D 167 -14.11 0.14 61.95
N LEU D 168 -12.90 0.39 61.44
CA LEU D 168 -12.34 -0.38 60.34
C LEU D 168 -10.97 -0.92 60.75
N LEU D 169 -10.78 -2.22 60.58
CA LEU D 169 -9.49 -2.87 60.80
C LEU D 169 -9.08 -3.54 59.49
N VAL D 170 -7.92 -3.13 58.96
CA VAL D 170 -7.45 -3.70 57.70
C VAL D 170 -7.10 -5.16 57.92
N ARG D 171 -7.67 -6.03 57.09
CA ARG D 171 -7.43 -7.47 57.18
C ARG D 171 -6.30 -7.89 56.24
N TRP D 172 -6.47 -7.66 54.95
CA TRP D 172 -5.42 -7.88 53.97
C TRP D 172 -5.60 -6.87 52.85
N LYS D 173 -4.60 -6.78 51.98
CA LYS D 173 -4.62 -5.81 50.91
C LYS D 173 -3.74 -6.28 49.77
N GLN D 174 -3.98 -5.73 48.59
CA GLN D 174 -3.18 -6.06 47.41
C GLN D 174 -3.28 -4.93 46.41
N GLU D 175 -2.15 -4.36 46.02
CA GLU D 175 -2.10 -3.36 44.97
C GLU D 175 -1.63 -4.01 43.66
N GLY D 176 -1.88 -3.31 42.57
CA GLY D 176 -1.51 -3.83 41.26
C GLY D 176 -1.57 -2.73 40.22
N SER D 177 -1.20 -3.11 39.00
CA SER D 177 -1.18 -2.16 37.89
C SER D 177 -1.38 -2.90 36.59
N VAL D 178 -1.66 -2.14 35.54
CA VAL D 178 -1.74 -2.66 34.17
C VAL D 178 -0.91 -1.73 33.28
N PRO D 179 -0.27 -2.23 32.24
CA PRO D 179 0.63 -1.38 31.45
C PRO D 179 -0.14 -0.51 30.49
N PRO D 180 0.09 0.80 30.52
CA PRO D 180 -0.57 1.69 29.56
C PRO D 180 0.02 1.53 28.16
N GLN D 181 -0.76 1.99 27.17
CA GLN D 181 -0.36 1.89 25.78
C GLN D 181 -0.58 3.23 25.09
N ALA D 182 0.16 3.43 24.00
CA ALA D 182 0.01 4.62 23.19
C ALA D 182 -1.38 4.65 22.55
N PRO D 183 -1.87 5.83 22.18
CA PRO D 183 -3.16 5.92 21.48
C PRO D 183 -3.15 5.08 20.21
N ALA D 184 -4.33 4.59 19.85
CA ALA D 184 -4.46 3.69 18.71
C ALA D 184 -4.14 4.41 17.40
N LYS D 185 -3.51 3.69 16.48
CA LYS D 185 -3.22 4.23 15.16
C LYS D 185 -4.51 4.52 14.41
N PRO D 186 -4.46 5.35 13.36
CA PRO D 186 -5.69 5.68 12.63
C PRO D 186 -6.44 4.46 12.11
N GLY D 187 -5.73 3.50 11.54
CA GLY D 187 -6.36 2.29 11.05
C GLY D 187 -6.05 1.07 11.89
N GLU D 188 -6.26 1.17 13.21
CA GLU D 188 -5.95 0.10 14.13
C GLU D 188 -6.88 0.18 15.33
N PRO D 189 -7.33 -0.95 15.86
CA PRO D 189 -8.23 -0.91 17.01
C PRO D 189 -7.46 -0.81 18.32
N ALA D 190 -8.19 -0.43 19.36
CA ALA D 190 -7.63 -0.41 20.71
C ALA D 190 -7.53 -1.84 21.26
N GLN D 191 -6.58 -2.04 22.16
CA GLN D 191 -6.26 -3.36 22.66
C GLN D 191 -6.51 -3.44 24.16
N SER D 192 -6.77 -4.67 24.62
CA SER D 192 -6.83 -4.93 26.05
C SER D 192 -5.42 -4.98 26.63
N ALA D 193 -5.30 -4.58 27.88
CA ALA D 193 -4.00 -4.60 28.55
C ALA D 193 -3.51 -6.04 28.71
N ARG D 194 -2.19 -6.18 28.78
CA ARG D 194 -1.56 -7.48 28.96
C ARG D 194 -1.30 -7.75 30.44
N ASN D 195 -1.33 -9.02 30.82
CA ASN D 195 -1.05 -9.41 32.19
C ASN D 195 0.43 -9.72 32.34
N PHE D 196 0.83 -10.06 33.57
CA PHE D 196 2.23 -10.39 33.86
C PHE D 196 2.66 -11.71 33.27
N LEU D 197 1.77 -12.31 32.49
CA LEU D 197 2.06 -13.54 31.78
C LEU D 197 2.26 -13.32 30.29
N GLY D 198 2.16 -12.07 29.82
CA GLY D 198 2.45 -11.72 28.45
C GLY D 198 1.26 -11.68 27.51
N PHE D 199 0.10 -12.15 27.93
CA PHE D 199 -1.06 -12.26 27.06
C PHE D 199 -2.05 -11.13 27.34
N ARG D 200 -2.77 -10.73 26.30
CA ARG D 200 -3.83 -9.75 26.45
C ARG D 200 -4.92 -10.32 27.35
N ASP D 201 -5.34 -9.53 28.34
CA ASP D 201 -6.26 -10.00 29.37
C ASP D 201 -7.57 -9.20 29.28
N GLY D 202 -8.66 -9.90 28.98
CA GLY D 202 -9.97 -9.30 28.94
C GLY D 202 -10.56 -9.06 27.56
N SER D 203 -9.97 -9.62 26.51
CA SER D 203 -10.42 -9.33 25.15
C SER D 203 -11.88 -9.74 24.95
N ALA D 204 -12.25 -10.93 25.41
CA ALA D 204 -13.59 -11.46 25.20
C ALA D 204 -14.57 -11.04 26.30
N ASN D 205 -14.28 -9.96 27.01
CA ASN D 205 -15.21 -9.45 28.00
C ASN D 205 -16.48 -8.97 27.30
N PRO D 206 -17.63 -9.07 27.96
CA PRO D 206 -18.87 -8.56 27.37
C PRO D 206 -18.80 -7.06 27.15
N ASP D 207 -19.59 -6.58 26.18
CA ASP D 207 -19.59 -5.17 25.82
C ASP D 207 -20.02 -4.31 27.00
N SER D 208 -19.07 -3.58 27.59
CA SER D 208 -19.37 -2.68 28.70
C SER D 208 -20.22 -1.50 28.27
N ASN D 209 -20.39 -1.27 26.97
CA ASN D 209 -21.27 -0.23 26.46
C ASN D 209 -22.69 -0.71 26.22
N ASP D 210 -22.92 -2.03 26.23
CA ASP D 210 -24.24 -2.61 26.05
C ASP D 210 -25.00 -2.60 27.36
N PRO D 211 -26.04 -1.77 27.50
CA PRO D 211 -26.81 -1.79 28.76
C PRO D 211 -27.55 -3.09 28.98
N LYS D 212 -28.07 -3.70 27.91
CA LYS D 212 -28.79 -4.97 28.05
C LYS D 212 -27.86 -6.07 28.55
N ALA D 213 -26.64 -6.13 28.03
CA ALA D 213 -25.69 -7.15 28.48
C ALA D 213 -25.29 -6.94 29.92
N MET D 214 -25.09 -5.68 30.33
CA MET D 214 -24.69 -5.40 31.71
C MET D 214 -25.83 -5.68 32.69
N GLN D 215 -27.07 -5.29 32.33
CA GLN D 215 -28.20 -5.61 33.18
C GLN D 215 -28.37 -7.11 33.35
N GLN D 216 -28.00 -7.89 32.34
CA GLN D 216 -28.19 -9.34 32.38
C GLN D 216 -27.01 -10.08 33.01
N ILE D 217 -25.79 -9.56 32.84
CA ILE D 217 -24.58 -10.28 33.25
C ILE D 217 -24.08 -9.81 34.61
N VAL D 218 -24.01 -8.49 34.84
CA VAL D 218 -23.26 -7.97 35.97
C VAL D 218 -24.15 -7.33 37.04
N TRP D 219 -25.25 -6.69 36.68
CA TRP D 219 -26.04 -5.93 37.64
C TRP D 219 -27.25 -6.73 38.12
N VAL D 220 -27.55 -6.60 39.42
CA VAL D 220 -28.74 -7.22 39.98
C VAL D 220 -29.98 -6.43 39.55
N GLN D 221 -31.03 -7.13 39.15
CA GLN D 221 -32.21 -6.46 38.64
C GLN D 221 -33.30 -6.41 39.70
N PRO D 222 -34.17 -5.40 39.66
CA PRO D 222 -35.35 -5.40 40.53
C PRO D 222 -36.28 -6.56 40.19
N GLY D 223 -37.01 -7.03 41.19
CA GLY D 223 -37.92 -8.14 40.99
C GLY D 223 -37.23 -9.44 40.64
N SER D 224 -36.01 -9.64 41.14
CA SER D 224 -35.24 -10.84 40.84
C SER D 224 -35.29 -11.79 42.05
N ASP D 225 -34.39 -12.77 42.07
CA ASP D 225 -34.30 -13.68 43.21
C ASP D 225 -33.70 -13.00 44.43
N GLU D 226 -33.04 -11.87 44.26
CA GLU D 226 -32.34 -11.17 45.31
C GLU D 226 -33.28 -10.23 46.05
N PRO D 227 -32.91 -9.81 47.27
CA PRO D 227 -33.73 -8.82 47.99
C PRO D 227 -33.87 -7.53 47.20
N ALA D 228 -34.89 -6.75 47.56
CA ALA D 228 -35.17 -5.51 46.84
C ALA D 228 -34.06 -4.49 47.01
N TRP D 229 -33.43 -4.46 48.19
CA TRP D 229 -32.37 -3.50 48.43
C TRP D 229 -31.15 -3.77 47.56
N ALA D 230 -30.92 -5.04 47.21
CA ALA D 230 -29.74 -5.44 46.47
C ALA D 230 -29.79 -5.07 44.99
N ALA D 231 -30.86 -4.43 44.53
CA ALA D 231 -30.96 -4.06 43.13
C ALA D 231 -29.84 -3.11 42.74
N HIS D 232 -29.38 -3.25 41.49
CA HIS D 232 -28.31 -2.44 40.90
C HIS D 232 -26.98 -2.63 41.60
N GLY D 233 -26.83 -3.72 42.36
CA GLY D 233 -25.55 -4.12 42.90
C GLY D 233 -24.90 -5.19 42.04
N SER D 234 -23.81 -5.75 42.56
CA SER D 234 -23.09 -6.78 41.83
C SER D 234 -22.27 -7.61 42.80
N TYR D 235 -22.04 -8.86 42.43
CA TYR D 235 -21.17 -9.76 43.20
C TYR D 235 -19.73 -9.55 42.76
N GLN D 236 -18.84 -9.34 43.73
CA GLN D 236 -17.42 -9.11 43.47
C GLN D 236 -16.64 -10.34 43.88
N ALA D 237 -15.86 -10.89 42.95
CA ALA D 237 -15.00 -12.03 43.21
C ALA D 237 -13.55 -11.60 43.08
N VAL D 238 -12.76 -11.82 44.13
CA VAL D 238 -11.35 -11.43 44.17
C VAL D 238 -10.52 -12.68 44.38
N ARG D 239 -9.43 -12.80 43.63
CA ARG D 239 -8.54 -13.95 43.71
C ARG D 239 -7.10 -13.47 43.54
N ILE D 240 -6.26 -13.78 44.52
CA ILE D 240 -4.83 -13.49 44.45
C ILE D 240 -4.16 -14.71 43.84
N ILE D 241 -3.85 -14.65 42.56
CA ILE D 241 -3.33 -15.79 41.82
C ILE D 241 -1.86 -15.53 41.48
N ARG D 242 -0.98 -16.33 42.06
CA ARG D 242 0.45 -16.22 41.78
C ARG D 242 0.77 -16.79 40.40
N ASN D 243 1.70 -16.13 39.70
CA ASN D 243 2.23 -16.62 38.44
C ASN D 243 3.66 -17.08 38.67
N PHE D 244 3.92 -18.36 38.38
CA PHE D 244 5.28 -18.89 38.44
C PHE D 244 5.96 -18.49 37.13
N VAL D 245 6.56 -17.31 37.15
CA VAL D 245 6.93 -16.65 35.91
C VAL D 245 8.24 -17.18 35.34
N GLU D 246 9.18 -17.61 36.20
CA GLU D 246 10.43 -18.16 35.70
C GLU D 246 10.18 -19.42 34.89
N ARG D 247 9.28 -20.30 35.36
CA ARG D 247 8.96 -21.49 34.61
C ARG D 247 8.17 -21.16 33.34
N TRP D 248 7.17 -20.28 33.46
CA TRP D 248 6.36 -19.91 32.30
C TRP D 248 7.20 -19.31 31.19
N ASP D 249 8.27 -18.58 31.52
CA ASP D 249 9.15 -18.00 30.52
C ASP D 249 10.07 -19.04 29.88
N ARG D 250 10.21 -20.23 30.48
CA ARG D 250 10.99 -21.30 29.88
C ARG D 250 10.18 -22.16 28.91
N THR D 251 8.85 -22.13 29.01
CA THR D 251 8.03 -22.99 28.17
C THR D 251 7.93 -22.45 26.75
N PRO D 252 7.85 -23.33 25.75
CA PRO D 252 7.79 -22.87 24.36
C PRO D 252 6.55 -22.03 24.08
N LEU D 253 6.69 -21.11 23.13
CA LEU D 253 5.56 -20.28 22.73
C LEU D 253 4.39 -21.12 22.24
N GLN D 254 4.68 -22.27 21.63
CA GLN D 254 3.62 -23.19 21.21
C GLN D 254 2.79 -23.65 22.41
N GLU D 255 3.45 -23.97 23.52
CA GLU D 255 2.73 -24.44 24.70
C GLU D 255 2.04 -23.30 25.42
N GLN D 256 2.65 -22.11 25.46
CA GLN D 256 2.00 -20.96 26.08
C GLN D 256 0.67 -20.65 25.42
N GLU D 257 0.65 -20.57 24.09
CA GLU D 257 -0.57 -20.24 23.38
C GLU D 257 -1.59 -21.37 23.46
N SER D 258 -1.15 -22.62 23.28
CA SER D 258 -2.07 -23.75 23.34
C SER D 258 -2.70 -23.88 24.72
N ILE D 259 -1.99 -23.49 25.78
CA ILE D 259 -2.56 -23.54 27.12
C ILE D 259 -3.59 -22.43 27.28
N ILE D 260 -3.24 -21.21 26.87
CA ILE D 260 -4.15 -20.08 27.01
C ILE D 260 -5.34 -20.22 26.07
N GLY D 261 -5.06 -20.46 24.79
CA GLY D 261 -6.09 -20.47 23.76
C GLY D 261 -6.10 -19.25 22.86
N ARG D 262 -5.08 -18.40 22.94
CA ARG D 262 -5.00 -17.20 22.12
C ARG D 262 -3.56 -17.02 21.64
N ILE D 263 -3.41 -16.35 20.50
CA ILE D 263 -2.08 -15.99 20.03
C ILE D 263 -1.53 -14.87 20.91
N LYS D 264 -0.26 -14.99 21.28
CA LYS D 264 0.31 -14.05 22.24
C LYS D 264 0.43 -12.64 21.67
N THR D 265 1.11 -12.52 20.52
CA THR D 265 1.34 -11.20 19.94
C THR D 265 0.03 -10.53 19.54
N SER D 266 -0.79 -11.22 18.74
CA SER D 266 -1.99 -10.62 18.17
C SER D 266 -3.19 -10.67 19.09
N GLY D 267 -3.23 -11.60 20.05
CA GLY D 267 -4.41 -11.75 20.87
C GLY D 267 -5.59 -12.36 20.16
N ALA D 268 -5.38 -12.92 18.97
CA ALA D 268 -6.42 -13.49 18.14
C ALA D 268 -6.68 -14.94 18.54
N PRO D 269 -7.87 -15.46 18.26
CA PRO D 269 -8.14 -16.88 18.47
C PRO D 269 -7.26 -17.74 17.57
N MET D 270 -7.28 -19.05 17.85
CA MET D 270 -6.43 -19.97 17.10
C MET D 270 -6.80 -20.01 15.62
N ASP D 271 -8.07 -19.75 15.29
CA ASP D 271 -8.54 -19.74 13.92
C ASP D 271 -8.83 -18.33 13.40
N GLY D 272 -8.30 -17.30 14.07
CA GLY D 272 -8.57 -15.93 13.71
C GLY D 272 -7.28 -15.15 13.49
N GLN D 273 -7.47 -13.87 13.16
CA GLN D 273 -6.36 -12.97 12.87
C GLN D 273 -6.34 -11.71 13.74
N LYS D 274 -7.46 -11.35 14.36
CA LYS D 274 -7.54 -10.13 15.16
C LYS D 274 -8.03 -10.46 16.56
N GLU D 275 -7.71 -9.56 17.50
CA GLU D 275 -8.11 -9.75 18.89
C GLU D 275 -9.63 -9.69 19.04
N SER D 276 -10.28 -8.83 18.26
CA SER D 276 -11.74 -8.66 18.37
C SER D 276 -12.53 -9.87 17.87
N GLN D 277 -11.85 -10.88 17.32
CA GLN D 277 -12.53 -12.06 16.81
C GLN D 277 -12.60 -13.13 17.89
N VAL D 278 -13.53 -14.07 17.69
CA VAL D 278 -13.77 -15.16 18.65
C VAL D 278 -13.57 -16.47 17.91
N PRO D 279 -13.28 -17.55 18.64
CA PRO D 279 -13.07 -18.84 17.99
C PRO D 279 -14.38 -19.55 17.68
N ASP D 280 -14.29 -20.53 16.77
CA ASP D 280 -15.41 -21.35 16.35
C ASP D 280 -15.18 -22.76 16.90
N TYR D 281 -15.82 -23.07 18.03
CA TYR D 281 -15.66 -24.38 18.64
C TYR D 281 -16.51 -25.45 17.97
N ALA D 282 -17.42 -25.07 17.07
CA ALA D 282 -18.16 -26.07 16.31
C ALA D 282 -17.29 -26.70 15.23
N ARG D 283 -16.45 -25.88 14.58
CA ARG D 283 -15.52 -26.41 13.58
C ARG D 283 -14.46 -27.30 14.19
N ASP D 284 -14.21 -27.17 15.50
CA ASP D 284 -13.13 -27.89 16.19
C ASP D 284 -13.72 -28.69 17.35
N PRO D 285 -14.50 -29.73 17.06
CA PRO D 285 -15.10 -30.51 18.14
C PRO D 285 -14.10 -31.34 18.92
N HIS D 286 -12.95 -31.68 18.32
CA HIS D 286 -11.93 -32.48 18.98
C HIS D 286 -10.77 -31.65 19.49
N GLY D 287 -10.91 -30.33 19.48
CA GLY D 287 -9.89 -29.45 20.03
C GLY D 287 -8.55 -29.53 19.31
N LYS D 288 -8.58 -29.47 17.98
CA LYS D 288 -7.35 -29.51 17.19
C LYS D 288 -6.75 -28.12 17.01
N VAL D 289 -7.56 -27.12 16.70
CA VAL D 289 -7.03 -25.76 16.59
C VAL D 289 -7.06 -25.05 17.94
N THR D 290 -8.14 -25.20 18.71
CA THR D 290 -8.25 -24.67 20.07
C THR D 290 -8.50 -25.85 20.99
N LYS D 291 -7.49 -26.21 21.78
CA LYS D 291 -7.52 -27.46 22.53
C LYS D 291 -8.68 -27.48 23.51
N LEU D 292 -9.17 -28.70 23.78
CA LEU D 292 -10.36 -28.86 24.62
C LEU D 292 -10.13 -28.40 26.05
N ASP D 293 -8.88 -28.30 26.50
CA ASP D 293 -8.56 -27.84 27.85
C ASP D 293 -7.95 -26.45 27.84
N ALA D 294 -8.07 -25.72 26.74
CA ALA D 294 -7.57 -24.36 26.69
C ALA D 294 -8.32 -23.48 27.69
N HIS D 295 -7.64 -22.45 28.17
CA HIS D 295 -8.22 -21.60 29.22
C HIS D 295 -9.51 -20.95 28.76
N ILE D 296 -9.52 -20.40 27.54
CA ILE D 296 -10.72 -19.71 27.07
C ILE D 296 -11.79 -20.69 26.61
N ARG D 297 -11.40 -21.87 26.13
CA ARG D 297 -12.39 -22.89 25.79
C ARG D 297 -13.06 -23.46 27.03
N LEU D 298 -12.33 -23.52 28.15
CA LEU D 298 -12.92 -23.95 29.40
C LEU D 298 -13.69 -22.84 30.09
N ALA D 299 -13.32 -21.58 29.84
CA ALA D 299 -14.00 -20.46 30.48
C ALA D 299 -15.30 -20.12 29.77
N ASN D 300 -15.26 -19.99 28.44
CA ASN D 300 -16.44 -19.73 27.62
C ASN D 300 -16.56 -20.82 26.59
N PRO D 301 -17.19 -21.95 26.92
CA PRO D 301 -17.40 -23.01 25.91
C PRO D 301 -18.29 -22.57 24.76
N ARG D 302 -18.92 -21.39 24.85
CA ARG D 302 -19.67 -20.79 23.75
C ARG D 302 -20.78 -21.72 23.25
N THR D 303 -21.56 -22.23 24.21
CA THR D 303 -22.75 -23.01 23.94
C THR D 303 -23.98 -22.20 24.31
N ALA D 304 -25.16 -22.77 24.06
CA ALA D 304 -26.40 -22.09 24.40
C ALA D 304 -26.52 -21.89 25.91
N GLN D 305 -26.09 -22.88 26.68
CA GLN D 305 -26.16 -22.80 28.14
C GLN D 305 -24.92 -22.20 28.77
N SER D 306 -23.89 -21.90 27.98
CA SER D 306 -22.71 -21.19 28.48
C SER D 306 -22.86 -19.68 28.35
N GLN D 307 -23.92 -19.20 27.71
CA GLN D 307 -24.21 -17.78 27.62
C GLN D 307 -24.72 -17.19 28.91
N GLN D 308 -24.70 -17.95 30.01
CA GLN D 308 -25.12 -17.46 31.30
C GLN D 308 -24.03 -17.57 32.36
N ASN D 309 -22.85 -18.10 32.02
CA ASN D 309 -21.70 -18.06 32.89
C ASN D 309 -20.75 -16.93 32.53
N LEU D 310 -21.19 -15.99 31.70
CA LEU D 310 -20.36 -14.85 31.32
C LEU D 310 -20.10 -13.97 32.53
N ILE D 311 -18.85 -13.52 32.67
CA ILE D 311 -18.44 -12.63 33.74
C ILE D 311 -17.82 -11.39 33.12
N LEU D 312 -17.59 -10.38 33.96
CA LEU D 312 -16.94 -9.14 33.55
C LEU D 312 -15.64 -9.02 34.35
N ARG D 313 -14.52 -9.32 33.71
CA ARG D 313 -13.23 -9.34 34.38
C ARG D 313 -12.61 -7.94 34.40
N ARG D 314 -12.00 -7.60 35.52
CA ARG D 314 -11.37 -6.30 35.73
C ARG D 314 -10.13 -6.46 36.60
N PRO D 315 -9.12 -7.22 36.16
CA PRO D 315 -8.00 -7.56 37.05
C PRO D 315 -6.83 -6.59 36.98
N PHE D 316 -5.83 -6.81 37.85
CA PHE D 316 -4.61 -6.04 37.85
C PHE D 316 -3.44 -7.00 38.03
N ASN D 317 -2.26 -6.56 37.61
CA ASN D 317 -1.03 -7.33 37.76
C ASN D 317 -0.28 -6.86 39.00
N TYR D 318 0.08 -7.80 39.87
CA TYR D 318 0.73 -7.49 41.13
C TYR D 318 2.14 -8.07 41.16
N SER D 319 2.98 -7.45 42.00
CA SER D 319 4.34 -7.91 42.24
C SER D 319 4.71 -7.56 43.67
N ASN D 320 5.00 -8.58 44.50
CA ASN D 320 5.17 -8.38 45.95
C ASN D 320 6.33 -9.23 46.47
N GLY D 321 7.55 -8.88 46.05
CA GLY D 321 8.73 -9.49 46.62
C GLY D 321 9.16 -10.77 45.92
N VAL D 322 10.12 -11.44 46.55
CA VAL D 322 10.77 -12.61 45.98
C VAL D 322 10.58 -13.80 46.92
N ASN D 323 10.42 -14.98 46.33
CA ASN D 323 10.11 -16.20 47.08
C ASN D 323 11.32 -16.73 47.83
N LYS D 324 11.26 -18.02 48.20
CA LYS D 324 12.35 -18.63 48.96
C LYS D 324 13.51 -19.01 48.07
N ASN D 325 13.23 -19.80 47.03
CA ASN D 325 14.23 -20.23 46.08
C ASN D 325 14.70 -19.11 45.15
N GLY D 326 14.09 -17.92 45.24
CA GLY D 326 14.46 -16.81 44.40
C GLY D 326 13.46 -16.44 43.33
N GLN D 327 12.32 -17.13 43.26
CA GLN D 327 11.30 -16.77 42.28
C GLN D 327 10.55 -15.52 42.74
N LEU D 328 10.01 -14.79 41.77
CA LEU D 328 9.36 -13.52 42.03
C LEU D 328 7.88 -13.74 42.32
N ASP D 329 7.40 -13.12 43.41
CA ASP D 329 5.99 -13.20 43.79
C ASP D 329 5.20 -12.22 42.91
N MET D 330 4.88 -12.69 41.71
CA MET D 330 4.12 -11.93 40.73
C MET D 330 2.85 -12.70 40.39
N GLY D 331 1.93 -12.02 39.71
CA GLY D 331 0.73 -12.71 39.28
C GLY D 331 -0.38 -11.74 38.96
N LEU D 332 -1.61 -12.22 39.13
CA LEU D 332 -2.81 -11.49 38.73
C LEU D 332 -3.67 -11.22 39.94
N LEU D 333 -4.03 -9.95 40.14
CA LEU D 333 -5.04 -9.56 41.12
C LEU D 333 -6.39 -9.67 40.42
N PHE D 334 -6.97 -10.87 40.45
CA PHE D 334 -8.16 -11.17 39.66
C PHE D 334 -9.39 -10.55 40.33
N ILE D 335 -10.10 -9.71 39.59
CA ILE D 335 -11.37 -9.14 40.03
C ILE D 335 -12.37 -9.28 38.90
N CYS D 336 -13.52 -9.87 39.20
CA CYS D 336 -14.59 -10.02 38.22
C CYS D 336 -15.93 -9.73 38.90
N TYR D 337 -16.87 -9.20 38.13
CA TYR D 337 -18.18 -8.84 38.63
C TYR D 337 -19.26 -9.61 37.88
N GLN D 338 -20.37 -9.86 38.59
CA GLN D 338 -21.46 -10.65 38.05
C GLN D 338 -22.70 -10.43 38.91
N ALA D 339 -23.86 -10.56 38.28
CA ALA D 339 -25.12 -10.44 39.01
C ALA D 339 -25.44 -11.70 39.81
N ASP D 340 -24.79 -12.82 39.50
CA ASP D 340 -25.02 -14.09 40.18
C ASP D 340 -23.67 -14.73 40.43
N LEU D 341 -23.26 -14.77 41.70
CA LEU D 341 -21.93 -15.29 42.03
C LEU D 341 -21.83 -16.78 41.73
N GLU D 342 -22.89 -17.54 41.99
CA GLU D 342 -22.86 -18.98 41.71
C GLU D 342 -22.91 -19.23 40.20
N LYS D 343 -23.68 -18.43 39.47
CA LYS D 343 -23.75 -18.57 38.02
C LYS D 343 -22.54 -17.96 37.33
N GLY D 344 -21.83 -17.04 38.00
CA GLY D 344 -20.71 -16.36 37.38
C GLY D 344 -19.36 -16.98 37.68
N PHE D 345 -18.66 -16.43 38.68
CA PHE D 345 -17.29 -16.85 38.95
C PHE D 345 -17.22 -18.32 39.35
N ILE D 346 -18.08 -18.72 40.30
CA ILE D 346 -17.97 -20.07 40.86
C ILE D 346 -18.17 -21.13 39.78
N ALA D 347 -19.14 -20.91 38.89
CA ALA D 347 -19.39 -21.88 37.83
C ALA D 347 -18.24 -21.94 36.84
N VAL D 348 -17.60 -20.80 36.56
CA VAL D 348 -16.49 -20.78 35.61
C VAL D 348 -15.27 -21.46 36.22
N GLN D 349 -14.93 -21.12 37.48
CA GLN D 349 -13.78 -21.72 38.12
C GLN D 349 -13.95 -23.22 38.26
N THR D 350 -15.17 -23.68 38.55
CA THR D 350 -15.44 -25.11 38.58
C THR D 350 -15.21 -25.75 37.21
N ARG D 351 -15.54 -25.02 36.14
CA ARG D 351 -15.20 -25.47 34.80
C ARG D 351 -13.69 -25.39 34.55
N LEU D 352 -12.99 -24.51 35.26
CA LEU D 352 -11.57 -24.30 35.07
C LEU D 352 -10.70 -25.27 35.84
N ASN D 353 -11.28 -26.04 36.78
CA ASN D 353 -10.49 -26.95 37.60
C ASN D 353 -9.76 -27.96 36.73
N GLY D 354 -8.48 -28.17 37.02
CA GLY D 354 -7.66 -29.11 36.29
C GLY D 354 -7.13 -28.61 34.97
N GLU D 355 -7.33 -27.34 34.64
CA GLU D 355 -6.82 -26.82 33.38
C GLU D 355 -5.29 -26.84 33.40
N PRO D 356 -4.66 -26.98 32.23
CA PRO D 356 -3.18 -27.00 32.20
C PRO D 356 -2.54 -25.73 32.71
N LEU D 357 -3.26 -24.61 32.69
CA LEU D 357 -2.72 -23.36 33.22
C LEU D 357 -2.48 -23.44 34.72
N GLU D 358 -3.17 -24.34 35.42
CA GLU D 358 -3.04 -24.41 36.87
C GLU D 358 -1.61 -24.71 37.31
N GLU D 359 -0.83 -25.41 36.46
CA GLU D 359 0.54 -25.74 36.82
C GLU D 359 1.45 -24.51 36.88
N TYR D 360 0.97 -23.36 36.41
CA TYR D 360 1.71 -22.11 36.51
C TYR D 360 1.04 -21.11 37.44
N LEU D 361 -0.01 -21.53 38.16
CA LEU D 361 -0.77 -20.66 39.03
C LEU D 361 -0.83 -21.25 40.42
N LYS D 362 -1.17 -20.38 41.38
CA LYS D 362 -1.39 -20.80 42.76
C LYS D 362 -2.16 -19.70 43.49
N PRO D 363 -3.49 -19.78 43.52
CA PRO D 363 -4.27 -18.79 44.26
C PRO D 363 -3.98 -18.86 45.75
N THR D 364 -3.59 -17.71 46.32
CA THR D 364 -3.21 -17.63 47.73
C THR D 364 -4.25 -16.94 48.60
N GLY D 365 -5.04 -16.02 48.05
CA GLY D 365 -6.02 -15.32 48.85
C GLY D 365 -7.10 -14.71 47.98
N GLY D 366 -8.01 -14.00 48.64
CA GLY D 366 -9.13 -13.37 47.96
C GLY D 366 -10.41 -13.44 48.77
N GLY D 367 -11.55 -13.48 48.09
CA GLY D 367 -12.82 -13.56 48.77
C GLY D 367 -13.95 -13.09 47.90
N TYR D 368 -15.17 -13.35 48.37
CA TYR D 368 -16.39 -12.93 47.70
C TYR D 368 -17.04 -11.81 48.48
N PHE D 369 -17.46 -10.77 47.76
CA PHE D 369 -18.17 -9.64 48.36
C PHE D 369 -19.33 -9.26 47.45
N PHE D 370 -20.24 -8.44 47.98
CA PHE D 370 -21.38 -7.93 47.22
C PHE D 370 -21.24 -6.42 47.12
N THR D 371 -21.00 -5.92 45.92
CA THR D 371 -20.92 -4.48 45.70
C THR D 371 -22.27 -3.84 45.96
N LEU D 372 -22.32 -2.94 46.93
CA LEU D 372 -23.57 -2.31 47.32
C LEU D 372 -24.13 -1.47 46.17
N PRO D 373 -25.45 -1.28 46.13
CA PRO D 373 -26.04 -0.42 45.10
C PRO D 373 -25.47 0.99 45.15
N GLY D 374 -25.55 1.66 44.00
CA GLY D 374 -24.99 2.99 43.90
C GLY D 374 -25.75 4.01 44.73
N VAL D 375 -25.05 5.09 45.06
CA VAL D 375 -25.63 6.22 45.79
C VAL D 375 -26.29 7.13 44.75
N THR D 376 -27.62 7.21 44.79
CA THR D 376 -28.35 7.92 43.73
C THR D 376 -28.18 9.43 43.85
N GLY D 377 -27.98 9.95 45.06
CA GLY D 377 -27.86 11.39 45.23
C GLY D 377 -27.27 11.75 46.57
N GLU D 378 -27.25 13.05 46.84
CA GLU D 378 -26.67 13.56 48.08
C GLU D 378 -27.45 13.07 49.30
N GLU D 379 -28.77 12.98 49.17
CA GLU D 379 -29.60 12.54 50.29
C GLU D 379 -29.51 11.03 50.52
N ASP D 380 -29.01 10.30 49.54
CA ASP D 380 -28.67 8.89 49.70
C ASP D 380 -27.24 8.77 50.20
N PHE D 381 -26.93 7.63 50.82
CA PHE D 381 -25.56 7.33 51.20
C PHE D 381 -25.31 5.84 51.02
N ILE D 382 -24.02 5.47 51.02
CA ILE D 382 -23.64 4.11 50.67
C ILE D 382 -24.15 3.15 51.73
N GLY D 383 -24.74 2.04 51.27
CA GLY D 383 -25.29 1.05 52.18
C GLY D 383 -26.58 1.45 52.87
N ARG D 384 -27.22 2.55 52.45
CA ARG D 384 -28.44 2.99 53.12
C ARG D 384 -29.59 2.03 52.84
N SER D 385 -29.74 1.60 51.58
CA SER D 385 -30.83 0.68 51.24
C SER D 385 -30.70 -0.62 52.01
N LEU D 386 -29.47 -1.09 52.26
CA LEU D 386 -29.28 -2.27 53.09
C LEU D 386 -29.72 -2.00 54.52
N LEU D 387 -29.51 -0.76 55.01
CA LEU D 387 -29.91 -0.44 56.37
C LEU D 387 -31.42 -0.27 56.49
N ASP D 388 -32.04 0.40 55.51
CA ASP D 388 -33.46 0.70 55.60
C ASP D 388 -34.30 -0.57 55.47
N ALA D 389 -33.90 -1.49 54.60
CA ALA D 389 -34.65 -2.73 54.41
C ALA D 389 -34.63 -3.62 55.64
N THR D 390 -33.62 -3.49 56.51
CA THR D 390 -33.48 -4.32 57.69
C THR D 390 -33.79 -3.56 58.98
N ARG D 391 -34.38 -2.37 58.89
CA ARG D 391 -34.68 -1.59 60.07
C ARG D 391 -35.76 -2.29 60.89
N PRO D 392 -35.59 -2.38 62.23
CA PRO D 392 -36.59 -2.99 63.12
C PRO D 392 -37.87 -2.17 63.21
N ALA E 2 -17.65 6.94 21.24
CA ALA E 2 -18.06 5.74 21.96
C ALA E 2 -17.06 5.41 23.08
N PRO E 3 -17.58 5.12 24.27
CA PRO E 3 -16.69 4.83 25.41
C PRO E 3 -15.89 3.56 25.17
N ALA E 4 -14.72 3.51 25.80
CA ALA E 4 -13.81 2.39 25.64
C ALA E 4 -14.26 1.19 26.48
N GLN E 5 -13.83 0.01 26.06
CA GLN E 5 -14.10 -1.20 26.83
C GLN E 5 -13.42 -1.12 28.20
N VAL E 6 -13.96 -1.88 29.15
CA VAL E 6 -13.49 -1.78 30.54
C VAL E 6 -12.02 -2.16 30.63
N THR E 7 -11.66 -3.33 30.08
CA THR E 7 -10.32 -3.85 30.22
C THR E 7 -9.34 -3.27 29.22
N GLU E 8 -9.78 -2.38 28.34
CA GLU E 8 -8.89 -1.74 27.38
C GLU E 8 -7.75 -1.06 28.11
N ALA E 9 -6.55 -1.17 27.55
CA ALA E 9 -5.35 -0.69 28.21
C ALA E 9 -5.45 0.83 28.44
N PRO E 10 -4.95 1.33 29.57
CA PRO E 10 -4.92 2.78 29.78
C PRO E 10 -4.06 3.47 28.73
N SER E 11 -4.32 4.76 28.55
CA SER E 11 -3.68 5.54 27.50
C SER E 11 -2.54 6.37 28.07
N SER E 12 -1.45 6.46 27.31
CA SER E 12 -0.27 7.20 27.74
C SER E 12 0.44 7.77 26.52
N ASP E 13 0.98 8.98 26.68
CA ASP E 13 1.78 9.63 25.65
C ASP E 13 3.27 9.56 25.96
N LYS E 14 3.68 8.78 26.96
CA LYS E 14 5.05 8.78 27.45
C LYS E 14 5.76 7.45 27.20
N THR E 15 5.16 6.54 26.43
CA THR E 15 5.78 5.24 26.19
C THR E 15 7.03 5.36 25.30
N GLN E 16 7.20 6.48 24.61
CA GLN E 16 8.39 6.71 23.80
C GLN E 16 9.43 7.57 24.49
N ASP E 17 9.20 7.92 25.76
CA ASP E 17 10.23 8.59 26.55
C ASP E 17 11.47 7.70 26.62
N ARG E 18 12.63 8.29 26.32
CA ARG E 18 13.85 7.51 26.16
C ARG E 18 15.00 8.17 26.89
N HIS E 19 15.80 7.36 27.59
CA HIS E 19 17.04 7.78 28.19
C HIS E 19 18.18 6.99 27.57
N ASP E 20 19.27 7.66 27.25
CA ASP E 20 20.41 6.99 26.64
C ASP E 20 21.13 6.13 27.69
N PHE E 21 21.50 4.92 27.28
CA PHE E 21 22.20 4.01 28.17
C PHE E 21 23.68 4.36 28.30
N HIS E 22 24.26 4.97 27.28
CA HIS E 22 25.69 5.26 27.25
C HIS E 22 25.99 6.57 27.95
N GLY E 23 27.24 6.71 28.37
CA GLY E 23 27.71 7.89 29.07
C GLY E 23 28.89 7.56 29.94
N GLN E 24 29.64 8.62 30.29
CA GLN E 24 30.74 8.44 31.24
C GLN E 24 30.20 8.06 32.62
N HIS E 25 28.99 8.53 32.95
CA HIS E 25 28.26 8.07 34.13
C HIS E 25 27.15 7.12 33.69
N GLN E 26 26.71 6.31 34.63
CA GLN E 26 25.51 5.50 34.41
C GLN E 26 24.27 6.35 34.60
N SER E 27 23.23 6.02 33.83
CA SER E 27 21.96 6.72 33.98
C SER E 27 21.28 6.30 35.28
N GLY E 28 20.25 7.06 35.65
CA GLY E 28 19.46 6.75 36.82
C GLY E 28 19.94 7.38 38.11
N ILE E 29 20.92 8.27 38.06
CA ILE E 29 21.41 8.95 39.26
C ILE E 29 21.08 10.44 39.15
N VAL E 30 21.77 11.15 38.25
CA VAL E 30 21.40 12.52 37.93
C VAL E 30 20.27 12.60 36.92
N THR E 31 19.79 11.46 36.45
CA THR E 31 18.61 11.45 35.60
C THR E 31 17.40 11.93 36.40
N PRO E 32 16.56 12.78 35.83
CA PRO E 32 15.31 13.16 36.51
C PRO E 32 14.50 11.92 36.87
N ARG E 33 14.12 11.83 38.13
CA ARG E 33 13.52 10.60 38.64
C ARG E 33 12.11 10.44 38.09
N PRO E 34 11.77 9.29 37.49
CA PRO E 34 10.43 9.08 36.98
C PRO E 34 9.46 8.66 38.07
N ALA E 35 8.26 8.22 37.69
CA ALA E 35 7.21 7.94 38.66
C ALA E 35 7.32 6.56 39.30
N ALA E 36 7.98 5.61 38.65
CA ALA E 36 8.04 4.23 39.13
C ALA E 36 9.49 3.86 39.42
N GLY E 37 9.71 3.22 40.57
CA GLY E 37 11.05 2.83 40.97
C GLY E 37 11.08 1.40 41.46
N MET E 38 12.26 0.79 41.34
CA MET E 38 12.44 -0.61 41.70
C MET E 38 13.93 -0.87 41.89
N LEU E 39 14.29 -1.46 43.03
CA LEU E 39 15.66 -1.83 43.32
C LEU E 39 15.70 -3.30 43.70
N VAL E 40 16.42 -4.10 42.93
CA VAL E 40 16.54 -5.54 43.14
C VAL E 40 17.99 -5.85 43.51
N SER E 41 18.17 -6.61 44.58
CA SER E 41 19.49 -7.05 45.01
C SER E 41 19.71 -8.49 44.55
N PHE E 42 20.87 -8.74 43.94
CA PHE E 42 21.18 -10.02 43.35
C PHE E 42 22.37 -10.67 44.03
N ASP E 43 22.36 -12.00 44.04
CA ASP E 43 23.56 -12.79 44.30
C ASP E 43 24.12 -13.26 42.97
N VAL E 44 25.43 -13.11 42.80
CA VAL E 44 26.08 -13.52 41.56
C VAL E 44 26.53 -14.97 41.73
N LEU E 45 25.95 -15.87 40.91
CA LEU E 45 26.26 -17.28 40.95
C LEU E 45 27.42 -17.66 40.03
N ALA E 46 28.22 -16.69 39.60
CA ALA E 46 29.34 -16.98 38.71
C ALA E 46 30.36 -17.87 39.40
N SER E 47 30.73 -18.96 38.72
CA SER E 47 31.69 -19.90 39.28
C SER E 47 33.13 -19.48 39.06
N ASP E 48 33.40 -18.60 38.10
CA ASP E 48 34.76 -18.19 37.80
C ASP E 48 34.72 -16.77 37.23
N ARG E 49 35.86 -16.34 36.69
CA ARG E 49 35.95 -15.01 36.08
C ARG E 49 35.22 -14.97 34.74
N ASP E 50 35.28 -16.06 33.98
CA ASP E 50 34.61 -16.10 32.68
C ASP E 50 33.10 -15.95 32.83
N ASP E 51 32.53 -16.54 33.87
CA ASP E 51 31.10 -16.40 34.10
C ASP E 51 30.74 -14.97 34.51
N LEU E 52 31.62 -14.32 35.29
CA LEU E 52 31.40 -12.93 35.64
C LEU E 52 31.45 -12.04 34.39
N GLU E 53 32.33 -12.38 33.44
CA GLU E 53 32.40 -11.62 32.20
C GLU E 53 31.12 -11.80 31.38
N ARG E 54 30.66 -13.04 31.24
CA ARG E 54 29.41 -13.28 30.51
C ARG E 54 28.24 -12.57 31.18
N LEU E 55 28.20 -12.57 32.51
CA LEU E 55 27.16 -11.86 33.23
C LEU E 55 27.21 -10.37 32.94
N PHE E 56 28.40 -9.78 33.03
CA PHE E 56 28.54 -8.34 32.78
C PHE E 56 28.18 -7.99 31.34
N ARG E 57 28.68 -8.79 30.38
CA ARG E 57 28.38 -8.52 28.98
C ARG E 57 26.91 -8.73 28.68
N THR E 58 26.30 -9.78 29.23
CA THR E 58 24.87 -10.02 29.02
C THR E 58 24.04 -8.90 29.61
N LEU E 59 24.37 -8.46 30.82
CA LEU E 59 23.68 -7.33 31.42
C LEU E 59 23.74 -6.11 30.52
N ASP E 60 24.89 -5.89 29.88
CA ASP E 60 25.07 -4.72 29.02
C ASP E 60 24.10 -4.76 27.84
N GLN E 61 24.03 -5.90 27.15
CA GLN E 61 23.16 -6.00 25.97
C GLN E 61 21.70 -5.92 26.37
N ARG E 62 21.31 -6.56 27.48
CA ARG E 62 19.92 -6.54 27.89
C ARG E 62 19.48 -5.12 28.28
N ILE E 63 20.30 -4.42 29.05
CA ILE E 63 19.96 -3.06 29.46
C ILE E 63 19.94 -2.13 28.25
N ALA E 64 20.92 -2.26 27.36
CA ALA E 64 20.99 -1.40 26.18
C ALA E 64 19.75 -1.55 25.30
N PHE E 65 19.19 -2.76 25.24
CA PHE E 65 17.97 -2.96 24.45
C PHE E 65 16.75 -2.44 25.19
N LEU E 66 16.62 -2.76 26.48
CA LEU E 66 15.44 -2.37 27.24
C LEU E 66 15.33 -0.85 27.35
N MET E 67 16.46 -0.16 27.51
CA MET E 67 16.42 1.29 27.63
C MET E 67 16.17 1.96 26.28
N ARG E 68 16.66 1.37 25.20
CA ARG E 68 16.50 1.96 23.88
C ARG E 68 15.14 1.63 23.26
N GLY E 69 14.68 0.40 23.43
CA GLY E 69 13.42 -0.03 22.86
C GLY E 69 13.57 -0.48 21.42
N GLY E 70 12.67 -1.34 20.96
CA GLY E 70 12.73 -1.85 19.62
C GLY E 70 11.91 -3.11 19.44
N PRO E 71 11.91 -3.66 18.22
CA PRO E 71 11.13 -4.89 17.98
C PRO E 71 11.79 -6.09 18.63
N VAL E 72 10.97 -7.09 18.94
CA VAL E 72 11.43 -8.35 19.49
C VAL E 72 11.26 -9.41 18.41
N ALA E 73 12.36 -10.10 18.08
CA ALA E 73 12.33 -11.12 17.04
C ALA E 73 11.42 -12.27 17.44
N GLN E 74 10.78 -12.87 16.43
CA GLN E 74 9.94 -14.05 16.63
C GLN E 74 10.73 -15.28 16.20
N VAL E 75 10.81 -16.26 17.10
CA VAL E 75 11.64 -17.44 16.86
C VAL E 75 10.76 -18.66 16.63
N ASP E 76 11.38 -19.84 16.63
CA ASP E 76 10.64 -21.07 16.45
C ASP E 76 9.63 -21.25 17.59
N PRO E 77 8.36 -21.51 17.29
CA PRO E 77 7.39 -21.73 18.37
C PRO E 77 7.74 -22.88 19.29
N LYS E 78 8.60 -23.81 18.86
CA LYS E 78 9.06 -24.87 19.74
C LYS E 78 10.03 -24.38 20.81
N LEU E 79 10.45 -23.12 20.75
CA LEU E 79 11.30 -22.50 21.76
C LEU E 79 10.52 -21.47 22.55
N PRO E 80 10.89 -21.22 23.81
CA PRO E 80 10.24 -20.16 24.57
C PRO E 80 10.43 -18.82 23.89
N PRO E 81 9.45 -17.92 24.00
CA PRO E 81 9.59 -16.62 23.35
C PRO E 81 10.75 -15.83 23.95
N LEU E 82 11.39 -15.02 23.10
CA LEU E 82 12.53 -14.24 23.53
C LEU E 82 12.16 -13.23 24.61
N ASP E 83 10.92 -12.78 24.62
CA ASP E 83 10.47 -11.74 25.52
C ASP E 83 9.25 -12.22 26.31
N SER E 84 9.05 -11.62 27.49
CA SER E 84 7.87 -11.93 28.28
C SER E 84 6.60 -11.45 27.58
N GLY E 85 6.71 -10.42 26.74
CA GLY E 85 5.57 -9.92 26.00
C GLY E 85 4.66 -9.00 26.79
N ILE E 86 5.08 -8.54 27.97
CA ILE E 86 4.23 -7.68 28.79
C ILE E 86 3.95 -6.36 28.07
N LEU E 87 4.92 -5.86 27.31
CA LEU E 87 4.78 -4.58 26.62
C LEU E 87 4.47 -4.75 25.14
N GLY E 88 4.16 -5.97 24.69
CA GLY E 88 3.78 -6.20 23.31
C GLY E 88 4.93 -6.68 22.46
N PRO E 89 4.71 -6.75 21.14
CA PRO E 89 5.79 -7.20 20.24
C PRO E 89 6.89 -6.17 20.06
N VAL E 90 6.67 -4.93 20.45
CA VAL E 90 7.69 -3.87 20.39
C VAL E 90 7.91 -3.37 21.80
N VAL E 91 9.10 -3.63 22.33
CA VAL E 91 9.42 -3.17 23.68
C VAL E 91 9.52 -1.65 23.67
N THR E 92 8.71 -1.00 24.49
CA THR E 92 8.71 0.46 24.55
C THR E 92 9.65 0.94 25.66
N PRO E 93 10.42 2.00 25.41
CA PRO E 93 11.36 2.48 26.45
C PRO E 93 10.65 2.96 27.70
N ASP E 94 9.68 3.87 27.56
CA ASP E 94 8.88 4.36 28.69
C ASP E 94 9.75 4.92 29.80
N ASN E 95 10.70 5.78 29.42
CA ASN E 95 11.56 6.51 30.35
C ASN E 95 12.43 5.59 31.21
N LEU E 96 12.69 4.37 30.75
CA LEU E 96 13.35 3.37 31.58
C LEU E 96 14.86 3.63 31.67
N THR E 97 15.38 3.60 32.89
CA THR E 97 16.81 3.53 33.14
C THR E 97 17.09 2.33 34.04
N ILE E 98 18.21 1.67 33.80
CA ILE E 98 18.67 0.56 34.63
C ILE E 98 20.10 0.84 35.06
N THR E 99 20.36 0.78 36.36
CA THR E 99 21.64 1.13 36.94
C THR E 99 22.25 -0.08 37.62
N VAL E 100 23.49 -0.39 37.28
CA VAL E 100 24.20 -1.55 37.82
C VAL E 100 25.16 -1.08 38.90
N SER E 101 25.06 -1.69 40.07
CA SER E 101 25.97 -1.41 41.17
C SER E 101 26.39 -2.74 41.80
N VAL E 102 27.63 -2.78 42.29
CA VAL E 102 28.23 -4.01 42.79
C VAL E 102 28.40 -3.90 44.30
N GLY E 103 28.03 -4.96 45.01
CA GLY E 103 28.18 -4.98 46.45
C GLY E 103 29.59 -5.34 46.89
N GLU E 104 29.85 -5.09 48.17
CA GLU E 104 31.16 -5.41 48.73
C GLU E 104 31.46 -6.90 48.67
N SER E 105 30.43 -7.73 48.79
CA SER E 105 30.64 -9.19 48.80
C SER E 105 31.18 -9.70 47.47
N LEU E 106 30.98 -8.97 46.37
CA LEU E 106 31.53 -9.37 45.08
C LEU E 106 33.05 -9.33 45.05
N PHE E 107 33.68 -8.70 46.04
CA PHE E 107 35.13 -8.52 46.06
C PHE E 107 35.82 -9.50 47.01
N ASP E 108 35.25 -10.69 47.19
CA ASP E 108 35.88 -11.71 48.02
C ASP E 108 36.84 -12.55 47.19
N GLU E 109 36.92 -13.85 47.49
CA GLU E 109 37.88 -14.73 46.83
C GLU E 109 37.47 -15.10 45.41
N ARG E 110 36.17 -15.03 45.09
CA ARG E 110 35.65 -15.68 43.88
C ARG E 110 36.32 -15.17 42.61
N PHE E 111 36.43 -13.84 42.47
CA PHE E 111 36.81 -13.25 41.19
C PHE E 111 38.12 -12.47 41.24
N GLY E 112 38.84 -12.51 42.35
CA GLY E 112 40.13 -11.84 42.42
C GLY E 112 40.06 -10.34 42.29
N LEU E 113 39.06 -9.72 42.90
CA LEU E 113 38.92 -8.27 42.89
C LEU E 113 39.19 -7.66 44.25
N GLU E 114 40.07 -8.28 45.05
CA GLU E 114 40.44 -7.71 46.34
C GLU E 114 41.09 -6.33 46.14
N ALA E 115 42.10 -6.27 45.28
CA ALA E 115 42.53 -4.97 44.79
C ALA E 115 41.45 -4.36 43.91
N ALA E 116 41.57 -3.05 43.68
CA ALA E 116 40.60 -2.28 42.90
C ALA E 116 39.22 -2.25 43.55
N LYS E 117 39.11 -2.63 44.81
CA LYS E 117 37.85 -2.53 45.53
C LYS E 117 37.65 -1.10 46.02
N PRO E 118 36.45 -0.53 45.86
CA PRO E 118 36.21 0.83 46.37
C PRO E 118 36.54 0.93 47.85
N LYS E 119 37.33 1.95 48.21
CA LYS E 119 37.90 2.03 49.54
C LYS E 119 36.84 2.17 50.63
N ARG E 120 35.68 2.75 50.29
CA ARG E 120 34.62 2.94 51.26
C ARG E 120 33.50 1.92 51.13
N LEU E 121 33.63 0.96 50.21
CA LEU E 121 32.62 -0.08 50.02
C LEU E 121 32.73 -1.08 51.15
N ILE E 122 31.80 -1.01 52.11
CA ILE E 122 31.76 -1.94 53.22
C ILE E 122 30.36 -2.55 53.29
N ARG E 123 30.26 -3.69 53.98
CA ARG E 123 28.97 -4.30 54.22
C ARG E 123 28.20 -3.50 55.25
N MET E 124 26.90 -3.32 55.01
CA MET E 124 26.08 -2.45 55.86
C MET E 124 25.94 -3.03 57.25
N VAL E 125 26.21 -2.21 58.26
CA VAL E 125 26.01 -2.58 59.66
C VAL E 125 24.79 -1.81 60.16
N GLY E 126 24.12 -2.39 61.16
CA GLY E 126 22.87 -1.82 61.65
C GLY E 126 23.11 -0.58 62.49
N PHE E 127 22.37 0.48 62.20
CA PHE E 127 22.38 1.68 63.01
C PHE E 127 21.51 1.48 64.25
N PRO E 128 21.66 2.34 65.27
CA PRO E 128 20.97 2.08 66.55
C PRO E 128 19.46 1.97 66.46
N ASN E 129 18.82 2.54 65.43
CA ASN E 129 17.37 2.45 65.27
C ASN E 129 16.97 1.36 64.28
N ASP E 130 17.93 0.60 63.77
CA ASP E 130 17.64 -0.39 62.73
C ASP E 130 17.04 -1.66 63.32
N ALA E 131 16.06 -2.21 62.61
CA ALA E 131 15.57 -3.56 62.86
C ALA E 131 15.87 -4.41 61.64
N LEU E 132 17.17 -4.55 61.33
CA LEU E 132 17.59 -5.12 60.06
C LEU E 132 17.24 -6.60 59.98
N GLU E 133 16.51 -6.97 58.93
CA GLU E 133 16.28 -8.38 58.63
C GLU E 133 17.36 -8.85 57.65
N PRO E 134 18.11 -9.90 57.99
CA PRO E 134 19.21 -10.33 57.10
C PRO E 134 18.75 -10.78 55.73
N ALA E 135 17.48 -11.19 55.57
CA ALA E 135 16.99 -11.61 54.27
C ALA E 135 16.77 -10.43 53.33
N CYS E 136 16.67 -9.21 53.85
CA CYS E 136 16.44 -8.03 53.04
C CYS E 136 17.65 -7.08 53.03
N CYS E 137 18.84 -7.61 53.30
CA CYS E 137 20.04 -6.79 53.41
C CYS E 137 21.13 -7.30 52.47
N HIS E 138 22.01 -6.36 52.08
CA HIS E 138 23.23 -6.67 51.33
C HIS E 138 22.94 -7.31 49.98
N GLY E 139 23.97 -7.86 49.35
CA GLY E 139 23.83 -8.49 48.06
C GLY E 139 25.08 -8.35 47.23
N ASP E 140 25.27 -9.27 46.28
CA ASP E 140 26.43 -9.24 45.41
C ASP E 140 26.31 -8.13 44.37
N LEU E 141 25.10 -7.88 43.88
CA LEU E 141 24.87 -6.92 42.81
C LEU E 141 23.48 -6.33 42.97
N SER E 142 23.33 -5.06 42.59
CA SER E 142 22.07 -4.35 42.70
C SER E 142 21.67 -3.80 41.35
N LEU E 143 20.37 -3.84 41.06
CA LEU E 143 19.81 -3.29 39.83
C LEU E 143 18.71 -2.31 40.20
N GLN E 144 18.87 -1.04 39.80
CA GLN E 144 17.87 -0.02 40.03
C GLN E 144 17.11 0.20 38.73
N PHE E 145 15.81 -0.12 38.74
CA PHE E 145 14.94 0.14 37.61
C PHE E 145 14.12 1.41 37.88
N CYS E 146 14.02 2.25 36.87
CA CYS E 146 13.28 3.51 36.98
C CYS E 146 12.60 3.80 35.66
N SER E 147 11.28 3.87 35.67
CA SER E 147 10.50 4.16 34.46
C SER E 147 9.21 4.87 34.88
N ASN E 148 8.31 5.04 33.92
CA ASN E 148 7.05 5.73 34.20
C ASN E 148 6.03 4.83 34.87
N THR E 149 6.08 3.51 34.62
CA THR E 149 5.11 2.57 35.14
C THR E 149 5.84 1.37 35.74
N ALA E 150 5.16 0.70 36.67
CA ALA E 150 5.73 -0.50 37.27
C ALA E 150 5.85 -1.63 36.25
N ASP E 151 4.85 -1.79 35.39
CA ASP E 151 4.86 -2.87 34.41
C ASP E 151 6.07 -2.78 33.50
N THR E 152 6.56 -1.57 33.21
CA THR E 152 7.77 -1.43 32.42
C THR E 152 8.99 -1.89 33.20
N ASN E 153 9.03 -1.60 34.51
CA ASN E 153 10.12 -2.10 35.35
C ASN E 153 10.05 -3.61 35.50
N ILE E 154 8.85 -4.17 35.60
CA ILE E 154 8.69 -5.60 35.79
C ILE E 154 9.03 -6.35 34.50
N HIS E 155 8.68 -5.78 33.35
CA HIS E 155 9.09 -6.39 32.08
C HIS E 155 10.61 -6.36 31.94
N ALA E 156 11.24 -5.27 32.33
CA ALA E 156 12.70 -5.18 32.23
C ALA E 156 13.37 -6.16 33.18
N LEU E 157 12.89 -6.26 34.41
CA LEU E 157 13.48 -7.19 35.37
C LEU E 157 13.30 -8.64 34.92
N ARG E 158 12.13 -8.96 34.37
CA ARG E 158 11.90 -10.32 33.90
C ARG E 158 12.73 -10.64 32.67
N ASP E 159 13.07 -9.62 31.87
CA ASP E 159 13.97 -9.83 30.74
C ASP E 159 15.38 -10.21 31.22
N ILE E 160 15.81 -9.62 32.33
CA ILE E 160 17.16 -9.85 32.81
C ILE E 160 17.27 -11.22 33.49
N VAL E 161 16.30 -11.56 34.34
CA VAL E 161 16.37 -12.84 35.05
C VAL E 161 16.22 -14.01 34.09
N LYS E 162 15.49 -13.82 32.99
CA LYS E 162 15.39 -14.89 32.00
C LYS E 162 16.70 -15.05 31.25
N ASN E 163 17.29 -13.94 30.81
CA ASN E 163 18.54 -13.99 30.05
C ASN E 163 19.74 -14.34 30.92
N LEU E 164 19.58 -14.41 32.24
CA LEU E 164 20.63 -14.83 33.16
C LEU E 164 20.03 -15.76 34.20
N PRO E 165 19.53 -16.93 33.78
CA PRO E 165 18.86 -17.82 34.74
C PRO E 165 19.80 -18.53 35.69
N ASP E 166 21.08 -18.72 35.31
CA ASP E 166 22.03 -19.47 36.12
C ASP E 166 23.08 -18.58 36.78
N LEU E 167 23.19 -17.31 36.40
CA LEU E 167 24.22 -16.43 36.92
C LEU E 167 23.72 -15.46 37.97
N LEU E 168 22.41 -15.26 38.09
CA LEU E 168 21.85 -14.30 39.03
C LEU E 168 20.76 -14.95 39.86
N LEU E 169 20.75 -14.62 41.16
CA LEU E 169 19.69 -15.05 42.08
C LEU E 169 19.10 -13.80 42.73
N VAL E 170 17.79 -13.62 42.59
CA VAL E 170 17.12 -12.49 43.20
C VAL E 170 17.07 -12.71 44.72
N ARG E 171 17.73 -11.82 45.46
CA ARG E 171 17.89 -11.96 46.90
C ARG E 171 16.86 -11.14 47.69
N TRP E 172 16.65 -9.88 47.31
CA TRP E 172 15.54 -9.10 47.84
C TRP E 172 15.26 -7.94 46.88
N LYS E 173 14.07 -7.37 47.01
CA LYS E 173 13.66 -6.29 46.13
C LYS E 173 12.59 -5.45 46.81
N GLN E 174 12.45 -4.22 46.34
CA GLN E 174 11.42 -3.31 46.83
C GLN E 174 11.08 -2.33 45.72
N GLU E 175 9.81 -2.30 45.33
CA GLU E 175 9.32 -1.36 44.34
C GLU E 175 8.69 -0.14 45.02
N GLY E 176 8.64 0.97 44.29
CA GLY E 176 8.14 2.20 44.88
C GLY E 176 7.61 3.14 43.82
N SER E 177 6.98 4.20 44.30
CA SER E 177 6.35 5.18 43.43
C SER E 177 6.53 6.57 44.03
N VAL E 178 6.38 7.58 43.19
CA VAL E 178 6.32 8.98 43.64
C VAL E 178 5.12 9.63 42.97
N PRO E 179 4.41 10.53 43.65
CA PRO E 179 3.16 11.05 43.09
C PRO E 179 3.41 12.12 42.04
N PRO E 180 2.93 11.92 40.82
CA PRO E 180 3.07 12.96 39.80
C PRO E 180 2.18 14.14 40.10
N GLN E 181 2.58 15.30 39.58
CA GLN E 181 1.86 16.55 39.81
C GLN E 181 1.52 17.21 38.48
N ALA E 182 0.57 18.14 38.53
CA ALA E 182 0.22 18.92 37.36
C ALA E 182 1.36 19.86 36.98
N PRO E 183 1.44 20.27 35.72
CA PRO E 183 2.49 21.20 35.31
C PRO E 183 2.42 22.50 36.08
N ALA E 184 3.59 23.07 36.35
CA ALA E 184 3.67 24.32 37.11
C ALA E 184 2.93 25.44 36.37
N LYS E 185 2.13 26.18 37.11
CA LYS E 185 1.26 27.22 36.55
C LYS E 185 2.01 28.55 36.49
N PRO E 186 1.40 29.58 35.84
CA PRO E 186 2.07 30.89 35.71
C PRO E 186 2.87 31.37 36.92
N GLY E 187 4.16 31.62 36.69
CA GLY E 187 5.05 32.16 37.70
C GLY E 187 5.29 31.28 38.90
N GLU E 188 4.81 30.04 38.89
CA GLU E 188 4.97 29.18 40.05
C GLU E 188 6.07 28.15 39.82
N PRO E 189 6.91 27.90 40.81
CA PRO E 189 8.02 26.98 40.63
C PRO E 189 7.58 25.53 40.71
N ALA E 190 8.37 24.66 40.07
CA ALA E 190 8.16 23.23 40.21
C ALA E 190 8.42 22.79 41.65
N GLN E 191 7.92 21.62 41.99
CA GLN E 191 7.99 21.13 43.36
C GLN E 191 8.64 19.76 43.40
N SER E 192 9.23 19.44 44.55
CA SER E 192 9.76 18.10 44.79
C SER E 192 8.62 17.18 45.23
N ALA E 193 8.69 15.93 44.80
CA ALA E 193 7.66 14.96 45.16
C ALA E 193 7.61 14.76 46.67
N ARG E 194 6.46 14.32 47.14
CA ARG E 194 6.22 14.15 48.58
C ARG E 194 6.32 12.68 48.94
N ASN E 195 6.91 12.40 50.11
CA ASN E 195 6.99 11.05 50.63
C ASN E 195 5.65 10.65 51.24
N PHE E 196 5.60 9.46 51.82
CA PHE E 196 4.38 8.98 52.44
C PHE E 196 4.15 9.57 53.83
N LEU E 197 4.82 10.68 54.14
CA LEU E 197 4.55 11.44 55.35
C LEU E 197 3.98 12.81 55.05
N GLY E 198 3.73 13.13 53.78
CA GLY E 198 3.10 14.37 53.39
C GLY E 198 4.05 15.52 53.11
N PHE E 199 5.35 15.35 53.35
CA PHE E 199 6.32 16.41 53.18
C PHE E 199 7.04 16.27 51.85
N ARG E 200 7.38 17.40 51.23
CA ARG E 200 8.20 17.37 50.03
C ARG E 200 9.57 16.81 50.34
N ASP E 201 10.08 15.97 49.46
CA ASP E 201 11.32 15.22 49.69
C ASP E 201 12.33 15.57 48.61
N GLY E 202 13.45 16.16 49.03
CA GLY E 202 14.52 16.49 48.11
C GLY E 202 14.64 17.96 47.74
N SER E 203 13.99 18.86 48.50
CA SER E 203 14.06 20.28 48.16
C SER E 203 15.48 20.81 48.23
N ALA E 204 16.24 20.40 49.25
CA ALA E 204 17.60 20.87 49.45
C ALA E 204 18.64 19.98 48.78
N ASN E 205 18.23 19.21 47.78
CA ASN E 205 19.19 18.40 47.02
C ASN E 205 20.16 19.33 46.27
N PRO E 206 21.40 18.89 46.07
CA PRO E 206 22.34 19.69 45.27
C PRO E 206 21.84 19.82 43.84
N ASP E 207 22.21 20.93 43.20
CA ASP E 207 21.81 21.18 41.83
C ASP E 207 22.39 20.15 40.88
N SER E 208 21.56 19.20 40.43
CA SER E 208 22.01 18.19 39.48
C SER E 208 22.39 18.78 38.12
N ASN E 209 22.03 20.04 37.87
CA ASN E 209 22.47 20.75 36.67
C ASN E 209 23.83 21.39 36.84
N ASP E 210 24.45 21.28 38.02
CA ASP E 210 25.76 21.86 38.27
C ASP E 210 26.82 20.78 38.14
N PRO E 211 27.61 20.76 37.07
CA PRO E 211 28.62 19.70 36.92
C PRO E 211 29.66 19.71 38.02
N LYS E 212 30.15 20.89 38.40
CA LYS E 212 31.15 20.96 39.47
C LYS E 212 30.59 20.42 40.79
N ALA E 213 29.32 20.71 41.08
CA ALA E 213 28.70 20.20 42.29
C ALA E 213 28.49 18.69 42.21
N MET E 214 28.13 18.19 41.03
CA MET E 214 27.91 16.75 40.88
C MET E 214 29.23 15.99 40.87
N GLN E 215 30.27 16.59 40.28
CA GLN E 215 31.59 15.96 40.32
C GLN E 215 32.17 15.96 41.73
N GLN E 216 31.73 16.90 42.58
CA GLN E 216 32.23 16.97 43.94
C GLN E 216 31.49 16.02 44.86
N ILE E 217 30.17 15.94 44.73
CA ILE E 217 29.33 15.24 45.69
C ILE E 217 29.05 13.80 45.26
N VAL E 218 28.72 13.59 44.00
CA VAL E 218 28.17 12.31 43.53
C VAL E 218 29.24 11.43 42.89
N TRP E 219 29.97 11.97 41.92
CA TRP E 219 30.83 11.15 41.06
C TRP E 219 32.24 11.02 41.61
N VAL E 220 32.79 9.81 41.49
CA VAL E 220 34.19 9.58 41.85
C VAL E 220 35.08 10.24 40.81
N GLN E 221 36.00 11.08 41.26
CA GLN E 221 36.75 11.83 40.27
C GLN E 221 38.01 11.08 39.85
N PRO E 222 38.39 11.18 38.59
CA PRO E 222 39.68 10.61 38.16
C PRO E 222 40.82 11.25 38.92
N GLY E 223 41.65 10.41 39.53
CA GLY E 223 42.75 10.89 40.33
C GLY E 223 42.37 11.12 41.78
N SER E 224 41.52 10.25 42.31
CA SER E 224 41.18 10.28 43.72
C SER E 224 41.91 9.14 44.42
N ASP E 225 41.69 9.00 45.72
CA ASP E 225 42.25 7.88 46.47
C ASP E 225 41.52 6.58 46.21
N GLU E 226 40.56 6.58 45.29
CA GLU E 226 39.84 5.39 44.85
C GLU E 226 40.61 4.72 43.71
N PRO E 227 40.38 3.42 43.49
CA PRO E 227 41.06 2.74 42.38
C PRO E 227 40.76 3.40 41.04
N ALA E 228 41.71 3.26 40.11
CA ALA E 228 41.63 3.99 38.85
C ALA E 228 40.43 3.55 38.03
N TRP E 229 40.09 2.26 38.05
CA TRP E 229 38.93 1.78 37.30
C TRP E 229 37.64 2.42 37.77
N ALA E 230 37.59 2.84 39.03
CA ALA E 230 36.34 3.26 39.66
C ALA E 230 35.96 4.70 39.36
N ALA E 231 36.72 5.40 38.52
CA ALA E 231 36.40 6.78 38.18
C ALA E 231 35.03 6.86 37.50
N HIS E 232 34.32 7.95 37.78
CA HIS E 232 32.99 8.25 37.24
C HIS E 232 31.91 7.33 37.80
N GLY E 233 32.22 6.52 38.81
CA GLY E 233 31.23 5.76 39.52
C GLY E 233 30.66 6.55 40.69
N SER E 234 29.91 5.84 41.54
CA SER E 234 29.32 6.47 42.71
C SER E 234 28.93 5.39 43.71
N TYR E 235 28.96 5.77 44.99
CA TYR E 235 28.48 4.88 46.04
C TYR E 235 26.96 4.98 46.15
N GLN E 236 26.30 3.84 46.22
CA GLN E 236 24.84 3.78 46.28
C GLN E 236 24.43 3.23 47.64
N ALA E 237 23.67 4.04 48.39
CA ALA E 237 23.15 3.65 49.69
C ALA E 237 21.65 3.42 49.55
N VAL E 238 21.21 2.21 49.88
CA VAL E 238 19.80 1.83 49.81
C VAL E 238 19.31 1.56 51.23
N ARG E 239 18.15 2.11 51.56
CA ARG E 239 17.56 1.95 52.88
C ARG E 239 16.06 1.75 52.74
N ILE E 240 15.55 0.64 53.27
CA ILE E 240 14.11 0.36 53.28
C ILE E 240 13.62 0.78 54.66
N ILE E 241 13.01 1.96 54.73
CA ILE E 241 12.63 2.59 55.99
C ILE E 241 11.12 2.51 56.13
N ARG E 242 10.66 1.78 57.15
CA ARG E 242 9.23 1.66 57.42
C ARG E 242 8.71 2.90 58.10
N ASN E 243 7.53 3.36 57.67
CA ASN E 243 6.85 4.49 58.28
C ASN E 243 5.65 3.99 59.07
N PHE E 244 5.51 4.49 60.30
CA PHE E 244 4.33 4.20 61.12
C PHE E 244 3.32 5.30 60.84
N VAL E 245 2.52 5.08 59.79
CA VAL E 245 1.68 6.15 59.25
C VAL E 245 0.48 6.45 60.13
N GLU E 246 -0.03 5.46 60.86
CA GLU E 246 -1.16 5.72 61.75
C GLU E 246 -0.77 6.61 62.91
N ARG E 247 0.42 6.37 63.48
CA ARG E 247 0.90 7.23 64.57
C ARG E 247 1.29 8.60 64.05
N TRP E 248 1.84 8.65 62.84
CA TRP E 248 2.23 9.94 62.25
C TRP E 248 1.01 10.80 61.93
N ASP E 249 -0.06 10.18 61.42
CA ASP E 249 -1.27 10.91 61.11
C ASP E 249 -2.04 11.34 62.36
N ARG E 250 -1.70 10.77 63.52
CA ARG E 250 -2.23 11.23 64.80
C ARG E 250 -1.36 12.29 65.45
N THR E 251 -0.21 12.60 64.85
CA THR E 251 0.71 13.56 65.44
C THR E 251 0.29 14.98 65.07
N PRO E 252 0.28 15.91 66.02
CA PRO E 252 -0.06 17.31 65.69
C PRO E 252 0.85 17.87 64.60
N LEU E 253 0.28 18.78 63.82
CA LEU E 253 1.02 19.36 62.71
C LEU E 253 2.24 20.12 63.18
N GLN E 254 2.14 20.79 64.34
CA GLN E 254 3.29 21.52 64.87
C GLN E 254 4.44 20.58 65.20
N GLU E 255 4.13 19.34 65.62
CA GLU E 255 5.19 18.38 65.90
C GLU E 255 5.71 17.73 64.63
N GLN E 256 4.84 17.51 63.65
CA GLN E 256 5.29 16.97 62.36
C GLN E 256 6.32 17.90 61.72
N GLU E 257 6.06 19.21 61.77
CA GLU E 257 6.99 20.17 61.17
C GLU E 257 8.21 20.40 62.05
N SER E 258 8.02 20.46 63.37
CA SER E 258 9.15 20.64 64.28
C SER E 258 10.14 19.48 64.18
N ILE E 259 9.65 18.27 63.86
CA ILE E 259 10.54 17.13 63.73
C ILE E 259 11.29 17.19 62.40
N ILE E 260 10.59 17.49 61.32
CA ILE E 260 11.23 17.53 60.00
C ILE E 260 12.08 18.78 59.87
N GLY E 261 11.58 19.92 60.31
CA GLY E 261 12.27 21.19 60.16
C GLY E 261 11.78 22.03 59.01
N ARG E 262 10.66 21.68 58.39
CA ARG E 262 10.11 22.43 57.27
C ARG E 262 8.59 22.49 57.41
N ILE E 263 8.00 23.46 56.71
CA ILE E 263 6.54 23.60 56.71
C ILE E 263 5.96 22.55 55.76
N LYS E 264 4.88 21.89 56.21
CA LYS E 264 4.33 20.79 55.43
C LYS E 264 3.64 21.29 54.16
N THR E 265 2.80 22.31 54.29
CA THR E 265 2.00 22.74 53.15
C THR E 265 2.84 23.44 52.09
N SER E 266 3.92 24.10 52.48
CA SER E 266 4.72 24.88 51.55
C SER E 266 6.11 24.32 51.28
N GLY E 267 6.59 23.37 52.09
CA GLY E 267 7.96 22.94 51.98
C GLY E 267 8.99 24.00 52.31
N ALA E 268 8.55 25.13 52.88
CA ALA E 268 9.43 26.25 53.17
C ALA E 268 10.19 26.04 54.48
N PRO E 269 11.38 26.63 54.61
CA PRO E 269 12.10 26.56 55.89
C PRO E 269 11.32 27.25 57.00
N MET E 270 11.74 26.97 58.23
CA MET E 270 11.06 27.54 59.39
C MET E 270 11.18 29.05 59.47
N ASP E 271 12.06 29.67 58.68
CA ASP E 271 12.20 31.11 58.64
C ASP E 271 11.93 31.70 57.25
N GLY E 272 11.34 30.91 56.35
CA GLY E 272 11.09 31.38 55.00
C GLY E 272 9.67 31.18 54.53
N GLN E 273 9.43 31.39 53.24
CA GLN E 273 8.10 31.27 52.67
C GLN E 273 8.04 30.42 51.40
N LYS E 274 9.17 30.13 50.76
CA LYS E 274 9.19 29.34 49.53
C LYS E 274 9.99 28.06 49.76
N GLU E 275 9.66 27.03 48.97
CA GLU E 275 10.31 25.74 49.12
C GLU E 275 11.79 25.82 48.79
N SER E 276 12.15 26.64 47.79
CA SER E 276 13.54 26.74 47.37
C SER E 276 14.41 27.45 48.40
N GLN E 277 13.81 28.17 49.35
CA GLN E 277 14.59 28.87 50.36
C GLN E 277 15.24 27.89 51.33
N VAL E 278 16.32 28.34 51.94
CA VAL E 278 17.09 27.52 52.89
C VAL E 278 17.12 28.23 54.23
N PRO E 279 17.27 27.51 55.34
CA PRO E 279 17.31 28.18 56.64
C PRO E 279 18.63 28.86 56.92
N ASP E 280 18.57 29.91 57.73
CA ASP E 280 19.74 30.67 58.15
C ASP E 280 20.05 30.27 59.59
N TYR E 281 20.79 29.18 59.75
CA TYR E 281 21.16 28.72 61.09
C TYR E 281 22.16 29.65 61.78
N ALA E 282 22.72 30.63 61.07
CA ALA E 282 23.56 31.62 61.72
C ALA E 282 22.73 32.54 62.61
N ARG E 283 21.59 33.00 62.11
CA ARG E 283 20.62 33.73 62.93
C ARG E 283 19.83 32.81 63.85
N ASP E 284 20.15 31.51 63.86
CA ASP E 284 19.45 30.54 64.70
C ASP E 284 20.44 29.53 65.26
N PRO E 285 21.46 30.00 65.99
CA PRO E 285 22.49 29.06 66.45
C PRO E 285 22.05 28.16 67.60
N HIS E 286 20.82 28.34 68.11
CA HIS E 286 20.36 27.55 69.25
C HIS E 286 19.04 26.85 69.00
N GLY E 287 18.45 26.98 67.82
CA GLY E 287 17.30 26.17 67.46
C GLY E 287 15.99 26.60 68.08
N LYS E 288 15.76 27.90 68.22
CA LYS E 288 14.44 28.37 68.62
C LYS E 288 13.47 28.41 67.45
N VAL E 289 13.98 28.39 66.22
CA VAL E 289 13.16 28.38 65.02
C VAL E 289 13.19 27.01 64.35
N THR E 290 14.40 26.49 64.09
CA THR E 290 14.59 25.13 63.60
C THR E 290 15.32 24.36 64.70
N LYS E 291 14.61 23.45 65.36
CA LYS E 291 15.13 22.81 66.56
C LYS E 291 16.45 22.07 66.27
N LEU E 292 17.22 21.86 67.33
CA LEU E 292 18.55 21.26 67.17
C LEU E 292 18.47 19.84 66.65
N ASP E 293 17.40 19.11 66.96
CA ASP E 293 17.23 17.74 66.51
C ASP E 293 16.27 17.63 65.33
N ALA E 294 15.99 18.75 64.65
CA ALA E 294 15.20 18.69 63.44
C ALA E 294 15.92 17.85 62.39
N HIS E 295 15.13 17.25 61.48
CA HIS E 295 15.70 16.32 60.53
C HIS E 295 16.67 17.01 59.57
N ILE E 296 16.27 18.15 59.02
CA ILE E 296 17.12 18.82 58.04
C ILE E 296 18.33 19.48 58.69
N ARG E 297 18.20 19.88 59.96
CA ARG E 297 19.33 20.51 60.64
C ARG E 297 20.35 19.49 61.14
N LEU E 298 19.90 18.27 61.45
CA LEU E 298 20.83 17.20 61.77
C LEU E 298 21.48 16.61 60.53
N ALA E 299 20.79 16.68 59.39
CA ALA E 299 21.33 16.14 58.16
C ALA E 299 22.26 17.11 57.46
N ASN E 300 21.98 18.41 57.54
CA ASN E 300 22.84 19.46 56.98
C ASN E 300 22.98 20.56 58.02
N PRO E 301 24.02 20.51 58.83
CA PRO E 301 24.28 21.63 59.77
C PRO E 301 24.57 22.94 59.08
N ARG E 302 24.79 22.93 57.77
CA ARG E 302 25.07 24.13 56.98
C ARG E 302 26.32 24.86 57.46
N THR E 303 27.27 24.11 57.99
CA THR E 303 28.60 24.63 58.27
C THR E 303 29.49 24.47 57.05
N ALA E 304 30.64 25.13 57.08
CA ALA E 304 31.61 24.96 56.00
C ALA E 304 32.14 23.54 55.97
N GLN E 305 32.20 22.87 57.11
CA GLN E 305 32.62 21.46 57.13
C GLN E 305 31.50 20.55 56.63
N SER E 306 30.25 20.89 56.96
CA SER E 306 29.12 20.04 56.59
C SER E 306 28.96 19.91 55.08
N GLN E 307 29.53 20.84 54.30
CA GLN E 307 29.43 20.76 52.85
C GLN E 307 30.12 19.51 52.30
N GLN E 308 31.02 18.90 53.06
CA GLN E 308 31.68 17.67 52.66
C GLN E 308 30.85 16.43 52.94
N ASN E 309 29.64 16.59 53.49
CA ASN E 309 28.75 15.47 53.77
C ASN E 309 27.45 15.55 52.96
N LEU E 310 27.43 16.38 51.92
CA LEU E 310 26.24 16.48 51.09
C LEU E 310 26.03 15.21 50.28
N ILE E 311 24.76 14.90 50.00
CA ILE E 311 24.37 13.69 49.29
C ILE E 311 23.30 14.05 48.26
N LEU E 312 23.15 13.17 47.27
CA LEU E 312 22.11 13.30 46.25
C LEU E 312 21.05 12.24 46.52
N ARG E 313 19.90 12.67 47.04
CA ARG E 313 18.84 11.76 47.42
C ARG E 313 17.92 11.49 46.24
N ARG E 314 17.50 10.23 46.10
CA ARG E 314 16.67 9.79 44.99
C ARG E 314 15.72 8.68 45.43
N PRO E 315 14.82 8.93 46.39
CA PRO E 315 14.02 7.86 46.95
C PRO E 315 12.70 7.64 46.21
N PHE E 316 12.01 6.59 46.62
CA PHE E 316 10.66 6.29 46.15
C PHE E 316 9.79 5.92 47.35
N ASN E 317 8.52 6.28 47.28
CA ASN E 317 7.56 5.86 48.30
C ASN E 317 7.10 4.44 47.99
N TYR E 318 7.23 3.55 48.98
CA TYR E 318 6.84 2.16 48.81
C TYR E 318 5.66 1.84 49.74
N SER E 319 4.87 0.85 49.33
CA SER E 319 3.73 0.40 50.12
C SER E 319 3.57 -1.10 49.90
N ASN E 320 3.78 -1.88 50.96
CA ASN E 320 3.66 -3.33 50.86
C ASN E 320 2.30 -3.81 51.36
N GLY E 321 2.29 -4.59 52.44
CA GLY E 321 1.05 -5.13 52.94
C GLY E 321 0.62 -4.55 54.28
N VAL E 322 0.24 -5.42 55.20
CA VAL E 322 -0.20 -5.01 56.54
C VAL E 322 0.29 -6.03 57.55
N ASN E 323 0.76 -5.54 58.69
CA ASN E 323 1.31 -6.40 59.73
C ASN E 323 0.17 -7.13 60.43
N LYS E 324 0.51 -7.84 61.52
CA LYS E 324 -0.52 -8.55 62.29
C LYS E 324 -1.47 -7.57 62.96
N ASN E 325 -0.96 -6.41 63.40
CA ASN E 325 -1.77 -5.42 64.09
C ASN E 325 -2.67 -4.60 63.16
N GLY E 326 -2.67 -4.90 61.87
CA GLY E 326 -3.46 -4.14 60.92
C GLY E 326 -2.92 -2.78 60.57
N GLN E 327 -1.66 -2.50 60.89
CA GLN E 327 -1.05 -1.23 60.51
C GLN E 327 -0.61 -1.28 59.06
N LEU E 328 -0.77 -0.17 58.36
CA LEU E 328 -0.42 -0.11 56.94
C LEU E 328 1.09 -0.06 56.79
N ASP E 329 1.65 -1.05 56.09
CA ASP E 329 3.09 -1.19 55.94
C ASP E 329 3.55 -0.43 54.70
N MET E 330 3.68 0.89 54.86
CA MET E 330 4.24 1.75 53.84
C MET E 330 5.34 2.60 54.46
N GLY E 331 6.29 2.99 53.64
CA GLY E 331 7.40 3.79 54.10
C GLY E 331 8.15 4.44 52.96
N LEU E 332 9.47 4.55 53.14
CA LEU E 332 10.33 5.21 52.16
C LEU E 332 11.40 4.24 51.70
N LEU E 333 11.48 4.03 50.39
CA LEU E 333 12.61 3.30 49.79
C LEU E 333 13.71 4.33 49.56
N PHE E 334 14.59 4.46 50.55
CA PHE E 334 15.61 5.51 50.52
C PHE E 334 16.79 5.07 49.66
N ILE E 335 17.09 5.88 48.65
CA ILE E 335 18.27 5.69 47.80
C ILE E 335 18.98 7.03 47.69
N CYS E 336 20.29 7.04 47.93
CA CYS E 336 21.09 8.24 47.76
C CYS E 336 22.45 7.87 47.20
N TYR E 337 23.05 8.80 46.47
CA TYR E 337 24.33 8.60 45.81
C TYR E 337 25.35 9.62 46.29
N GLN E 338 26.61 9.20 46.33
CA GLN E 338 27.68 10.06 46.82
C GLN E 338 29.02 9.49 46.35
N ALA E 339 29.99 10.38 46.19
CA ALA E 339 31.33 9.95 45.82
C ALA E 339 32.07 9.28 46.96
N ASP E 340 31.67 9.54 48.20
CA ASP E 340 32.29 8.95 49.38
C ASP E 340 31.19 8.46 50.30
N LEU E 341 31.12 7.15 50.51
CA LEU E 341 30.06 6.59 51.35
C LEU E 341 30.22 6.98 52.80
N GLU E 342 31.45 6.89 53.33
CA GLU E 342 31.68 7.25 54.73
C GLU E 342 31.46 8.73 54.97
N LYS E 343 32.01 9.57 54.09
CA LYS E 343 31.79 11.01 54.22
C LYS E 343 30.37 11.42 53.84
N GLY E 344 29.67 10.60 53.06
CA GLY E 344 28.33 10.94 52.63
C GLY E 344 27.23 10.36 53.49
N PHE E 345 26.71 9.19 53.11
CA PHE E 345 25.54 8.63 53.79
C PHE E 345 25.84 8.30 55.25
N ILE E 346 26.94 7.59 55.50
CA ILE E 346 27.23 7.11 56.85
C ILE E 346 27.42 8.29 57.80
N ALA E 347 28.06 9.36 57.32
CA ALA E 347 28.26 10.53 58.17
C ALA E 347 26.93 11.21 58.51
N VAL E 348 26.00 11.24 57.55
CA VAL E 348 24.71 11.86 57.81
C VAL E 348 23.87 11.02 58.76
N GLN E 349 23.82 9.70 58.51
CA GLN E 349 23.01 8.83 59.36
C GLN E 349 23.52 8.81 60.80
N THR E 350 24.84 8.86 60.98
CA THR E 350 25.39 8.94 62.34
C THR E 350 25.03 10.26 63.01
N ARG E 351 24.93 11.34 62.23
CA ARG E 351 24.45 12.61 62.79
C ARG E 351 22.97 12.53 63.12
N LEU E 352 22.19 11.79 62.34
CA LEU E 352 20.75 11.67 62.53
C LEU E 352 20.36 10.69 63.62
N ASN E 353 21.33 10.00 64.22
CA ASN E 353 21.00 8.97 65.21
C ASN E 353 20.35 9.59 66.43
N GLY E 354 19.19 9.04 66.82
CA GLY E 354 18.45 9.52 67.96
C GLY E 354 17.52 10.68 67.70
N GLU E 355 17.27 11.01 66.44
CA GLU E 355 16.39 12.13 66.13
C GLU E 355 14.94 11.78 66.47
N PRO E 356 14.11 12.79 66.75
CA PRO E 356 12.70 12.51 67.07
C PRO E 356 11.95 11.83 65.94
N LEU E 357 12.44 11.91 64.70
CA LEU E 357 11.77 11.23 63.60
C LEU E 357 11.85 9.71 63.73
N GLU E 358 12.84 9.19 64.45
CA GLU E 358 12.96 7.76 64.64
C GLU E 358 11.74 7.15 65.32
N GLU E 359 10.96 7.96 66.03
CA GLU E 359 9.70 7.50 66.62
C GLU E 359 8.75 6.95 65.57
N TYR E 360 8.94 7.33 64.30
CA TYR E 360 8.05 6.92 63.22
C TYR E 360 8.75 6.16 62.11
N LEU E 361 10.04 5.87 62.26
CA LEU E 361 10.82 5.15 61.26
C LEU E 361 11.28 3.81 61.81
N LYS E 362 11.58 2.90 60.88
CA LYS E 362 12.15 1.61 61.24
C LYS E 362 12.82 0.98 60.01
N PRO E 363 14.11 1.21 59.81
CA PRO E 363 14.82 0.57 58.68
C PRO E 363 14.88 -0.94 58.87
N THR E 364 14.38 -1.67 57.88
CA THR E 364 14.34 -3.13 57.93
C THR E 364 15.23 -3.79 56.88
N GLY E 365 15.73 -3.03 55.91
CA GLY E 365 16.55 -3.60 54.87
C GLY E 365 17.33 -2.52 54.15
N GLY E 366 18.07 -2.96 53.13
CA GLY E 366 18.90 -2.10 52.32
C GLY E 366 20.29 -2.68 52.16
N GLY E 367 21.21 -1.86 51.69
CA GLY E 367 22.58 -2.30 51.51
C GLY E 367 23.43 -1.20 50.93
N TYR E 368 24.72 -1.50 50.82
CA TYR E 368 25.70 -0.60 50.24
C TYR E 368 26.21 -1.19 48.94
N PHE E 369 26.18 -0.38 47.88
CA PHE E 369 26.68 -0.79 46.58
C PHE E 369 27.45 0.36 45.96
N PHE E 370 28.38 0.02 45.07
CA PHE E 370 29.14 1.02 44.31
C PHE E 370 28.62 0.99 42.88
N THR E 371 28.01 2.10 42.45
CA THR E 371 27.51 2.21 41.09
C THR E 371 28.69 2.24 40.13
N LEU E 372 28.73 1.26 39.22
CA LEU E 372 29.83 1.13 38.30
C LEU E 372 29.92 2.36 37.38
N PRO E 373 31.10 2.65 36.84
CA PRO E 373 31.22 3.74 35.87
C PRO E 373 30.37 3.46 34.63
N GLY E 374 30.04 4.54 33.92
CA GLY E 374 29.17 4.41 32.78
C GLY E 374 29.82 3.69 31.61
N VAL E 375 28.97 3.18 30.72
CA VAL E 375 29.42 2.56 29.48
C VAL E 375 29.63 3.67 28.46
N THR E 376 30.89 3.89 28.08
CA THR E 376 31.23 5.05 27.25
C THR E 376 30.73 4.93 25.82
N GLY E 377 30.45 3.73 25.34
CA GLY E 377 29.97 3.56 23.99
C GLY E 377 29.85 2.10 23.62
N GLU E 378 29.64 1.86 22.33
CA GLU E 378 29.46 0.50 21.82
C GLU E 378 30.67 -0.36 22.11
N GLU E 379 31.88 0.23 22.15
CA GLU E 379 33.07 -0.54 22.43
C GLU E 379 33.06 -1.04 23.88
N ASP E 380 32.58 -0.22 24.80
CA ASP E 380 32.58 -0.53 26.22
C ASP E 380 31.42 -1.47 26.56
N PHE E 381 31.48 -2.03 27.77
CA PHE E 381 30.35 -2.74 28.35
C PHE E 381 30.42 -2.60 29.86
N ILE E 382 29.28 -2.79 30.51
CA ILE E 382 29.17 -2.52 31.94
C ILE E 382 30.10 -3.45 32.72
N GLY E 383 30.91 -2.86 33.59
CA GLY E 383 31.86 -3.62 34.39
C GLY E 383 33.15 -3.98 33.71
N ARG E 384 33.43 -3.42 32.52
CA ARG E 384 34.65 -3.78 31.81
C ARG E 384 35.89 -3.20 32.48
N SER E 385 35.83 -1.92 32.88
CA SER E 385 36.97 -1.32 33.57
C SER E 385 37.33 -2.09 34.83
N LEU E 386 36.33 -2.67 35.51
CA LEU E 386 36.60 -3.50 36.67
C LEU E 386 37.36 -4.77 36.27
N LEU E 387 36.89 -5.44 35.22
CA LEU E 387 37.54 -6.67 34.78
C LEU E 387 38.94 -6.40 34.24
N ASP E 388 39.12 -5.29 33.52
CA ASP E 388 40.41 -5.01 32.92
C ASP E 388 41.46 -4.69 33.97
N ALA E 389 41.11 -3.86 34.95
CA ALA E 389 42.05 -3.48 36.00
C ALA E 389 42.38 -4.64 36.94
N THR E 390 41.65 -5.74 36.88
CA THR E 390 41.87 -6.88 37.75
C THR E 390 42.24 -8.14 36.98
N ARG E 391 42.65 -8.02 35.71
CA ARG E 391 42.93 -9.28 35.05
C ARG E 391 44.38 -9.70 35.30
N PRO E 392 44.62 -11.02 35.44
CA PRO E 392 45.97 -11.53 35.71
C PRO E 392 46.76 -11.80 34.43
N ALA F 2 -49.42 65.19 -6.23
CA ALA F 2 -48.53 65.23 -7.37
C ALA F 2 -48.69 63.97 -8.22
N PRO F 3 -48.57 64.11 -9.55
CA PRO F 3 -48.68 62.94 -10.43
C PRO F 3 -47.57 61.92 -10.25
N ALA F 4 -47.26 61.59 -9.00
CA ALA F 4 -46.23 60.60 -8.68
C ALA F 4 -46.80 59.68 -7.59
N GLN F 5 -47.00 58.42 -7.94
CA GLN F 5 -47.55 57.46 -6.98
C GLN F 5 -46.50 57.12 -5.92
N VAL F 6 -46.95 56.38 -4.90
CA VAL F 6 -46.10 56.09 -3.76
C VAL F 6 -44.90 55.25 -4.19
N THR F 7 -45.15 54.12 -4.84
CA THR F 7 -44.10 53.19 -5.22
C THR F 7 -43.33 53.63 -6.46
N GLU F 8 -43.56 54.85 -6.95
CA GLU F 8 -42.76 55.37 -8.05
C GLU F 8 -41.31 55.48 -7.64
N ALA F 9 -40.41 54.98 -8.48
CA ALA F 9 -39.00 54.96 -8.14
C ALA F 9 -38.48 56.38 -7.97
N PRO F 10 -37.56 56.62 -7.04
CA PRO F 10 -36.98 57.96 -6.89
C PRO F 10 -36.23 58.37 -8.14
N SER F 11 -36.03 59.69 -8.27
CA SER F 11 -35.39 60.26 -9.44
C SER F 11 -33.96 60.66 -9.09
N SER F 12 -32.99 60.05 -9.77
CA SER F 12 -31.60 60.42 -9.65
C SER F 12 -31.03 60.69 -11.04
N ASP F 13 -30.32 61.79 -11.18
CA ASP F 13 -29.60 62.12 -12.41
C ASP F 13 -28.13 61.72 -12.34
N LYS F 14 -27.81 60.71 -11.54
CA LYS F 14 -26.44 60.26 -11.34
C LYS F 14 -26.22 58.83 -11.86
N THR F 15 -27.15 58.31 -12.67
CA THR F 15 -27.03 56.93 -13.12
C THR F 15 -25.91 56.76 -14.14
N GLN F 16 -25.61 57.80 -14.91
CA GLN F 16 -24.57 57.73 -15.93
C GLN F 16 -23.18 58.05 -15.39
N ASP F 17 -23.05 58.25 -14.08
CA ASP F 17 -21.72 58.39 -13.48
C ASP F 17 -20.94 57.10 -13.67
N ARG F 18 -19.67 57.24 -14.05
CA ARG F 18 -18.85 56.07 -14.35
C ARG F 18 -17.39 56.41 -14.12
N HIS F 19 -16.58 55.36 -14.04
CA HIS F 19 -15.13 55.49 -13.89
C HIS F 19 -14.44 54.51 -14.81
N ASP F 20 -13.15 54.75 -15.04
CA ASP F 20 -12.35 53.85 -15.88
C ASP F 20 -12.05 52.57 -15.13
N PHE F 21 -12.43 51.43 -15.72
CA PHE F 21 -12.01 50.15 -15.15
C PHE F 21 -10.54 49.88 -15.44
N HIS F 22 -10.05 50.35 -16.59
CA HIS F 22 -8.66 50.16 -16.96
C HIS F 22 -7.79 51.29 -16.42
N GLY F 23 -6.52 50.97 -16.20
CA GLY F 23 -5.56 51.93 -15.70
C GLY F 23 -4.41 51.23 -15.02
N GLN F 24 -3.34 52.01 -14.80
CA GLN F 24 -2.19 51.48 -14.08
C GLN F 24 -2.58 51.02 -12.68
N HIS F 25 -3.49 51.76 -12.04
CA HIS F 25 -4.06 51.38 -10.75
C HIS F 25 -5.50 50.90 -10.95
N GLN F 26 -5.93 50.02 -10.06
CA GLN F 26 -7.34 49.69 -10.00
C GLN F 26 -8.14 50.86 -9.46
N SER F 27 -9.42 50.91 -9.82
CA SER F 27 -10.29 51.96 -9.32
C SER F 27 -10.72 51.66 -7.89
N GLY F 28 -11.27 52.68 -7.22
CA GLY F 28 -11.79 52.51 -5.89
C GLY F 28 -10.79 52.72 -4.77
N ILE F 29 -9.63 53.31 -5.05
CA ILE F 29 -8.65 53.60 -4.01
C ILE F 29 -8.44 55.10 -3.95
N VAL F 30 -7.77 55.67 -4.96
CA VAL F 30 -7.67 57.12 -5.10
C VAL F 30 -8.91 57.71 -5.78
N THR F 31 -9.84 56.86 -6.21
CA THR F 31 -11.10 57.35 -6.75
C THR F 31 -11.85 58.10 -5.67
N PRO F 32 -12.52 59.21 -6.01
CA PRO F 32 -13.42 59.85 -5.04
C PRO F 32 -14.43 58.86 -4.50
N ARG F 33 -14.57 58.83 -3.18
CA ARG F 33 -15.44 57.86 -2.53
C ARG F 33 -16.90 58.25 -2.72
N PRO F 34 -17.72 57.41 -3.34
CA PRO F 34 -19.15 57.75 -3.49
C PRO F 34 -19.93 57.50 -2.22
N ALA F 35 -21.27 57.54 -2.31
CA ALA F 35 -22.10 57.49 -1.12
C ALA F 35 -22.19 56.09 -0.54
N ALA F 36 -22.30 55.06 -1.37
CA ALA F 36 -22.57 53.70 -0.94
C ALA F 36 -21.37 52.80 -1.19
N GLY F 37 -20.98 52.04 -0.17
CA GLY F 37 -19.87 51.13 -0.29
C GLY F 37 -20.18 49.79 0.34
N MET F 38 -19.56 48.75 -0.22
CA MET F 38 -19.76 47.39 0.27
C MET F 38 -18.46 46.61 0.10
N LEU F 39 -18.11 45.82 1.11
CA LEU F 39 -16.91 44.98 1.08
C LEU F 39 -17.33 43.55 1.34
N VAL F 40 -17.04 42.66 0.39
CA VAL F 40 -17.42 41.25 0.48
C VAL F 40 -16.16 40.41 0.45
N SER F 41 -16.07 39.45 1.37
CA SER F 41 -14.97 38.50 1.42
C SER F 41 -15.44 37.16 0.87
N PHE F 42 -14.68 36.63 -0.09
CA PHE F 42 -15.00 35.36 -0.72
C PHE F 42 -13.96 34.31 -0.37
N ASP F 43 -14.39 33.05 -0.45
CA ASP F 43 -13.48 31.92 -0.46
C ASP F 43 -13.40 31.39 -1.89
N VAL F 44 -12.18 31.07 -2.34
CA VAL F 44 -11.95 30.62 -3.70
C VAL F 44 -12.09 29.10 -3.74
N LEU F 45 -12.96 28.61 -4.59
CA LEU F 45 -13.23 27.18 -4.74
C LEU F 45 -12.48 26.55 -5.91
N ALA F 46 -11.49 27.25 -6.47
CA ALA F 46 -10.76 26.72 -7.61
C ALA F 46 -9.92 25.51 -7.19
N SER F 47 -9.97 24.47 -8.02
CA SER F 47 -9.22 23.25 -7.73
C SER F 47 -7.77 23.36 -8.21
N ASP F 48 -7.57 23.85 -9.43
CA ASP F 48 -6.24 24.01 -9.99
C ASP F 48 -6.04 25.44 -10.50
N ARG F 49 -4.93 25.68 -11.20
CA ARG F 49 -4.65 27.01 -11.72
C ARG F 49 -5.50 27.35 -12.93
N ASP F 50 -6.05 26.35 -13.62
CA ASP F 50 -6.97 26.62 -14.72
C ASP F 50 -8.28 27.19 -14.21
N ASP F 51 -8.81 26.63 -13.12
CA ASP F 51 -10.02 27.17 -12.52
C ASP F 51 -9.79 28.57 -11.98
N LEU F 52 -8.62 28.81 -11.39
CA LEU F 52 -8.30 30.14 -10.86
C LEU F 52 -8.18 31.15 -11.98
N GLU F 53 -7.63 30.74 -13.13
CA GLU F 53 -7.54 31.65 -14.28
C GLU F 53 -8.92 31.96 -14.84
N ARG F 54 -9.82 30.99 -14.85
CA ARG F 54 -11.19 31.26 -15.27
C ARG F 54 -11.89 32.18 -14.29
N LEU F 55 -11.59 32.04 -13.00
CA LEU F 55 -12.18 32.93 -12.00
C LEU F 55 -11.70 34.37 -12.21
N PHE F 56 -10.40 34.55 -12.40
CA PHE F 56 -9.86 35.89 -12.63
C PHE F 56 -10.38 36.47 -13.94
N ARG F 57 -10.46 35.64 -14.98
CA ARG F 57 -10.96 36.11 -16.27
C ARG F 57 -12.43 36.49 -16.19
N THR F 58 -13.25 35.66 -15.55
CA THR F 58 -14.66 35.99 -15.39
C THR F 58 -14.84 37.23 -14.54
N LEU F 59 -14.11 37.32 -13.43
CA LEU F 59 -14.16 38.51 -12.59
C LEU F 59 -13.83 39.76 -13.38
N ASP F 60 -12.78 39.69 -14.20
CA ASP F 60 -12.35 40.86 -14.98
C ASP F 60 -13.42 41.27 -15.97
N GLN F 61 -14.00 40.31 -16.70
CA GLN F 61 -14.97 40.64 -17.73
C GLN F 61 -16.26 41.19 -17.11
N ARG F 62 -16.67 40.65 -15.96
CA ARG F 62 -17.91 41.10 -15.35
C ARG F 62 -17.75 42.51 -14.76
N ILE F 63 -16.64 42.77 -14.09
CA ILE F 63 -16.41 44.10 -13.52
C ILE F 63 -16.32 45.14 -14.62
N ALA F 64 -15.69 44.79 -15.74
CA ALA F 64 -15.57 45.73 -16.86
C ALA F 64 -16.94 46.12 -17.40
N PHE F 65 -17.86 45.16 -17.49
CA PHE F 65 -19.20 45.48 -17.99
C PHE F 65 -20.00 46.25 -16.94
N LEU F 66 -19.93 45.81 -15.67
CA LEU F 66 -20.72 46.46 -14.63
C LEU F 66 -20.25 47.89 -14.38
N MET F 67 -18.95 48.14 -14.52
CA MET F 67 -18.44 49.48 -14.26
C MET F 67 -18.77 50.46 -15.39
N ARG F 68 -19.14 49.96 -16.57
CA ARG F 68 -19.54 50.82 -17.67
C ARG F 68 -21.03 50.75 -17.98
N GLY F 69 -21.72 49.69 -17.57
CA GLY F 69 -23.14 49.58 -17.79
C GLY F 69 -23.47 49.32 -19.26
N GLY F 70 -24.76 49.12 -19.51
CA GLY F 70 -25.24 48.89 -20.85
C GLY F 70 -26.47 47.99 -20.89
N PRO F 71 -27.00 47.75 -22.09
CA PRO F 71 -28.20 46.92 -22.21
C PRO F 71 -27.87 45.45 -21.99
N VAL F 72 -28.81 44.74 -21.37
CA VAL F 72 -28.71 43.30 -21.17
C VAL F 72 -29.60 42.64 -22.21
N ALA F 73 -29.00 41.77 -23.03
CA ALA F 73 -29.74 41.12 -24.09
C ALA F 73 -30.75 40.14 -23.52
N GLN F 74 -31.96 40.14 -24.09
CA GLN F 74 -32.99 39.20 -23.69
C GLN F 74 -32.77 37.87 -24.39
N VAL F 75 -32.83 36.78 -23.62
CA VAL F 75 -32.54 35.46 -24.16
C VAL F 75 -33.83 34.64 -24.23
N ASP F 76 -33.70 33.37 -24.61
CA ASP F 76 -34.80 32.43 -24.66
C ASP F 76 -35.50 32.39 -23.29
N PRO F 77 -36.81 32.66 -23.23
CA PRO F 77 -37.49 32.66 -21.93
C PRO F 77 -37.44 31.32 -21.20
N LYS F 78 -37.07 30.23 -21.87
CA LYS F 78 -36.85 28.96 -21.19
C LYS F 78 -35.57 28.98 -20.37
N LEU F 79 -34.68 29.95 -20.61
CA LEU F 79 -33.43 30.16 -19.89
C LEU F 79 -33.61 31.20 -18.80
N PRO F 80 -32.86 31.08 -17.70
CA PRO F 80 -32.88 32.13 -16.70
C PRO F 80 -32.38 33.43 -17.27
N PRO F 81 -32.80 34.57 -16.71
CA PRO F 81 -32.36 35.86 -17.26
C PRO F 81 -30.85 36.02 -17.16
N LEU F 82 -30.33 36.87 -18.05
CA LEU F 82 -28.89 37.12 -18.05
C LEU F 82 -28.44 37.87 -16.81
N ASP F 83 -29.31 38.69 -16.23
CA ASP F 83 -29.01 39.40 -14.99
C ASP F 83 -30.28 39.48 -14.16
N SER F 84 -30.13 39.91 -12.91
CA SER F 84 -31.24 39.97 -11.97
C SER F 84 -32.32 40.96 -12.34
N GLY F 85 -32.04 41.88 -13.28
CA GLY F 85 -33.02 42.88 -13.65
C GLY F 85 -33.26 43.96 -12.61
N ILE F 86 -32.43 44.02 -11.56
CA ILE F 86 -32.62 45.00 -10.50
C ILE F 86 -32.58 46.42 -11.06
N LEU F 87 -31.54 46.72 -11.85
CA LEU F 87 -31.34 48.06 -12.39
C LEU F 87 -32.16 48.33 -13.64
N GLY F 88 -33.05 47.41 -14.01
CA GLY F 88 -33.86 47.57 -15.21
C GLY F 88 -33.30 46.78 -16.37
N PRO F 89 -33.88 46.96 -17.56
CA PRO F 89 -33.37 46.24 -18.75
C PRO F 89 -32.01 46.73 -19.20
N VAL F 90 -31.59 47.92 -18.80
CA VAL F 90 -30.28 48.47 -19.15
C VAL F 90 -29.53 48.76 -17.87
N VAL F 91 -28.37 48.14 -17.71
CA VAL F 91 -27.58 48.32 -16.50
C VAL F 91 -26.96 49.71 -16.49
N THR F 92 -27.14 50.43 -15.38
CA THR F 92 -26.59 51.77 -15.23
C THR F 92 -25.30 51.71 -14.42
N PRO F 93 -24.23 52.38 -14.87
CA PRO F 93 -22.99 52.35 -14.08
C PRO F 93 -23.16 52.91 -12.67
N ASP F 94 -23.71 54.13 -12.56
CA ASP F 94 -24.04 54.74 -11.26
C ASP F 94 -22.79 54.82 -10.37
N ASN F 95 -21.70 55.30 -10.96
CA ASN F 95 -20.43 55.54 -10.26
C ASN F 95 -19.80 54.27 -9.72
N LEU F 96 -20.14 53.11 -10.27
CA LEU F 96 -19.69 51.84 -9.70
C LEU F 96 -18.21 51.60 -9.97
N THR F 97 -17.48 51.23 -8.92
CA THR F 97 -16.13 50.72 -9.03
C THR F 97 -16.03 49.45 -8.21
N ILE F 98 -15.34 48.45 -8.76
CA ILE F 98 -15.12 47.17 -8.08
C ILE F 98 -13.63 46.92 -8.02
N THR F 99 -13.10 46.74 -6.81
CA THR F 99 -11.68 46.52 -6.58
C THR F 99 -11.45 45.09 -6.11
N VAL F 100 -10.50 44.41 -6.74
CA VAL F 100 -10.19 43.01 -6.44
C VAL F 100 -8.92 42.96 -5.62
N SER F 101 -8.98 42.29 -4.47
CA SER F 101 -7.82 42.10 -3.61
C SER F 101 -7.78 40.65 -3.15
N VAL F 102 -6.58 40.17 -2.86
CA VAL F 102 -6.35 38.77 -2.52
C VAL F 102 -5.70 38.69 -1.15
N GLY F 103 -6.11 37.68 -0.36
CA GLY F 103 -5.54 37.46 0.94
C GLY F 103 -4.40 36.46 0.93
N GLU F 104 -3.76 36.29 2.09
CA GLU F 104 -2.61 35.41 2.18
C GLU F 104 -3.00 33.95 1.97
N SER F 105 -4.22 33.58 2.36
CA SER F 105 -4.65 32.18 2.24
C SER F 105 -4.69 31.71 0.79
N LEU F 106 -4.75 32.64 -0.16
CA LEU F 106 -4.65 32.26 -1.57
C LEU F 106 -3.26 31.79 -1.94
N PHE F 107 -2.25 32.14 -1.15
CA PHE F 107 -0.86 31.79 -1.42
C PHE F 107 -0.43 30.51 -0.72
N ASP F 108 -1.33 29.53 -0.59
CA ASP F 108 -0.97 28.24 -0.04
C ASP F 108 -0.55 27.31 -1.19
N GLU F 109 -0.58 26.00 -0.96
CA GLU F 109 -0.17 25.03 -1.97
C GLU F 109 -1.20 24.85 -3.08
N ARG F 110 -2.32 25.58 -3.04
CA ARG F 110 -3.40 25.33 -3.99
C ARG F 110 -3.01 25.74 -5.40
N PHE F 111 -2.38 26.90 -5.56
CA PHE F 111 -2.17 27.48 -6.89
C PHE F 111 -0.70 27.81 -7.18
N GLY F 112 0.23 27.33 -6.35
CA GLY F 112 1.65 27.56 -6.61
C GLY F 112 2.07 29.01 -6.58
N LEU F 113 1.46 29.81 -5.71
CA LEU F 113 1.76 31.24 -5.61
C LEU F 113 2.58 31.57 -4.37
N GLU F 114 3.06 30.56 -3.64
CA GLU F 114 3.69 30.79 -2.34
C GLU F 114 4.89 31.73 -2.45
N ALA F 115 5.69 31.58 -3.51
CA ALA F 115 6.90 32.38 -3.64
C ALA F 115 6.61 33.84 -3.93
N ALA F 116 5.49 34.14 -4.61
CA ALA F 116 5.18 35.48 -5.07
C ALA F 116 4.25 36.24 -4.14
N LYS F 117 4.09 35.78 -2.90
CA LYS F 117 3.21 36.46 -1.98
C LYS F 117 3.82 37.81 -1.58
N PRO F 118 3.01 38.87 -1.52
CA PRO F 118 3.51 40.16 -1.02
C PRO F 118 4.13 40.00 0.37
N LYS F 119 5.25 40.69 0.57
CA LYS F 119 6.10 40.42 1.74
C LYS F 119 5.39 40.74 3.06
N ARG F 120 4.42 41.66 3.04
CA ARG F 120 3.73 42.05 4.25
C ARG F 120 2.31 41.52 4.34
N LEU F 121 1.87 40.72 3.37
CA LEU F 121 0.50 40.18 3.37
C LEU F 121 0.46 39.00 4.32
N ILE F 122 -0.09 39.23 5.52
CA ILE F 122 -0.19 38.19 6.54
C ILE F 122 -1.64 38.03 6.94
N ARG F 123 -1.91 36.98 7.70
CA ARG F 123 -3.24 36.77 8.26
C ARG F 123 -3.43 37.68 9.47
N MET F 124 -4.58 38.35 9.52
CA MET F 124 -4.83 39.34 10.57
C MET F 124 -4.98 38.65 11.92
N VAL F 125 -4.13 39.00 12.87
CA VAL F 125 -4.25 38.53 14.24
C VAL F 125 -4.90 39.62 15.08
N GLY F 126 -5.64 39.20 16.09
CA GLY F 126 -6.45 40.13 16.85
C GLY F 126 -5.61 41.11 17.65
N PHE F 127 -6.12 42.33 17.75
CA PHE F 127 -5.52 43.38 18.57
C PHE F 127 -6.12 43.36 19.96
N PRO F 128 -5.53 44.10 20.92
CA PRO F 128 -6.03 44.05 22.30
C PRO F 128 -7.54 44.27 22.45
N ASN F 129 -8.08 45.33 21.86
CA ASN F 129 -9.50 45.64 22.01
C ASN F 129 -10.40 44.85 21.05
N ASP F 130 -9.86 43.87 20.33
CA ASP F 130 -10.63 43.13 19.36
C ASP F 130 -11.56 42.12 20.03
N ALA F 131 -12.67 41.85 19.36
CA ALA F 131 -13.59 40.76 19.69
C ALA F 131 -13.96 40.01 18.41
N LEU F 132 -12.93 39.58 17.69
CA LEU F 132 -13.10 39.11 16.32
C LEU F 132 -13.86 37.79 16.27
N GLU F 133 -14.97 37.77 15.53
CA GLU F 133 -15.66 36.53 15.23
C GLU F 133 -15.00 35.89 14.02
N PRO F 134 -14.55 34.63 14.11
CA PRO F 134 -13.81 34.04 12.98
C PRO F 134 -14.61 33.95 11.70
N ALA F 135 -15.94 33.83 11.79
CA ALA F 135 -16.75 33.77 10.58
C ALA F 135 -16.78 35.09 9.83
N CYS F 136 -16.44 36.19 10.48
CA CYS F 136 -16.42 37.52 9.85
C CYS F 136 -15.00 38.01 9.61
N CYS F 137 -14.04 37.10 9.48
CA CYS F 137 -12.64 37.46 9.32
C CYS F 137 -12.02 36.68 8.17
N HIS F 138 -10.90 37.21 7.68
CA HIS F 138 -10.08 36.57 6.67
C HIS F 138 -10.83 36.34 5.36
N GLY F 139 -10.29 35.48 4.51
CA GLY F 139 -10.90 35.18 3.22
C GLY F 139 -9.86 35.08 2.12
N ASP F 140 -10.19 34.32 1.08
CA ASP F 140 -9.27 34.15 -0.05
C ASP F 140 -9.20 35.40 -0.90
N LEU F 141 -10.35 36.06 -1.12
CA LEU F 141 -10.44 37.19 -2.03
C LEU F 141 -11.47 38.16 -1.50
N SER F 142 -11.22 39.45 -1.71
CA SER F 142 -12.12 40.51 -1.29
C SER F 142 -12.53 41.34 -2.49
N LEU F 143 -13.78 41.80 -2.48
CA LEU F 143 -14.32 42.66 -3.53
C LEU F 143 -14.89 43.91 -2.86
N GLN F 144 -14.39 45.07 -3.26
CA GLN F 144 -14.88 46.34 -2.75
C GLN F 144 -15.82 46.96 -3.77
N PHE F 145 -17.11 46.99 -3.45
CA PHE F 145 -18.12 47.62 -4.28
C PHE F 145 -18.36 49.04 -3.80
N CYS F 146 -18.31 50.00 -4.71
CA CYS F 146 -18.57 51.40 -4.39
C CYS F 146 -19.38 52.02 -5.52
N SER F 147 -20.49 52.65 -5.18
CA SER F 147 -21.36 53.28 -6.17
C SER F 147 -22.20 54.35 -5.48
N ASN F 148 -23.07 54.99 -6.27
CA ASN F 148 -23.91 56.04 -5.73
C ASN F 148 -24.93 55.48 -4.74
N THR F 149 -25.62 54.41 -5.12
CA THR F 149 -26.66 53.81 -4.30
C THR F 149 -26.29 52.38 -3.92
N ALA F 150 -27.00 51.86 -2.92
CA ALA F 150 -26.72 50.52 -2.43
C ALA F 150 -27.25 49.45 -3.38
N ASP F 151 -28.40 49.70 -4.00
CA ASP F 151 -28.97 48.71 -4.92
C ASP F 151 -28.07 48.45 -6.11
N THR F 152 -27.24 49.44 -6.48
CA THR F 152 -26.26 49.22 -7.54
C THR F 152 -25.16 48.28 -7.08
N ASN F 153 -24.70 48.43 -5.84
CA ASN F 153 -23.71 47.50 -5.30
C ASN F 153 -24.27 46.08 -5.21
N ILE F 154 -25.53 45.96 -4.79
CA ILE F 154 -26.14 44.64 -4.66
C ILE F 154 -26.36 44.00 -6.03
N HIS F 155 -26.75 44.81 -7.02
CA HIS F 155 -26.89 44.27 -8.37
C HIS F 155 -25.57 43.75 -8.90
N ALA F 156 -24.47 44.46 -8.62
CA ALA F 156 -23.16 44.01 -9.07
C ALA F 156 -22.72 42.75 -8.34
N LEU F 157 -22.94 42.70 -7.02
CA LEU F 157 -22.55 41.52 -6.25
C LEU F 157 -23.36 40.30 -6.68
N ARG F 158 -24.66 40.48 -6.93
CA ARG F 158 -25.47 39.36 -7.39
C ARG F 158 -25.15 38.97 -8.82
N ASP F 159 -24.59 39.88 -9.61
CA ASP F 159 -24.12 39.52 -10.94
C ASP F 159 -22.87 38.66 -10.86
N ILE F 160 -21.94 39.01 -9.96
CA ILE F 160 -20.71 38.25 -9.81
C ILE F 160 -20.98 36.88 -9.23
N VAL F 161 -21.90 36.80 -8.28
CA VAL F 161 -22.24 35.50 -7.67
C VAL F 161 -22.95 34.61 -8.70
N LYS F 162 -23.83 35.19 -9.51
CA LYS F 162 -24.54 34.40 -10.52
C LYS F 162 -23.59 33.81 -11.54
N ASN F 163 -22.53 34.52 -11.89
CA ASN F 163 -21.60 34.08 -12.91
C ASN F 163 -20.48 33.19 -12.38
N LEU F 164 -20.32 33.10 -11.06
CA LEU F 164 -19.31 32.23 -10.45
C LEU F 164 -19.95 31.44 -9.31
N PRO F 165 -20.94 30.58 -9.61
CA PRO F 165 -21.61 29.85 -8.54
C PRO F 165 -20.83 28.66 -8.02
N ASP F 166 -19.81 28.20 -8.75
CA ASP F 166 -19.01 27.07 -8.34
C ASP F 166 -17.55 27.41 -8.06
N LEU F 167 -17.12 28.65 -8.35
CA LEU F 167 -15.75 29.06 -8.10
C LEU F 167 -15.60 30.01 -6.91
N LEU F 168 -16.68 30.67 -6.49
CA LEU F 168 -16.64 31.63 -5.40
C LEU F 168 -17.72 31.32 -4.38
N LEU F 169 -17.39 31.50 -3.11
CA LEU F 169 -18.35 31.36 -2.02
C LEU F 169 -18.22 32.55 -1.10
N VAL F 170 -19.34 33.22 -0.83
CA VAL F 170 -19.33 34.41 0.01
C VAL F 170 -19.02 34.00 1.44
N ARG F 171 -17.95 34.55 2.01
CA ARG F 171 -17.54 34.24 3.37
C ARG F 171 -18.16 35.20 4.38
N TRP F 172 -17.92 36.50 4.21
CA TRP F 172 -18.58 37.51 5.01
C TRP F 172 -18.68 38.79 4.17
N LYS F 173 -19.52 39.71 4.64
CA LYS F 173 -19.88 40.88 3.85
C LYS F 173 -20.37 41.98 4.77
N GLN F 174 -20.13 43.23 4.37
CA GLN F 174 -20.53 44.38 5.17
C GLN F 174 -20.74 45.57 4.25
N GLU F 175 -21.95 46.14 4.28
CA GLU F 175 -22.27 47.34 3.52
C GLU F 175 -22.17 48.58 4.40
N GLY F 176 -21.97 49.72 3.76
CA GLY F 176 -21.85 50.98 4.46
C GLY F 176 -22.26 52.14 3.56
N SER F 177 -22.25 53.33 4.15
CA SER F 177 -22.64 54.53 3.42
C SER F 177 -22.04 55.75 4.12
N VAL F 178 -22.03 56.87 3.39
CA VAL F 178 -21.56 58.14 3.94
C VAL F 178 -22.60 59.21 3.62
N PRO F 179 -22.81 60.19 4.51
CA PRO F 179 -23.86 61.18 4.27
C PRO F 179 -23.42 62.21 3.24
N PRO F 180 -24.16 62.35 2.14
CA PRO F 180 -23.87 63.42 1.19
C PRO F 180 -24.14 64.78 1.79
N GLN F 181 -23.48 65.79 1.24
CA GLN F 181 -23.59 67.16 1.72
C GLN F 181 -24.02 68.08 0.58
N ALA F 182 -24.57 69.23 0.95
CA ALA F 182 -24.94 70.24 -0.01
C ALA F 182 -23.70 70.82 -0.68
N PRO F 183 -23.84 71.37 -1.89
CA PRO F 183 -22.70 72.03 -2.52
C PRO F 183 -22.17 73.17 -1.65
N ALA F 184 -20.88 73.44 -1.82
CA ALA F 184 -20.20 74.39 -0.94
C ALA F 184 -20.64 75.82 -1.21
N LYS F 185 -20.83 76.58 -0.13
CA LYS F 185 -21.10 78.00 -0.20
C LYS F 185 -19.92 78.72 -0.87
N PRO F 186 -20.11 79.94 -1.39
CA PRO F 186 -19.06 80.53 -2.21
C PRO F 186 -17.85 80.93 -1.37
N GLY F 187 -16.67 80.49 -1.80
CA GLY F 187 -15.46 80.70 -1.06
C GLY F 187 -15.23 79.73 0.08
N GLU F 188 -16.14 78.80 0.30
CA GLU F 188 -16.06 77.78 1.33
C GLU F 188 -15.44 76.50 0.77
N PRO F 189 -14.56 75.85 1.53
CA PRO F 189 -13.97 74.59 1.05
C PRO F 189 -14.89 73.41 1.31
N ALA F 190 -14.80 72.41 0.43
CA ALA F 190 -15.50 71.17 0.64
C ALA F 190 -14.92 70.44 1.85
N GLN F 191 -15.76 69.66 2.52
CA GLN F 191 -15.36 68.94 3.72
C GLN F 191 -15.42 67.44 3.49
N SER F 192 -14.79 66.72 4.41
CA SER F 192 -14.86 65.27 4.41
C SER F 192 -16.17 64.80 5.03
N ALA F 193 -16.64 63.64 4.60
CA ALA F 193 -17.85 63.08 5.17
C ALA F 193 -17.63 62.71 6.63
N ARG F 194 -18.73 62.67 7.38
CA ARG F 194 -18.68 62.37 8.80
C ARG F 194 -18.99 60.91 9.06
N ASN F 195 -18.51 60.42 10.20
CA ASN F 195 -18.78 59.06 10.64
C ASN F 195 -19.96 59.07 11.62
N PHE F 196 -20.32 57.88 12.10
CA PHE F 196 -21.46 57.75 13.00
C PHE F 196 -21.15 58.23 14.41
N LEU F 197 -19.93 58.70 14.67
CA LEU F 197 -19.62 59.44 15.89
C LEU F 197 -19.84 60.94 15.73
N GLY F 198 -20.23 61.40 14.54
CA GLY F 198 -20.49 62.78 14.28
C GLY F 198 -19.31 63.60 13.81
N PHE F 199 -18.11 63.02 13.82
CA PHE F 199 -16.90 63.76 13.47
C PHE F 199 -16.57 63.60 11.98
N ARG F 200 -15.99 64.65 11.41
CA ARG F 200 -15.47 64.55 10.05
C ARG F 200 -14.35 63.53 10.00
N ASP F 201 -14.36 62.70 8.96
CA ASP F 201 -13.48 61.54 8.86
C ASP F 201 -12.65 61.62 7.58
N GLY F 202 -11.34 61.71 7.74
CA GLY F 202 -10.42 61.73 6.63
C GLY F 202 -9.79 63.08 6.32
N SER F 203 -9.87 64.04 7.23
CA SER F 203 -9.34 65.38 6.96
C SER F 203 -7.84 65.36 6.73
N ALA F 204 -7.10 64.60 7.54
CA ALA F 204 -5.65 64.55 7.46
C ALA F 204 -5.15 63.48 6.49
N ASN F 205 -6.02 62.98 5.61
CA ASN F 205 -5.58 62.03 4.61
C ASN F 205 -4.57 62.70 3.68
N PRO F 206 -3.56 61.98 3.19
CA PRO F 206 -2.61 62.58 2.25
C PRO F 206 -3.29 62.98 0.95
N ASP F 207 -2.66 63.91 0.25
CA ASP F 207 -3.23 64.51 -0.96
C ASP F 207 -3.34 63.45 -2.05
N SER F 208 -4.57 62.96 -2.27
CA SER F 208 -4.79 62.00 -3.34
C SER F 208 -4.52 62.57 -4.72
N ASN F 209 -4.44 63.90 -4.85
CA ASN F 209 -4.07 64.52 -6.12
C ASN F 209 -2.57 64.54 -6.35
N ASP F 210 -1.77 64.43 -5.29
CA ASP F 210 -0.31 64.43 -5.39
C ASP F 210 0.17 63.04 -5.80
N PRO F 211 0.68 62.87 -7.02
CA PRO F 211 1.17 61.54 -7.42
C PRO F 211 2.38 61.09 -6.64
N LYS F 212 3.27 62.03 -6.27
CA LYS F 212 4.43 61.67 -5.48
C LYS F 212 4.03 61.14 -4.11
N ALA F 213 3.03 61.78 -3.48
CA ALA F 213 2.57 61.32 -2.18
C ALA F 213 1.89 59.96 -2.29
N MET F 214 1.18 59.71 -3.38
CA MET F 214 0.51 58.44 -3.56
C MET F 214 1.49 57.31 -3.88
N GLN F 215 2.57 57.63 -4.60
CA GLN F 215 3.56 56.60 -4.93
C GLN F 215 4.34 56.15 -3.70
N GLN F 216 4.45 57.01 -2.69
CA GLN F 216 5.19 56.67 -1.48
C GLN F 216 4.32 56.02 -0.41
N ILE F 217 3.07 56.44 -0.30
CA ILE F 217 2.20 56.01 0.77
C ILE F 217 1.29 54.85 0.34
N VAL F 218 0.74 54.91 -0.86
CA VAL F 218 -0.32 53.99 -1.26
C VAL F 218 0.18 52.90 -2.19
N TRP F 219 0.78 53.30 -3.31
CA TRP F 219 1.10 52.36 -4.39
C TRP F 219 2.45 51.70 -4.17
N VAL F 220 2.54 50.43 -4.55
CA VAL F 220 3.81 49.70 -4.54
C VAL F 220 4.60 50.07 -5.78
N GLN F 221 5.87 50.43 -5.59
CA GLN F 221 6.67 50.87 -6.72
C GLN F 221 7.57 49.74 -7.22
N PRO F 222 7.79 49.68 -8.54
CA PRO F 222 8.76 48.70 -9.07
C PRO F 222 10.15 48.96 -8.53
N GLY F 223 10.89 47.89 -8.28
CA GLY F 223 12.22 48.01 -7.71
C GLY F 223 12.24 48.11 -6.21
N SER F 224 11.15 47.76 -5.53
CA SER F 224 11.05 47.84 -4.08
C SER F 224 11.33 46.46 -3.47
N ASP F 225 10.95 46.29 -2.20
CA ASP F 225 11.06 44.99 -1.57
C ASP F 225 10.12 43.97 -2.22
N GLU F 226 8.94 44.44 -2.63
CA GLU F 226 7.89 43.53 -3.10
C GLU F 226 8.30 42.83 -4.39
N PRO F 227 7.68 41.68 -4.69
CA PRO F 227 7.90 41.03 -5.98
C PRO F 227 7.51 41.95 -7.13
N ALA F 228 8.10 41.66 -8.31
CA ALA F 228 7.95 42.56 -9.45
C ALA F 228 6.52 42.63 -9.94
N TRP F 229 5.78 41.51 -9.89
CA TRP F 229 4.41 41.50 -10.39
C TRP F 229 3.52 42.44 -9.58
N ALA F 230 3.80 42.60 -8.28
CA ALA F 230 2.93 43.34 -7.39
C ALA F 230 3.04 44.86 -7.54
N ALA F 231 3.85 45.34 -8.48
CA ALA F 231 3.97 46.78 -8.68
C ALA F 231 2.62 47.38 -9.05
N HIS F 232 2.38 48.61 -8.58
CA HIS F 232 1.16 49.38 -8.78
C HIS F 232 -0.04 48.76 -8.09
N GLY F 233 0.17 47.81 -7.18
CA GLY F 233 -0.87 47.35 -6.28
C GLY F 233 -0.80 48.08 -4.95
N SER F 234 -1.59 47.62 -4.00
CA SER F 234 -1.62 48.25 -2.68
C SER F 234 -2.24 47.29 -1.68
N TYR F 235 -1.75 47.35 -0.45
CA TYR F 235 -2.29 46.54 0.63
C TYR F 235 -3.62 47.11 1.11
N GLN F 236 -4.62 46.26 1.22
CA GLN F 236 -5.95 46.65 1.66
C GLN F 236 -6.18 46.11 3.08
N ALA F 237 -6.50 47.00 4.00
CA ALA F 237 -6.82 46.64 5.38
C ALA F 237 -8.27 46.98 5.66
N VAL F 238 -9.05 45.97 6.05
CA VAL F 238 -10.47 46.12 6.32
C VAL F 238 -10.71 45.85 7.80
N ARG F 239 -11.47 46.72 8.45
CA ARG F 239 -11.79 46.56 9.87
C ARG F 239 -13.24 46.99 10.10
N ILE F 240 -14.05 46.06 10.61
CA ILE F 240 -15.43 46.36 10.97
C ILE F 240 -15.43 46.76 12.44
N ILE F 241 -15.59 48.05 12.70
CA ILE F 241 -15.43 48.61 14.04
C ILE F 241 -16.81 49.02 14.54
N ARG F 242 -17.27 48.36 15.60
CA ARG F 242 -18.55 48.70 16.22
C ARG F 242 -18.39 49.95 17.08
N ASN F 243 -19.42 50.78 17.07
CA ASN F 243 -19.47 51.99 17.90
C ASN F 243 -20.53 51.83 18.97
N PHE F 244 -20.16 52.15 20.21
CA PHE F 244 -21.12 52.22 21.31
C PHE F 244 -21.76 53.60 21.25
N VAL F 245 -22.81 53.72 20.44
CA VAL F 245 -23.33 55.03 20.08
C VAL F 245 -24.08 55.67 21.25
N GLU F 246 -24.84 54.87 22.00
CA GLU F 246 -25.56 55.41 23.15
C GLU F 246 -24.61 55.92 24.20
N ARG F 247 -23.53 55.18 24.47
CA ARG F 247 -22.51 55.65 25.41
C ARG F 247 -21.82 56.90 24.88
N TRP F 248 -21.55 56.95 23.57
CA TRP F 248 -20.92 58.11 22.98
C TRP F 248 -21.85 59.32 23.00
N ASP F 249 -23.15 59.10 22.75
CA ASP F 249 -24.10 60.21 22.74
C ASP F 249 -24.32 60.78 24.13
N ARG F 250 -24.03 60.03 25.18
CA ARG F 250 -24.10 60.53 26.55
C ARG F 250 -22.79 61.12 27.03
N THR F 251 -21.76 61.12 26.19
CA THR F 251 -20.46 61.66 26.54
C THR F 251 -20.45 63.18 26.32
N PRO F 252 -19.90 63.95 27.26
CA PRO F 252 -19.81 65.40 27.05
C PRO F 252 -19.00 65.74 25.82
N LEU F 253 -19.39 66.85 25.17
CA LEU F 253 -18.69 67.28 23.96
C LEU F 253 -17.23 67.59 24.23
N GLN F 254 -16.91 68.03 25.45
CA GLN F 254 -15.51 68.25 25.83
C GLN F 254 -14.71 66.96 25.70
N GLU F 255 -15.26 65.85 26.22
CA GLU F 255 -14.54 64.59 26.16
C GLU F 255 -14.57 63.97 24.76
N GLN F 256 -15.62 64.23 23.99
CA GLN F 256 -15.68 63.72 22.63
C GLN F 256 -14.57 64.34 21.76
N GLU F 257 -14.34 65.64 21.92
CA GLU F 257 -13.29 66.30 21.15
C GLU F 257 -11.90 65.99 21.71
N SER F 258 -11.78 65.91 23.04
CA SER F 258 -10.48 65.60 23.64
C SER F 258 -10.02 64.20 23.28
N ILE F 259 -10.95 63.26 23.15
CA ILE F 259 -10.58 61.89 22.83
C ILE F 259 -10.15 61.77 21.37
N ILE F 260 -10.89 62.40 20.47
CA ILE F 260 -10.56 62.30 19.05
C ILE F 260 -9.38 63.19 18.70
N GLY F 261 -9.42 64.46 19.10
CA GLY F 261 -8.37 65.40 18.81
C GLY F 261 -8.74 66.50 17.85
N ARG F 262 -10.01 66.61 17.46
CA ARG F 262 -10.48 67.66 16.58
C ARG F 262 -11.74 68.30 17.15
N ILE F 263 -12.00 69.53 16.73
CA ILE F 263 -13.25 70.19 17.07
C ILE F 263 -14.37 69.56 16.25
N LYS F 264 -15.46 69.17 16.91
CA LYS F 264 -16.49 68.39 16.23
C LYS F 264 -17.19 69.18 15.14
N THR F 265 -17.53 70.44 15.42
CA THR F 265 -18.32 71.23 14.46
C THR F 265 -17.52 71.54 13.21
N SER F 266 -16.32 72.09 13.37
CA SER F 266 -15.53 72.55 12.24
C SER F 266 -14.51 71.54 11.74
N GLY F 267 -14.22 70.49 12.51
CA GLY F 267 -13.19 69.54 12.11
C GLY F 267 -11.78 70.09 12.20
N ALA F 268 -11.58 71.13 12.98
CA ALA F 268 -10.31 71.83 13.08
C ALA F 268 -9.42 71.24 14.17
N PRO F 269 -8.11 71.44 14.08
CA PRO F 269 -7.23 71.06 15.19
C PRO F 269 -7.55 71.90 16.43
N MET F 270 -7.12 71.38 17.58
CA MET F 270 -7.39 72.05 18.84
C MET F 270 -6.74 73.43 18.93
N ASP F 271 -5.69 73.67 18.14
CA ASP F 271 -5.04 74.98 18.10
C ASP F 271 -5.34 75.71 16.79
N GLY F 272 -6.40 75.33 16.08
CA GLY F 272 -6.69 75.91 14.78
C GLY F 272 -8.14 76.33 14.61
N GLN F 273 -8.53 76.60 13.36
CA GLN F 273 -9.86 77.09 13.08
C GLN F 273 -10.52 76.36 11.90
N LYS F 274 -9.70 75.87 10.96
CA LYS F 274 -10.20 75.21 9.77
C LYS F 274 -9.83 73.73 9.76
N GLU F 275 -10.68 72.93 9.08
CA GLU F 275 -10.44 71.50 9.00
C GLU F 275 -9.17 71.18 8.24
N SER F 276 -8.84 71.97 7.21
CA SER F 276 -7.65 71.73 6.41
C SER F 276 -6.35 71.98 7.17
N GLN F 277 -6.42 72.52 8.38
CA GLN F 277 -5.23 72.81 9.17
C GLN F 277 -4.83 71.59 10.00
N VAL F 278 -3.61 71.62 10.52
CA VAL F 278 -3.05 70.52 11.29
C VAL F 278 -2.48 71.05 12.59
N PRO F 279 -2.44 70.26 13.66
CA PRO F 279 -1.92 70.75 14.94
C PRO F 279 -0.40 70.90 14.91
N ASP F 280 0.10 71.63 15.91
CA ASP F 280 1.53 71.89 16.08
C ASP F 280 1.96 71.19 17.38
N TYR F 281 2.38 69.93 17.25
CA TYR F 281 2.77 69.17 18.43
C TYR F 281 4.10 69.64 19.00
N ALA F 282 4.94 70.31 18.21
CA ALA F 282 6.22 70.76 18.70
C ALA F 282 6.06 71.80 19.80
N ARG F 283 4.93 72.52 19.81
CA ARG F 283 4.64 73.50 20.84
C ARG F 283 3.72 72.98 21.92
N ASP F 284 3.31 71.71 21.85
CA ASP F 284 2.43 71.09 22.84
C ASP F 284 3.00 69.73 23.24
N PRO F 285 4.16 69.72 23.91
CA PRO F 285 4.81 68.44 24.22
C PRO F 285 4.17 67.68 25.37
N HIS F 286 3.35 68.33 26.19
CA HIS F 286 2.72 67.69 27.34
C HIS F 286 1.23 67.41 27.12
N GLY F 287 0.70 67.69 25.94
CA GLY F 287 -0.70 67.40 25.67
C GLY F 287 -1.67 68.35 26.34
N LYS F 288 -1.34 69.65 26.38
CA LYS F 288 -2.25 70.63 26.95
C LYS F 288 -3.32 71.06 25.95
N VAL F 289 -3.03 70.95 24.65
CA VAL F 289 -3.97 71.33 23.60
C VAL F 289 -4.56 70.05 23.01
N THR F 290 -3.70 69.18 22.50
CA THR F 290 -4.08 67.87 21.98
C THR F 290 -3.53 66.81 22.93
N LYS F 291 -4.43 66.12 23.63
CA LYS F 291 -4.01 65.12 24.61
C LYS F 291 -3.10 64.08 23.97
N LEU F 292 -2.09 63.65 24.72
CA LEU F 292 -1.11 62.69 24.21
C LEU F 292 -1.74 61.35 23.86
N ASP F 293 -2.96 61.08 24.30
CA ASP F 293 -3.67 59.86 23.94
C ASP F 293 -4.85 60.13 23.02
N ALA F 294 -4.94 61.32 22.44
CA ALA F 294 -5.99 61.59 21.46
C ALA F 294 -5.82 60.69 20.24
N HIS F 295 -6.92 60.46 19.54
CA HIS F 295 -6.91 59.52 18.42
C HIS F 295 -5.97 59.98 17.32
N ILE F 296 -6.08 61.24 16.90
CA ILE F 296 -5.24 61.73 15.82
C ILE F 296 -3.79 61.89 16.24
N ARG F 297 -3.52 62.06 17.53
CA ARG F 297 -2.14 62.19 17.98
C ARG F 297 -1.43 60.83 17.97
N LEU F 298 -2.13 59.78 18.39
CA LEU F 298 -1.52 58.45 18.40
C LEU F 298 -1.36 57.91 16.98
N ALA F 299 -2.26 58.28 16.06
CA ALA F 299 -2.22 57.75 14.71
C ALA F 299 -1.19 58.46 13.84
N ASN F 300 -0.85 59.69 14.16
CA ASN F 300 0.16 60.45 13.40
C ASN F 300 0.91 61.35 14.36
N PRO F 301 2.02 60.85 14.93
CA PRO F 301 2.80 61.69 15.85
C PRO F 301 3.40 62.92 15.18
N ARG F 302 3.43 62.98 13.85
CA ARG F 302 3.94 64.13 13.11
C ARG F 302 5.40 64.41 13.45
N THR F 303 6.21 63.36 13.40
CA THR F 303 7.66 63.43 13.56
C THR F 303 8.33 63.13 12.23
N ALA F 304 9.66 63.17 12.24
CA ALA F 304 10.40 62.82 11.03
C ALA F 304 10.16 61.37 10.64
N GLN F 305 10.00 60.49 11.62
CA GLN F 305 9.73 59.08 11.33
C GLN F 305 8.25 58.84 11.04
N SER F 306 7.37 59.71 11.54
CA SER F 306 5.94 59.46 11.45
C SER F 306 5.47 59.29 10.02
N GLN F 307 6.08 60.01 9.08
CA GLN F 307 5.68 59.94 7.68
C GLN F 307 5.91 58.55 7.08
N GLN F 308 6.56 57.65 7.81
CA GLN F 308 6.69 56.25 7.40
C GLN F 308 5.39 55.48 7.59
N ASN F 309 4.43 56.03 8.33
CA ASN F 309 3.23 55.29 8.72
C ASN F 309 1.94 55.92 8.20
N LEU F 310 2.03 56.82 7.23
CA LEU F 310 0.83 57.44 6.68
C LEU F 310 0.01 56.42 5.90
N ILE F 311 -1.30 56.60 5.91
CA ILE F 311 -2.24 55.68 5.27
C ILE F 311 -3.33 56.49 4.58
N LEU F 312 -3.97 55.85 3.60
CA LEU F 312 -5.09 56.44 2.87
C LEU F 312 -6.38 55.80 3.37
N ARG F 313 -7.10 56.51 4.23
CA ARG F 313 -8.33 55.99 4.80
C ARG F 313 -9.50 56.24 3.85
N ARG F 314 -10.34 55.21 3.69
CA ARG F 314 -11.48 55.28 2.78
C ARG F 314 -12.64 54.47 3.37
N PRO F 315 -13.16 54.91 4.52
CA PRO F 315 -14.14 54.10 5.23
C PRO F 315 -15.59 54.39 4.85
N PHE F 316 -16.51 53.61 5.40
CA PHE F 316 -17.94 53.82 5.26
C PHE F 316 -18.59 53.63 6.62
N ASN F 317 -19.77 54.21 6.79
CA ASN F 317 -20.54 54.08 8.01
C ASN F 317 -21.53 52.94 7.86
N TYR F 318 -21.36 51.88 8.65
CA TYR F 318 -22.22 50.71 8.59
C TYR F 318 -23.25 50.75 9.72
N SER F 319 -24.42 50.20 9.43
CA SER F 319 -25.50 50.09 10.41
C SER F 319 -26.18 48.75 10.22
N ASN F 320 -25.98 47.84 11.17
CA ASN F 320 -26.64 46.54 11.11
C ASN F 320 -27.91 46.56 11.95
N GLY F 321 -28.16 45.49 12.70
CA GLY F 321 -29.37 45.43 13.49
C GLY F 321 -29.21 46.02 14.89
N VAL F 322 -29.86 45.41 15.87
CA VAL F 322 -29.72 45.80 17.26
C VAL F 322 -29.01 44.68 18.00
N ASN F 323 -28.20 45.04 18.98
CA ASN F 323 -27.39 44.06 19.68
C ASN F 323 -28.24 43.27 20.67
N LYS F 324 -27.59 42.38 21.43
CA LYS F 324 -28.31 41.55 22.38
C LYS F 324 -28.99 42.39 23.46
N ASN F 325 -28.32 43.46 23.91
CA ASN F 325 -28.84 44.27 25.00
C ASN F 325 -29.85 45.32 24.56
N GLY F 326 -30.08 45.45 23.25
CA GLY F 326 -30.94 46.51 22.75
C GLY F 326 -30.22 47.76 22.29
N GLN F 327 -28.90 47.75 22.27
CA GLN F 327 -28.13 48.88 21.78
C GLN F 327 -27.88 48.75 20.29
N LEU F 328 -27.79 49.89 19.62
CA LEU F 328 -27.68 49.89 18.17
C LEU F 328 -26.32 49.38 17.72
N ASP F 329 -26.32 48.45 16.77
CA ASP F 329 -25.09 47.89 16.21
C ASP F 329 -24.76 48.68 14.95
N MET F 330 -24.07 49.81 15.13
CA MET F 330 -23.59 50.62 14.03
C MET F 330 -22.17 51.05 14.33
N GLY F 331 -21.44 51.42 13.27
CA GLY F 331 -20.06 51.84 13.45
C GLY F 331 -19.37 52.17 12.15
N LEU F 332 -18.08 51.86 12.07
CA LEU F 332 -17.25 52.24 10.93
C LEU F 332 -16.80 50.99 10.18
N LEU F 333 -17.12 50.94 8.89
CA LEU F 333 -16.48 49.98 7.98
C LEU F 333 -15.16 50.60 7.56
N PHE F 334 -14.11 50.28 8.32
CA PHE F 334 -12.80 50.91 8.10
C PHE F 334 -12.08 50.21 6.96
N ILE F 335 -11.69 51.00 5.95
CA ILE F 335 -10.88 50.51 4.84
C ILE F 335 -9.77 51.53 4.61
N CYS F 336 -8.53 51.07 4.66
CA CYS F 336 -7.37 51.91 4.43
C CYS F 336 -6.41 51.20 3.49
N TYR F 337 -5.69 51.99 2.70
CA TYR F 337 -4.74 51.48 1.71
C TYR F 337 -3.36 52.02 2.00
N GLN F 338 -2.35 51.19 1.74
CA GLN F 338 -0.97 51.55 2.03
C GLN F 338 -0.05 50.64 1.23
N ALA F 339 1.12 51.17 0.87
CA ALA F 339 2.12 50.39 0.14
C ALA F 339 2.82 49.38 1.04
N ASP F 340 2.85 49.61 2.34
CA ASP F 340 3.47 48.70 3.31
C ASP F 340 2.47 48.45 4.42
N LEU F 341 1.90 47.24 4.45
CA LEU F 341 0.90 46.94 5.47
C LEU F 341 1.49 46.92 6.87
N GLU F 342 2.76 46.50 7.00
CA GLU F 342 3.40 46.50 8.31
C GLU F 342 3.61 47.93 8.82
N LYS F 343 4.25 48.77 8.00
CA LYS F 343 4.47 50.15 8.40
C LYS F 343 3.21 51.00 8.31
N GLY F 344 2.15 50.49 7.70
CA GLY F 344 0.93 51.27 7.53
C GLY F 344 -0.10 51.05 8.62
N PHE F 345 -1.13 50.27 8.31
CA PHE F 345 -2.22 50.07 9.27
C PHE F 345 -1.73 49.42 10.56
N ILE F 346 -0.87 48.42 10.45
CA ILE F 346 -0.43 47.67 11.62
C ILE F 346 0.37 48.58 12.56
N ALA F 347 1.25 49.41 12.00
CA ALA F 347 2.04 50.30 12.83
C ALA F 347 1.18 51.39 13.47
N VAL F 348 0.06 51.73 12.87
CA VAL F 348 -0.79 52.78 13.42
C VAL F 348 -1.73 52.21 14.48
N GLN F 349 -2.31 51.04 14.23
CA GLN F 349 -3.21 50.44 15.20
C GLN F 349 -2.48 50.08 16.49
N THR F 350 -1.25 49.56 16.38
CA THR F 350 -0.47 49.25 17.57
C THR F 350 -0.16 50.51 18.36
N ARG F 351 -0.03 51.66 17.68
CA ARG F 351 0.15 52.92 18.37
C ARG F 351 -1.12 53.36 19.09
N LEU F 352 -2.28 53.04 18.52
CA LEU F 352 -3.56 53.37 19.11
C LEU F 352 -4.04 52.34 20.14
N ASN F 353 -3.26 51.27 20.35
CA ASN F 353 -3.67 50.25 21.31
C ASN F 353 -3.79 50.84 22.70
N GLY F 354 -4.98 50.74 23.27
CA GLY F 354 -5.26 51.31 24.58
C GLY F 354 -5.69 52.76 24.56
N GLU F 355 -6.01 53.32 23.39
CA GLU F 355 -6.46 54.70 23.32
C GLU F 355 -7.79 54.86 24.06
N PRO F 356 -8.08 56.07 24.56
CA PRO F 356 -9.38 56.30 25.22
C PRO F 356 -10.57 56.08 24.30
N LEU F 357 -10.40 56.17 22.99
CA LEU F 357 -11.49 55.89 22.07
C LEU F 357 -11.90 54.42 22.10
N GLU F 358 -11.03 53.54 22.58
CA GLU F 358 -11.36 52.12 22.65
C GLU F 358 -12.59 51.86 23.50
N GLU F 359 -12.89 52.74 24.46
CA GLU F 359 -14.09 52.61 25.25
C GLU F 359 -15.35 52.59 24.39
N TYR F 360 -15.32 53.30 23.26
CA TYR F 360 -16.46 53.40 22.37
C TYR F 360 -16.31 52.59 21.09
N LEU F 361 -15.23 51.81 20.96
CA LEU F 361 -15.01 50.98 19.78
C LEU F 361 -14.96 49.51 20.18
N LYS F 362 -15.25 48.66 19.20
CA LYS F 362 -15.16 47.21 19.36
C LYS F 362 -15.03 46.54 18.00
N PRO F 363 -13.80 46.28 17.55
CA PRO F 363 -13.63 45.61 16.26
C PRO F 363 -14.06 44.15 16.33
N THR F 364 -14.92 43.75 15.40
CA THR F 364 -15.48 42.40 15.38
C THR F 364 -15.11 41.60 14.15
N GLY F 365 -14.47 42.20 13.15
CA GLY F 365 -14.12 41.46 11.95
C GLY F 365 -13.40 42.35 10.96
N GLY F 366 -12.99 41.73 9.86
CA GLY F 366 -12.24 42.38 8.81
C GLY F 366 -11.21 41.44 8.25
N GLY F 367 -10.15 42.02 7.68
CA GLY F 367 -9.09 41.21 7.13
C GLY F 367 -8.07 41.99 6.34
N TYR F 368 -6.91 41.38 6.09
CA TYR F 368 -5.85 41.99 5.28
C TYR F 368 -5.87 41.35 3.90
N PHE F 369 -5.82 42.21 2.86
CA PHE F 369 -5.77 41.75 1.48
C PHE F 369 -4.74 42.59 0.73
N PHE F 370 -4.40 42.15 -0.47
CA PHE F 370 -3.53 42.89 -1.36
C PHE F 370 -4.28 43.18 -2.66
N THR F 371 -4.52 44.45 -2.93
CA THR F 371 -5.21 44.84 -4.17
C THR F 371 -4.31 44.58 -5.36
N LEU F 372 -4.83 43.81 -6.33
CA LEU F 372 -4.05 43.45 -7.50
C LEU F 372 -3.79 44.69 -8.36
N PRO F 373 -2.66 44.71 -9.07
CA PRO F 373 -2.34 45.88 -9.91
C PRO F 373 -3.38 46.09 -11.01
N GLY F 374 -3.54 47.35 -11.40
CA GLY F 374 -4.50 47.68 -12.44
C GLY F 374 -4.17 47.01 -13.76
N VAL F 375 -5.16 47.00 -14.65
CA VAL F 375 -5.06 46.29 -15.92
C VAL F 375 -5.16 47.30 -17.05
N THR F 376 -4.29 47.17 -18.04
CA THR F 376 -4.28 48.02 -19.22
C THR F 376 -3.97 47.16 -20.44
N GLY F 377 -4.84 47.22 -21.44
CA GLY F 377 -4.66 46.46 -22.66
C GLY F 377 -5.87 45.59 -22.96
N GLU F 378 -5.83 45.01 -24.17
CA GLU F 378 -6.92 44.18 -24.64
C GLU F 378 -6.86 42.78 -24.06
N GLU F 379 -5.68 42.15 -24.09
CA GLU F 379 -5.50 40.79 -23.60
C GLU F 379 -5.10 40.74 -22.13
N ASP F 380 -5.15 41.87 -21.43
CA ASP F 380 -4.85 41.90 -20.00
C ASP F 380 -6.13 41.73 -19.20
N PHE F 381 -6.02 41.05 -18.06
CA PHE F 381 -7.15 40.88 -17.16
C PHE F 381 -6.65 40.87 -15.72
N ILE F 382 -7.58 41.09 -14.80
CA ILE F 382 -7.22 41.24 -13.39
C ILE F 382 -6.63 39.95 -12.86
N GLY F 383 -5.45 40.05 -12.25
CA GLY F 383 -4.76 38.91 -11.69
C GLY F 383 -3.86 38.17 -12.67
N ARG F 384 -3.71 38.67 -13.90
CA ARG F 384 -2.87 37.97 -14.87
C ARG F 384 -1.39 38.08 -14.51
N SER F 385 -0.96 39.27 -14.04
CA SER F 385 0.44 39.44 -13.67
C SER F 385 0.85 38.55 -12.51
N LEU F 386 -0.10 38.14 -11.67
CA LEU F 386 0.22 37.19 -10.61
C LEU F 386 0.39 35.78 -11.17
N LEU F 387 -0.42 35.42 -12.17
CA LEU F 387 -0.34 34.08 -12.74
C LEU F 387 0.88 33.90 -13.64
N ASP F 388 1.37 34.98 -14.25
CA ASP F 388 2.53 34.88 -15.12
C ASP F 388 3.85 34.89 -14.37
N ALA F 389 3.85 35.40 -13.13
CA ALA F 389 5.00 35.22 -12.26
C ALA F 389 5.13 33.81 -11.74
N THR F 390 4.24 32.91 -12.17
CA THR F 390 4.25 31.51 -11.79
C THR F 390 4.27 30.64 -13.03
N ARG F 391 4.93 29.49 -12.93
CA ARG F 391 5.05 28.60 -14.08
C ARG F 391 4.00 27.49 -14.04
N ALA G 2 -4.69 42.42 69.26
CA ALA G 2 -4.43 42.73 67.86
C ALA G 2 -5.72 42.94 67.09
N PRO G 3 -6.39 44.07 67.31
CA PRO G 3 -7.67 44.32 66.64
C PRO G 3 -7.51 44.40 65.13
N ALA G 4 -8.48 43.83 64.42
CA ALA G 4 -8.41 43.72 62.97
C ALA G 4 -8.65 45.09 62.33
N GLN G 5 -8.16 45.23 61.09
CA GLN G 5 -8.41 46.44 60.33
C GLN G 5 -9.87 46.51 59.90
N VAL G 6 -10.30 47.72 59.54
CA VAL G 6 -11.73 47.96 59.31
C VAL G 6 -12.22 47.14 58.12
N THR G 7 -11.57 47.29 56.97
CA THR G 7 -12.00 46.60 55.75
C THR G 7 -11.55 45.15 55.70
N GLU G 8 -10.97 44.63 56.79
CA GLU G 8 -10.58 43.22 56.83
C GLU G 8 -11.80 42.34 56.61
N ALA G 9 -11.68 41.36 55.73
CA ALA G 9 -12.82 40.54 55.35
C ALA G 9 -13.33 39.76 56.56
N PRO G 10 -14.64 39.58 56.69
CA PRO G 10 -15.17 38.81 57.81
C PRO G 10 -14.75 37.35 57.74
N SER G 11 -14.70 36.72 58.91
CA SER G 11 -14.28 35.33 59.02
C SER G 11 -15.46 34.39 58.83
N SER G 12 -15.17 33.21 58.29
CA SER G 12 -16.18 32.19 58.07
C SER G 12 -15.48 30.85 57.90
N ASP G 13 -16.10 29.79 58.42
CA ASP G 13 -15.60 28.43 58.27
C ASP G 13 -16.44 27.61 57.32
N LYS G 14 -17.40 28.25 56.63
CA LYS G 14 -18.30 27.56 55.71
C LYS G 14 -17.99 27.85 54.25
N THR G 15 -16.88 28.51 53.95
CA THR G 15 -16.51 28.76 52.56
C THR G 15 -16.17 27.47 51.82
N GLN G 16 -15.91 26.37 52.54
CA GLN G 16 -15.53 25.11 51.94
C GLN G 16 -16.65 24.07 51.92
N ASP G 17 -17.76 24.33 52.59
CA ASP G 17 -18.89 23.40 52.55
C ASP G 17 -19.55 23.45 51.18
N ARG G 18 -19.76 22.28 50.59
CA ARG G 18 -20.32 22.21 49.25
C ARG G 18 -21.37 21.11 49.18
N HIS G 19 -22.25 21.24 48.20
CA HIS G 19 -23.24 20.22 47.88
C HIS G 19 -22.87 19.55 46.56
N ASP G 20 -23.55 18.46 46.25
CA ASP G 20 -23.23 17.64 45.09
C ASP G 20 -24.06 18.07 43.89
N PHE G 21 -23.39 18.36 42.78
CA PHE G 21 -24.08 18.75 41.56
C PHE G 21 -24.72 17.54 40.89
N HIS G 22 -23.98 16.45 40.77
CA HIS G 22 -24.50 15.24 40.12
C HIS G 22 -25.45 14.51 41.04
N GLY G 23 -26.44 13.86 40.45
CA GLY G 23 -27.43 13.12 41.20
C GLY G 23 -28.68 12.91 40.39
N GLN G 24 -29.51 11.98 40.88
CA GLN G 24 -30.78 11.70 40.22
C GLN G 24 -31.65 12.95 40.17
N HIS G 25 -31.68 13.72 41.24
CA HIS G 25 -32.36 14.99 41.29
C HIS G 25 -31.35 16.14 41.32
N GLN G 26 -31.75 17.27 40.78
CA GLN G 26 -30.94 18.48 40.90
C GLN G 26 -30.88 18.92 42.35
N SER G 27 -29.78 19.57 42.72
CA SER G 27 -29.65 20.10 44.06
C SER G 27 -30.54 21.34 44.21
N GLY G 28 -30.52 21.92 45.41
CA GLY G 28 -31.27 23.13 45.68
C GLY G 28 -32.77 22.96 45.79
N ILE G 29 -33.27 21.72 45.85
CA ILE G 29 -34.69 21.47 46.03
C ILE G 29 -34.90 20.86 47.42
N VAL G 30 -34.54 19.58 47.57
CA VAL G 30 -34.57 18.96 48.89
C VAL G 30 -33.30 19.23 49.68
N THR G 31 -32.35 19.95 49.09
CA THR G 31 -31.17 20.38 49.82
C THR G 31 -31.57 21.36 50.92
N PRO G 32 -31.00 21.23 52.13
CA PRO G 32 -31.25 22.23 53.18
C PRO G 32 -30.96 23.64 52.66
N ARG G 33 -31.82 24.57 53.04
CA ARG G 33 -31.77 25.91 52.47
C ARG G 33 -30.68 26.74 53.16
N PRO G 34 -29.79 27.38 52.40
CA PRO G 34 -28.78 28.24 53.02
C PRO G 34 -29.31 29.64 53.30
N ALA G 35 -28.43 30.53 53.75
CA ALA G 35 -28.88 31.85 54.20
C ALA G 35 -29.23 32.75 53.03
N ALA G 36 -28.58 32.59 51.88
CA ALA G 36 -28.74 33.49 50.74
C ALA G 36 -29.34 32.73 49.56
N GLY G 37 -30.33 33.36 48.93
CA GLY G 37 -30.95 32.78 47.75
C GLY G 37 -31.08 33.82 46.65
N MET G 38 -31.18 33.32 45.42
CA MET G 38 -31.29 34.19 44.26
C MET G 38 -31.92 33.39 43.12
N LEU G 39 -32.87 34.00 42.44
CA LEU G 39 -33.49 33.41 41.26
C LEU G 39 -33.44 34.39 40.11
N VAL G 40 -32.92 33.96 38.97
CA VAL G 40 -32.81 34.78 37.78
C VAL G 40 -33.54 34.09 36.64
N SER G 41 -34.30 34.86 35.88
CA SER G 41 -34.99 34.37 34.69
C SER G 41 -34.28 34.92 33.46
N PHE G 42 -34.04 34.05 32.48
CA PHE G 42 -33.28 34.40 31.30
C PHE G 42 -34.12 34.22 30.03
N ASP G 43 -33.75 34.98 29.00
CA ASP G 43 -34.26 34.77 27.65
C ASP G 43 -33.20 34.01 26.86
N VAL G 44 -33.53 32.81 26.40
CA VAL G 44 -32.59 32.00 25.65
C VAL G 44 -32.51 32.53 24.22
N LEU G 45 -31.31 32.94 23.81
CA LEU G 45 -31.10 33.53 22.49
C LEU G 45 -30.65 32.51 21.45
N ALA G 46 -30.78 31.21 21.74
CA ALA G 46 -30.38 30.19 20.80
C ALA G 46 -31.19 30.29 19.52
N SER G 47 -30.53 30.09 18.38
CA SER G 47 -31.18 30.18 17.08
C SER G 47 -31.68 28.83 16.59
N ASP G 48 -30.90 27.78 16.77
CA ASP G 48 -31.27 26.42 16.37
C ASP G 48 -31.17 25.50 17.58
N ARG G 49 -31.25 24.19 17.33
CA ARG G 49 -31.04 23.21 18.39
C ARG G 49 -29.58 23.02 18.71
N ASP G 50 -28.67 23.31 17.77
CA ASP G 50 -27.25 23.24 18.05
C ASP G 50 -26.86 24.27 19.12
N ASP G 51 -27.45 25.47 19.05
CA ASP G 51 -27.14 26.50 20.04
C ASP G 51 -27.73 26.14 21.39
N LEU G 52 -28.92 25.54 21.41
CA LEU G 52 -29.53 25.14 22.68
C LEU G 52 -28.71 24.05 23.35
N GLU G 53 -28.16 23.12 22.56
CA GLU G 53 -27.27 22.11 23.13
C GLU G 53 -26.01 22.75 23.68
N ARG G 54 -25.47 23.76 22.98
CA ARG G 54 -24.29 24.46 23.46
C ARG G 54 -24.56 25.15 24.79
N LEU G 55 -25.75 25.73 24.95
CA LEU G 55 -26.09 26.38 26.20
C LEU G 55 -26.20 25.35 27.33
N PHE G 56 -26.90 24.24 27.08
CA PHE G 56 -27.06 23.21 28.10
C PHE G 56 -25.71 22.63 28.49
N ARG G 57 -24.84 22.35 27.51
CA ARG G 57 -23.54 21.78 27.82
C ARG G 57 -22.66 22.79 28.55
N THR G 58 -22.71 24.07 28.17
CA THR G 58 -21.93 25.08 28.86
C THR G 58 -22.46 25.31 30.27
N LEU G 59 -23.80 25.37 30.42
CA LEU G 59 -24.38 25.49 31.75
C LEU G 59 -24.00 24.32 32.64
N ASP G 60 -23.86 23.13 32.07
CA ASP G 60 -23.54 21.94 32.85
C ASP G 60 -22.14 22.04 33.47
N GLN G 61 -21.13 22.29 32.64
CA GLN G 61 -19.76 22.33 33.14
C GLN G 61 -19.54 23.52 34.07
N ARG G 62 -20.26 24.62 33.86
CA ARG G 62 -20.09 25.79 34.70
C ARG G 62 -20.65 25.56 36.10
N ILE G 63 -21.84 24.97 36.20
CA ILE G 63 -22.41 24.68 37.51
C ILE G 63 -21.58 23.63 38.23
N ALA G 64 -20.98 22.70 37.49
CA ALA G 64 -20.12 21.69 38.11
C ALA G 64 -18.93 22.35 38.81
N PHE G 65 -18.26 23.27 38.13
CA PHE G 65 -17.10 23.92 38.71
C PHE G 65 -17.51 24.86 39.84
N LEU G 66 -18.58 25.64 39.64
CA LEU G 66 -19.00 26.60 40.65
C LEU G 66 -19.43 25.89 41.94
N MET G 67 -20.10 24.75 41.81
CA MET G 67 -20.53 24.00 42.98
C MET G 67 -19.41 23.16 43.59
N ARG G 68 -18.36 22.87 42.84
CA ARG G 68 -17.21 22.18 43.40
C ARG G 68 -16.12 23.13 43.86
N GLY G 69 -15.99 24.29 43.22
CA GLY G 69 -14.94 25.22 43.55
C GLY G 69 -13.59 24.73 43.07
N GLY G 70 -12.58 25.56 43.30
CA GLY G 70 -11.22 25.20 42.93
C GLY G 70 -10.46 26.37 42.33
N PRO G 71 -9.23 26.11 41.89
CA PRO G 71 -8.40 27.20 41.37
C PRO G 71 -8.86 27.63 39.98
N VAL G 72 -8.77 28.93 39.73
CA VAL G 72 -9.03 29.51 38.42
C VAL G 72 -7.69 29.84 37.78
N ALA G 73 -7.39 29.19 36.66
CA ALA G 73 -6.10 29.35 36.02
C ALA G 73 -5.92 30.75 35.47
N GLN G 74 -4.77 31.35 35.72
CA GLN G 74 -4.44 32.64 35.13
C GLN G 74 -4.01 32.45 33.68
N VAL G 75 -4.44 33.37 32.82
CA VAL G 75 -4.14 33.28 31.40
C VAL G 75 -3.40 34.55 31.02
N ASP G 76 -3.42 34.89 29.74
CA ASP G 76 -2.65 36.01 29.23
C ASP G 76 -3.19 37.38 29.61
N PRO G 77 -2.38 38.25 30.24
CA PRO G 77 -2.87 39.58 30.64
C PRO G 77 -3.46 40.39 29.50
N LYS G 78 -3.11 40.03 28.26
CA LYS G 78 -3.77 40.63 27.10
C LYS G 78 -5.25 40.25 27.04
N LEU G 79 -5.60 39.06 27.52
CA LEU G 79 -6.98 38.58 27.51
C LEU G 79 -7.71 39.01 28.78
N PRO G 80 -9.03 39.12 28.72
CA PRO G 80 -9.79 39.35 29.95
C PRO G 80 -9.68 38.15 30.87
N PRO G 81 -9.76 38.37 32.18
CA PRO G 81 -9.65 37.23 33.12
C PRO G 81 -10.81 36.26 32.94
N LEU G 82 -10.52 34.98 33.21
CA LEU G 82 -11.54 33.95 33.07
C LEU G 82 -12.63 34.08 34.14
N ASP G 83 -12.33 34.71 35.27
CA ASP G 83 -13.26 34.82 36.37
C ASP G 83 -13.30 36.27 36.84
N SER G 84 -14.43 36.64 37.45
CA SER G 84 -14.58 37.99 37.98
C SER G 84 -13.63 38.26 39.13
N GLY G 85 -13.13 37.21 39.79
CA GLY G 85 -12.24 37.39 40.92
C GLY G 85 -12.91 37.85 42.19
N ILE G 86 -14.23 37.82 42.26
CA ILE G 86 -14.94 38.30 43.44
C ILE G 86 -14.63 37.43 44.65
N LEU G 87 -14.50 36.13 44.45
CA LEU G 87 -14.15 35.20 45.51
C LEU G 87 -12.64 35.02 45.65
N GLY G 88 -11.85 35.62 44.78
CA GLY G 88 -10.40 35.50 44.84
C GLY G 88 -9.86 34.56 43.78
N PRO G 89 -8.56 34.29 43.84
CA PRO G 89 -7.95 33.39 42.84
C PRO G 89 -8.43 31.95 42.95
N VAL G 90 -8.99 31.55 44.08
CA VAL G 90 -9.52 30.20 44.27
C VAL G 90 -11.01 30.32 44.54
N VAL G 91 -11.82 29.77 43.63
CA VAL G 91 -13.27 29.85 43.78
C VAL G 91 -13.70 28.94 44.92
N THR G 92 -14.44 29.51 45.89
CA THR G 92 -14.87 28.76 47.06
C THR G 92 -16.33 28.40 46.91
N PRO G 93 -16.69 27.12 47.00
CA PRO G 93 -18.11 26.74 47.01
C PRO G 93 -18.72 27.03 48.36
N ASP G 94 -19.52 28.09 48.43
CA ASP G 94 -20.11 28.54 49.69
C ASP G 94 -21.49 27.90 49.89
N ASN G 95 -21.50 26.57 49.88
CA ASN G 95 -22.74 25.79 49.87
C ASN G 95 -23.61 26.14 48.67
N LEU G 96 -22.97 26.44 47.55
CA LEU G 96 -23.68 26.93 46.37
C LEU G 96 -24.37 25.79 45.64
N THR G 97 -25.65 26.01 45.31
CA THR G 97 -26.39 25.14 44.41
C THR G 97 -26.99 26.00 43.31
N ILE G 98 -27.00 25.49 42.09
CA ILE G 98 -27.58 26.17 40.94
C ILE G 98 -28.57 25.22 40.29
N THR G 99 -29.85 25.56 40.34
CA THR G 99 -30.91 24.72 39.79
C THR G 99 -31.36 25.26 38.44
N VAL G 100 -31.41 24.39 37.44
CA VAL G 100 -31.80 24.77 36.07
C VAL G 100 -33.24 24.35 35.85
N SER G 101 -34.07 25.31 35.43
CA SER G 101 -35.47 25.05 35.15
C SER G 101 -35.86 25.80 33.88
N VAL G 102 -36.69 25.15 33.05
CA VAL G 102 -37.08 25.69 31.75
C VAL G 102 -38.54 26.12 31.83
N GLY G 103 -38.86 27.22 31.14
CA GLY G 103 -40.20 27.77 31.13
C GLY G 103 -41.03 27.27 29.97
N GLU G 104 -42.27 27.75 29.92
CA GLU G 104 -43.18 27.33 28.86
C GLU G 104 -42.77 27.91 27.51
N SER G 105 -42.23 29.14 27.51
CA SER G 105 -41.87 29.79 26.25
C SER G 105 -40.75 29.07 25.52
N LEU G 106 -40.00 28.21 26.21
CA LEU G 106 -38.96 27.42 25.56
C LEU G 106 -39.53 26.35 24.63
N PHE G 107 -40.81 26.04 24.75
CA PHE G 107 -41.46 24.98 23.98
C PHE G 107 -42.32 25.55 22.87
N ASP G 108 -41.83 26.58 22.19
CA ASP G 108 -42.54 27.17 21.07
C ASP G 108 -42.02 26.60 19.74
N GLU G 109 -42.06 27.41 18.68
CA GLU G 109 -41.67 26.96 17.35
C GLU G 109 -40.16 26.95 17.13
N ARG G 110 -39.36 27.12 18.19
CA ARG G 110 -37.93 27.35 18.02
C ARG G 110 -37.12 26.07 17.99
N PHE G 111 -37.29 25.19 18.99
CA PHE G 111 -36.40 24.06 19.19
C PHE G 111 -37.07 22.70 19.02
N GLY G 112 -38.35 22.65 18.69
CA GLY G 112 -39.00 21.37 18.49
C GLY G 112 -39.23 20.56 19.75
N LEU G 113 -39.45 21.23 20.87
CA LEU G 113 -39.72 20.57 22.15
C LEU G 113 -41.20 20.56 22.51
N GLU G 114 -42.06 21.10 21.64
CA GLU G 114 -43.47 21.28 21.98
C GLU G 114 -44.17 19.96 22.25
N ALA G 115 -43.76 18.89 21.59
CA ALA G 115 -44.38 17.59 21.82
C ALA G 115 -44.02 17.03 23.18
N ALA G 116 -42.85 17.40 23.71
CA ALA G 116 -42.36 16.88 24.98
C ALA G 116 -42.55 17.86 26.13
N LYS G 117 -43.41 18.87 25.96
CA LYS G 117 -43.64 19.83 27.03
C LYS G 117 -44.30 19.14 28.22
N PRO G 118 -43.86 19.43 29.43
CA PRO G 118 -44.54 18.89 30.61
C PRO G 118 -46.02 19.24 30.60
N LYS G 119 -46.85 18.25 30.96
CA LYS G 119 -48.29 18.37 30.73
C LYS G 119 -48.93 19.51 31.51
N ARG G 120 -48.26 20.02 32.54
CA ARG G 120 -48.82 21.08 33.38
C ARG G 120 -48.02 22.37 33.31
N LEU G 121 -47.03 22.45 32.42
CA LEU G 121 -46.22 23.66 32.28
C LEU G 121 -47.02 24.70 31.48
N ILE G 122 -47.42 25.78 32.15
CA ILE G 122 -48.21 26.84 31.55
C ILE G 122 -47.55 28.17 31.83
N ARG G 123 -47.77 29.14 30.94
CA ARG G 123 -47.38 30.51 31.22
C ARG G 123 -48.24 31.07 32.35
N MET G 124 -47.62 31.88 33.21
CA MET G 124 -48.31 32.35 34.40
C MET G 124 -49.34 33.42 34.05
N VAL G 125 -50.58 33.20 34.47
CA VAL G 125 -51.64 34.19 34.36
C VAL G 125 -51.84 34.84 35.71
N GLY G 126 -52.31 36.08 35.70
CA GLY G 126 -52.45 36.82 36.93
C GLY G 126 -53.61 36.30 37.77
N PHE G 127 -53.38 36.23 39.08
CA PHE G 127 -54.41 35.89 40.05
C PHE G 127 -55.15 37.14 40.48
N PRO G 128 -56.34 36.99 41.08
CA PRO G 128 -57.15 38.19 41.40
C PRO G 128 -56.42 39.28 42.17
N ASN G 129 -55.56 38.93 43.13
CA ASN G 129 -54.86 39.92 43.93
C ASN G 129 -53.56 40.40 43.28
N ASP G 130 -53.20 39.87 42.13
CA ASP G 130 -51.91 40.17 41.53
C ASP G 130 -51.91 41.54 40.86
N ALA G 131 -50.74 42.17 40.87
CA ALA G 131 -50.45 43.36 40.05
C ALA G 131 -49.15 43.06 39.29
N LEU G 132 -49.25 42.15 38.32
CA LEU G 132 -48.08 41.57 37.69
C LEU G 132 -47.44 42.56 36.72
N GLU G 133 -46.18 42.89 36.96
CA GLU G 133 -45.39 43.60 35.97
C GLU G 133 -45.00 42.64 34.85
N PRO G 134 -45.39 42.90 33.61
CA PRO G 134 -45.05 41.96 32.53
C PRO G 134 -43.55 41.77 32.34
N ALA G 135 -42.75 42.81 32.55
CA ALA G 135 -41.30 42.69 32.41
C ALA G 135 -40.67 41.88 33.53
N CYS G 136 -41.39 41.60 34.61
CA CYS G 136 -40.87 40.85 35.74
C CYS G 136 -41.51 39.46 35.84
N CYS G 137 -41.93 38.90 34.71
CA CYS G 137 -42.63 37.63 34.70
C CYS G 137 -42.07 36.73 33.60
N HIS G 138 -42.24 35.42 33.80
CA HIS G 138 -41.92 34.39 32.82
C HIS G 138 -40.43 34.36 32.47
N GLY G 139 -40.07 33.59 31.46
CA GLY G 139 -38.70 33.46 31.01
C GLY G 139 -38.46 32.12 30.35
N ASP G 140 -37.48 32.10 29.45
CA ASP G 140 -37.12 30.86 28.77
C ASP G 140 -36.47 29.87 29.73
N LEU G 141 -35.61 30.35 30.63
CA LEU G 141 -34.87 29.49 31.52
C LEU G 141 -34.64 30.22 32.83
N SER G 142 -34.78 29.49 33.95
CA SER G 142 -34.59 30.06 35.27
C SER G 142 -33.44 29.36 35.97
N LEU G 143 -32.69 30.12 36.77
CA LEU G 143 -31.58 29.61 37.55
C LEU G 143 -31.77 30.03 39.00
N GLN G 144 -31.64 29.07 39.92
CA GLN G 144 -31.80 29.32 41.35
C GLN G 144 -30.44 29.15 42.02
N PHE G 145 -29.86 30.26 42.44
CA PHE G 145 -28.57 30.27 43.15
C PHE G 145 -28.85 30.29 44.64
N CYS G 146 -28.31 29.30 45.36
CA CYS G 146 -28.50 29.19 46.81
C CYS G 146 -27.14 28.90 47.44
N SER G 147 -26.67 29.81 48.29
CA SER G 147 -25.38 29.66 48.95
C SER G 147 -25.43 30.36 50.30
N ASN G 148 -24.29 30.36 51.00
CA ASN G 148 -24.24 30.94 52.33
C ASN G 148 -24.32 32.46 52.29
N THR G 149 -23.70 33.08 51.29
CA THR G 149 -23.66 34.52 51.18
C THR G 149 -24.15 34.94 49.80
N ALA G 150 -24.45 36.24 49.68
CA ALA G 150 -24.93 36.77 48.41
C ALA G 150 -23.78 36.91 47.41
N ASP G 151 -22.60 37.27 47.89
CA ASP G 151 -21.46 37.48 47.00
C ASP G 151 -21.09 36.19 46.25
N THR G 152 -21.30 35.04 46.87
CA THR G 152 -21.09 33.78 46.17
C THR G 152 -22.12 33.59 45.07
N ASN G 153 -23.39 33.87 45.37
CA ASN G 153 -24.43 33.82 44.34
C ASN G 153 -24.13 34.82 43.23
N ILE G 154 -23.74 36.04 43.60
CA ILE G 154 -23.47 37.07 42.60
C ILE G 154 -22.26 36.69 41.75
N HIS G 155 -21.22 36.14 42.38
CA HIS G 155 -20.08 35.64 41.61
C HIS G 155 -20.51 34.49 40.70
N ALA G 156 -21.35 33.59 41.21
CA ALA G 156 -21.85 32.49 40.40
C ALA G 156 -22.67 33.00 39.22
N LEU G 157 -23.39 34.11 39.40
CA LEU G 157 -24.16 34.68 38.30
C LEU G 157 -23.28 35.45 37.33
N ARG G 158 -22.26 36.16 37.85
CA ARG G 158 -21.31 36.82 36.97
C ARG G 158 -20.59 35.81 36.08
N ASP G 159 -20.31 34.63 36.62
CA ASP G 159 -19.63 33.59 35.85
C ASP G 159 -20.52 33.05 34.75
N ILE G 160 -21.84 32.95 35.01
CA ILE G 160 -22.75 32.38 34.02
C ILE G 160 -22.95 33.34 32.84
N VAL G 161 -23.15 34.62 33.14
CA VAL G 161 -23.44 35.58 32.07
C VAL G 161 -22.19 35.85 31.25
N LYS G 162 -21.00 35.77 31.85
CA LYS G 162 -19.78 36.05 31.11
C LYS G 162 -19.50 34.98 30.06
N ASN G 163 -19.68 33.71 30.42
CA ASN G 163 -19.36 32.60 29.54
C ASN G 163 -20.50 32.26 28.57
N LEU G 164 -21.67 32.85 28.75
CA LEU G 164 -22.79 32.70 27.81
C LEU G 164 -23.29 34.08 27.38
N PRO G 165 -22.43 34.88 26.73
CA PRO G 165 -22.84 36.26 26.42
C PRO G 165 -23.77 36.38 25.22
N ASP G 166 -23.81 35.38 24.34
CA ASP G 166 -24.65 35.43 23.16
C ASP G 166 -25.82 34.46 23.22
N LEU G 167 -25.90 33.64 24.27
CA LEU G 167 -26.96 32.64 24.40
C LEU G 167 -28.00 32.96 25.45
N LEU G 168 -27.63 33.70 26.50
CA LEU G 168 -28.54 34.01 27.59
C LEU G 168 -28.59 35.52 27.81
N LEU G 169 -29.79 36.05 28.00
CA LEU G 169 -30.00 37.44 28.35
C LEU G 169 -30.83 37.50 29.63
N VAL G 170 -30.32 38.25 30.61
CA VAL G 170 -31.03 38.41 31.87
C VAL G 170 -32.33 39.16 31.63
N ARG G 171 -33.43 38.63 32.18
CA ARG G 171 -34.75 39.21 32.01
C ARG G 171 -35.29 39.83 33.29
N TRP G 172 -35.26 39.09 34.40
CA TRP G 172 -35.56 39.64 35.72
C TRP G 172 -34.93 38.74 36.77
N LYS G 173 -34.66 39.32 37.93
CA LYS G 173 -34.01 38.58 39.00
C LYS G 173 -34.52 39.12 40.35
N GLN G 174 -34.32 38.32 41.38
CA GLN G 174 -34.70 38.69 42.73
C GLN G 174 -33.83 37.92 43.71
N GLU G 175 -33.09 38.65 44.55
CA GLU G 175 -32.29 38.06 45.60
C GLU G 175 -33.05 38.11 46.92
N GLY G 176 -32.76 37.14 47.79
CA GLY G 176 -33.39 37.07 49.09
C GLY G 176 -32.45 36.48 50.10
N SER G 177 -32.83 36.63 51.36
CA SER G 177 -32.05 36.10 52.48
C SER G 177 -33.01 35.42 53.46
N VAL G 178 -32.44 34.81 54.49
CA VAL G 178 -33.22 34.10 55.49
C VAL G 178 -32.49 34.26 56.82
N PRO G 179 -33.19 34.41 57.94
CA PRO G 179 -32.52 34.67 59.21
C PRO G 179 -31.86 33.41 59.75
N PRO G 180 -30.55 33.44 59.98
CA PRO G 180 -29.90 32.34 60.70
C PRO G 180 -30.28 32.37 62.18
N GLN G 181 -30.18 31.21 62.81
CA GLN G 181 -30.52 31.07 64.22
C GLN G 181 -29.37 30.44 64.98
N ALA G 182 -29.35 30.68 66.29
CA ALA G 182 -28.33 30.12 67.16
C ALA G 182 -28.37 28.60 67.10
N PRO G 183 -27.25 27.93 67.48
CA PRO G 183 -27.20 26.47 67.42
C PRO G 183 -28.31 25.77 68.20
N GLY G 187 -30.20 19.83 71.01
CA GLY G 187 -31.30 18.97 70.63
C GLY G 187 -32.66 19.59 70.85
N GLU G 188 -32.70 20.91 70.95
CA GLU G 188 -33.97 21.61 70.96
C GLU G 188 -34.64 21.46 69.60
N PRO G 189 -35.97 21.43 69.57
CA PRO G 189 -36.67 21.27 68.28
C PRO G 189 -36.27 22.32 67.26
N ALA G 190 -35.76 21.87 66.13
CA ALA G 190 -35.33 22.79 65.08
C ALA G 190 -36.53 23.57 64.54
N GLN G 191 -36.32 24.85 64.28
CA GLN G 191 -37.39 25.75 63.86
C GLN G 191 -37.22 26.14 62.41
N SER G 192 -38.32 26.14 61.67
CA SER G 192 -38.31 26.72 60.33
C SER G 192 -38.08 28.22 60.43
N ALA G 193 -37.35 28.76 59.46
CA ALA G 193 -36.98 30.16 59.50
C ALA G 193 -38.21 31.05 59.37
N ARG G 194 -38.03 32.32 59.68
CA ARG G 194 -39.12 33.28 59.74
C ARG G 194 -39.07 34.22 58.56
N ASN G 195 -40.25 34.62 58.08
CA ASN G 195 -40.36 35.54 56.96
C ASN G 195 -40.40 36.98 57.46
N PHE G 196 -40.57 37.92 56.53
CA PHE G 196 -40.60 39.33 56.89
C PHE G 196 -41.92 39.76 57.52
N LEU G 197 -42.86 38.84 57.69
CA LEU G 197 -44.01 39.07 58.54
C LEU G 197 -43.77 38.62 59.98
N GLY G 198 -42.62 37.98 60.25
CA GLY G 198 -42.26 37.57 61.58
C GLY G 198 -42.75 36.20 62.00
N PHE G 199 -43.33 35.42 61.08
CA PHE G 199 -43.82 34.10 61.37
C PHE G 199 -42.88 33.05 60.81
N ARG G 200 -42.76 31.92 61.51
CA ARG G 200 -41.99 30.81 61.00
C ARG G 200 -42.59 30.29 59.71
N ASP G 201 -41.76 30.08 58.70
CA ASP G 201 -42.21 29.73 57.36
C ASP G 201 -41.66 28.37 56.96
N GLY G 202 -42.56 27.48 56.52
CA GLY G 202 -42.19 26.14 56.15
C GLY G 202 -42.41 25.08 57.20
N SER G 203 -43.16 25.39 58.26
CA SER G 203 -43.33 24.46 59.37
C SER G 203 -44.05 23.19 58.93
N ALA G 204 -45.17 23.35 58.23
CA ALA G 204 -45.97 22.22 57.79
C ALA G 204 -45.52 21.68 56.43
N ASN G 205 -44.26 21.88 56.06
CA ASN G 205 -43.74 21.30 54.84
C ASN G 205 -43.71 19.78 54.95
N PRO G 206 -43.91 19.07 53.85
CA PRO G 206 -43.76 17.61 53.87
C PRO G 206 -42.35 17.21 54.28
N ASP G 207 -42.25 16.04 54.90
CA ASP G 207 -40.97 15.55 55.40
C ASP G 207 -39.97 15.38 54.26
N SER G 208 -38.98 16.27 54.19
CA SER G 208 -37.96 16.20 53.14
C SER G 208 -37.03 15.01 53.31
N ASN G 209 -37.06 14.32 54.43
CA ASN G 209 -36.26 13.12 54.64
C ASN G 209 -37.02 11.85 54.29
N ASP G 210 -38.32 11.95 53.99
CA ASP G 210 -39.12 10.79 53.61
C ASP G 210 -39.07 10.66 52.09
N PRO G 211 -38.43 9.63 51.53
CA PRO G 211 -38.36 9.53 50.07
C PRO G 211 -39.69 9.19 49.43
N LYS G 212 -40.56 8.46 50.14
CA LYS G 212 -41.89 8.16 49.61
C LYS G 212 -42.72 9.43 49.48
N ALA G 213 -42.70 10.27 50.51
CA ALA G 213 -43.45 11.53 50.43
C ALA G 213 -42.87 12.46 49.37
N MET G 214 -41.55 12.45 49.19
CA MET G 214 -40.94 13.26 48.16
C MET G 214 -41.26 12.74 46.76
N GLN G 215 -41.40 11.42 46.61
CA GLN G 215 -41.73 10.86 45.32
C GLN G 215 -43.17 11.19 44.93
N GLN G 216 -44.09 11.18 45.89
CA GLN G 216 -45.50 11.44 45.59
C GLN G 216 -45.78 12.92 45.37
N ILE G 217 -45.06 13.80 46.05
CA ILE G 217 -45.37 15.22 46.08
C ILE G 217 -44.48 16.03 45.16
N VAL G 218 -43.16 15.81 45.21
CA VAL G 218 -42.20 16.70 44.58
C VAL G 218 -41.69 16.14 43.26
N TRP G 219 -41.29 14.88 43.23
CA TRP G 219 -40.58 14.31 42.08
C TRP G 219 -41.55 13.66 41.11
N VAL G 220 -41.37 13.96 39.82
CA VAL G 220 -42.15 13.29 38.78
C VAL G 220 -41.72 11.83 38.68
N GLN G 221 -42.69 10.93 38.79
CA GLN G 221 -42.34 9.51 38.73
C GLN G 221 -42.34 9.02 37.29
N PRO G 222 -41.45 8.09 36.95
CA PRO G 222 -41.38 7.61 35.56
C PRO G 222 -42.65 6.92 35.08
N GLY G 223 -43.50 6.44 35.98
CA GLY G 223 -44.72 5.77 35.60
C GLY G 223 -45.91 6.67 35.41
N SER G 224 -45.77 7.98 35.59
CA SER G 224 -46.89 8.90 35.48
C SER G 224 -47.13 9.28 34.03
N ASP G 225 -48.13 10.13 33.81
CA ASP G 225 -48.52 10.55 32.47
C ASP G 225 -47.64 11.67 31.91
N GLU G 226 -46.66 12.14 32.67
CA GLU G 226 -45.72 13.13 32.15
C GLU G 226 -44.79 12.48 31.14
N PRO G 227 -44.18 13.28 30.25
CA PRO G 227 -43.23 12.72 29.29
C PRO G 227 -42.10 11.97 29.98
N ALA G 228 -41.59 10.94 29.29
CA ALA G 228 -40.62 10.03 29.91
C ALA G 228 -39.33 10.75 30.29
N TRP G 229 -38.92 11.75 29.50
CA TRP G 229 -37.67 12.46 29.78
C TRP G 229 -37.74 13.20 31.11
N ALA G 230 -38.93 13.64 31.51
CA ALA G 230 -39.10 14.51 32.67
C ALA G 230 -39.10 13.76 34.00
N ALA G 231 -38.79 12.47 34.00
CA ALA G 231 -38.72 11.72 35.25
C ALA G 231 -37.68 12.33 36.17
N HIS G 232 -37.98 12.32 37.47
CA HIS G 232 -37.14 12.93 38.51
C HIS G 232 -37.02 14.44 38.34
N GLY G 233 -37.92 15.05 37.58
CA GLY G 233 -38.02 16.49 37.49
C GLY G 233 -39.08 17.03 38.45
N SER G 234 -39.26 18.35 38.40
CA SER G 234 -40.21 18.99 39.31
C SER G 234 -40.66 20.31 38.70
N TYR G 235 -41.91 20.67 38.99
CA TYR G 235 -42.45 21.97 38.60
C TYR G 235 -42.01 23.02 39.61
N GLN G 236 -41.47 24.13 39.12
CA GLN G 236 -41.01 25.22 39.97
C GLN G 236 -41.97 26.39 39.83
N ALA G 237 -42.60 26.77 40.93
CA ALA G 237 -43.46 27.94 41.00
C ALA G 237 -42.74 29.04 41.75
N VAL G 238 -42.66 30.22 41.16
CA VAL G 238 -42.00 31.37 41.77
C VAL G 238 -42.97 32.55 41.79
N ARG G 239 -43.00 33.25 42.92
CA ARG G 239 -43.86 34.42 43.09
C ARG G 239 -43.11 35.46 43.91
N ILE G 240 -43.02 36.68 43.38
CA ILE G 240 -42.41 37.80 44.09
C ILE G 240 -43.55 38.57 44.75
N ILE G 241 -43.79 38.28 46.02
CA ILE G 241 -44.93 38.82 46.75
C ILE G 241 -44.45 39.94 47.65
N ARG G 242 -44.98 41.14 47.46
CA ARG G 242 -44.63 42.29 48.27
C ARG G 242 -45.41 42.29 49.57
N ASN G 243 -44.73 42.62 50.67
CA ASN G 243 -45.35 42.73 51.98
C ASN G 243 -45.43 44.19 52.37
N PHE G 244 -46.63 44.64 52.75
CA PHE G 244 -46.81 46.00 53.28
C PHE G 244 -46.51 45.95 54.77
N VAL G 245 -45.21 45.98 55.07
CA VAL G 245 -44.72 45.68 56.41
C VAL G 245 -45.09 46.78 57.40
N GLU G 246 -45.16 48.03 56.94
CA GLU G 246 -45.48 49.13 57.85
C GLU G 246 -46.88 48.96 58.44
N ARG G 247 -47.86 48.66 57.59
CA ARG G 247 -49.21 48.44 58.08
C ARG G 247 -49.33 47.13 58.85
N TRP G 248 -48.51 46.13 58.48
CA TRP G 248 -48.51 44.86 59.21
C TRP G 248 -47.95 45.02 60.62
N ASP G 249 -46.98 45.92 60.80
CA ASP G 249 -46.38 46.12 62.12
C ASP G 249 -47.25 46.96 63.03
N ARG G 250 -48.24 47.68 62.49
CA ARG G 250 -49.23 48.35 63.31
C ARG G 250 -50.57 47.60 63.32
N THR G 251 -50.57 46.35 62.88
CA THR G 251 -51.69 45.43 62.96
C THR G 251 -51.65 44.68 64.29
N PRO G 252 -52.76 44.54 65.00
CA PRO G 252 -52.73 43.85 66.29
C PRO G 252 -52.24 42.41 66.15
N LEU G 253 -51.62 41.92 67.23
CA LEU G 253 -51.10 40.55 67.22
C LEU G 253 -52.23 39.53 67.10
N GLN G 254 -53.39 39.82 67.69
CA GLN G 254 -54.52 38.90 67.57
C GLN G 254 -54.97 38.76 66.13
N GLU G 255 -55.00 39.87 65.38
CA GLU G 255 -55.39 39.80 63.98
C GLU G 255 -54.27 39.19 63.13
N GLN G 256 -53.01 39.46 63.50
CA GLN G 256 -51.89 38.87 62.77
C GLN G 256 -51.94 37.35 62.83
N GLU G 257 -52.23 36.79 64.01
CA GLU G 257 -52.26 35.35 64.16
C GLU G 257 -53.51 34.75 63.54
N SER G 258 -54.68 35.38 63.75
CA SER G 258 -55.92 34.87 63.18
C SER G 258 -55.87 34.81 61.66
N ILE G 259 -55.10 35.70 61.03
CA ILE G 259 -54.97 35.67 59.58
C ILE G 259 -54.13 34.48 59.14
N ILE G 260 -53.01 34.25 59.81
CA ILE G 260 -52.10 33.19 59.41
C ILE G 260 -52.63 31.82 59.86
N GLY G 261 -53.18 31.74 61.06
CA GLY G 261 -53.61 30.49 61.62
C GLY G 261 -52.61 29.83 62.55
N ARG G 262 -51.57 30.54 62.96
CA ARG G 262 -50.55 30.01 63.84
C ARG G 262 -50.10 31.11 64.80
N ILE G 263 -49.61 30.69 65.98
CA ILE G 263 -49.09 31.63 66.96
C ILE G 263 -47.74 32.13 66.50
N LYS G 264 -47.56 33.45 66.49
CA LYS G 264 -46.33 34.06 66.01
C LYS G 264 -45.13 33.68 66.87
N THR G 265 -45.35 33.40 68.15
CA THR G 265 -44.24 33.21 69.08
C THR G 265 -43.60 31.83 68.94
N SER G 266 -44.41 30.77 69.06
CA SER G 266 -43.91 29.40 69.01
C SER G 266 -44.20 28.70 67.70
N GLY G 267 -44.92 29.33 66.79
CA GLY G 267 -45.26 28.66 65.54
C GLY G 267 -46.22 27.51 65.70
N ALA G 268 -46.89 27.42 66.84
CA ALA G 268 -47.77 26.32 67.14
C ALA G 268 -49.14 26.52 66.49
N PRO G 269 -49.88 25.44 66.26
CA PRO G 269 -51.27 25.59 65.81
C PRO G 269 -52.12 26.24 66.88
N MET G 270 -53.32 26.65 66.49
CA MET G 270 -54.20 27.37 67.41
C MET G 270 -54.64 26.49 68.58
N ASP G 271 -54.77 25.18 68.36
CA ASP G 271 -55.15 24.25 69.41
C ASP G 271 -53.95 23.47 69.96
N GLY G 272 -52.73 23.88 69.63
CA GLY G 272 -51.54 23.20 70.06
C GLY G 272 -50.58 24.12 70.80
N GLN G 273 -49.43 23.55 71.16
CA GLN G 273 -48.41 24.27 71.90
C GLN G 273 -47.03 24.24 71.27
N LYS G 274 -46.75 23.30 70.36
CA LYS G 274 -45.45 23.17 69.74
C LYS G 274 -45.55 23.44 68.24
N GLU G 275 -44.42 23.87 67.67
CA GLU G 275 -44.40 24.22 66.24
C GLU G 275 -44.67 23.01 65.35
N SER G 276 -44.22 21.82 65.76
CA SER G 276 -44.39 20.62 64.95
C SER G 276 -45.81 20.08 64.96
N GLN G 277 -46.68 20.58 65.84
CA GLN G 277 -48.04 20.06 65.91
C GLN G 277 -48.89 20.61 64.77
N VAL G 278 -49.96 19.88 64.46
CA VAL G 278 -50.88 20.26 63.39
C VAL G 278 -52.27 20.45 63.98
N PRO G 279 -53.09 21.36 63.45
CA PRO G 279 -54.43 21.55 64.00
C PRO G 279 -55.36 20.40 63.62
N ASP G 280 -56.45 20.31 64.38
CA ASP G 280 -57.49 19.30 64.16
C ASP G 280 -58.72 20.01 63.60
N TYR G 281 -58.85 20.01 62.27
CA TYR G 281 -59.97 20.69 61.63
C TYR G 281 -61.27 19.91 61.78
N ALA G 282 -61.20 18.63 62.14
CA ALA G 282 -62.40 17.85 62.42
C ALA G 282 -63.00 18.15 63.79
N ARG G 283 -62.34 18.99 64.59
CA ARG G 283 -62.87 19.42 65.87
C ARG G 283 -63.16 20.90 65.91
N ASP G 284 -62.96 21.62 64.80
CA ASP G 284 -63.24 23.06 64.72
C ASP G 284 -63.79 23.39 63.34
N PRO G 285 -64.94 22.80 62.97
CA PRO G 285 -65.45 23.00 61.60
C PRO G 285 -66.08 24.37 61.37
N HIS G 286 -66.19 25.21 62.41
CA HIS G 286 -66.80 26.52 62.28
C HIS G 286 -65.78 27.65 62.45
N GLY G 287 -64.49 27.34 62.35
CA GLY G 287 -63.46 28.35 62.44
C GLY G 287 -63.40 29.06 63.78
N LYS G 288 -63.71 28.36 64.86
CA LYS G 288 -63.75 29.01 66.17
C LYS G 288 -62.34 29.23 66.73
N VAL G 289 -61.43 28.28 66.53
CA VAL G 289 -60.05 28.43 66.96
C VAL G 289 -59.11 28.72 65.81
N THR G 290 -59.35 28.15 64.62
CA THR G 290 -58.57 28.45 63.43
C THR G 290 -59.55 28.93 62.36
N LYS G 291 -59.45 30.22 62.02
CA LYS G 291 -60.42 30.85 61.13
C LYS G 291 -60.53 30.09 59.81
N LEU G 292 -61.75 30.08 59.25
CA LEU G 292 -61.97 29.40 57.98
C LEU G 292 -61.20 30.08 56.85
N ASP G 293 -60.94 31.38 56.97
CA ASP G 293 -60.15 32.11 55.99
C ASP G 293 -58.71 32.30 56.45
N ALA G 294 -58.28 31.56 57.47
CA ALA G 294 -56.89 31.59 57.85
C ALA G 294 -56.03 31.01 56.75
N HIS G 295 -54.75 31.39 56.76
CA HIS G 295 -53.88 31.05 55.65
C HIS G 295 -53.66 29.55 55.56
N ILE G 296 -53.33 28.90 56.67
CA ILE G 296 -53.02 27.48 56.64
C ILE G 296 -54.27 26.63 56.42
N ARG G 297 -55.43 27.11 56.88
CA ARG G 297 -56.66 26.35 56.66
C ARG G 297 -57.08 26.37 55.20
N LEU G 298 -56.82 27.47 54.49
CA LEU G 298 -57.08 27.52 53.06
C LEU G 298 -55.98 26.83 52.28
N ALA G 299 -54.73 26.96 52.73
CA ALA G 299 -53.62 26.33 52.02
C ALA G 299 -53.68 24.82 52.12
N ASN G 300 -53.95 24.29 53.31
CA ASN G 300 -54.05 22.84 53.53
C ASN G 300 -55.34 22.55 54.28
N PRO G 301 -56.46 22.38 53.57
CA PRO G 301 -57.72 22.03 54.26
C PRO G 301 -57.65 20.71 55.02
N ARG G 302 -56.64 19.88 54.76
CA ARG G 302 -56.37 18.68 55.54
C ARG G 302 -57.52 17.67 55.45
N THR G 303 -57.81 17.26 54.22
CA THR G 303 -58.78 16.21 53.95
C THR G 303 -58.11 15.15 53.07
N ALA G 304 -58.82 14.04 52.87
CA ALA G 304 -58.30 13.00 52.00
C ALA G 304 -58.11 13.51 50.58
N GLN G 305 -59.01 14.38 50.13
CA GLN G 305 -58.87 14.97 48.79
C GLN G 305 -57.76 16.02 48.77
N SER G 306 -57.51 16.69 49.90
CA SER G 306 -56.57 17.80 49.92
C SER G 306 -55.12 17.37 49.99
N GLN G 307 -54.84 16.12 50.38
CA GLN G 307 -53.47 15.62 50.33
C GLN G 307 -52.93 15.54 48.91
N GLN G 308 -53.80 15.70 47.91
CA GLN G 308 -53.40 15.77 46.51
C GLN G 308 -52.71 17.08 46.15
N ASN G 309 -52.78 18.09 47.03
CA ASN G 309 -52.28 19.43 46.73
C ASN G 309 -51.15 19.85 47.66
N LEU G 310 -50.41 18.88 48.19
CA LEU G 310 -49.26 19.22 49.02
C LEU G 310 -48.11 19.73 48.17
N ILE G 311 -47.35 20.69 48.72
CA ILE G 311 -46.26 21.33 48.01
C ILE G 311 -45.07 21.49 48.95
N LEU G 312 -43.89 21.63 48.37
CA LEU G 312 -42.65 21.84 49.11
C LEU G 312 -42.20 23.27 48.91
N ARG G 313 -42.26 24.08 49.96
CA ARG G 313 -41.92 25.50 49.90
C ARG G 313 -40.52 25.72 50.48
N ARG G 314 -39.71 26.50 49.77
CA ARG G 314 -38.44 27.01 50.29
C ARG G 314 -38.24 28.42 49.78
N PRO G 315 -38.97 29.39 50.34
CA PRO G 315 -38.87 30.76 49.84
C PRO G 315 -37.67 31.51 50.42
N PHE G 316 -37.58 32.80 50.12
CA PHE G 316 -36.58 33.67 50.70
C PHE G 316 -37.22 35.01 51.02
N ASN G 317 -36.59 35.74 51.94
CA ASN G 317 -37.06 37.05 52.35
C ASN G 317 -36.27 38.11 51.60
N TYR G 318 -36.92 38.80 50.67
CA TYR G 318 -36.27 39.79 49.82
C TYR G 318 -36.53 41.19 50.34
N SER G 319 -35.56 42.08 50.10
CA SER G 319 -35.67 43.48 50.48
C SER G 319 -35.08 44.32 49.36
N ASN G 320 -35.90 45.21 48.79
CA ASN G 320 -35.50 46.06 47.68
C ASN G 320 -35.47 47.52 48.14
N GLY G 321 -35.75 48.45 47.22
CA GLY G 321 -35.64 49.86 47.50
C GLY G 321 -36.83 50.42 48.26
N VAL G 322 -37.10 51.70 48.04
CA VAL G 322 -38.17 52.42 48.72
C VAL G 322 -39.17 52.90 47.68
N ASN G 323 -40.46 52.76 48.00
CA ASN G 323 -41.49 53.37 47.19
C ASN G 323 -41.48 54.88 47.38
N LYS G 324 -42.15 55.58 46.46
CA LYS G 324 -42.13 57.04 46.50
C LYS G 324 -42.89 57.60 47.70
N ASN G 325 -43.78 56.82 48.32
CA ASN G 325 -44.46 57.24 49.53
C ASN G 325 -43.70 56.87 50.80
N GLY G 326 -42.48 56.34 50.66
CA GLY G 326 -41.66 56.00 51.79
C GLY G 326 -41.76 54.58 52.28
N GLN G 327 -42.67 53.78 51.71
CA GLN G 327 -42.84 52.41 52.17
C GLN G 327 -41.69 51.54 51.69
N LEU G 328 -41.31 50.57 52.52
CA LEU G 328 -40.20 49.68 52.22
C LEU G 328 -40.70 48.51 51.38
N ASP G 329 -40.13 48.36 50.19
CA ASP G 329 -40.50 47.29 49.26
C ASP G 329 -39.74 46.03 49.68
N MET G 330 -40.34 45.28 50.60
CA MET G 330 -39.78 44.01 51.05
C MET G 330 -40.92 43.02 51.20
N GLY G 331 -40.60 41.73 51.07
CA GLY G 331 -41.61 40.70 51.18
C GLY G 331 -41.06 39.29 51.15
N LEU G 332 -41.71 38.42 50.38
CA LEU G 332 -41.35 37.00 50.32
C LEU G 332 -41.10 36.62 48.87
N LEU G 333 -39.89 36.11 48.60
CA LEU G 333 -39.57 35.49 47.31
C LEU G 333 -40.09 34.06 47.38
N PHE G 334 -41.36 33.89 47.01
CA PHE G 334 -41.99 32.58 47.13
C PHE G 334 -41.47 31.64 46.06
N ILE G 335 -40.84 30.54 46.48
CA ILE G 335 -40.41 29.48 45.59
C ILE G 335 -40.90 28.16 46.17
N CYS G 336 -41.64 27.40 45.37
CA CYS G 336 -42.15 26.10 45.80
C CYS G 336 -42.03 25.11 44.67
N TYR G 337 -41.97 23.82 45.02
CA TYR G 337 -41.78 22.75 44.07
C TYR G 337 -42.86 21.69 44.27
N GLN G 338 -43.21 21.02 43.17
CA GLN G 338 -44.26 20.01 43.17
C GLN G 338 -44.16 19.20 41.89
N ALA G 339 -44.69 17.98 41.94
CA ALA G 339 -44.71 17.10 40.77
C ALA G 339 -45.87 17.39 39.83
N ASP G 340 -46.84 18.19 40.26
CA ASP G 340 -47.97 18.60 39.42
C ASP G 340 -48.24 20.07 39.72
N LEU G 341 -48.01 20.93 38.73
CA LEU G 341 -48.16 22.36 38.96
C LEU G 341 -49.62 22.74 39.18
N GLU G 342 -50.53 22.19 38.37
CA GLU G 342 -51.94 22.51 38.54
C GLU G 342 -52.49 21.95 39.84
N LYS G 343 -52.13 20.70 40.18
CA LYS G 343 -52.57 20.13 41.45
C LYS G 343 -51.85 20.77 42.63
N GLY G 344 -50.64 21.29 42.42
CA GLY G 344 -49.86 21.85 43.50
C GLY G 344 -50.12 23.32 43.77
N PHE G 345 -49.21 24.19 43.31
CA PHE G 345 -49.28 25.60 43.64
C PHE G 345 -50.57 26.23 43.13
N ILE G 346 -50.97 25.90 41.90
CA ILE G 346 -52.11 26.58 41.29
C ILE G 346 -53.40 26.26 42.04
N ALA G 347 -53.59 24.99 42.43
CA ALA G 347 -54.78 24.62 43.18
C ALA G 347 -54.78 25.28 44.56
N VAL G 348 -53.62 25.37 45.21
CA VAL G 348 -53.54 26.01 46.51
C VAL G 348 -53.77 27.50 46.39
N GLN G 349 -53.15 28.14 45.39
CA GLN G 349 -53.35 29.58 45.19
C GLN G 349 -54.79 29.90 44.83
N THR G 350 -55.48 28.97 44.16
CA THR G 350 -56.88 29.18 43.82
C THR G 350 -57.74 29.30 45.08
N ARG G 351 -57.51 28.43 46.06
CA ARG G 351 -58.25 28.51 47.31
C ARG G 351 -57.90 29.77 48.09
N LEU G 352 -56.67 30.27 47.93
CA LEU G 352 -56.22 31.43 48.70
C LEU G 352 -56.70 32.75 48.13
N ASN G 353 -57.35 32.74 46.97
CA ASN G 353 -57.88 33.97 46.40
C ASN G 353 -58.95 34.55 47.31
N GLY G 354 -58.75 35.79 47.77
CA GLY G 354 -59.66 36.44 48.66
C GLY G 354 -59.33 36.32 50.13
N GLU G 355 -58.21 35.68 50.47
CA GLU G 355 -57.83 35.51 51.87
C GLU G 355 -57.58 36.87 52.52
N PRO G 356 -57.82 36.99 53.82
CA PRO G 356 -57.56 38.27 54.50
C PRO G 356 -56.10 38.69 54.49
N LEU G 357 -55.17 37.77 54.22
CA LEU G 357 -53.77 38.15 54.13
C LEU G 357 -53.46 38.97 52.89
N GLU G 358 -54.28 38.84 51.84
CA GLU G 358 -54.11 39.66 50.64
C GLU G 358 -54.16 41.15 50.96
N GLU G 359 -54.75 41.52 52.10
CA GLU G 359 -54.70 42.90 52.57
C GLU G 359 -53.26 43.40 52.67
N TYR G 360 -52.31 42.52 52.98
CA TYR G 360 -50.92 42.89 53.18
C TYR G 360 -49.99 42.30 52.12
N LEU G 361 -50.53 41.74 51.04
CA LEU G 361 -49.73 41.12 50.00
C LEU G 361 -49.98 41.78 48.66
N LYS G 362 -49.00 41.65 47.77
CA LYS G 362 -49.11 42.14 46.39
C LYS G 362 -48.11 41.40 45.50
N PRO G 363 -48.49 40.28 44.91
CA PRO G 363 -47.58 39.59 43.97
C PRO G 363 -47.35 40.45 42.73
N THR G 364 -46.09 40.74 42.45
CA THR G 364 -45.72 41.61 41.34
C THR G 364 -44.91 40.92 40.25
N GLY G 365 -44.52 39.67 40.45
CA GLY G 365 -43.73 38.97 39.45
C GLY G 365 -43.54 37.52 39.83
N GLY G 366 -42.79 36.81 38.99
CA GLY G 366 -42.52 35.41 39.14
C GLY G 366 -42.79 34.67 37.84
N GLY G 367 -43.06 33.38 37.95
CA GLY G 367 -43.36 32.59 36.77
C GLY G 367 -43.32 31.11 37.08
N TYR G 368 -43.67 30.33 36.08
CA TYR G 368 -43.65 28.87 36.15
C TYR G 368 -42.50 28.33 35.34
N PHE G 369 -41.80 27.34 35.90
CA PHE G 369 -40.71 26.66 35.23
C PHE G 369 -40.71 25.20 35.65
N PHE G 370 -40.18 24.33 34.78
CA PHE G 370 -40.02 22.92 35.10
C PHE G 370 -38.55 22.65 35.37
N THR G 371 -38.23 22.28 36.60
CA THR G 371 -36.87 21.92 36.97
C THR G 371 -36.46 20.66 36.22
N LEU G 372 -35.36 20.75 35.48
CA LEU G 372 -34.90 19.62 34.67
C LEU G 372 -34.46 18.47 35.57
N PRO G 373 -34.55 17.23 35.08
CA PRO G 373 -34.10 16.09 35.87
C PRO G 373 -32.60 16.18 36.15
N GLY G 374 -32.21 15.69 37.32
CA GLY G 374 -30.81 15.73 37.70
C GLY G 374 -29.95 14.88 36.78
N VAL G 375 -28.68 15.25 36.69
CA VAL G 375 -27.73 14.58 35.81
C VAL G 375 -26.97 13.54 36.61
N THR G 376 -27.13 12.28 36.24
CA THR G 376 -26.32 11.18 36.78
C THR G 376 -25.66 10.45 35.62
N GLY G 377 -24.34 10.30 35.71
CA GLY G 377 -23.58 9.72 34.60
C GLY G 377 -22.61 10.70 33.99
N GLU G 378 -21.46 10.19 33.56
CA GLU G 378 -20.41 11.03 32.97
C GLU G 378 -20.69 11.37 31.52
N GLU G 379 -21.63 10.69 30.88
CA GLU G 379 -22.07 11.06 29.53
C GLU G 379 -23.21 12.05 29.56
N ASP G 380 -24.02 12.03 30.62
CA ASP G 380 -25.20 12.88 30.72
C ASP G 380 -24.81 14.31 31.08
N PHE G 381 -25.67 15.25 30.69
CA PHE G 381 -25.54 16.64 31.09
C PHE G 381 -26.93 17.21 31.27
N ILE G 382 -26.98 18.45 31.79
CA ILE G 382 -28.27 19.06 32.10
C ILE G 382 -29.07 19.25 30.82
N GLY G 383 -30.33 18.85 30.85
CA GLY G 383 -31.20 18.98 29.70
C GLY G 383 -30.96 18.00 28.58
N ARG G 384 -30.01 17.07 28.72
CA ARG G 384 -29.80 16.07 27.67
C ARG G 384 -31.03 15.18 27.52
N SER G 385 -31.71 14.87 28.63
CA SER G 385 -32.94 14.10 28.56
C SER G 385 -33.97 14.76 27.66
N LEU G 386 -34.10 16.09 27.77
CA LEU G 386 -35.06 16.81 26.92
C LEU G 386 -34.59 16.85 25.48
N LEU G 387 -33.28 16.95 25.25
CA LEU G 387 -32.76 17.00 23.89
C LEU G 387 -32.88 15.65 23.20
N ASP G 388 -32.53 14.57 23.91
CA ASP G 388 -32.60 13.24 23.31
C ASP G 388 -34.03 12.81 23.04
N ALA G 389 -34.98 13.27 23.85
CA ALA G 389 -36.38 12.94 23.65
C ALA G 389 -37.03 13.75 22.53
N THR G 390 -36.40 14.84 22.08
CA THR G 390 -36.96 15.70 21.04
C THR G 390 -36.17 15.65 19.74
N ARG G 391 -35.31 14.64 19.57
CA ARG G 391 -34.65 14.46 18.30
C ARG G 391 -35.71 14.13 17.25
N ALA H 2 101.70 -38.61 17.22
CA ALA H 2 101.72 -37.61 16.17
C ALA H 2 100.33 -37.34 15.64
N PRO H 3 99.87 -36.09 15.75
CA PRO H 3 98.50 -35.76 15.34
C PRO H 3 98.30 -35.97 13.84
N ALA H 4 97.05 -36.25 13.48
CA ALA H 4 96.71 -36.63 12.11
C ALA H 4 96.81 -35.44 11.17
N GLN H 5 97.05 -35.75 9.89
CA GLN H 5 97.05 -34.73 8.85
C GLN H 5 95.64 -34.17 8.67
N VAL H 6 95.58 -33.01 8.00
CA VAL H 6 94.30 -32.32 7.84
C VAL H 6 93.33 -33.16 7.03
N THR H 7 93.73 -33.52 5.81
CA THR H 7 92.85 -34.28 4.92
C THR H 7 92.81 -35.77 5.23
N GLU H 8 93.40 -36.19 6.35
CA GLU H 8 93.27 -37.59 6.77
C GLU H 8 91.80 -37.91 7.00
N ALA H 9 91.39 -39.09 6.52
CA ALA H 9 89.98 -39.45 6.58
C ALA H 9 89.52 -39.54 8.03
N PRO H 10 88.30 -39.10 8.34
CA PRO H 10 87.76 -39.28 9.68
C PRO H 10 87.65 -40.76 10.02
N SER H 11 87.72 -41.06 11.32
CA SER H 11 87.79 -42.44 11.80
C SER H 11 86.46 -42.84 12.42
N SER H 12 85.92 -43.98 11.98
CA SER H 12 84.70 -44.54 12.53
C SER H 12 84.90 -46.03 12.76
N ASP H 13 84.35 -46.53 13.87
CA ASP H 13 84.44 -47.94 14.24
C ASP H 13 83.23 -48.74 13.79
N LYS H 14 82.49 -48.25 12.79
CA LYS H 14 81.25 -48.88 12.38
C LYS H 14 81.13 -49.03 10.86
N THR H 15 82.25 -48.96 10.14
CA THR H 15 82.20 -49.18 8.69
C THR H 15 81.80 -50.60 8.34
N GLN H 16 81.77 -51.51 9.31
CA GLN H 16 81.41 -52.90 9.09
C GLN H 16 80.00 -53.24 9.54
N ASP H 17 79.18 -52.23 9.85
CA ASP H 17 77.77 -52.47 10.16
C ASP H 17 77.08 -53.10 8.97
N ARG H 18 76.49 -54.27 9.17
CA ARG H 18 75.91 -55.03 8.07
C ARG H 18 74.45 -55.36 8.37
N HIS H 19 73.62 -55.29 7.33
CA HIS H 19 72.23 -55.73 7.38
C HIS H 19 71.99 -56.74 6.28
N ASP H 20 71.22 -57.79 6.59
CA ASP H 20 70.93 -58.80 5.60
C ASP H 20 70.04 -58.21 4.51
N PHE H 21 70.41 -58.46 3.25
CA PHE H 21 69.62 -58.01 2.12
C PHE H 21 68.45 -58.94 1.86
N HIS H 22 68.64 -60.24 2.07
CA HIS H 22 67.56 -61.20 1.87
C HIS H 22 66.57 -61.16 3.03
N GLY H 23 65.35 -61.60 2.76
CA GLY H 23 64.33 -61.64 3.79
C GLY H 23 62.95 -61.75 3.19
N GLN H 24 62.01 -62.20 4.04
CA GLN H 24 60.60 -62.19 3.67
C GLN H 24 60.13 -60.78 3.36
N HIS H 25 60.68 -59.79 4.03
CA HIS H 25 60.49 -58.39 3.69
C HIS H 25 61.79 -57.80 3.18
N GLN H 26 61.68 -56.63 2.53
CA GLN H 26 62.84 -55.86 2.20
C GLN H 26 63.35 -55.11 3.43
N SER H 27 64.65 -54.88 3.48
CA SER H 27 65.22 -54.15 4.60
C SER H 27 64.91 -52.66 4.46
N GLY H 28 65.18 -51.91 5.51
CA GLY H 28 65.00 -50.47 5.46
C GLY H 28 63.62 -49.98 5.80
N ILE H 29 62.77 -50.83 6.37
CA ILE H 29 61.45 -50.41 6.82
C ILE H 29 61.35 -50.63 8.32
N VAL H 30 61.36 -51.89 8.75
CA VAL H 30 61.50 -52.20 10.17
C VAL H 30 62.95 -52.23 10.61
N THR H 31 63.89 -52.14 9.68
CA THR H 31 65.30 -52.04 10.03
C THR H 31 65.54 -50.73 10.79
N PRO H 32 66.33 -50.76 11.87
CA PRO H 32 66.64 -49.52 12.58
C PRO H 32 67.24 -48.47 11.66
N ARG H 33 66.79 -47.23 11.82
CA ARG H 33 67.18 -46.17 10.90
C ARG H 33 68.58 -45.67 11.21
N PRO H 34 69.48 -45.64 10.24
CA PRO H 34 70.82 -45.09 10.48
C PRO H 34 70.83 -43.58 10.39
N ALA H 35 72.03 -42.98 10.35
CA ALA H 35 72.14 -41.54 10.38
C ALA H 35 71.84 -40.89 9.04
N ALA H 36 72.23 -41.53 7.94
CA ALA H 36 72.12 -40.94 6.61
C ALA H 36 71.05 -41.63 5.78
N GLY H 37 70.28 -40.83 5.05
CA GLY H 37 69.23 -41.37 4.21
C GLY H 37 69.16 -40.60 2.90
N MET H 38 68.66 -41.29 1.87
CA MET H 38 68.54 -40.69 0.54
C MET H 38 67.50 -41.49 -0.24
N LEU H 39 66.54 -40.78 -0.83
CA LEU H 39 65.50 -41.40 -1.65
C LEU H 39 65.60 -40.84 -3.06
N VAL H 40 65.83 -41.71 -4.03
CA VAL H 40 65.96 -41.33 -5.43
C VAL H 40 64.77 -41.92 -6.20
N SER H 41 64.16 -41.11 -7.04
CA SER H 41 63.05 -41.54 -7.89
C SER H 41 63.57 -41.66 -9.32
N PHE H 42 63.30 -42.80 -9.96
CA PHE H 42 63.83 -43.10 -11.27
C PHE H 42 62.69 -43.24 -12.29
N ASP H 43 63.03 -42.98 -13.55
CA ASP H 43 62.19 -43.34 -14.68
C ASP H 43 62.75 -44.62 -15.29
N VAL H 44 61.90 -45.62 -15.44
CA VAL H 44 62.31 -46.91 -15.98
C VAL H 44 62.26 -46.82 -17.50
N LEU H 45 63.44 -46.72 -18.13
CA LEU H 45 63.56 -46.65 -19.57
C LEU H 45 63.60 -48.04 -20.22
N ALA H 46 63.42 -49.10 -19.45
CA ALA H 46 63.40 -50.44 -20.00
C ALA H 46 62.30 -50.58 -21.04
N SER H 47 62.68 -51.06 -22.22
CA SER H 47 61.73 -51.11 -23.33
C SER H 47 60.66 -52.17 -23.10
N ASP H 48 61.05 -53.44 -23.04
CA ASP H 48 60.09 -54.52 -23.00
C ASP H 48 60.13 -55.23 -21.64
N ARG H 49 59.54 -56.42 -21.58
CA ARG H 49 59.52 -57.21 -20.35
C ARG H 49 60.89 -57.81 -20.07
N ASP H 50 61.60 -58.23 -21.12
CA ASP H 50 62.96 -58.74 -20.94
C ASP H 50 63.88 -57.64 -20.41
N ASP H 51 63.70 -56.41 -20.89
CA ASP H 51 64.49 -55.29 -20.38
C ASP H 51 64.21 -55.04 -18.91
N LEU H 52 62.94 -55.11 -18.51
CA LEU H 52 62.61 -54.92 -17.10
C LEU H 52 63.13 -56.06 -16.24
N GLU H 53 63.18 -57.27 -16.79
CA GLU H 53 63.73 -58.40 -16.04
C GLU H 53 65.21 -58.22 -15.77
N ARG H 54 65.97 -57.79 -16.79
CA ARG H 54 67.39 -57.53 -16.59
C ARG H 54 67.61 -56.38 -15.62
N LEU H 55 66.73 -55.38 -15.67
CA LEU H 55 66.78 -54.29 -14.69
C LEU H 55 66.68 -54.84 -13.27
N PHE H 56 65.73 -55.75 -13.04
CA PHE H 56 65.53 -56.28 -11.70
C PHE H 56 66.68 -57.19 -11.29
N ARG H 57 67.14 -58.05 -12.20
CA ARG H 57 68.24 -58.95 -11.89
C ARG H 57 69.52 -58.19 -11.61
N THR H 58 69.79 -57.13 -12.39
CA THR H 58 70.97 -56.32 -12.15
C THR H 58 70.83 -55.52 -10.86
N LEU H 59 69.65 -54.92 -10.63
CA LEU H 59 69.40 -54.23 -9.37
C LEU H 59 69.58 -55.18 -8.19
N ASP H 60 69.10 -56.42 -8.32
CA ASP H 60 69.29 -57.41 -7.27
C ASP H 60 70.77 -57.70 -7.06
N GLN H 61 71.53 -57.85 -8.16
CA GLN H 61 72.94 -58.19 -8.05
C GLN H 61 73.73 -57.06 -7.41
N ARG H 62 73.44 -55.81 -7.77
CA ARG H 62 74.19 -54.69 -7.23
C ARG H 62 73.84 -54.44 -5.77
N ILE H 63 72.56 -54.55 -5.41
CA ILE H 63 72.16 -54.32 -4.02
C ILE H 63 72.73 -55.41 -3.11
N ALA H 64 72.77 -56.65 -3.59
CA ALA H 64 73.28 -57.75 -2.78
C ALA H 64 74.73 -57.50 -2.39
N PHE H 65 75.55 -57.07 -3.34
CA PHE H 65 76.96 -56.82 -3.04
C PHE H 65 77.15 -55.54 -2.25
N LEU H 66 76.35 -54.50 -2.56
CA LEU H 66 76.52 -53.22 -1.89
C LEU H 66 76.23 -53.32 -0.40
N MET H 67 75.17 -54.04 -0.03
CA MET H 67 74.83 -54.19 1.38
C MET H 67 75.76 -55.16 2.10
N ARG H 68 76.32 -56.13 1.39
CA ARG H 68 77.19 -57.12 2.02
C ARG H 68 78.63 -56.63 2.11
N GLY H 69 79.07 -55.82 1.16
CA GLY H 69 80.45 -55.39 1.11
C GLY H 69 81.35 -56.43 0.47
N GLY H 70 82.62 -56.07 0.38
CA GLY H 70 83.62 -56.93 -0.22
C GLY H 70 84.52 -56.19 -1.18
N PRO H 71 85.58 -56.84 -1.64
CA PRO H 71 86.53 -56.18 -2.53
C PRO H 71 85.96 -56.00 -3.93
N VAL H 72 86.34 -54.88 -4.55
CA VAL H 72 85.99 -54.63 -5.94
C VAL H 72 87.11 -55.20 -6.81
N ALA H 73 86.73 -56.07 -7.75
CA ALA H 73 87.71 -56.81 -8.53
C ALA H 73 88.52 -55.88 -9.42
N GLN H 74 89.71 -56.36 -9.78
CA GLN H 74 90.54 -55.68 -10.77
C GLN H 74 89.81 -55.62 -12.12
N VAL H 75 90.30 -54.74 -12.98
CA VAL H 75 89.79 -54.62 -14.34
C VAL H 75 90.98 -54.38 -15.26
N ASP H 76 90.79 -54.69 -16.54
CA ASP H 76 91.80 -54.38 -17.53
C ASP H 76 91.97 -52.86 -17.57
N PRO H 77 93.17 -52.34 -17.29
CA PRO H 77 93.33 -50.89 -17.04
C PRO H 77 92.64 -49.98 -18.03
N LYS H 78 92.49 -50.38 -19.29
CA LYS H 78 91.85 -49.51 -20.27
C LYS H 78 90.33 -49.63 -20.27
N LEU H 79 89.76 -50.42 -19.38
CA LEU H 79 88.32 -50.40 -19.20
C LEU H 79 87.97 -49.49 -18.03
N PRO H 80 86.80 -48.86 -18.05
CA PRO H 80 86.35 -48.09 -16.89
C PRO H 80 86.33 -48.95 -15.64
N PRO H 81 86.69 -48.39 -14.49
CA PRO H 81 86.70 -49.20 -13.27
C PRO H 81 85.30 -49.70 -12.93
N LEU H 82 85.24 -50.92 -12.40
CA LEU H 82 83.95 -51.51 -12.01
C LEU H 82 83.27 -50.73 -10.89
N ASP H 83 83.98 -49.84 -10.22
CA ASP H 83 83.46 -49.10 -9.08
C ASP H 83 84.04 -47.70 -9.08
N SER H 84 83.24 -46.75 -8.61
CA SER H 84 83.68 -45.36 -8.56
C SER H 84 84.88 -45.16 -7.64
N GLY H 85 85.09 -46.06 -6.68
CA GLY H 85 86.20 -45.94 -5.77
C GLY H 85 85.99 -44.93 -4.65
N ILE H 86 84.76 -44.80 -4.16
CA ILE H 86 84.49 -43.84 -3.09
C ILE H 86 84.92 -44.39 -1.74
N LEU H 87 84.66 -45.68 -1.48
CA LEU H 87 84.86 -46.27 -0.17
C LEU H 87 86.11 -47.14 -0.09
N GLY H 88 87.03 -47.01 -1.05
CA GLY H 88 88.25 -47.78 -1.04
C GLY H 88 88.22 -48.94 -2.00
N PRO H 89 89.33 -49.67 -2.09
CA PRO H 89 89.36 -50.86 -2.96
C PRO H 89 88.52 -52.01 -2.44
N VAL H 90 88.08 -51.95 -1.18
CA VAL H 90 87.18 -52.95 -0.60
C VAL H 90 85.92 -52.21 -0.18
N VAL H 91 84.80 -52.57 -0.81
CA VAL H 91 83.53 -51.96 -0.46
C VAL H 91 83.13 -52.39 0.94
N THR H 92 82.75 -51.42 1.77
CA THR H 92 82.40 -51.65 3.17
C THR H 92 80.91 -51.42 3.38
N PRO H 93 80.25 -52.28 4.16
CA PRO H 93 78.78 -52.18 4.26
C PRO H 93 78.30 -50.87 4.88
N ASP H 94 78.79 -50.53 6.07
CA ASP H 94 78.48 -49.25 6.72
C ASP H 94 76.97 -49.06 6.90
N ASN H 95 76.29 -50.13 7.32
CA ASN H 95 74.86 -50.12 7.66
C ASN H 95 73.98 -49.87 6.45
N LEU H 96 74.47 -50.07 5.23
CA LEU H 96 73.73 -49.69 4.04
C LEU H 96 72.57 -50.66 3.79
N THR H 97 71.39 -50.09 3.53
CA THR H 97 70.24 -50.84 3.03
C THR H 97 69.68 -50.11 1.82
N ILE H 98 69.16 -50.89 0.86
CA ILE H 98 68.59 -50.34 -0.37
C ILE H 98 67.22 -50.95 -0.56
N THR H 99 66.18 -50.12 -0.52
CA THR H 99 64.80 -50.55 -0.67
C THR H 99 64.28 -50.16 -2.05
N VAL H 100 63.72 -51.14 -2.76
CA VAL H 100 63.18 -50.92 -4.10
C VAL H 100 61.66 -50.87 -4.02
N SER H 101 61.08 -49.83 -4.61
CA SER H 101 59.63 -49.66 -4.62
C SER H 101 59.21 -49.19 -6.01
N VAL H 102 58.06 -49.69 -6.47
CA VAL H 102 57.57 -49.41 -7.81
C VAL H 102 56.35 -48.49 -7.71
N GLY H 103 56.23 -47.58 -8.67
CA GLY H 103 55.16 -46.62 -8.69
C GLY H 103 54.00 -47.04 -9.58
N GLU H 104 52.95 -46.20 -9.59
CA GLU H 104 51.78 -46.48 -10.40
C GLU H 104 52.13 -46.46 -11.88
N SER H 105 53.06 -45.60 -12.29
CA SER H 105 53.40 -45.45 -13.70
C SER H 105 53.99 -46.73 -14.29
N LEU H 106 54.59 -47.59 -13.46
CA LEU H 106 55.12 -48.85 -13.95
C LEU H 106 54.02 -49.82 -14.39
N PHE H 107 52.77 -49.55 -14.02
CA PHE H 107 51.67 -50.47 -14.33
C PHE H 107 50.81 -49.93 -15.45
N ASP H 108 51.41 -49.59 -16.58
CA ASP H 108 50.68 -49.16 -17.76
C ASP H 108 50.80 -50.24 -18.85
N GLU H 109 50.65 -49.83 -20.10
CA GLU H 109 50.66 -50.76 -21.23
C GLU H 109 52.06 -51.19 -21.63
N ARG H 110 53.10 -50.81 -20.88
CA ARG H 110 54.46 -51.10 -21.27
C ARG H 110 54.84 -52.55 -20.98
N PHE H 111 54.73 -52.95 -19.72
CA PHE H 111 55.21 -54.26 -19.27
C PHE H 111 54.09 -55.22 -18.93
N GLY H 112 52.85 -54.89 -19.27
CA GLY H 112 51.74 -55.81 -19.07
C GLY H 112 51.50 -56.21 -17.63
N LEU H 113 51.60 -55.25 -16.71
CA LEU H 113 51.40 -55.52 -15.29
C LEU H 113 50.12 -54.88 -14.75
N GLU H 114 49.22 -54.44 -15.64
CA GLU H 114 48.06 -53.69 -15.20
C GLU H 114 47.15 -54.51 -14.29
N ALA H 115 47.06 -55.83 -14.52
CA ALA H 115 46.19 -56.68 -13.72
C ALA H 115 46.78 -57.03 -12.36
N ALA H 116 48.06 -56.71 -12.12
CA ALA H 116 48.72 -57.02 -10.86
C ALA H 116 49.06 -55.76 -10.07
N LYS H 117 48.41 -54.64 -10.37
CA LYS H 117 48.70 -53.39 -9.70
C LYS H 117 48.18 -53.43 -8.26
N PRO H 118 48.95 -52.96 -7.29
CA PRO H 118 48.42 -52.83 -5.93
C PRO H 118 47.19 -51.94 -5.90
N LYS H 119 46.14 -52.44 -5.25
CA LYS H 119 44.80 -51.85 -5.40
C LYS H 119 44.67 -50.47 -4.77
N ARG H 120 45.68 -50.00 -4.04
CA ARG H 120 45.68 -48.62 -3.54
C ARG H 120 46.79 -47.77 -4.14
N LEU H 121 47.70 -48.35 -4.92
CA LEU H 121 48.78 -47.61 -5.53
C LEU H 121 48.22 -46.66 -6.58
N ILE H 122 48.32 -45.35 -6.31
CA ILE H 122 47.81 -44.33 -7.21
C ILE H 122 48.88 -43.25 -7.37
N ARG H 123 48.68 -42.40 -8.37
CA ARG H 123 49.51 -41.21 -8.52
C ARG H 123 49.14 -40.19 -7.44
N MET H 124 50.16 -39.59 -6.83
CA MET H 124 49.92 -38.66 -5.72
C MET H 124 49.27 -37.39 -6.23
N VAL H 125 48.22 -36.95 -5.53
CA VAL H 125 47.54 -35.69 -5.80
C VAL H 125 47.87 -34.73 -4.67
N GLY H 126 48.01 -33.45 -5.02
CA GLY H 126 48.38 -32.46 -4.03
C GLY H 126 47.28 -32.20 -3.01
N PHE H 127 47.70 -31.84 -1.81
CA PHE H 127 46.84 -31.47 -0.70
C PHE H 127 46.72 -29.97 -0.59
N PRO H 128 45.71 -29.44 0.13
CA PRO H 128 45.49 -27.99 0.14
C PRO H 128 46.70 -27.15 0.52
N ASN H 129 47.54 -27.63 1.44
CA ASN H 129 48.73 -26.89 1.84
C ASN H 129 49.92 -27.14 0.94
N ASP H 130 49.76 -27.93 -0.12
CA ASP H 130 50.89 -28.29 -0.96
C ASP H 130 51.16 -27.22 -2.00
N ALA H 131 52.40 -27.22 -2.50
CA ALA H 131 52.84 -26.42 -3.64
C ALA H 131 53.76 -27.31 -4.48
N LEU H 132 53.17 -28.36 -5.05
CA LEU H 132 53.96 -29.43 -5.65
C LEU H 132 54.58 -28.99 -6.97
N GLU H 133 55.79 -29.48 -7.22
CA GLU H 133 56.49 -29.30 -8.49
C GLU H 133 56.57 -30.64 -9.19
N PRO H 134 56.11 -30.74 -10.44
CA PRO H 134 56.10 -32.06 -11.11
C PRO H 134 57.48 -32.67 -11.28
N ALA H 135 58.54 -31.85 -11.32
CA ALA H 135 59.89 -32.37 -11.46
C ALA H 135 60.35 -33.15 -10.23
N CYS H 136 59.71 -32.92 -9.07
CA CYS H 136 60.05 -33.60 -7.83
C CYS H 136 58.95 -34.55 -7.38
N CYS H 137 58.15 -35.05 -8.32
CA CYS H 137 57.00 -35.88 -7.99
C CYS H 137 56.96 -37.13 -8.86
N HIS H 138 56.52 -38.23 -8.24
CA HIS H 138 56.24 -39.49 -8.91
C HIS H 138 57.48 -40.12 -9.55
N GLY H 139 57.26 -41.16 -10.33
CA GLY H 139 58.33 -41.91 -10.95
C GLY H 139 57.97 -43.38 -11.04
N ASP H 140 58.62 -44.07 -11.99
CA ASP H 140 58.36 -45.50 -12.16
C ASP H 140 58.93 -46.31 -11.00
N LEU H 141 60.14 -45.98 -10.56
CA LEU H 141 60.84 -46.73 -9.52
C LEU H 141 61.38 -45.78 -8.48
N SER H 142 61.51 -46.29 -7.25
CA SER H 142 62.07 -45.53 -6.14
C SER H 142 63.11 -46.41 -5.44
N LEU H 143 64.24 -45.80 -5.10
CA LEU H 143 65.32 -46.48 -4.38
C LEU H 143 65.60 -45.70 -3.10
N GLN H 144 65.40 -46.36 -1.96
CA GLN H 144 65.65 -45.76 -0.65
C GLN H 144 66.98 -46.28 -0.14
N PHE H 145 67.98 -45.40 -0.07
CA PHE H 145 69.29 -45.72 0.49
C PHE H 145 69.37 -45.19 1.91
N CYS H 146 69.76 -46.06 2.84
CA CYS H 146 69.98 -45.67 4.23
C CYS H 146 71.28 -46.30 4.70
N SER H 147 72.16 -45.48 5.27
CA SER H 147 73.46 -45.96 5.75
C SER H 147 73.97 -44.99 6.80
N ASN H 148 75.21 -45.21 7.25
CA ASN H 148 75.78 -44.38 8.30
C ASN H 148 76.22 -43.02 7.79
N THR H 149 76.67 -42.94 6.55
CA THR H 149 77.20 -41.70 5.99
C THR H 149 76.62 -41.45 4.61
N ALA H 150 76.68 -40.19 4.18
CA ALA H 150 76.15 -39.83 2.86
C ALA H 150 77.02 -40.39 1.74
N ASP H 151 78.34 -40.39 1.93
CA ASP H 151 79.23 -40.91 0.89
C ASP H 151 78.96 -42.39 0.64
N THR H 152 78.67 -43.15 1.70
CA THR H 152 78.28 -44.55 1.53
C THR H 152 77.00 -44.65 0.71
N ASN H 153 76.03 -43.76 0.98
CA ASN H 153 74.82 -43.73 0.18
C ASN H 153 75.12 -43.35 -1.27
N ILE H 154 75.97 -42.34 -1.47
CA ILE H 154 76.25 -41.85 -2.82
C ILE H 154 77.03 -42.90 -3.61
N HIS H 155 77.95 -43.61 -2.94
CA HIS H 155 78.66 -44.69 -3.63
C HIS H 155 77.69 -45.78 -4.07
N ALA H 156 76.68 -46.06 -3.26
CA ALA H 156 75.65 -47.03 -3.66
C ALA H 156 74.85 -46.51 -4.84
N LEU H 157 74.44 -45.24 -4.81
CA LEU H 157 73.70 -44.67 -5.92
C LEU H 157 74.55 -44.63 -7.18
N ARG H 158 75.81 -44.18 -7.05
CA ARG H 158 76.71 -44.16 -8.20
C ARG H 158 76.92 -45.55 -8.77
N ASP H 159 76.93 -46.58 -7.91
CA ASP H 159 77.06 -47.95 -8.39
C ASP H 159 75.83 -48.38 -9.17
N ILE H 160 74.64 -48.01 -8.70
CA ILE H 160 73.41 -48.38 -9.40
C ILE H 160 73.32 -47.68 -10.75
N VAL H 161 73.67 -46.39 -10.78
CA VAL H 161 73.58 -45.63 -12.03
C VAL H 161 74.59 -46.14 -13.04
N LYS H 162 75.79 -46.51 -12.57
CA LYS H 162 76.81 -46.99 -13.49
C LYS H 162 76.43 -48.33 -14.11
N ASN H 163 75.93 -49.26 -13.30
CA ASN H 163 75.59 -50.59 -13.79
C ASN H 163 74.27 -50.62 -14.56
N LEU H 164 73.46 -49.56 -14.49
CA LEU H 164 72.20 -49.47 -15.23
C LEU H 164 72.12 -48.11 -15.91
N PRO H 165 72.95 -47.87 -16.94
CA PRO H 165 72.95 -46.56 -17.59
C PRO H 165 71.81 -46.37 -18.57
N ASP H 166 71.33 -47.46 -19.17
CA ASP H 166 70.29 -47.40 -20.19
C ASP H 166 68.94 -47.91 -19.72
N LEU H 167 68.84 -48.38 -18.49
CA LEU H 167 67.57 -48.87 -17.96
C LEU H 167 66.98 -47.97 -16.88
N LEU H 168 67.79 -47.15 -16.23
CA LEU H 168 67.33 -46.23 -15.19
C LEU H 168 67.69 -44.81 -15.58
N LEU H 169 66.86 -43.86 -15.12
CA LEU H 169 67.12 -42.44 -15.31
C LEU H 169 66.66 -41.70 -14.07
N VAL H 170 67.60 -41.05 -13.38
CA VAL H 170 67.27 -40.32 -12.16
C VAL H 170 66.30 -39.20 -12.50
N ARG H 171 65.13 -39.20 -11.84
CA ARG H 171 64.12 -38.19 -12.03
C ARG H 171 64.20 -37.09 -10.96
N TRP H 172 64.23 -37.47 -9.69
CA TRP H 172 64.49 -36.54 -8.61
C TRP H 172 65.02 -37.31 -7.42
N LYS H 173 65.69 -36.59 -6.52
CA LYS H 173 66.27 -37.22 -5.33
C LYS H 173 66.37 -36.18 -4.22
N GLN H 174 66.26 -36.65 -2.98
CA GLN H 174 66.44 -35.81 -1.82
C GLN H 174 67.22 -36.59 -0.77
N GLU H 175 68.31 -35.99 -0.29
CA GLU H 175 69.14 -36.58 0.73
C GLU H 175 68.79 -36.01 2.10
N GLY H 176 68.92 -36.84 3.13
CA GLY H 176 68.55 -36.44 4.47
C GLY H 176 69.47 -37.07 5.51
N SER H 177 69.27 -36.65 6.75
CA SER H 177 70.07 -37.14 7.86
C SER H 177 69.34 -36.86 9.17
N VAL H 178 69.65 -37.66 10.19
CA VAL H 178 69.09 -37.49 11.52
C VAL H 178 70.26 -37.31 12.48
N PRO H 179 70.03 -36.67 13.63
CA PRO H 179 71.12 -36.46 14.58
C PRO H 179 71.33 -37.67 15.46
N PRO H 180 72.54 -38.20 15.52
CA PRO H 180 72.84 -39.27 16.47
C PRO H 180 73.04 -38.72 17.87
N GLN H 181 72.87 -39.60 18.85
CA GLN H 181 72.90 -39.21 20.26
C GLN H 181 73.88 -40.08 21.02
N ALA H 182 74.28 -39.58 22.20
CA ALA H 182 75.12 -40.36 23.09
C ALA H 182 74.34 -41.56 23.62
N PRO H 183 75.02 -42.67 23.91
CA PRO H 183 74.30 -43.88 24.33
C PRO H 183 73.49 -43.64 25.59
N ALA H 184 72.31 -44.25 25.63
CA ALA H 184 71.45 -44.18 26.81
C ALA H 184 71.99 -45.08 27.90
N LYS H 185 71.28 -45.12 29.03
CA LYS H 185 71.64 -46.02 30.11
C LYS H 185 71.50 -47.46 29.61
N PRO H 186 72.47 -48.33 29.88
CA PRO H 186 72.36 -49.72 29.44
C PRO H 186 71.11 -50.38 30.00
N GLY H 187 70.39 -51.08 29.14
CA GLY H 187 69.10 -51.64 29.49
C GLY H 187 67.93 -50.72 29.25
N GLU H 188 68.15 -49.58 28.60
CA GLU H 188 67.11 -48.62 28.27
C GLU H 188 67.23 -48.21 26.81
N PRO H 189 66.10 -47.97 26.15
CA PRO H 189 66.14 -47.57 24.74
C PRO H 189 66.55 -46.12 24.56
N ALA H 190 67.17 -45.85 23.42
CA ALA H 190 67.51 -44.48 23.08
C ALA H 190 66.25 -43.70 22.70
N GLN H 191 66.33 -42.38 22.84
CA GLN H 191 65.20 -41.54 22.47
C GLN H 191 65.05 -41.49 20.95
N SER H 192 63.86 -41.13 20.52
CA SER H 192 63.63 -40.90 19.09
C SER H 192 64.44 -39.70 18.62
N ALA H 193 64.99 -39.80 17.42
CA ALA H 193 65.76 -38.70 16.86
C ALA H 193 64.86 -37.48 16.64
N ARG H 194 65.48 -36.32 16.57
CA ARG H 194 64.77 -35.06 16.44
C ARG H 194 64.79 -34.56 15.00
N ASN H 195 63.74 -33.84 14.63
CA ASN H 195 63.66 -33.23 13.32
C ASN H 195 64.17 -31.79 13.38
N PHE H 196 64.14 -31.10 12.25
CA PHE H 196 64.64 -29.74 12.17
C PHE H 196 63.71 -28.73 12.82
N LEU H 197 62.59 -29.16 13.39
CA LEU H 197 61.78 -28.33 14.26
C LEU H 197 62.21 -28.44 15.72
N GLY H 198 63.16 -29.31 16.03
CA GLY H 198 63.66 -29.48 17.38
C GLY H 198 62.93 -30.50 18.21
N PHE H 199 61.80 -31.03 17.73
CA PHE H 199 61.02 -32.00 18.49
C PHE H 199 61.44 -33.43 18.16
N ARG H 200 61.30 -34.31 19.14
CA ARG H 200 61.53 -35.72 18.90
C ARG H 200 60.48 -36.26 17.93
N ASP H 201 60.93 -37.06 16.97
CA ASP H 201 60.09 -37.52 15.86
C ASP H 201 60.05 -39.04 15.84
N GLY H 202 58.90 -39.62 16.18
CA GLY H 202 58.72 -41.05 16.07
C GLY H 202 58.41 -41.75 17.38
N SER H 203 58.06 -40.98 18.41
CA SER H 203 57.83 -41.57 19.74
C SER H 203 56.61 -42.48 19.73
N ALA H 204 55.59 -42.17 18.94
CA ALA H 204 54.35 -42.93 18.93
C ALA H 204 54.28 -43.92 17.77
N ASN H 205 55.42 -44.24 17.17
CA ASN H 205 55.44 -45.26 16.13
C ASN H 205 55.08 -46.62 16.71
N PRO H 206 54.32 -47.44 15.99
CA PRO H 206 53.99 -48.78 16.51
C PRO H 206 55.24 -49.64 16.67
N ASP H 207 55.16 -50.61 17.57
CA ASP H 207 56.28 -51.46 17.92
C ASP H 207 56.79 -52.24 16.71
N SER H 208 57.94 -51.83 16.17
CA SER H 208 58.55 -52.54 15.05
C SER H 208 59.09 -53.92 15.45
N ASN H 209 59.12 -54.23 16.74
CA ASN H 209 59.50 -55.55 17.21
C ASN H 209 58.30 -56.48 17.38
N ASP H 210 57.09 -55.93 17.30
CA ASP H 210 55.85 -56.72 17.38
C ASP H 210 55.47 -57.19 15.98
N PRO H 211 55.72 -58.46 15.66
CA PRO H 211 55.37 -58.94 14.31
C PRO H 211 53.88 -58.99 14.07
N LYS H 212 53.08 -59.16 15.12
CA LYS H 212 51.62 -59.12 14.97
C LYS H 212 51.16 -57.71 14.61
N ALA H 213 51.75 -56.69 15.24
CA ALA H 213 51.42 -55.31 14.91
C ALA H 213 51.92 -54.95 13.52
N MET H 214 53.14 -55.38 13.18
CA MET H 214 53.70 -55.07 11.86
C MET H 214 52.92 -55.77 10.74
N GLN H 215 52.35 -56.95 11.02
CA GLN H 215 51.55 -57.64 10.03
C GLN H 215 50.24 -56.90 9.77
N GLN H 216 49.72 -56.19 10.76
CA GLN H 216 48.46 -55.47 10.63
C GLN H 216 48.63 -54.08 10.04
N ILE H 217 49.78 -53.43 10.27
CA ILE H 217 49.96 -52.03 9.94
C ILE H 217 50.81 -51.83 8.70
N VAL H 218 51.84 -52.64 8.51
CA VAL H 218 52.88 -52.38 7.52
C VAL H 218 52.83 -53.39 6.37
N TRP H 219 52.82 -54.68 6.69
CA TRP H 219 53.03 -55.71 5.68
C TRP H 219 51.72 -56.21 5.08
N VAL H 220 51.72 -56.41 3.78
CA VAL H 220 50.56 -56.94 3.07
C VAL H 220 50.48 -58.43 3.31
N GLN H 221 49.33 -58.90 3.81
CA GLN H 221 49.17 -60.28 4.23
C GLN H 221 48.65 -61.14 3.07
N PRO H 222 49.15 -62.36 2.94
CA PRO H 222 48.54 -63.32 2.00
C PRO H 222 47.10 -63.61 2.42
N GLY H 223 46.18 -63.40 1.47
CA GLY H 223 44.77 -63.50 1.75
C GLY H 223 44.06 -62.17 1.89
N SER H 224 44.72 -61.06 1.56
CA SER H 224 44.14 -59.74 1.69
C SER H 224 43.38 -59.41 0.39
N ASP H 225 43.06 -58.14 0.19
CA ASP H 225 42.44 -57.68 -1.05
C ASP H 225 43.45 -57.54 -2.19
N GLU H 226 44.73 -57.43 -1.87
CA GLU H 226 45.76 -57.18 -2.86
C GLU H 226 46.06 -58.44 -3.67
N PRO H 227 46.64 -58.28 -4.86
CA PRO H 227 47.09 -59.46 -5.62
C PRO H 227 48.09 -60.28 -4.81
N ALA H 228 48.09 -61.59 -5.07
CA ALA H 228 48.86 -62.52 -4.24
C ALA H 228 50.35 -62.23 -4.30
N TRP H 229 50.84 -61.72 -5.42
CA TRP H 229 52.28 -61.45 -5.55
C TRP H 229 52.74 -60.37 -4.59
N ALA H 230 51.89 -59.39 -4.31
CA ALA H 230 52.26 -58.23 -3.51
C ALA H 230 52.32 -58.51 -2.02
N ALA H 231 52.18 -59.78 -1.61
CA ALA H 231 52.26 -60.12 -0.20
C ALA H 231 53.64 -59.79 0.34
N HIS H 232 53.70 -59.51 1.64
CA HIS H 232 54.91 -59.17 2.38
C HIS H 232 55.57 -57.89 1.87
N GLY H 233 54.88 -57.10 1.04
CA GLY H 233 55.32 -55.79 0.67
C GLY H 233 54.68 -54.72 1.55
N SER H 234 54.83 -53.47 1.10
CA SER H 234 54.28 -52.35 1.85
C SER H 234 54.18 -51.14 0.95
N TYR H 235 53.20 -50.28 1.23
CA TYR H 235 53.06 -49.03 0.51
C TYR H 235 54.01 -47.98 1.09
N GLN H 236 54.79 -47.34 0.22
CA GLN H 236 55.76 -46.34 0.62
C GLN H 236 55.26 -44.96 0.23
N ALA H 237 55.17 -44.06 1.19
CA ALA H 237 54.75 -42.69 0.97
C ALA H 237 55.93 -41.75 1.23
N VAL H 238 56.22 -40.88 0.26
CA VAL H 238 57.34 -39.96 0.34
C VAL H 238 56.80 -38.54 0.20
N ARG H 239 57.22 -37.65 1.09
CA ARG H 239 56.78 -36.26 1.09
C ARG H 239 57.95 -35.37 1.47
N ILE H 240 58.39 -34.53 0.53
CA ILE H 240 59.40 -33.51 0.82
C ILE H 240 58.67 -32.30 1.38
N ILE H 241 58.81 -32.05 2.67
CA ILE H 241 58.07 -31.01 3.38
C ILE H 241 59.06 -29.97 3.87
N ARG H 242 58.89 -28.74 3.42
CA ARG H 242 59.77 -27.64 3.81
C ARG H 242 59.37 -27.10 5.17
N ASN H 243 60.37 -26.71 5.96
CA ASN H 243 60.17 -26.08 7.25
C ASN H 243 60.58 -24.61 7.17
N PHE H 244 59.69 -23.72 7.60
CA PHE H 244 60.02 -22.30 7.69
C PHE H 244 60.70 -22.09 9.02
N VAL H 245 62.03 -22.30 9.03
CA VAL H 245 62.76 -22.41 10.29
C VAL H 245 62.91 -21.06 10.97
N GLU H 246 63.07 -19.99 10.17
CA GLU H 246 63.23 -18.67 10.76
C GLU H 246 61.98 -18.25 11.52
N ARG H 247 60.79 -18.52 10.96
CA ARG H 247 59.55 -18.20 11.64
C ARG H 247 59.31 -19.13 12.83
N TRP H 248 59.61 -20.41 12.66
CA TRP H 248 59.38 -21.38 13.73
C TRP H 248 60.23 -21.09 14.96
N ASP H 249 61.47 -20.63 14.74
CA ASP H 249 62.35 -20.34 15.85
C ASP H 249 61.98 -19.04 16.56
N ARG H 250 61.21 -18.17 15.91
CA ARG H 250 60.69 -16.95 16.53
C ARG H 250 59.35 -17.18 17.22
N THR H 251 58.81 -18.39 17.17
CA THR H 251 57.52 -18.76 17.74
C THR H 251 57.70 -19.12 19.22
N PRO H 252 56.82 -18.60 20.08
CA PRO H 252 56.92 -18.92 21.51
C PRO H 252 56.91 -20.41 21.76
N LEU H 253 57.60 -20.83 22.83
CA LEU H 253 57.68 -22.24 23.17
C LEU H 253 56.30 -22.83 23.42
N GLN H 254 55.44 -22.10 24.16
CA GLN H 254 54.11 -22.60 24.44
C GLN H 254 53.32 -22.87 23.15
N GLU H 255 53.55 -22.07 22.10
CA GLU H 255 52.86 -22.30 20.85
C GLU H 255 53.44 -23.50 20.11
N GLN H 256 54.75 -23.70 20.20
CA GLN H 256 55.39 -24.83 19.54
C GLN H 256 54.87 -26.16 20.08
N GLU H 257 54.83 -26.29 21.40
CA GLU H 257 54.38 -27.54 22.01
C GLU H 257 52.88 -27.74 21.82
N SER H 258 52.09 -26.67 21.92
CA SER H 258 50.65 -26.79 21.73
C SER H 258 50.28 -27.09 20.29
N ILE H 259 51.09 -26.63 19.33
CA ILE H 259 50.85 -26.97 17.94
C ILE H 259 51.18 -28.44 17.68
N ILE H 260 52.34 -28.88 18.15
CA ILE H 260 52.73 -30.27 17.96
C ILE H 260 51.88 -31.19 18.82
N GLY H 261 51.76 -30.89 20.10
CA GLY H 261 51.08 -31.72 21.05
C GLY H 261 51.97 -32.49 22.01
N ARG H 262 53.24 -32.11 22.14
CA ARG H 262 54.17 -32.78 23.04
C ARG H 262 55.13 -31.74 23.61
N ILE H 263 55.75 -32.11 24.74
CA ILE H 263 56.75 -31.26 25.37
C ILE H 263 58.06 -31.39 24.60
N LYS H 264 58.68 -30.24 24.31
CA LYS H 264 59.85 -30.23 23.42
C LYS H 264 61.04 -30.93 24.06
N THR H 265 61.38 -30.55 25.30
CA THR H 265 62.59 -31.08 25.93
C THR H 265 62.47 -32.58 26.20
N SER H 266 61.41 -32.98 26.91
CA SER H 266 61.28 -34.37 27.34
C SER H 266 60.65 -35.26 26.28
N GLY H 267 59.97 -34.70 25.30
CA GLY H 267 59.22 -35.52 24.37
C GLY H 267 57.97 -36.14 24.95
N ALA H 268 57.62 -35.79 26.19
CA ALA H 268 56.47 -36.34 26.87
C ALA H 268 55.18 -35.74 26.32
N PRO H 269 54.06 -36.45 26.44
CA PRO H 269 52.76 -35.86 26.11
C PRO H 269 52.43 -34.71 27.04
N MET H 270 51.42 -33.92 26.64
CA MET H 270 51.03 -32.75 27.42
C MET H 270 50.55 -33.12 28.81
N ASP H 271 50.16 -34.37 29.04
CA ASP H 271 49.69 -34.82 30.35
C ASP H 271 50.60 -35.86 30.98
N GLY H 272 51.80 -36.06 30.43
CA GLY H 272 52.71 -37.06 30.96
C GLY H 272 54.06 -36.51 31.37
N GLN H 273 55.02 -37.40 31.64
CA GLN H 273 56.35 -37.01 32.09
C GLN H 273 57.48 -37.56 31.24
N LYS H 274 57.28 -38.68 30.55
CA LYS H 274 58.33 -39.29 29.75
C LYS H 274 57.88 -39.44 28.30
N GLU H 275 58.87 -39.57 27.41
CA GLU H 275 58.59 -39.67 25.98
C GLU H 275 57.82 -40.94 25.66
N SER H 276 58.12 -42.04 26.36
CA SER H 276 57.47 -43.32 26.09
C SER H 276 55.98 -43.30 26.41
N GLN H 277 55.54 -42.37 27.26
CA GLN H 277 54.13 -42.32 27.63
C GLN H 277 53.28 -41.78 26.49
N VAL H 278 51.99 -42.09 26.54
CA VAL H 278 51.04 -41.66 25.51
C VAL H 278 49.97 -40.81 26.15
N PRO H 279 49.39 -39.84 25.44
CA PRO H 279 48.36 -39.00 26.05
C PRO H 279 47.05 -39.75 26.24
N ASP H 280 46.28 -39.28 27.21
CA ASP H 280 44.97 -39.85 27.55
C ASP H 280 43.91 -38.85 27.09
N TYR H 281 43.53 -38.95 25.81
CA TYR H 281 42.53 -38.03 25.27
C TYR H 281 41.16 -38.21 25.90
N ALA H 282 40.87 -39.39 26.45
CA ALA H 282 39.60 -39.59 27.14
C ALA H 282 39.50 -38.77 28.40
N ARG H 283 40.61 -38.35 28.98
CA ARG H 283 40.60 -37.62 30.24
C ARG H 283 40.60 -36.11 30.07
N ASP H 284 40.73 -35.61 28.83
CA ASP H 284 40.42 -34.22 28.49
C ASP H 284 39.70 -34.22 27.16
N PRO H 285 38.42 -34.60 27.15
CA PRO H 285 37.69 -34.75 25.87
C PRO H 285 37.56 -33.45 25.09
N HIS H 286 37.80 -32.30 25.71
CA HIS H 286 37.65 -31.01 25.04
C HIS H 286 38.98 -30.32 24.78
N GLY H 287 40.09 -31.01 25.01
CA GLY H 287 41.39 -30.52 24.58
C GLY H 287 41.94 -29.33 25.33
N LYS H 288 41.84 -29.33 26.66
CA LYS H 288 42.49 -28.28 27.43
C LYS H 288 43.97 -28.59 27.65
N VAL H 289 44.31 -29.87 27.82
CA VAL H 289 45.70 -30.26 28.02
C VAL H 289 46.40 -30.43 26.68
N THR H 290 45.84 -31.28 25.81
CA THR H 290 46.31 -31.46 24.45
C THR H 290 45.26 -30.90 23.50
N LYS H 291 45.60 -29.82 22.81
CA LYS H 291 44.63 -29.13 21.95
C LYS H 291 44.07 -30.09 20.91
N LEU H 292 42.79 -29.89 20.57
CA LEU H 292 42.11 -30.79 19.64
C LEU H 292 42.67 -30.72 18.23
N ASP H 293 43.40 -29.65 17.90
CA ASP H 293 44.01 -29.51 16.59
C ASP H 293 45.52 -29.71 16.63
N ALA H 294 46.05 -30.24 17.73
CA ALA H 294 47.48 -30.55 17.78
C ALA H 294 47.82 -31.64 16.78
N HIS H 295 49.08 -31.65 16.35
CA HIS H 295 49.51 -32.57 15.30
C HIS H 295 49.26 -34.03 15.70
N ILE H 296 49.72 -34.42 16.89
CA ILE H 296 49.63 -35.81 17.29
C ILE H 296 48.18 -36.21 17.58
N ARG H 297 47.35 -35.27 18.00
CA ARG H 297 45.95 -35.60 18.26
C ARG H 297 45.14 -35.68 16.98
N LEU H 298 45.51 -34.90 15.95
CA LEU H 298 44.89 -35.02 14.65
C LEU H 298 45.42 -36.22 13.87
N ALA H 299 46.70 -36.53 14.04
CA ALA H 299 47.28 -37.66 13.32
C ALA H 299 46.75 -38.99 13.85
N ASN H 300 46.78 -39.18 15.16
CA ASN H 300 46.27 -40.39 15.81
C ASN H 300 45.24 -40.00 16.85
N PRO H 301 43.96 -39.90 16.46
CA PRO H 301 42.92 -39.56 17.44
C PRO H 301 42.77 -40.57 18.57
N ARG H 302 43.42 -41.73 18.47
CA ARG H 302 43.50 -42.70 19.56
C ARG H 302 42.12 -43.26 19.91
N THR H 303 41.29 -43.46 18.90
CA THR H 303 39.96 -44.04 19.07
C THR H 303 39.96 -45.47 18.53
N ALA H 304 38.77 -46.00 18.27
CA ALA H 304 38.65 -47.37 17.77
C ALA H 304 38.85 -47.43 16.25
N GLN H 305 38.14 -46.59 15.51
CA GLN H 305 38.21 -46.58 14.06
C GLN H 305 39.36 -45.73 13.52
N SER H 306 40.21 -45.21 14.39
CA SER H 306 41.41 -44.50 13.95
C SER H 306 42.65 -45.39 13.95
N GLN H 307 42.61 -46.53 14.63
CA GLN H 307 43.75 -47.43 14.67
C GLN H 307 43.90 -48.29 13.42
N GLN H 308 42.98 -48.15 12.46
CA GLN H 308 43.20 -48.66 11.11
C GLN H 308 44.02 -47.69 10.28
N ASN H 309 44.37 -46.52 10.83
CA ASN H 309 45.13 -45.51 10.13
C ASN H 309 46.53 -45.32 10.72
N LEU H 310 47.00 -46.26 11.52
CA LEU H 310 48.35 -46.19 12.03
C LEU H 310 49.36 -46.36 10.90
N ILE H 311 50.46 -45.62 10.99
CA ILE H 311 51.52 -45.68 9.99
C ILE H 311 52.86 -45.82 10.71
N LEU H 312 53.85 -46.35 9.99
CA LEU H 312 55.21 -46.47 10.49
C LEU H 312 56.05 -45.40 9.81
N ARG H 313 56.34 -44.32 10.54
CA ARG H 313 57.10 -43.21 10.00
C ARG H 313 58.59 -43.50 10.09
N ARG H 314 59.33 -43.07 9.06
CA ARG H 314 60.77 -43.32 8.97
C ARG H 314 61.42 -42.18 8.20
N PRO H 315 61.40 -40.97 8.76
CA PRO H 315 61.86 -39.80 7.98
C PRO H 315 63.31 -39.44 8.24
N PHE H 316 63.83 -38.51 7.44
CA PHE H 316 65.12 -37.89 7.65
C PHE H 316 64.96 -36.38 7.56
N ASN H 317 65.87 -35.66 8.18
CA ASN H 317 65.90 -34.20 8.09
C ASN H 317 66.75 -33.81 6.89
N TYR H 318 66.14 -33.11 5.94
CA TYR H 318 66.83 -32.70 4.72
C TYR H 318 67.25 -31.23 4.84
N SER H 319 68.38 -30.92 4.22
CA SER H 319 68.87 -29.55 4.12
C SER H 319 69.40 -29.33 2.72
N ASN H 320 68.85 -28.34 2.02
CA ASN H 320 69.29 -28.03 0.68
C ASN H 320 70.02 -26.69 0.66
N GLY H 321 69.47 -25.71 -0.04
CA GLY H 321 70.11 -24.41 -0.14
C GLY H 321 69.36 -23.31 0.57
N VAL H 322 69.34 -22.13 -0.04
CA VAL H 322 68.70 -20.95 0.54
C VAL H 322 67.86 -20.29 -0.56
N ASN H 323 66.65 -19.88 -0.19
CA ASN H 323 65.76 -19.25 -1.17
C ASN H 323 66.28 -17.85 -1.53
N LYS H 324 65.76 -17.32 -2.64
CA LYS H 324 66.04 -15.93 -2.98
C LYS H 324 65.58 -14.98 -1.89
N ASN H 325 64.60 -15.39 -1.09
CA ASN H 325 64.21 -14.66 0.11
C ASN H 325 65.37 -14.50 1.07
N GLY H 326 66.29 -15.47 1.08
CA GLY H 326 67.32 -15.54 2.09
C GLY H 326 67.04 -16.52 3.20
N GLN H 327 65.93 -17.24 3.13
CA GLN H 327 65.57 -18.23 4.14
C GLN H 327 66.11 -19.60 3.74
N LEU H 328 66.54 -20.37 4.74
CA LEU H 328 67.14 -21.67 4.48
C LEU H 328 66.07 -22.68 4.09
N ASP H 329 66.31 -23.41 3.00
CA ASP H 329 65.39 -24.44 2.52
C ASP H 329 65.79 -25.76 3.17
N MET H 330 65.24 -26.01 4.36
CA MET H 330 65.41 -27.28 5.05
C MET H 330 64.05 -27.73 5.57
N GLY H 331 64.00 -28.98 6.02
CA GLY H 331 62.76 -29.52 6.52
C GLY H 331 62.80 -31.01 6.76
N LEU H 332 61.71 -31.70 6.41
CA LEU H 332 61.57 -33.12 6.68
C LEU H 332 61.45 -33.90 5.38
N LEU H 333 62.26 -34.93 5.23
CA LEU H 333 62.06 -35.93 4.18
C LEU H 333 61.16 -37.01 4.74
N PHE H 334 59.85 -36.75 4.67
CA PHE H 334 58.87 -37.64 5.28
C PHE H 334 58.78 -38.94 4.48
N ILE H 335 58.99 -40.06 5.16
CA ILE H 335 58.81 -41.39 4.59
C ILE H 335 58.07 -42.24 5.60
N CYS H 336 56.99 -42.89 5.16
CA CYS H 336 56.22 -43.76 6.04
C CYS H 336 55.70 -44.94 5.23
N TYR H 337 55.47 -46.05 5.93
CA TYR H 337 55.04 -47.29 5.31
C TYR H 337 53.73 -47.76 5.94
N GLN H 338 52.96 -48.51 5.15
CA GLN H 338 51.65 -48.99 5.58
C GLN H 338 51.18 -50.08 4.64
N ALA H 339 50.42 -51.03 5.18
CA ALA H 339 49.84 -52.09 4.36
C ALA H 339 48.72 -51.57 3.47
N ASP H 340 48.11 -50.44 3.83
CA ASP H 340 47.03 -49.83 3.06
C ASP H 340 47.34 -48.35 2.93
N LEU H 341 47.74 -47.93 1.73
CA LEU H 341 48.08 -46.52 1.52
C LEU H 341 46.86 -45.62 1.68
N GLU H 342 45.67 -46.10 1.30
CA GLU H 342 44.47 -45.29 1.42
C GLU H 342 44.10 -45.08 2.88
N LYS H 343 44.05 -46.16 3.67
CA LYS H 343 43.75 -46.04 5.09
C LYS H 343 44.93 -45.51 5.90
N GLY H 344 46.12 -45.46 5.33
CA GLY H 344 47.30 -45.02 6.07
C GLY H 344 47.60 -43.55 5.90
N PHE H 345 48.65 -43.24 5.13
CA PHE H 345 49.10 -41.85 4.99
C PHE H 345 47.99 -40.97 4.43
N ILE H 346 47.25 -41.46 3.44
CA ILE H 346 46.21 -40.65 2.80
C ILE H 346 45.14 -40.26 3.81
N ALA H 347 44.74 -41.21 4.66
CA ALA H 347 43.74 -40.90 5.67
C ALA H 347 44.29 -39.97 6.74
N VAL H 348 45.55 -40.18 7.15
CA VAL H 348 46.14 -39.34 8.19
C VAL H 348 46.32 -37.92 7.67
N GLN H 349 46.86 -37.78 6.45
CA GLN H 349 47.02 -36.45 5.87
C GLN H 349 45.68 -35.75 5.68
N THR H 350 44.63 -36.52 5.37
CA THR H 350 43.30 -35.93 5.26
C THR H 350 42.86 -35.33 6.60
N ARG H 351 43.15 -36.02 7.70
CA ARG H 351 42.85 -35.47 9.01
C ARG H 351 43.68 -34.24 9.31
N LEU H 352 44.93 -34.22 8.87
CA LEU H 352 45.86 -33.13 9.16
C LEU H 352 45.65 -31.90 8.27
N ASN H 353 44.75 -31.97 7.29
CA ASN H 353 44.54 -30.84 6.40
C ASN H 353 44.05 -29.62 7.19
N GLY H 354 44.73 -28.49 6.98
CA GLY H 354 44.39 -27.27 7.69
C GLY H 354 44.89 -27.20 9.10
N GLU H 355 45.82 -28.07 9.50
CA GLU H 355 46.32 -28.06 10.85
C GLU H 355 47.16 -26.80 11.10
N PRO H 356 47.21 -26.32 12.34
CA PRO H 356 47.98 -25.09 12.62
C PRO H 356 49.46 -25.22 12.31
N LEU H 357 50.00 -26.45 12.28
CA LEU H 357 51.39 -26.64 11.93
C LEU H 357 51.68 -26.25 10.48
N GLU H 358 50.65 -26.18 9.64
CA GLU H 358 50.86 -25.85 8.22
C GLU H 358 51.45 -24.46 8.02
N GLU H 359 51.37 -23.59 9.04
CA GLU H 359 52.03 -22.30 8.96
C GLU H 359 53.53 -22.43 8.75
N TYR H 360 54.11 -23.60 9.07
CA TYR H 360 55.54 -23.83 8.97
C TYR H 360 55.89 -24.96 8.02
N LEU H 361 54.91 -25.50 7.29
CA LEU H 361 55.13 -26.59 6.36
C LEU H 361 54.77 -26.16 4.94
N LYS H 362 55.40 -26.81 3.97
CA LYS H 362 55.14 -26.58 2.55
C LYS H 362 55.61 -27.79 1.75
N PRO H 363 54.77 -28.81 1.59
CA PRO H 363 55.16 -29.96 0.76
C PRO H 363 55.36 -29.53 -0.69
N THR H 364 56.50 -29.93 -1.27
CA THR H 364 56.84 -29.56 -2.64
C THR H 364 57.21 -30.74 -3.51
N GLY H 365 57.16 -31.97 -3.01
CA GLY H 365 57.51 -33.12 -3.82
C GLY H 365 57.26 -34.40 -3.06
N GLY H 366 57.52 -35.51 -3.75
CA GLY H 366 57.34 -36.84 -3.21
C GLY H 366 56.50 -37.67 -4.15
N GLY H 367 55.93 -38.75 -3.63
CA GLY H 367 55.11 -39.62 -4.45
C GLY H 367 54.75 -40.88 -3.71
N TYR H 368 54.02 -41.75 -4.42
CA TYR H 368 53.56 -43.02 -3.88
C TYR H 368 54.22 -44.16 -4.64
N PHE H 369 54.76 -45.12 -3.90
CA PHE H 369 55.35 -46.32 -4.48
C PHE H 369 54.95 -47.52 -3.63
N PHE H 370 55.12 -48.70 -4.20
CA PHE H 370 54.87 -49.95 -3.48
C PHE H 370 56.19 -50.69 -3.29
N THR H 371 56.60 -50.84 -2.04
CA THR H 371 57.81 -51.59 -1.73
C THR H 371 57.62 -53.05 -2.12
N LEU H 372 58.48 -53.53 -3.02
CA LEU H 372 58.38 -54.90 -3.49
C LEU H 372 58.59 -55.88 -2.34
N PRO H 373 58.00 -57.07 -2.41
CA PRO H 373 58.27 -58.09 -1.39
C PRO H 373 59.75 -58.44 -1.35
N GLY H 374 60.18 -58.91 -0.18
CA GLY H 374 61.59 -59.19 0.03
C GLY H 374 62.11 -60.27 -0.90
N VAL H 375 63.42 -60.25 -1.10
CA VAL H 375 64.11 -61.25 -1.91
C VAL H 375 64.41 -62.44 -1.01
N THR H 376 63.86 -63.61 -1.32
CA THR H 376 63.98 -64.79 -0.41
C THR H 376 65.40 -65.36 -0.35
N GLY H 377 66.17 -65.27 -1.44
CA GLY H 377 67.52 -65.79 -1.37
C GLY H 377 68.25 -65.59 -2.67
N GLU H 378 69.42 -66.24 -2.76
CA GLU H 378 70.24 -66.16 -3.97
C GLU H 378 69.47 -66.62 -5.19
N GLU H 379 68.82 -67.78 -5.10
CA GLU H 379 67.96 -68.30 -6.16
C GLU H 379 66.64 -67.54 -6.26
N ASP H 380 66.70 -66.22 -6.13
CA ASP H 380 65.56 -65.32 -6.18
C ASP H 380 66.10 -63.92 -6.45
N PHE H 381 65.30 -63.09 -7.11
CA PHE H 381 65.68 -61.70 -7.36
C PHE H 381 64.49 -60.81 -7.09
N ILE H 382 64.77 -59.53 -6.90
CA ILE H 382 63.73 -58.57 -6.54
C ILE H 382 62.76 -58.39 -7.71
N GLY H 383 61.47 -58.29 -7.39
CA GLY H 383 60.46 -58.15 -8.41
C GLY H 383 60.15 -59.41 -9.19
N ARG H 384 60.69 -60.57 -8.78
CA ARG H 384 60.41 -61.80 -9.51
C ARG H 384 58.95 -62.22 -9.36
N SER H 385 58.41 -62.14 -8.14
CA SER H 385 57.00 -62.46 -7.94
C SER H 385 56.09 -61.58 -8.78
N LEU H 386 56.52 -60.34 -9.04
CA LEU H 386 55.76 -59.48 -9.94
C LEU H 386 55.79 -60.01 -11.36
N LEU H 387 56.98 -60.41 -11.84
CA LEU H 387 57.08 -60.93 -13.21
C LEU H 387 56.41 -62.29 -13.36
N ASP H 388 56.38 -63.08 -12.29
CA ASP H 388 55.78 -64.41 -12.37
C ASP H 388 54.27 -64.32 -12.60
N ALA H 389 53.58 -63.49 -11.82
CA ALA H 389 52.13 -63.40 -11.93
C ALA H 389 51.68 -62.76 -13.24
N THR H 390 52.59 -62.09 -13.96
CA THR H 390 52.24 -61.33 -15.15
C THR H 390 52.85 -61.90 -16.42
N ARG H 391 53.05 -63.22 -16.49
CA ARG H 391 53.63 -63.87 -17.66
C ARG H 391 52.64 -64.83 -18.32
N PRO H 392 51.53 -64.31 -18.87
CA PRO H 392 50.57 -65.23 -19.50
C PRO H 392 51.01 -65.64 -20.90
N ALA I 1 -13.23 -87.64 -35.55
CA ALA I 1 -12.48 -88.43 -36.52
C ALA I 1 -13.05 -88.21 -37.92
N ALA I 2 -14.34 -87.94 -38.00
CA ALA I 2 -14.99 -87.73 -39.29
C ALA I 2 -14.37 -86.51 -39.99
N PRO I 3 -14.02 -86.63 -41.27
CA PRO I 3 -13.45 -85.47 -41.98
C PRO I 3 -14.42 -84.30 -41.99
N ALA I 4 -13.84 -83.11 -42.20
CA ALA I 4 -14.61 -81.88 -42.12
C ALA I 4 -15.66 -81.81 -43.23
N GLN I 5 -16.81 -81.24 -42.91
CA GLN I 5 -17.81 -80.94 -43.93
C GLN I 5 -17.34 -79.79 -44.81
N VAL I 6 -18.11 -79.52 -45.86
CA VAL I 6 -17.70 -78.51 -46.84
C VAL I 6 -17.72 -77.11 -46.23
N THR I 7 -18.88 -76.69 -45.74
CA THR I 7 -19.04 -75.33 -45.23
C THR I 7 -18.41 -75.12 -43.86
N GLU I 8 -17.72 -76.12 -43.32
CA GLU I 8 -17.01 -75.94 -42.06
C GLU I 8 -16.00 -74.81 -42.20
N ALA I 9 -15.94 -73.96 -41.18
CA ALA I 9 -15.05 -72.81 -41.23
C ALA I 9 -13.59 -73.26 -41.25
N PRO I 10 -12.72 -72.57 -41.99
CA PRO I 10 -11.30 -72.94 -42.00
C PRO I 10 -10.65 -72.59 -40.67
N SER I 11 -9.99 -73.57 -40.07
CA SER I 11 -9.39 -73.37 -38.76
C SER I 11 -8.22 -72.41 -38.84
N SER I 12 -8.08 -71.56 -37.82
CA SER I 12 -7.01 -70.58 -37.75
C SER I 12 -6.59 -70.41 -36.30
N ASP I 13 -5.28 -70.28 -36.08
CA ASP I 13 -4.71 -70.10 -34.75
C ASP I 13 -4.35 -68.66 -34.44
N LYS I 14 -4.84 -67.70 -35.24
CA LYS I 14 -4.45 -66.30 -35.13
C LYS I 14 -5.62 -65.38 -34.80
N THR I 15 -6.76 -65.94 -34.37
CA THR I 15 -7.91 -65.10 -34.07
C THR I 15 -7.69 -64.28 -32.82
N GLN I 16 -6.84 -64.76 -31.89
CA GLN I 16 -6.55 -64.03 -30.66
C GLN I 16 -5.39 -63.06 -30.82
N ASP I 17 -4.88 -62.87 -32.04
CA ASP I 17 -3.90 -61.83 -32.29
C ASP I 17 -4.49 -60.48 -31.92
N ARG I 18 -3.70 -59.66 -31.24
CA ARG I 18 -4.21 -58.41 -30.70
C ARG I 18 -3.13 -57.34 -30.76
N HIS I 19 -3.58 -56.08 -30.85
CA HIS I 19 -2.71 -54.92 -30.79
C HIS I 19 -3.31 -53.89 -29.84
N ASP I 20 -2.44 -53.13 -29.20
CA ASP I 20 -2.90 -52.10 -28.28
C ASP I 20 -3.66 -51.01 -29.02
N PHE I 21 -4.75 -50.55 -28.42
CA PHE I 21 -5.49 -49.41 -28.95
C PHE I 21 -4.93 -48.09 -28.44
N HIS I 22 -4.48 -48.05 -27.19
CA HIS I 22 -3.92 -46.85 -26.60
C HIS I 22 -2.42 -46.78 -26.88
N GLY I 23 -1.88 -45.58 -26.74
CA GLY I 23 -0.47 -45.32 -26.96
C GLY I 23 -0.26 -43.92 -27.49
N GLN I 24 1.00 -43.48 -27.47
CA GLN I 24 1.33 -42.15 -27.98
C GLN I 24 0.95 -42.01 -29.44
N HIS I 25 1.14 -43.05 -30.23
CA HIS I 25 0.70 -43.09 -31.62
C HIS I 25 -0.50 -44.02 -31.76
N GLN I 26 -1.33 -43.73 -32.75
CA GLN I 26 -2.36 -44.67 -33.15
C GLN I 26 -1.70 -45.89 -33.80
N SER I 27 -2.34 -47.05 -33.65
CA SER I 27 -1.84 -48.24 -34.28
C SER I 27 -2.14 -48.22 -35.78
N GLY I 28 -1.46 -49.09 -36.52
CA GLY I 28 -1.67 -49.23 -37.94
C GLY I 28 -0.72 -48.45 -38.83
N ILE I 29 0.37 -47.92 -38.29
CA ILE I 29 1.35 -47.18 -39.09
C ILE I 29 2.69 -47.87 -38.99
N VAL I 30 3.30 -47.84 -37.79
CA VAL I 30 4.51 -48.61 -37.53
C VAL I 30 4.19 -50.04 -37.15
N THR I 31 2.92 -50.39 -37.02
CA THR I 31 2.52 -51.76 -36.74
C THR I 31 2.90 -52.66 -37.91
N PRO I 32 3.36 -53.89 -37.66
CA PRO I 32 3.52 -54.85 -38.75
C PRO I 32 2.22 -55.04 -39.50
N ARG I 33 2.27 -54.89 -40.81
CA ARG I 33 1.07 -54.91 -41.63
C ARG I 33 0.50 -56.32 -41.72
N PRO I 34 -0.75 -56.55 -41.35
CA PRO I 34 -1.35 -57.89 -41.49
C PRO I 34 -1.77 -58.15 -42.93
N ALA I 35 -2.40 -59.31 -43.13
CA ALA I 35 -2.69 -59.77 -44.49
C ALA I 35 -3.83 -58.99 -45.12
N ALA I 36 -4.82 -58.55 -44.33
CA ALA I 36 -6.04 -57.94 -44.85
C ALA I 36 -6.07 -56.46 -44.51
N GLY I 37 -6.43 -55.64 -45.49
CA GLY I 37 -6.52 -54.21 -45.28
C GLY I 37 -7.71 -53.63 -46.00
N MET I 38 -8.21 -52.52 -45.46
CA MET I 38 -9.33 -51.81 -46.07
C MET I 38 -9.31 -50.37 -45.59
N LEU I 39 -9.47 -49.43 -46.53
CA LEU I 39 -9.54 -48.02 -46.21
C LEU I 39 -10.87 -47.47 -46.72
N VAL I 40 -11.65 -46.91 -45.80
CA VAL I 40 -12.97 -46.37 -46.12
C VAL I 40 -12.99 -44.90 -45.71
N SER I 41 -13.51 -44.06 -46.60
CA SER I 41 -13.65 -42.63 -46.35
C SER I 41 -15.11 -42.31 -46.05
N PHE I 42 -15.32 -41.42 -45.08
CA PHE I 42 -16.66 -41.08 -44.62
C PHE I 42 -16.94 -39.61 -44.86
N ASP I 43 -18.23 -39.28 -44.83
CA ASP I 43 -18.72 -37.92 -44.75
C ASP I 43 -19.32 -37.72 -43.37
N VAL I 44 -18.86 -36.70 -42.66
CA VAL I 44 -19.30 -36.46 -41.28
C VAL I 44 -20.63 -35.72 -41.32
N LEU I 45 -21.69 -36.40 -40.87
CA LEU I 45 -23.03 -35.84 -40.84
C LEU I 45 -23.28 -34.97 -39.61
N ALA I 46 -22.26 -34.74 -38.79
CA ALA I 46 -22.45 -33.92 -37.59
C ALA I 46 -22.83 -32.49 -37.97
N SER I 47 -23.71 -31.89 -37.17
CA SER I 47 -24.16 -30.54 -37.41
C SER I 47 -23.32 -29.51 -36.65
N ASP I 48 -23.03 -29.77 -35.39
CA ASP I 48 -22.25 -28.84 -34.57
C ASP I 48 -21.12 -29.56 -33.85
N ARG I 49 -20.44 -28.86 -32.94
CA ARG I 49 -19.33 -29.46 -32.22
C ARG I 49 -19.81 -30.53 -31.24
N ASP I 50 -21.04 -30.40 -30.73
CA ASP I 50 -21.57 -31.41 -29.83
C ASP I 50 -21.79 -32.74 -30.55
N ASP I 51 -22.26 -32.68 -31.80
CA ASP I 51 -22.40 -33.90 -32.59
C ASP I 51 -21.04 -34.46 -32.99
N LEU I 52 -20.07 -33.58 -33.25
CA LEU I 52 -18.73 -34.04 -33.62
C LEU I 52 -18.07 -34.77 -32.46
N GLU I 53 -18.28 -34.31 -31.23
CA GLU I 53 -17.73 -34.99 -30.07
C GLU I 53 -18.35 -36.37 -29.89
N ARG I 54 -19.67 -36.47 -30.06
CA ARG I 54 -20.33 -37.76 -29.96
C ARG I 54 -19.81 -38.74 -31.00
N LEU I 55 -19.57 -38.26 -32.22
CA LEU I 55 -18.97 -39.09 -33.25
C LEU I 55 -17.57 -39.55 -32.84
N PHE I 56 -16.76 -38.61 -32.35
CA PHE I 56 -15.42 -38.97 -31.88
C PHE I 56 -15.49 -39.91 -30.68
N ARG I 57 -16.49 -39.72 -29.81
CA ARG I 57 -16.61 -40.60 -28.66
C ARG I 57 -17.16 -41.96 -29.06
N THR I 58 -18.19 -42.00 -29.91
CA THR I 58 -18.68 -43.29 -30.38
C THR I 58 -17.61 -44.04 -31.16
N LEU I 59 -16.84 -43.32 -31.97
CA LEU I 59 -15.73 -43.94 -32.68
C LEU I 59 -14.73 -44.55 -31.70
N ASP I 60 -14.33 -43.78 -30.69
CA ASP I 60 -13.35 -44.25 -29.71
C ASP I 60 -13.85 -45.50 -28.99
N GLN I 61 -15.15 -45.54 -28.66
CA GLN I 61 -15.68 -46.68 -27.93
C GLN I 61 -15.72 -47.93 -28.78
N ARG I 62 -16.18 -47.82 -30.03
CA ARG I 62 -16.28 -48.98 -30.90
C ARG I 62 -14.90 -49.54 -31.22
N ILE I 63 -13.98 -48.68 -31.65
CA ILE I 63 -12.63 -49.13 -32.01
C ILE I 63 -11.95 -49.81 -30.84
N ALA I 64 -12.19 -49.31 -29.62
CA ALA I 64 -11.60 -49.92 -28.44
C ALA I 64 -12.03 -51.38 -28.30
N PHE I 65 -13.33 -51.63 -28.30
CA PHE I 65 -13.82 -52.99 -28.14
C PHE I 65 -13.51 -53.84 -29.38
N LEU I 66 -13.57 -53.23 -30.56
CA LEU I 66 -13.43 -54.00 -31.80
C LEU I 66 -12.07 -54.68 -31.89
N MET I 67 -11.00 -53.92 -31.62
CA MET I 67 -9.66 -54.48 -31.70
C MET I 67 -9.20 -55.11 -30.40
N ARG I 68 -9.87 -54.84 -29.28
CA ARG I 68 -9.60 -55.58 -28.06
C ARG I 68 -10.33 -56.92 -28.04
N GLY I 69 -11.50 -57.00 -28.66
CA GLY I 69 -12.26 -58.24 -28.70
C GLY I 69 -12.96 -58.52 -27.39
N GLY I 70 -14.03 -59.31 -27.45
CA GLY I 70 -14.78 -59.64 -26.26
C GLY I 70 -16.13 -60.22 -26.57
N PRO I 71 -16.87 -60.60 -25.53
CA PRO I 71 -18.20 -61.18 -25.73
C PRO I 71 -19.25 -60.11 -25.97
N VAL I 72 -20.26 -60.47 -26.75
CA VAL I 72 -21.39 -59.60 -27.04
C VAL I 72 -22.61 -60.16 -26.33
N ALA I 73 -23.06 -59.44 -25.30
CA ALA I 73 -24.21 -59.88 -24.53
C ALA I 73 -25.48 -59.84 -25.38
N GLN I 74 -26.42 -60.70 -25.04
CA GLN I 74 -27.69 -60.77 -25.78
C GLN I 74 -28.64 -59.68 -25.28
N VAL I 75 -29.29 -59.05 -26.24
CA VAL I 75 -30.24 -57.96 -25.89
C VAL I 75 -31.66 -58.49 -25.98
N ASP I 76 -32.65 -57.61 -25.89
CA ASP I 76 -34.06 -57.99 -25.90
C ASP I 76 -34.48 -58.37 -27.31
N PRO I 77 -35.11 -59.55 -27.50
CA PRO I 77 -35.36 -60.07 -28.86
C PRO I 77 -35.90 -59.08 -29.88
N LYS I 78 -36.81 -58.19 -29.48
CA LYS I 78 -37.39 -57.26 -30.44
C LYS I 78 -36.53 -56.02 -30.68
N LEU I 79 -35.33 -55.95 -30.07
CA LEU I 79 -34.34 -54.95 -30.46
C LEU I 79 -33.39 -55.53 -31.50
N PRO I 80 -32.79 -54.71 -32.35
CA PRO I 80 -31.77 -55.21 -33.26
C PRO I 80 -30.60 -55.76 -32.47
N PRO I 81 -29.93 -56.80 -32.98
CA PRO I 81 -28.80 -57.38 -32.24
C PRO I 81 -27.68 -56.36 -32.10
N LEU I 82 -27.01 -56.42 -30.95
CA LEU I 82 -25.90 -55.51 -30.69
C LEU I 82 -24.79 -55.70 -31.71
N ASP I 83 -24.53 -56.93 -32.11
CA ASP I 83 -23.43 -57.25 -33.01
C ASP I 83 -23.95 -57.83 -34.32
N SER I 84 -23.14 -57.68 -35.36
CA SER I 84 -23.47 -58.26 -36.65
C SER I 84 -23.52 -59.79 -36.60
N GLY I 85 -22.78 -60.40 -35.68
CA GLY I 85 -22.72 -61.84 -35.59
C GLY I 85 -21.83 -62.51 -36.62
N ILE I 86 -21.08 -61.73 -37.39
CA ILE I 86 -20.23 -62.31 -38.43
C ILE I 86 -19.11 -63.15 -37.81
N LEU I 87 -18.51 -62.66 -36.72
CA LEU I 87 -17.43 -63.36 -36.06
C LEU I 87 -17.90 -64.29 -34.95
N GLY I 88 -19.21 -64.48 -34.81
CA GLY I 88 -19.75 -65.35 -33.79
C GLY I 88 -20.22 -64.56 -32.57
N PRO I 89 -20.77 -65.28 -31.58
CA PRO I 89 -21.26 -64.60 -30.38
C PRO I 89 -20.18 -63.91 -29.57
N VAL I 90 -18.93 -64.31 -29.74
CA VAL I 90 -17.79 -63.67 -29.07
C VAL I 90 -16.94 -63.04 -30.16
N VAL I 91 -16.87 -61.70 -30.15
CA VAL I 91 -16.04 -61.00 -31.12
C VAL I 91 -14.58 -61.33 -30.86
N THR I 92 -13.84 -61.59 -31.94
CA THR I 92 -12.46 -62.03 -31.86
C THR I 92 -11.53 -60.98 -32.46
N PRO I 93 -10.42 -60.62 -31.77
CA PRO I 93 -9.60 -59.49 -32.23
C PRO I 93 -8.98 -59.69 -33.61
N ASP I 94 -8.22 -60.77 -33.78
CA ASP I 94 -7.69 -61.16 -35.10
C ASP I 94 -6.80 -60.06 -35.70
N ASN I 95 -5.89 -59.53 -34.88
CA ASN I 95 -4.88 -58.56 -35.32
C ASN I 95 -5.52 -57.27 -35.84
N LEU I 96 -6.72 -56.94 -35.35
CA LEU I 96 -7.43 -55.79 -35.88
C LEU I 96 -6.83 -54.48 -35.38
N THR I 97 -6.66 -53.52 -36.28
CA THR I 97 -6.31 -52.15 -35.94
C THR I 97 -7.18 -51.21 -36.76
N ILE I 98 -7.74 -50.19 -36.11
CA ILE I 98 -8.54 -49.17 -36.78
C ILE I 98 -7.86 -47.83 -36.55
N THR I 99 -7.54 -47.13 -37.64
CA THR I 99 -6.81 -45.87 -37.61
C THR I 99 -7.73 -44.75 -38.08
N VAL I 100 -7.89 -43.74 -37.23
CA VAL I 100 -8.78 -42.61 -37.51
C VAL I 100 -7.95 -41.45 -38.05
N SER I 101 -8.42 -40.86 -39.15
CA SER I 101 -7.78 -39.69 -39.74
C SER I 101 -8.85 -38.75 -40.25
N VAL I 102 -8.62 -37.45 -40.07
CA VAL I 102 -9.57 -36.41 -40.47
C VAL I 102 -9.10 -35.79 -41.77
N GLY I 103 -10.07 -35.42 -42.63
CA GLY I 103 -9.74 -34.82 -43.91
C GLY I 103 -9.71 -33.31 -43.85
N GLU I 104 -9.29 -32.71 -44.97
CA GLU I 104 -9.20 -31.26 -45.05
C GLU I 104 -10.58 -30.62 -44.92
N SER I 105 -11.61 -31.27 -45.46
CA SER I 105 -12.95 -30.69 -45.45
C SER I 105 -13.54 -30.61 -44.05
N LEU I 106 -13.01 -31.37 -43.09
CA LEU I 106 -13.50 -31.27 -41.72
C LEU I 106 -13.13 -29.93 -41.08
N PHE I 107 -12.16 -29.22 -41.64
CA PHE I 107 -11.70 -27.94 -41.08
C PHE I 107 -12.33 -26.77 -41.80
N ASP I 108 -13.64 -26.84 -42.00
CA ASP I 108 -14.41 -25.77 -42.61
C ASP I 108 -15.20 -25.02 -41.53
N GLU I 109 -16.22 -24.27 -41.93
CA GLU I 109 -17.02 -23.48 -41.00
C GLU I 109 -17.97 -24.32 -40.15
N ARG I 110 -17.99 -25.64 -40.33
CA ARG I 110 -18.97 -26.46 -39.63
C ARG I 110 -18.65 -26.59 -38.15
N PHE I 111 -17.37 -26.72 -37.80
CA PHE I 111 -16.99 -27.07 -36.44
C PHE I 111 -15.94 -26.13 -35.85
N GLY I 112 -15.59 -25.05 -36.53
CA GLY I 112 -14.66 -24.09 -35.98
C GLY I 112 -13.24 -24.58 -35.82
N LEU I 113 -12.87 -25.66 -36.48
CA LEU I 113 -11.51 -26.19 -36.44
C LEU I 113 -10.59 -25.53 -37.46
N GLU I 114 -11.04 -24.45 -38.09
CA GLU I 114 -10.30 -23.87 -39.21
C GLU I 114 -8.90 -23.41 -38.78
N ALA I 115 -8.79 -22.80 -37.61
CA ALA I 115 -7.50 -22.29 -37.16
C ALA I 115 -6.55 -23.40 -36.73
N ALA I 116 -7.07 -24.58 -36.39
CA ALA I 116 -6.25 -25.68 -35.91
C ALA I 116 -5.90 -26.68 -37.00
N LYS I 117 -6.21 -26.37 -38.26
CA LYS I 117 -5.93 -27.30 -39.34
C LYS I 117 -4.41 -27.48 -39.48
N PRO I 118 -3.92 -28.71 -39.62
CA PRO I 118 -2.49 -28.90 -39.89
C PRO I 118 -2.08 -28.14 -41.14
N LYS I 119 -0.89 -27.54 -41.08
CA LYS I 119 -0.48 -26.59 -42.11
C LYS I 119 -0.36 -27.24 -43.49
N ARG I 120 -0.09 -28.54 -43.54
CA ARG I 120 0.11 -29.23 -44.80
C ARG I 120 -1.08 -30.06 -45.23
N LEU I 121 -2.19 -30.02 -44.50
CA LEU I 121 -3.38 -30.80 -44.86
C LEU I 121 -4.20 -30.02 -45.87
N ILE I 122 -4.26 -30.54 -47.11
CA ILE I 122 -5.00 -29.93 -48.19
C ILE I 122 -5.85 -30.99 -48.87
N ARG I 123 -6.79 -30.53 -49.70
CA ARG I 123 -7.60 -31.45 -50.49
C ARG I 123 -6.80 -31.88 -51.73
N MET I 124 -6.82 -33.17 -52.01
CA MET I 124 -6.00 -33.72 -53.08
C MET I 124 -6.44 -33.17 -54.43
N VAL I 125 -5.47 -32.72 -55.22
CA VAL I 125 -5.71 -32.28 -56.59
C VAL I 125 -5.10 -33.30 -57.53
N GLY I 126 -5.63 -33.34 -58.75
CA GLY I 126 -5.22 -34.34 -59.71
C GLY I 126 -3.79 -34.15 -60.19
N PHE I 127 -3.05 -35.24 -60.23
CA PHE I 127 -1.72 -35.29 -60.81
C PHE I 127 -1.81 -35.56 -62.31
N PRO I 128 -0.76 -35.26 -63.07
CA PRO I 128 -0.86 -35.39 -64.54
C PRO I 128 -1.38 -36.72 -65.04
N ASN I 129 -0.93 -37.84 -64.45
CA ASN I 129 -1.37 -39.15 -64.89
C ASN I 129 -2.68 -39.60 -64.26
N ASP I 130 -3.28 -38.77 -63.41
CA ASP I 130 -4.47 -39.20 -62.68
C ASP I 130 -5.70 -39.19 -63.59
N ALA I 131 -6.68 -40.02 -63.21
CA ALA I 131 -8.02 -40.01 -63.78
C ALA I 131 -9.03 -40.06 -62.62
N LEU I 132 -8.90 -39.09 -61.73
CA LEU I 132 -9.66 -39.10 -60.49
C LEU I 132 -11.15 -38.95 -60.74
N GLU I 133 -11.94 -39.78 -60.05
CA GLU I 133 -13.38 -39.64 -60.07
C GLU I 133 -13.82 -39.02 -58.76
N PRO I 134 -14.51 -37.86 -58.79
CA PRO I 134 -14.88 -37.20 -57.53
C PRO I 134 -15.70 -38.06 -56.58
N ALA I 135 -16.41 -39.06 -57.11
CA ALA I 135 -17.17 -39.95 -56.23
C ALA I 135 -16.25 -40.82 -55.38
N CYS I 136 -15.02 -41.07 -55.82
CA CYS I 136 -14.05 -41.87 -55.08
C CYS I 136 -12.90 -41.03 -54.57
N CYS I 137 -13.15 -39.78 -54.22
CA CYS I 137 -12.10 -38.84 -53.85
C CYS I 137 -12.43 -38.13 -52.54
N HIS I 138 -11.38 -37.79 -51.79
CA HIS I 138 -11.47 -36.97 -50.59
C HIS I 138 -12.37 -37.59 -49.52
N GLY I 139 -12.81 -36.78 -48.58
CA GLY I 139 -13.66 -37.23 -47.50
C GLY I 139 -13.43 -36.42 -46.25
N ASP I 140 -14.43 -36.47 -45.35
CA ASP I 140 -14.33 -35.78 -44.07
C ASP I 140 -13.45 -36.53 -43.08
N LEU I 141 -13.65 -37.85 -42.98
CA LEU I 141 -12.94 -38.68 -42.03
C LEU I 141 -12.52 -39.97 -42.71
N SER I 142 -11.34 -40.48 -42.34
CA SER I 142 -10.79 -41.68 -42.93
C SER I 142 -10.64 -42.76 -41.87
N LEU I 143 -11.00 -43.98 -42.22
CA LEU I 143 -10.85 -45.15 -41.36
C LEU I 143 -10.06 -46.20 -42.11
N GLN I 144 -8.95 -46.65 -41.52
CA GLN I 144 -8.12 -47.71 -42.09
C GLN I 144 -8.25 -48.94 -41.22
N PHE I 145 -8.80 -50.01 -41.79
CA PHE I 145 -8.97 -51.28 -41.10
C PHE I 145 -7.88 -52.24 -41.56
N CYS I 146 -7.18 -52.85 -40.60
CA CYS I 146 -6.16 -53.84 -40.89
C CYS I 146 -6.31 -54.99 -39.91
N SER I 147 -6.34 -56.22 -40.43
CA SER I 147 -6.51 -57.40 -39.60
C SER I 147 -6.04 -58.61 -40.40
N ASN I 148 -6.26 -59.80 -39.85
CA ASN I 148 -5.81 -61.03 -40.51
C ASN I 148 -6.73 -61.44 -41.64
N THR I 149 -8.02 -61.13 -41.56
CA THR I 149 -8.99 -61.53 -42.58
C THR I 149 -9.85 -60.34 -42.97
N ALA I 150 -10.38 -60.39 -44.20
CA ALA I 150 -11.28 -59.34 -44.66
C ALA I 150 -12.59 -59.34 -43.88
N ASP I 151 -13.07 -60.53 -43.49
CA ASP I 151 -14.30 -60.61 -42.70
C ASP I 151 -14.14 -59.95 -41.34
N THR I 152 -12.95 -60.02 -40.74
CA THR I 152 -12.70 -59.27 -39.52
C THR I 152 -12.78 -57.77 -39.77
N ASN I 153 -12.25 -57.31 -40.91
CA ASN I 153 -12.40 -55.91 -41.29
C ASN I 153 -13.85 -55.57 -41.57
N ILE I 154 -14.53 -56.43 -42.33
CA ILE I 154 -15.93 -56.18 -42.68
C ILE I 154 -16.80 -56.16 -41.42
N HIS I 155 -16.52 -57.05 -40.47
CA HIS I 155 -17.27 -57.03 -39.22
C HIS I 155 -17.09 -55.72 -38.48
N ALA I 156 -15.88 -55.17 -38.49
CA ALA I 156 -15.64 -53.90 -37.83
C ALA I 156 -16.31 -52.74 -38.57
N LEU I 157 -16.29 -52.78 -39.90
CA LEU I 157 -16.94 -51.73 -40.67
C LEU I 157 -18.44 -51.71 -40.44
N ARG I 158 -19.07 -52.89 -40.42
CA ARG I 158 -20.50 -52.96 -40.13
C ARG I 158 -20.80 -52.47 -38.72
N ASP I 159 -19.90 -52.75 -37.77
CA ASP I 159 -20.09 -52.28 -36.41
C ASP I 159 -20.06 -50.75 -36.34
N ILE I 160 -19.11 -50.13 -37.05
CA ILE I 160 -19.03 -48.68 -37.06
C ILE I 160 -20.25 -48.08 -37.74
N VAL I 161 -20.67 -48.67 -38.86
CA VAL I 161 -21.83 -48.15 -39.58
C VAL I 161 -23.10 -48.34 -38.77
N LYS I 162 -23.21 -49.47 -38.06
CA LYS I 162 -24.40 -49.73 -37.26
C LYS I 162 -24.53 -48.73 -36.12
N ASN I 163 -23.41 -48.40 -35.47
CA ASN I 163 -23.44 -47.53 -34.29
C ASN I 163 -23.36 -46.05 -34.63
N LEU I 164 -23.18 -45.69 -35.90
CA LEU I 164 -23.16 -44.29 -36.31
C LEU I 164 -23.92 -44.13 -37.63
N PRO I 165 -25.23 -44.39 -37.62
CA PRO I 165 -25.99 -44.37 -38.88
C PRO I 165 -26.31 -42.96 -39.34
N ASP I 166 -26.58 -42.06 -38.40
CA ASP I 166 -26.97 -40.69 -38.73
C ASP I 166 -25.85 -39.67 -38.52
N LEU I 167 -24.66 -40.11 -38.12
CA LEU I 167 -23.52 -39.23 -37.96
C LEU I 167 -22.43 -39.46 -39.00
N LEU I 168 -22.38 -40.64 -39.61
CA LEU I 168 -21.38 -40.97 -40.61
C LEU I 168 -22.07 -41.44 -41.89
N LEU I 169 -21.43 -41.16 -43.02
CA LEU I 169 -21.91 -41.59 -44.33
C LEU I 169 -20.73 -42.14 -45.11
N VAL I 170 -20.78 -43.43 -45.46
CA VAL I 170 -19.69 -44.03 -46.22
C VAL I 170 -19.64 -43.37 -47.59
N ARG I 171 -18.52 -42.73 -47.89
CA ARG I 171 -18.34 -42.04 -49.18
C ARG I 171 -17.80 -43.03 -50.21
N TRP I 172 -16.54 -43.42 -50.06
CA TRP I 172 -15.94 -44.48 -50.86
C TRP I 172 -15.21 -45.45 -49.94
N LYS I 173 -14.76 -46.56 -50.50
CA LYS I 173 -14.16 -47.62 -49.72
C LYS I 173 -13.41 -48.56 -50.65
N GLN I 174 -12.22 -48.99 -50.23
CA GLN I 174 -11.37 -49.87 -51.04
C GLN I 174 -10.73 -50.90 -50.13
N GLU I 175 -10.98 -52.17 -50.41
CA GLU I 175 -10.36 -53.27 -49.68
C GLU I 175 -9.18 -53.83 -50.47
N GLY I 176 -8.32 -54.55 -49.76
CA GLY I 176 -7.16 -55.15 -50.40
C GLY I 176 -6.50 -56.14 -49.47
N SER I 177 -5.45 -56.77 -49.97
CA SER I 177 -4.71 -57.76 -49.20
C SER I 177 -3.29 -57.85 -49.73
N VAL I 178 -2.44 -58.53 -48.98
CA VAL I 178 -1.06 -58.79 -49.38
C VAL I 178 -0.79 -60.29 -49.25
N PRO I 179 0.02 -60.88 -50.13
CA PRO I 179 0.24 -62.33 -50.07
C PRO I 179 1.13 -62.69 -48.89
N PRO I 180 0.70 -63.65 -48.08
CA PRO I 180 1.56 -64.11 -46.97
C PRO I 180 2.58 -65.13 -47.46
N GLN I 181 3.69 -65.20 -46.74
CA GLN I 181 4.79 -66.08 -47.06
C GLN I 181 5.07 -67.02 -45.90
N ALA I 182 5.86 -68.06 -46.17
CA ALA I 182 6.21 -69.04 -45.18
C ALA I 182 7.39 -68.56 -44.35
N PRO I 183 7.54 -69.06 -43.13
CA PRO I 183 8.73 -68.71 -42.32
C PRO I 183 10.01 -69.21 -42.98
N ALA I 184 10.88 -68.29 -43.34
CA ALA I 184 12.16 -68.65 -43.93
C ALA I 184 13.05 -69.30 -42.87
N LYS I 185 14.21 -69.77 -43.31
CA LYS I 185 15.16 -70.38 -42.39
C LYS I 185 15.60 -69.35 -41.35
N PRO I 186 15.61 -69.69 -40.05
CA PRO I 186 16.08 -68.73 -39.04
C PRO I 186 17.50 -68.26 -39.30
N GLY I 187 17.63 -67.01 -39.75
CA GLY I 187 18.90 -66.49 -40.19
C GLY I 187 18.81 -65.97 -41.61
N GLU I 188 18.01 -66.65 -42.43
CA GLU I 188 17.70 -66.12 -43.76
C GLU I 188 16.83 -64.88 -43.60
N PRO I 189 17.14 -63.79 -44.30
CA PRO I 189 16.35 -62.56 -44.15
C PRO I 189 14.87 -62.76 -44.46
N ALA I 190 14.08 -61.82 -43.94
CA ALA I 190 12.66 -61.76 -44.24
C ALA I 190 12.44 -61.00 -45.54
N GLN I 191 11.18 -60.91 -45.98
CA GLN I 191 10.87 -60.36 -47.28
C GLN I 191 9.67 -59.43 -47.18
N SER I 192 9.74 -58.30 -47.90
CA SER I 192 8.56 -57.47 -48.09
C SER I 192 7.57 -58.19 -48.99
N ALA I 193 6.29 -57.94 -48.76
CA ALA I 193 5.26 -58.57 -49.57
C ALA I 193 5.30 -58.04 -51.00
N ARG I 194 4.68 -58.79 -51.90
CA ARG I 194 4.69 -58.47 -53.32
C ARG I 194 3.38 -57.79 -53.73
N ASN I 195 3.49 -56.87 -54.67
CA ASN I 195 2.31 -56.23 -55.25
C ASN I 195 1.86 -57.03 -56.47
N PHE I 196 0.76 -56.58 -57.08
CA PHE I 196 0.21 -57.30 -58.23
C PHE I 196 1.03 -57.13 -59.50
N LEU I 197 2.14 -56.40 -59.44
CA LEU I 197 3.12 -56.37 -60.53
C LEU I 197 4.22 -57.41 -60.32
N GLY I 198 4.13 -58.21 -59.27
CA GLY I 198 5.10 -59.27 -59.01
C GLY I 198 6.34 -58.83 -58.26
N PHE I 199 6.48 -57.54 -57.97
CA PHE I 199 7.68 -57.01 -57.32
C PHE I 199 7.48 -56.88 -55.82
N ARG I 200 8.56 -57.07 -55.08
CA ARG I 200 8.53 -56.83 -53.64
C ARG I 200 8.34 -55.33 -53.37
N ASP I 201 7.49 -55.02 -52.42
CA ASP I 201 7.06 -53.64 -52.16
C ASP I 201 7.38 -53.28 -50.72
N GLY I 202 8.26 -52.29 -50.54
CA GLY I 202 8.62 -51.80 -49.23
C GLY I 202 10.04 -52.11 -48.79
N SER I 203 10.91 -52.56 -49.70
CA SER I 203 12.26 -52.94 -49.32
C SER I 203 13.06 -51.75 -48.80
N ALA I 204 12.86 -50.58 -49.40
CA ALA I 204 13.60 -49.38 -49.02
C ALA I 204 12.82 -48.52 -48.03
N ASN I 205 11.87 -49.11 -47.32
CA ASN I 205 11.16 -48.37 -46.28
C ASN I 205 12.13 -47.99 -45.15
N PRO I 206 11.90 -46.85 -44.49
CA PRO I 206 12.73 -46.50 -43.35
C PRO I 206 12.60 -47.52 -42.23
N ASP I 207 13.60 -47.52 -41.35
CA ASP I 207 13.67 -48.47 -40.24
C ASP I 207 12.52 -48.18 -39.27
N SER I 208 11.46 -48.98 -39.35
CA SER I 208 10.31 -48.81 -38.47
C SER I 208 10.63 -49.13 -37.02
N ASN I 209 11.77 -49.76 -36.74
CA ASN I 209 12.22 -49.98 -35.38
C ASN I 209 13.17 -48.90 -34.88
N ASP I 210 13.63 -48.01 -35.75
CA ASP I 210 14.41 -46.86 -35.35
C ASP I 210 13.47 -45.77 -34.88
N PRO I 211 13.41 -45.50 -33.56
CA PRO I 211 12.49 -44.47 -33.08
C PRO I 211 12.87 -43.08 -33.53
N LYS I 212 14.16 -42.79 -33.67
CA LYS I 212 14.58 -41.50 -34.19
C LYS I 212 14.13 -41.34 -35.63
N ALA I 213 14.34 -42.37 -36.47
CA ALA I 213 13.96 -42.27 -37.87
C ALA I 213 12.46 -42.05 -38.04
N MET I 214 11.65 -42.68 -37.19
CA MET I 214 10.20 -42.46 -37.27
C MET I 214 9.82 -41.09 -36.76
N GLN I 215 10.61 -40.51 -35.86
CA GLN I 215 10.29 -39.18 -35.32
C GLN I 215 10.52 -38.09 -36.36
N GLN I 216 11.53 -38.23 -37.23
CA GLN I 216 11.80 -37.23 -38.25
C GLN I 216 11.05 -37.45 -39.55
N ILE I 217 10.42 -38.61 -39.73
CA ILE I 217 9.81 -38.99 -41.00
C ILE I 217 8.31 -39.15 -40.88
N VAL I 218 7.84 -39.86 -39.86
CA VAL I 218 6.45 -40.26 -39.75
C VAL I 218 5.66 -39.35 -38.83
N TRP I 219 6.14 -39.15 -37.60
CA TRP I 219 5.35 -38.51 -36.55
C TRP I 219 5.63 -37.01 -36.49
N VAL I 220 4.56 -36.24 -36.29
CA VAL I 220 4.69 -34.79 -36.08
C VAL I 220 5.25 -34.57 -34.68
N GLN I 221 6.46 -34.04 -34.61
CA GLN I 221 7.10 -33.86 -33.31
C GLN I 221 6.56 -32.63 -32.60
N PRO I 222 6.40 -32.68 -31.28
CA PRO I 222 6.03 -31.47 -30.54
C PRO I 222 7.13 -30.43 -30.65
N GLY I 223 6.74 -29.21 -31.03
CA GLY I 223 7.67 -28.13 -31.26
C GLY I 223 7.85 -27.76 -32.71
N SER I 224 7.18 -28.44 -33.64
CA SER I 224 7.27 -28.11 -35.05
C SER I 224 6.40 -26.89 -35.33
N ASP I 225 6.22 -26.57 -36.62
CA ASP I 225 5.33 -25.48 -37.00
C ASP I 225 3.86 -25.89 -36.97
N GLU I 226 3.57 -27.18 -36.87
CA GLU I 226 2.20 -27.64 -36.82
C GLU I 226 1.53 -27.17 -35.53
N PRO I 227 0.19 -27.12 -35.51
CA PRO I 227 -0.51 -26.83 -34.25
C PRO I 227 -0.14 -27.83 -33.17
N ALA I 228 -0.12 -27.34 -31.93
CA ALA I 228 0.37 -28.15 -30.82
C ALA I 228 -0.45 -29.42 -30.63
N TRP I 229 -1.76 -29.37 -30.92
CA TRP I 229 -2.59 -30.56 -30.76
C TRP I 229 -2.18 -31.67 -31.71
N ALA I 230 -1.59 -31.32 -32.85
CA ALA I 230 -1.27 -32.29 -33.89
C ALA I 230 -0.02 -33.11 -33.58
N ALA I 231 0.65 -32.86 -32.46
CA ALA I 231 1.84 -33.62 -32.12
C ALA I 231 1.52 -35.10 -31.99
N HIS I 232 2.46 -35.94 -32.41
CA HIS I 232 2.36 -37.39 -32.44
C HIS I 232 1.33 -37.89 -33.44
N GLY I 233 0.86 -37.04 -34.35
CA GLY I 233 0.04 -37.45 -35.47
C GLY I 233 0.88 -37.71 -36.70
N SER I 234 0.20 -37.90 -37.82
CA SER I 234 0.88 -38.16 -39.08
C SER I 234 -0.07 -37.91 -40.24
N TYR I 235 0.49 -37.45 -41.35
CA TYR I 235 -0.29 -37.27 -42.57
C TYR I 235 -0.45 -38.61 -43.29
N GLN I 236 -1.68 -38.91 -43.71
CA GLN I 236 -1.99 -40.16 -44.38
C GLN I 236 -2.39 -39.86 -45.82
N ALA I 237 -1.65 -40.42 -46.77
CA ALA I 237 -1.94 -40.29 -48.18
C ALA I 237 -2.50 -41.61 -48.71
N VAL I 238 -3.62 -41.53 -49.41
CA VAL I 238 -4.30 -42.70 -49.96
C VAL I 238 -4.41 -42.53 -51.46
N ARG I 239 -3.96 -43.55 -52.20
CA ARG I 239 -4.02 -43.54 -53.66
C ARG I 239 -4.52 -44.90 -54.13
N ILE I 240 -5.64 -44.91 -54.83
CA ILE I 240 -6.16 -46.13 -55.45
C ILE I 240 -5.63 -46.15 -56.88
N ILE I 241 -4.58 -46.93 -57.10
CA ILE I 241 -3.86 -46.96 -58.37
C ILE I 241 -4.17 -48.27 -59.07
N ARG I 242 -4.74 -48.17 -60.27
CA ARG I 242 -5.04 -49.35 -61.07
C ARG I 242 -3.81 -49.83 -61.81
N ASN I 243 -3.73 -51.14 -62.03
CA ASN I 243 -2.68 -51.76 -62.80
C ASN I 243 -3.26 -52.37 -64.07
N PHE I 244 -2.66 -52.07 -65.21
CA PHE I 244 -2.99 -52.74 -66.47
C PHE I 244 -2.17 -54.03 -66.52
N VAL I 245 -2.72 -55.06 -65.86
CA VAL I 245 -1.95 -56.26 -65.57
C VAL I 245 -1.70 -57.08 -66.84
N GLU I 246 -2.65 -57.10 -67.77
CA GLU I 246 -2.43 -57.82 -69.03
C GLU I 246 -1.33 -57.17 -69.84
N ARG I 247 -1.24 -55.83 -69.81
CA ARG I 247 -0.18 -55.13 -70.51
C ARG I 247 1.16 -55.33 -69.80
N TRP I 248 1.15 -55.37 -68.47
CA TRP I 248 2.39 -55.57 -67.71
C TRP I 248 2.93 -56.98 -67.90
N ASP I 249 2.05 -57.98 -67.93
CA ASP I 249 2.48 -59.35 -68.12
C ASP I 249 2.95 -59.63 -69.54
N ARG I 250 2.69 -58.73 -70.48
CA ARG I 250 3.19 -58.85 -71.84
C ARG I 250 4.50 -58.07 -72.06
N THR I 251 5.01 -57.43 -71.01
CA THR I 251 6.25 -56.65 -71.03
C THR I 251 7.45 -57.54 -70.72
N PRO I 252 8.53 -57.40 -71.48
CA PRO I 252 9.74 -58.19 -71.20
C PRO I 252 10.21 -58.01 -69.76
N LEU I 253 10.79 -59.07 -69.21
CA LEU I 253 11.30 -59.02 -67.85
C LEU I 253 12.39 -57.98 -67.68
N GLN I 254 13.21 -57.78 -68.72
CA GLN I 254 14.28 -56.78 -68.63
C GLN I 254 13.72 -55.37 -68.60
N GLU I 255 12.51 -55.15 -69.14
CA GLU I 255 11.90 -53.84 -69.11
C GLU I 255 11.11 -53.59 -67.82
N GLN I 256 10.50 -54.63 -67.26
CA GLN I 256 9.87 -54.51 -65.95
C GLN I 256 10.88 -54.06 -64.90
N GLU I 257 12.06 -54.68 -64.90
CA GLU I 257 13.09 -54.32 -63.94
C GLU I 257 13.74 -52.99 -64.28
N SER I 258 13.83 -52.66 -65.57
CA SER I 258 14.38 -51.36 -65.95
C SER I 258 13.45 -50.22 -65.57
N ILE I 259 12.14 -50.45 -65.59
CA ILE I 259 11.19 -49.42 -65.21
C ILE I 259 11.12 -49.28 -63.70
N ILE I 260 11.12 -50.40 -62.98
CA ILE I 260 11.02 -50.36 -61.51
C ILE I 260 12.34 -49.92 -60.90
N GLY I 261 13.45 -50.53 -61.34
CA GLY I 261 14.75 -50.27 -60.77
C GLY I 261 15.28 -51.35 -59.86
N ARG I 262 14.61 -52.49 -59.77
CA ARG I 262 15.03 -53.59 -58.92
C ARG I 262 14.85 -54.91 -59.65
N ILE I 263 15.64 -55.91 -59.26
CA ILE I 263 15.49 -57.25 -59.80
C ILE I 263 14.20 -57.85 -59.26
N LYS I 264 13.40 -58.44 -60.15
CA LYS I 264 12.09 -58.93 -59.76
C LYS I 264 12.20 -60.11 -58.80
N THR I 265 13.07 -61.06 -59.12
CA THR I 265 13.16 -62.29 -58.33
C THR I 265 13.70 -62.01 -56.92
N SER I 266 14.83 -61.31 -56.84
CA SER I 266 15.52 -61.12 -55.57
C SER I 266 15.16 -59.84 -54.85
N GLY I 267 14.60 -58.86 -55.56
CA GLY I 267 14.37 -57.56 -54.95
C GLY I 267 15.63 -56.74 -54.77
N ALA I 268 16.74 -57.17 -55.36
CA ALA I 268 18.01 -56.47 -55.21
C ALA I 268 18.09 -55.28 -56.16
N PRO I 269 18.87 -54.26 -55.82
CA PRO I 269 19.15 -53.19 -56.78
C PRO I 269 19.87 -53.74 -58.00
N MET I 270 19.88 -52.95 -59.07
CA MET I 270 20.47 -53.40 -60.32
C MET I 270 21.97 -53.69 -60.17
N ASP I 271 22.62 -53.13 -59.15
CA ASP I 271 24.02 -53.43 -58.87
C ASP I 271 24.19 -54.21 -57.56
N GLY I 272 23.11 -54.82 -57.06
CA GLY I 272 23.14 -55.54 -55.81
C GLY I 272 22.78 -57.01 -55.98
N GLN I 273 22.74 -57.71 -54.86
CA GLN I 273 22.49 -59.14 -54.84
C GLN I 273 21.26 -59.53 -54.02
N LYS I 274 20.98 -58.84 -52.93
CA LYS I 274 19.86 -59.18 -52.07
C LYS I 274 18.93 -57.98 -51.91
N GLU I 275 17.74 -58.26 -51.37
CA GLU I 275 16.70 -57.25 -51.24
C GLU I 275 17.10 -56.14 -50.28
N SER I 276 17.90 -56.46 -49.26
CA SER I 276 18.24 -55.49 -48.23
C SER I 276 19.21 -54.42 -48.72
N GLN I 277 19.93 -54.67 -49.81
CA GLN I 277 20.94 -53.74 -50.29
C GLN I 277 20.29 -52.54 -50.97
N VAL I 278 21.01 -51.41 -50.94
CA VAL I 278 20.57 -50.18 -51.60
C VAL I 278 21.55 -49.85 -52.71
N PRO I 279 21.11 -49.27 -53.81
CA PRO I 279 22.02 -48.94 -54.91
C PRO I 279 22.87 -47.71 -54.59
N ASP I 280 23.89 -47.50 -55.42
CA ASP I 280 24.84 -46.40 -55.27
C ASP I 280 24.79 -45.57 -56.55
N TYR I 281 23.95 -44.54 -56.56
CA TYR I 281 23.76 -43.71 -57.75
C TYR I 281 24.97 -42.85 -58.07
N ALA I 282 25.95 -42.76 -57.16
CA ALA I 282 27.15 -41.98 -57.43
C ALA I 282 28.02 -42.58 -58.52
N ARG I 283 27.73 -43.80 -58.96
CA ARG I 283 28.57 -44.50 -59.93
C ARG I 283 27.94 -44.63 -61.30
N ASP I 284 26.74 -44.09 -61.53
CA ASP I 284 26.25 -43.86 -62.89
C ASP I 284 25.46 -42.56 -62.97
N PRO I 285 26.14 -41.40 -62.87
CA PRO I 285 25.43 -40.12 -63.00
C PRO I 285 24.54 -40.03 -64.23
N HIS I 286 24.72 -40.93 -65.21
CA HIS I 286 23.90 -40.98 -66.42
C HIS I 286 23.00 -42.22 -66.48
N GLY I 287 22.87 -42.97 -65.39
CA GLY I 287 21.92 -44.05 -65.31
C GLY I 287 22.24 -45.28 -66.14
N LYS I 288 23.47 -45.79 -66.03
CA LYS I 288 23.84 -47.00 -66.76
C LYS I 288 23.24 -48.24 -66.11
N VAL I 289 23.54 -48.46 -64.83
CA VAL I 289 23.05 -49.64 -64.14
C VAL I 289 21.60 -49.45 -63.69
N THR I 290 21.30 -48.33 -63.05
CA THR I 290 19.95 -47.98 -62.64
C THR I 290 19.50 -46.77 -63.45
N LYS I 291 18.48 -46.95 -64.29
CA LYS I 291 18.02 -45.89 -65.18
C LYS I 291 17.63 -44.65 -64.40
N LEU I 292 17.81 -43.49 -65.05
CA LEU I 292 17.52 -42.22 -64.38
C LEU I 292 16.03 -42.05 -64.12
N ASP I 293 15.18 -42.57 -65.01
CA ASP I 293 13.73 -42.49 -64.85
C ASP I 293 13.13 -43.73 -64.22
N ALA I 294 13.95 -44.54 -63.55
CA ALA I 294 13.42 -45.69 -62.83
C ALA I 294 12.51 -45.23 -61.69
N HIS I 295 11.64 -46.13 -61.24
CA HIS I 295 10.68 -45.78 -60.21
C HIS I 295 11.38 -45.43 -58.90
N ILE I 296 12.31 -46.28 -58.46
CA ILE I 296 12.96 -46.05 -57.18
C ILE I 296 13.97 -44.92 -57.27
N ARG I 297 14.58 -44.70 -58.44
CA ARG I 297 15.54 -43.61 -58.56
C ARG I 297 14.84 -42.26 -58.57
N LEU I 298 13.68 -42.17 -59.22
CA LEU I 298 12.89 -40.95 -59.18
C LEU I 298 12.24 -40.73 -57.82
N ALA I 299 12.04 -41.81 -57.05
CA ALA I 299 11.41 -41.67 -55.73
C ALA I 299 12.42 -41.26 -54.67
N ASN I 300 13.56 -41.94 -54.63
CA ASN I 300 14.64 -41.62 -53.69
C ASN I 300 15.90 -41.32 -54.49
N PRO I 301 16.16 -40.05 -54.81
CA PRO I 301 17.39 -39.70 -55.54
C PRO I 301 18.67 -40.01 -54.76
N ARG I 302 18.57 -40.41 -53.48
CA ARG I 302 19.72 -40.74 -52.65
C ARG I 302 20.68 -39.57 -52.54
N THR I 303 20.14 -38.43 -52.10
CA THR I 303 20.93 -37.24 -51.85
C THR I 303 20.63 -36.75 -50.44
N ALA I 304 21.53 -35.91 -49.91
CA ALA I 304 21.35 -35.38 -48.56
C ALA I 304 20.10 -34.52 -48.47
N GLN I 305 19.74 -33.85 -49.56
CA GLN I 305 18.56 -33.01 -49.60
C GLN I 305 17.29 -33.81 -49.89
N SER I 306 17.42 -34.98 -50.51
CA SER I 306 16.27 -35.85 -50.72
C SER I 306 15.85 -36.59 -49.46
N GLN I 307 16.72 -36.64 -48.45
CA GLN I 307 16.42 -37.38 -47.23
C GLN I 307 15.29 -36.74 -46.42
N GLN I 308 14.87 -35.53 -46.78
CA GLN I 308 13.67 -34.95 -46.18
C GLN I 308 12.40 -35.43 -46.86
N ASN I 309 12.51 -36.19 -47.95
CA ASN I 309 11.36 -36.64 -48.73
C ASN I 309 11.05 -38.12 -48.52
N LEU I 310 11.56 -38.72 -47.44
CA LEU I 310 11.30 -40.11 -47.17
C LEU I 310 9.90 -40.31 -46.60
N ILE I 311 9.29 -41.44 -46.94
CA ILE I 311 7.93 -41.76 -46.53
C ILE I 311 7.89 -43.19 -46.03
N LEU I 312 6.81 -43.53 -45.33
CA LEU I 312 6.57 -44.88 -44.83
C LEU I 312 5.41 -45.48 -45.62
N ARG I 313 5.75 -46.35 -46.57
CA ARG I 313 4.73 -46.95 -47.44
C ARG I 313 4.12 -48.17 -46.76
N ARG I 314 2.80 -48.27 -46.80
CA ARG I 314 2.05 -49.36 -46.18
C ARG I 314 0.86 -49.71 -47.05
N PRO I 315 1.10 -50.28 -48.23
CA PRO I 315 0.00 -50.46 -49.19
C PRO I 315 -0.69 -51.82 -49.11
N PHE I 316 -1.64 -52.05 -50.01
CA PHE I 316 -2.31 -53.33 -50.15
C PHE I 316 -2.61 -53.55 -51.63
N ASN I 317 -2.82 -54.81 -51.99
CA ASN I 317 -3.17 -55.18 -53.36
C ASN I 317 -4.68 -55.38 -53.43
N TYR I 318 -5.33 -54.63 -54.33
CA TYR I 318 -6.77 -54.68 -54.48
C TYR I 318 -7.15 -55.34 -55.81
N SER I 319 -8.37 -55.88 -55.85
CA SER I 319 -8.92 -56.48 -57.05
C SER I 319 -10.41 -56.15 -57.10
N ASN I 320 -10.83 -55.42 -58.13
CA ASN I 320 -12.18 -54.86 -58.21
C ASN I 320 -12.83 -55.23 -59.53
N GLY I 321 -13.05 -56.53 -59.74
CA GLY I 321 -13.88 -56.95 -60.84
C GLY I 321 -13.23 -56.80 -62.21
N VAL I 322 -14.07 -56.53 -63.21
CA VAL I 322 -13.70 -56.60 -64.61
C VAL I 322 -14.03 -55.28 -65.30
N ASN I 323 -13.20 -54.91 -66.28
CA ASN I 323 -13.44 -53.74 -67.10
C ASN I 323 -14.59 -54.00 -68.08
N LYS I 324 -14.92 -52.98 -68.87
CA LYS I 324 -15.81 -53.18 -69.99
C LYS I 324 -15.12 -53.96 -71.11
N ASN I 325 -13.80 -53.80 -71.24
CA ASN I 325 -13.00 -54.52 -72.23
C ASN I 325 -12.69 -55.95 -71.81
N GLY I 326 -13.16 -56.39 -70.64
CA GLY I 326 -12.74 -57.65 -70.10
C GLY I 326 -11.39 -57.64 -69.43
N GLN I 327 -10.81 -56.46 -69.22
CA GLN I 327 -9.51 -56.34 -68.57
C GLN I 327 -9.69 -56.31 -67.05
N LEU I 328 -8.83 -57.05 -66.36
CA LEU I 328 -8.94 -57.18 -64.92
C LEU I 328 -8.62 -55.86 -64.24
N ASP I 329 -9.59 -55.33 -63.48
CA ASP I 329 -9.40 -54.09 -62.73
C ASP I 329 -8.81 -54.45 -61.37
N MET I 330 -7.48 -54.47 -61.30
CA MET I 330 -6.78 -54.68 -60.05
C MET I 330 -5.54 -53.79 -60.03
N GLY I 331 -5.02 -53.57 -58.84
CA GLY I 331 -3.85 -52.72 -58.70
C GLY I 331 -3.36 -52.59 -57.27
N LEU I 332 -3.00 -51.38 -56.87
CA LEU I 332 -2.37 -51.13 -55.58
C LEU I 332 -3.20 -50.13 -54.79
N LEU I 333 -3.52 -50.48 -53.55
CA LEU I 333 -4.10 -49.55 -52.58
C LEU I 333 -2.94 -48.87 -51.88
N PHE I 334 -2.52 -47.72 -52.42
CA PHE I 334 -1.34 -47.03 -51.91
C PHE I 334 -1.69 -46.25 -50.66
N ILE I 335 -1.01 -46.56 -49.56
CA ILE I 335 -1.12 -45.81 -48.32
C ILE I 335 0.29 -45.54 -47.81
N CYS I 336 0.61 -44.26 -47.58
CA CYS I 336 1.91 -43.87 -47.07
C CYS I 336 1.72 -42.77 -46.03
N TYR I 337 2.62 -42.76 -45.04
CA TYR I 337 2.53 -41.83 -43.92
C TYR I 337 3.79 -40.98 -43.85
N GLN I 338 3.63 -39.75 -43.37
CA GLN I 338 4.74 -38.81 -43.27
C GLN I 338 4.36 -37.68 -42.33
N ALA I 339 5.36 -37.09 -41.70
CA ALA I 339 5.13 -35.96 -40.81
C ALA I 339 4.88 -34.67 -41.57
N ASP I 340 5.27 -34.60 -42.85
CA ASP I 340 5.02 -33.44 -43.70
C ASP I 340 4.46 -33.97 -45.02
N LEU I 341 3.20 -33.63 -45.30
CA LEU I 341 2.57 -34.10 -46.53
C LEU I 341 3.21 -33.48 -47.76
N GLU I 342 3.63 -32.21 -47.68
CA GLU I 342 4.27 -31.57 -48.81
C GLU I 342 5.62 -32.20 -49.10
N LYS I 343 6.51 -32.25 -48.10
CA LYS I 343 7.82 -32.85 -48.29
C LYS I 343 7.74 -34.35 -48.50
N GLY I 344 6.64 -34.99 -48.09
CA GLY I 344 6.52 -36.43 -48.21
C GLY I 344 5.96 -36.91 -49.53
N PHE I 345 4.67 -37.25 -49.54
CA PHE I 345 4.07 -37.87 -50.72
C PHE I 345 4.07 -36.93 -51.92
N ILE I 346 3.63 -35.68 -51.71
CA ILE I 346 3.45 -34.76 -52.82
C ILE I 346 4.77 -34.53 -53.55
N ALA I 347 5.87 -34.41 -52.80
CA ALA I 347 7.17 -34.19 -53.43
C ALA I 347 7.63 -35.43 -54.21
N VAL I 348 7.31 -36.62 -53.71
CA VAL I 348 7.73 -37.85 -54.39
C VAL I 348 6.89 -38.06 -55.65
N GLN I 349 5.57 -37.90 -55.52
CA GLN I 349 4.70 -38.05 -56.69
C GLN I 349 5.01 -37.01 -57.75
N THR I 350 5.40 -35.80 -57.33
CA THR I 350 5.84 -34.80 -58.30
C THR I 350 7.13 -35.24 -58.99
N ARG I 351 8.04 -35.88 -58.26
CA ARG I 351 9.24 -36.41 -58.88
C ARG I 351 8.93 -37.59 -59.79
N LEU I 352 7.87 -38.34 -59.50
CA LEU I 352 7.49 -39.51 -60.28
C LEU I 352 6.55 -39.16 -61.44
N ASN I 353 6.20 -37.89 -61.61
CA ASN I 353 5.33 -37.49 -62.71
C ASN I 353 6.00 -37.77 -64.05
N GLY I 354 5.30 -38.49 -64.92
CA GLY I 354 5.83 -38.83 -66.22
C GLY I 354 6.76 -40.02 -66.26
N GLU I 355 6.85 -40.78 -65.17
CA GLU I 355 7.74 -41.93 -65.13
C GLU I 355 7.27 -43.00 -66.12
N PRO I 356 8.18 -43.86 -66.59
CA PRO I 356 7.76 -44.93 -67.52
C PRO I 356 6.76 -45.90 -66.93
N LEU I 357 6.69 -46.04 -65.60
CA LEU I 357 5.72 -46.93 -65.00
C LEU I 357 4.29 -46.45 -65.20
N GLU I 358 4.09 -45.16 -65.46
CA GLU I 358 2.75 -44.61 -65.64
C GLU I 358 2.00 -45.27 -66.79
N GLU I 359 2.70 -45.95 -67.70
CA GLU I 359 2.04 -46.68 -68.78
C GLU I 359 1.14 -47.76 -68.23
N TYR I 360 1.45 -48.30 -67.06
CA TYR I 360 0.69 -49.37 -66.46
C TYR I 360 -0.11 -48.94 -65.23
N LEU I 361 -0.08 -47.66 -64.88
CA LEU I 361 -0.80 -47.14 -63.72
C LEU I 361 -1.92 -46.21 -64.15
N LYS I 362 -2.92 -46.09 -63.27
CA LYS I 362 -4.03 -45.18 -63.46
C LYS I 362 -4.70 -44.92 -62.11
N PRO I 363 -4.26 -43.89 -61.38
CA PRO I 363 -4.92 -43.56 -60.11
C PRO I 363 -6.31 -43.00 -60.36
N THR I 364 -7.31 -43.61 -59.74
CA THR I 364 -8.70 -43.22 -59.93
C THR I 364 -9.33 -42.55 -58.70
N GLY I 365 -8.73 -42.69 -57.52
CA GLY I 365 -9.29 -42.09 -56.33
C GLY I 365 -8.30 -42.05 -55.20
N GLY I 366 -8.80 -41.69 -54.02
CA GLY I 366 -8.03 -41.57 -52.82
C GLY I 366 -8.25 -40.21 -52.17
N GLY I 367 -7.30 -39.80 -51.35
CA GLY I 367 -7.38 -38.49 -50.72
C GLY I 367 -6.26 -38.30 -49.72
N TYR I 368 -6.22 -37.11 -49.15
CA TYR I 368 -5.27 -36.75 -48.11
C TYR I 368 -5.99 -36.69 -46.77
N PHE I 369 -5.33 -37.19 -45.73
CA PHE I 369 -5.89 -37.18 -44.39
C PHE I 369 -4.77 -36.98 -43.38
N PHE I 370 -5.16 -36.57 -42.17
CA PHE I 370 -4.23 -36.44 -41.05
C PHE I 370 -4.62 -37.43 -39.97
N THR I 371 -3.76 -38.42 -39.73
CA THR I 371 -3.98 -39.38 -38.66
C THR I 371 -3.87 -38.68 -37.31
N LEU I 372 -4.92 -38.76 -36.50
CA LEU I 372 -4.96 -38.09 -35.23
C LEU I 372 -3.94 -38.70 -34.27
N PRO I 373 -3.48 -37.94 -33.28
CA PRO I 373 -2.54 -38.49 -32.29
C PRO I 373 -3.17 -39.63 -31.50
N GLY I 374 -2.31 -40.40 -30.85
CA GLY I 374 -2.76 -41.53 -30.08
C GLY I 374 -3.54 -41.13 -28.83
N VAL I 375 -4.21 -42.12 -28.26
CA VAL I 375 -5.02 -41.94 -27.06
C VAL I 375 -4.28 -42.55 -25.88
N THR I 376 -4.23 -41.82 -24.77
CA THR I 376 -3.54 -42.27 -23.56
C THR I 376 -4.47 -42.09 -22.36
N GLY I 377 -4.25 -42.92 -21.34
CA GLY I 377 -5.01 -42.79 -20.12
C GLY I 377 -6.46 -43.26 -20.26
N GLU I 378 -7.21 -43.02 -19.19
CA GLU I 378 -8.59 -43.49 -19.10
C GLU I 378 -9.63 -42.45 -19.46
N GLU I 379 -9.27 -41.16 -19.43
CA GLU I 379 -10.22 -40.09 -19.70
C GLU I 379 -10.14 -39.53 -21.11
N ASP I 380 -9.14 -39.92 -21.89
CA ASP I 380 -8.95 -39.40 -23.23
C ASP I 380 -9.69 -40.26 -24.25
N PHE I 381 -9.99 -39.64 -25.40
CA PHE I 381 -10.64 -40.35 -26.51
C PHE I 381 -10.11 -39.78 -27.82
N ILE I 382 -10.43 -40.49 -28.91
CA ILE I 382 -9.94 -40.11 -30.23
C ILE I 382 -10.52 -38.75 -30.61
N GLY I 383 -9.63 -37.83 -30.99
CA GLY I 383 -10.04 -36.52 -31.44
C GLY I 383 -10.21 -35.47 -30.37
N ARG I 384 -10.04 -35.84 -29.08
CA ARG I 384 -10.21 -34.86 -28.01
C ARG I 384 -9.15 -33.78 -28.09
N SER I 385 -7.94 -34.11 -28.53
CA SER I 385 -6.90 -33.11 -28.73
C SER I 385 -7.36 -32.03 -29.70
N LEU I 386 -7.92 -32.45 -30.83
CA LEU I 386 -8.45 -31.50 -31.80
C LEU I 386 -9.60 -30.69 -31.21
N LEU I 387 -10.43 -31.33 -30.38
CA LEU I 387 -11.57 -30.64 -29.78
C LEU I 387 -11.11 -29.64 -28.72
N ASP I 388 -10.31 -30.10 -27.76
CA ASP I 388 -9.90 -29.23 -26.65
C ASP I 388 -9.08 -28.05 -27.13
N ALA I 389 -8.28 -28.22 -28.18
CA ALA I 389 -7.53 -27.10 -28.73
C ALA I 389 -8.44 -26.10 -29.44
N THR I 390 -9.67 -26.51 -29.79
CA THR I 390 -10.62 -25.64 -30.46
C THR I 390 -11.82 -25.29 -29.59
N ARG I 391 -11.72 -25.49 -28.28
CA ARG I 391 -12.83 -25.12 -27.39
C ARG I 391 -12.97 -23.61 -27.37
N PRO I 392 -14.11 -23.06 -27.81
CA PRO I 392 -14.31 -21.60 -27.82
C PRO I 392 -14.55 -21.04 -26.43
N ALA J 1 -10.90 72.97 -11.08
CA ALA J 1 -10.77 71.80 -11.93
C ALA J 1 -10.03 70.68 -11.21
N ALA J 2 -9.37 71.02 -10.11
CA ALA J 2 -8.65 70.03 -9.33
C ALA J 2 -9.63 69.00 -8.77
N PRO J 3 -9.34 67.70 -8.92
CA PRO J 3 -10.32 66.69 -8.50
C PRO J 3 -10.54 66.71 -7.00
N ALA J 4 -11.69 66.19 -6.59
CA ALA J 4 -12.03 66.15 -5.18
C ALA J 4 -11.15 65.17 -4.42
N GLN J 5 -10.91 65.47 -3.15
CA GLN J 5 -10.18 64.55 -2.29
C GLN J 5 -10.98 63.26 -2.11
N VAL J 6 -10.26 62.19 -1.79
CA VAL J 6 -10.87 60.86 -1.76
C VAL J 6 -12.04 60.82 -0.78
N THR J 7 -11.81 61.27 0.44
CA THR J 7 -12.81 61.18 1.50
C THR J 7 -13.78 62.35 1.51
N GLU J 8 -13.70 63.26 0.54
CA GLU J 8 -14.68 64.33 0.41
C GLU J 8 -16.08 63.75 0.28
N ALA J 9 -17.02 64.36 0.98
CA ALA J 9 -18.40 63.88 0.95
C ALA J 9 -18.99 64.03 -0.45
N PRO J 10 -19.89 63.13 -0.84
CA PRO J 10 -20.58 63.30 -2.12
C PRO J 10 -21.49 64.52 -2.09
N SER J 11 -21.61 65.17 -3.24
CA SER J 11 -22.47 66.32 -3.39
C SER J 11 -23.89 65.88 -3.71
N SER J 12 -24.87 66.56 -3.12
CA SER J 12 -26.27 66.24 -3.33
C SER J 12 -27.08 67.52 -3.47
N ASP J 13 -28.00 67.52 -4.42
CA ASP J 13 -28.94 68.62 -4.61
C ASP J 13 -30.29 68.37 -3.95
N LYS J 14 -30.47 67.20 -3.35
CA LYS J 14 -31.72 66.81 -2.70
C LYS J 14 -31.67 67.01 -1.19
N THR J 15 -30.63 67.68 -0.69
CA THR J 15 -30.45 67.79 0.76
C THR J 15 -31.57 68.59 1.42
N GLN J 16 -32.24 69.47 0.68
CA GLN J 16 -33.29 70.31 1.23
C GLN J 16 -34.68 69.80 0.93
N ASP J 17 -34.80 68.59 0.39
CA ASP J 17 -36.13 67.98 0.21
C ASP J 17 -36.82 67.85 1.56
N ARG J 18 -38.12 68.15 1.58
CA ARG J 18 -38.84 68.23 2.85
C ARG J 18 -40.30 67.84 2.66
N HIS J 19 -40.84 67.16 3.67
CA HIS J 19 -42.26 66.86 3.76
C HIS J 19 -42.81 67.47 5.04
N ASP J 20 -44.14 67.61 5.09
CA ASP J 20 -44.80 68.24 6.22
C ASP J 20 -45.05 67.21 7.31
N PHE J 21 -44.70 67.57 8.54
CA PHE J 21 -44.97 66.69 9.68
C PHE J 21 -46.46 66.74 10.04
N HIS J 22 -47.01 67.95 10.18
CA HIS J 22 -48.39 68.11 10.58
C HIS J 22 -49.33 67.72 9.43
N GLY J 23 -50.61 67.61 9.76
CA GLY J 23 -51.63 67.18 8.83
C GLY J 23 -52.59 66.23 9.53
N GLN J 24 -53.78 66.09 8.95
CA GLN J 24 -54.76 65.18 9.52
C GLN J 24 -54.28 63.73 9.46
N HIS J 25 -53.42 63.42 8.50
CA HIS J 25 -52.75 62.13 8.42
C HIS J 25 -51.27 62.30 8.74
N GLN J 26 -50.63 61.20 9.12
CA GLN J 26 -49.20 61.19 9.32
C GLN J 26 -48.48 61.01 7.99
N SER J 27 -47.29 61.59 7.89
CA SER J 27 -46.51 61.48 6.67
C SER J 27 -45.95 60.07 6.52
N GLY J 28 -45.31 59.83 5.38
CA GLY J 28 -44.69 58.55 5.10
C GLY J 28 -45.64 57.42 4.78
N ILE J 29 -46.87 57.72 4.35
CA ILE J 29 -47.83 56.69 3.99
C ILE J 29 -48.31 56.93 2.57
N VAL J 30 -48.99 58.06 2.34
CA VAL J 30 -49.30 58.49 0.98
C VAL J 30 -48.21 59.40 0.42
N THR J 31 -47.19 59.72 1.22
CA THR J 31 -46.06 60.48 0.72
C THR J 31 -45.30 59.65 -0.31
N PRO J 32 -44.81 60.27 -1.39
CA PRO J 32 -43.96 59.54 -2.34
C PRO J 32 -42.77 58.90 -1.63
N ARG J 33 -42.61 57.60 -1.85
CA ARG J 33 -41.58 56.85 -1.13
C ARG J 33 -40.19 57.27 -1.57
N PRO J 34 -39.31 57.66 -0.65
CA PRO J 34 -37.95 58.03 -1.05
C PRO J 34 -37.05 56.83 -1.23
N ALA J 35 -35.74 57.07 -1.37
CA ALA J 35 -34.81 56.00 -1.72
C ALA J 35 -34.51 55.10 -0.53
N ALA J 36 -34.35 55.66 0.66
CA ALA J 36 -33.93 54.92 1.83
C ALA J 36 -35.06 54.82 2.84
N GLY J 37 -35.15 53.67 3.50
CA GLY J 37 -36.20 53.44 4.49
C GLY J 37 -35.70 52.57 5.63
N MET J 38 -36.40 52.68 6.76
CA MET J 38 -36.07 51.89 7.95
C MET J 38 -37.23 51.87 8.94
N LEU J 39 -37.58 50.70 9.44
CA LEU J 39 -38.62 50.56 10.46
C LEU J 39 -37.99 49.98 11.73
N VAL J 40 -38.19 50.67 12.84
CA VAL J 40 -37.64 50.27 14.14
C VAL J 40 -38.80 49.95 15.07
N SER J 41 -38.70 48.82 15.76
CA SER J 41 -39.67 48.42 16.76
C SER J 41 -39.10 48.67 18.15
N PHE J 42 -39.93 49.18 19.05
CA PHE J 42 -39.50 49.61 20.37
C PHE J 42 -40.29 48.92 21.46
N ASP J 43 -39.61 48.63 22.57
CA ASP J 43 -40.26 48.27 23.82
C ASP J 43 -40.56 49.55 24.59
N VAL J 44 -41.82 49.82 24.83
CA VAL J 44 -42.21 51.00 25.60
C VAL J 44 -41.96 50.71 27.08
N LEU J 45 -41.11 51.53 27.70
CA LEU J 45 -40.66 51.30 29.06
C LEU J 45 -41.38 52.16 30.08
N ALA J 46 -42.45 52.85 29.67
CA ALA J 46 -43.18 53.71 30.60
C ALA J 46 -43.81 52.87 31.71
N SER J 47 -43.77 53.40 32.92
CA SER J 47 -44.35 52.72 34.07
C SER J 47 -45.80 53.11 34.34
N ASP J 48 -46.24 54.23 33.80
CA ASP J 48 -47.61 54.69 33.98
C ASP J 48 -47.97 55.60 32.80
N ARG J 49 -49.19 56.15 32.86
CA ARG J 49 -49.66 57.01 31.78
C ARG J 49 -48.94 58.36 31.76
N ASP J 50 -48.39 58.79 32.91
CA ASP J 50 -47.61 60.01 32.93
C ASP J 50 -46.34 59.87 32.09
N ASP J 51 -45.61 58.77 32.29
CA ASP J 51 -44.41 58.53 31.49
C ASP J 51 -44.77 58.32 30.02
N LEU J 52 -45.91 57.68 29.76
CA LEU J 52 -46.34 57.49 28.38
C LEU J 52 -46.68 58.82 27.71
N GLU J 53 -47.17 59.79 28.48
CA GLU J 53 -47.45 61.11 27.90
C GLU J 53 -46.17 61.84 27.55
N ARG J 54 -45.15 61.75 28.41
CA ARG J 54 -43.87 62.40 28.12
C ARG J 54 -43.21 61.78 26.89
N LEU J 55 -43.34 60.46 26.72
CA LEU J 55 -42.80 59.81 25.53
C LEU J 55 -43.49 60.32 24.28
N PHE J 56 -44.81 60.48 24.32
CA PHE J 56 -45.55 60.95 23.15
C PHE J 56 -45.23 62.40 22.84
N ARG J 57 -45.15 63.25 23.88
CA ARG J 57 -44.89 64.67 23.65
C ARG J 57 -43.47 64.91 23.16
N THR J 58 -42.50 64.13 23.66
CA THR J 58 -41.13 64.28 23.19
C THR J 58 -40.98 63.73 21.77
N LEU J 59 -41.68 62.64 21.46
CA LEU J 59 -41.70 62.14 20.08
C LEU J 59 -42.25 63.20 19.13
N ASP J 60 -43.30 63.90 19.55
CA ASP J 60 -43.87 64.96 18.72
C ASP J 60 -42.88 66.11 18.56
N GLN J 61 -42.19 66.49 19.64
CA GLN J 61 -41.25 67.60 19.56
C GLN J 61 -40.01 67.24 18.75
N ARG J 62 -39.62 65.96 18.74
CA ARG J 62 -38.39 65.59 18.04
C ARG J 62 -38.63 65.36 16.57
N ILE J 63 -39.74 64.71 16.21
CA ILE J 63 -40.04 64.48 14.80
C ILE J 63 -40.27 65.80 14.08
N ALA J 64 -40.93 66.76 14.74
CA ALA J 64 -41.21 68.03 14.10
C ALA J 64 -39.93 68.74 13.67
N PHE J 65 -38.93 68.79 14.57
CA PHE J 65 -37.67 69.42 14.20
C PHE J 65 -36.89 68.58 13.19
N LEU J 66 -36.97 67.25 13.31
CA LEU J 66 -36.22 66.39 12.41
C LEU J 66 -36.72 66.48 10.99
N MET J 67 -38.04 66.55 10.80
CA MET J 67 -38.60 66.69 9.45
C MET J 67 -38.49 68.10 8.90
N ARG J 68 -38.38 69.11 9.77
CA ARG J 68 -38.27 70.48 9.30
C ARG J 68 -36.83 70.89 9.00
N GLY J 69 -35.88 70.46 9.83
CA GLY J 69 -34.50 70.83 9.63
C GLY J 69 -34.19 72.25 10.06
N GLY J 70 -33.01 72.46 10.64
CA GLY J 70 -32.60 73.76 11.09
C GLY J 70 -31.28 73.70 11.83
N PRO J 71 -30.77 74.86 12.25
CA PRO J 71 -29.52 74.87 13.01
C PRO J 71 -29.68 74.21 14.36
N VAL J 72 -28.57 73.67 14.87
CA VAL J 72 -28.51 73.04 16.19
C VAL J 72 -27.68 73.95 17.08
N ALA J 73 -28.27 74.39 18.18
CA ALA J 73 -27.58 75.31 19.09
C ALA J 73 -26.49 74.59 19.85
N GLN J 74 -25.36 75.27 20.04
CA GLN J 74 -24.26 74.73 20.82
C GLN J 74 -24.56 74.95 22.30
N VAL J 75 -24.43 73.88 23.09
CA VAL J 75 -24.73 73.92 24.51
C VAL J 75 -23.42 73.87 25.30
N ASP J 76 -23.52 73.96 26.62
CA ASP J 76 -22.33 73.94 27.47
C ASP J 76 -21.47 72.72 27.16
N PRO J 77 -20.16 72.89 26.96
CA PRO J 77 -19.33 71.77 26.50
C PRO J 77 -19.17 70.66 27.53
N LYS J 78 -19.47 70.92 28.81
CA LYS J 78 -19.43 69.86 29.81
C LYS J 78 -20.64 68.93 29.72
N LEU J 79 -21.64 69.27 28.92
CA LEU J 79 -22.82 68.46 28.64
C LEU J 79 -22.67 67.74 27.31
N PRO J 80 -23.34 66.60 27.12
CA PRO J 80 -23.29 65.94 25.83
C PRO J 80 -23.89 66.83 24.76
N PRO J 81 -23.39 66.72 23.53
CA PRO J 81 -23.97 67.52 22.44
C PRO J 81 -25.44 67.18 22.23
N LEU J 82 -26.23 68.20 21.87
CA LEU J 82 -27.65 67.99 21.65
C LEU J 82 -27.89 67.02 20.51
N ASP J 83 -27.08 67.09 19.46
CA ASP J 83 -27.23 66.25 18.29
C ASP J 83 -26.01 65.35 18.14
N SER J 84 -26.19 64.25 17.43
CA SER J 84 -25.06 63.38 17.11
C SER J 84 -24.06 64.09 16.19
N GLY J 85 -24.54 65.04 15.38
CA GLY J 85 -23.68 65.75 14.48
C GLY J 85 -23.38 65.04 13.18
N ILE J 86 -24.15 63.99 12.86
CA ILE J 86 -23.87 63.19 11.67
C ILE J 86 -24.18 63.98 10.39
N LEU J 87 -25.19 64.84 10.43
CA LEU J 87 -25.57 65.65 9.27
C LEU J 87 -24.95 67.03 9.28
N GLY J 88 -24.00 67.29 10.18
CA GLY J 88 -23.39 68.59 10.28
C GLY J 88 -24.04 69.46 11.32
N PRO J 89 -23.58 70.71 11.45
CA PRO J 89 -24.20 71.61 12.44
C PRO J 89 -25.63 71.98 12.11
N VAL J 90 -26.04 71.92 10.84
CA VAL J 90 -27.39 72.25 10.42
C VAL J 90 -28.06 70.97 9.97
N VAL J 91 -29.05 70.52 10.73
CA VAL J 91 -29.75 69.28 10.39
C VAL J 91 -30.50 69.48 9.08
N THR J 92 -30.23 68.60 8.12
CA THR J 92 -30.85 68.71 6.80
C THR J 92 -32.08 67.81 6.73
N PRO J 93 -33.20 68.30 6.20
CA PRO J 93 -34.41 67.47 6.13
C PRO J 93 -34.21 66.21 5.31
N ASP J 94 -33.86 66.36 4.03
CA ASP J 94 -33.50 65.24 3.17
C ASP J 94 -34.68 64.27 3.00
N ASN J 95 -35.87 64.83 2.74
CA ASN J 95 -37.08 64.05 2.48
C ASN J 95 -37.47 63.18 3.66
N LEU J 96 -37.07 63.56 4.87
CA LEU J 96 -37.30 62.74 6.05
C LEU J 96 -38.78 62.71 6.42
N THR J 97 -39.28 61.51 6.72
CA THR J 97 -40.58 61.31 7.32
C THR J 97 -40.45 60.29 8.43
N ILE J 98 -41.12 60.53 9.56
CA ILE J 98 -41.18 59.59 10.67
C ILE J 98 -42.63 59.34 11.00
N THR J 99 -43.04 58.07 10.99
CA THR J 99 -44.41 57.66 11.20
C THR J 99 -44.48 56.83 12.48
N VAL J 100 -45.34 57.24 13.41
CA VAL J 100 -45.47 56.59 14.71
C VAL J 100 -46.67 55.64 14.67
N SER J 101 -46.45 54.40 15.09
CA SER J 101 -47.52 53.42 15.19
C SER J 101 -47.37 52.66 16.49
N VAL J 102 -48.48 52.11 16.97
CA VAL J 102 -48.52 51.41 18.25
C VAL J 102 -49.00 49.98 18.01
N GLY J 103 -48.43 49.04 18.75
CA GLY J 103 -48.78 47.64 18.61
C GLY J 103 -49.88 47.21 19.56
N GLU J 104 -50.27 45.93 19.44
CA GLU J 104 -51.30 45.38 20.29
C GLU J 104 -50.85 45.32 21.75
N SER J 105 -49.54 45.13 21.99
CA SER J 105 -49.05 44.98 23.35
C SER J 105 -49.21 46.26 24.16
N LEU J 106 -49.25 47.42 23.49
CA LEU J 106 -49.39 48.68 24.22
C LEU J 106 -50.78 48.80 24.84
N PHE J 107 -51.79 48.16 24.26
CA PHE J 107 -53.15 48.23 24.76
C PHE J 107 -53.43 47.20 25.84
N ASP J 108 -52.42 46.82 26.60
CA ASP J 108 -52.58 45.88 27.69
C ASP J 108 -52.90 46.66 28.98
N GLU J 109 -52.84 45.97 30.13
CA GLU J 109 -53.22 46.53 31.41
C GLU J 109 -52.28 47.64 31.90
N ARG J 110 -51.22 47.97 31.16
CA ARG J 110 -50.21 48.89 31.68
C ARG J 110 -50.75 50.31 31.79
N PHE J 111 -51.37 50.82 30.72
CA PHE J 111 -51.76 52.21 30.64
C PHE J 111 -53.27 52.42 30.52
N GLY J 112 -54.07 51.38 30.77
CA GLY J 112 -55.52 51.54 30.72
C GLY J 112 -56.06 51.91 29.36
N LEU J 113 -55.49 51.34 28.31
CA LEU J 113 -55.93 51.60 26.94
C LEU J 113 -56.70 50.43 26.34
N GLU J 114 -57.03 49.41 27.14
CA GLU J 114 -57.58 48.18 26.60
C GLU J 114 -58.91 48.43 25.90
N ALA J 115 -59.75 49.32 26.44
CA ALA J 115 -61.05 49.59 25.83
C ALA J 115 -60.93 50.38 24.54
N ALA J 116 -59.86 51.17 24.40
CA ALA J 116 -59.69 52.03 23.24
C ALA J 116 -58.91 51.37 22.11
N LYS J 117 -58.66 50.06 22.19
CA LYS J 117 -57.84 49.39 21.20
C LYS J 117 -58.58 49.33 19.86
N PRO J 118 -57.89 49.59 18.75
CA PRO J 118 -58.50 49.37 17.43
C PRO J 118 -58.98 47.93 17.29
N LYS J 119 -60.21 47.77 16.82
CA LYS J 119 -60.91 46.48 16.87
C LYS J 119 -60.27 45.41 15.98
N ARG J 120 -59.33 45.77 15.11
CA ARG J 120 -58.66 44.79 14.28
C ARG J 120 -57.20 44.55 14.66
N LEU J 121 -56.62 45.40 15.51
CA LEU J 121 -55.23 45.25 15.90
C LEU J 121 -55.06 44.01 16.75
N ILE J 122 -54.16 43.11 16.33
CA ILE J 122 -53.86 41.89 17.05
C ILE J 122 -52.37 41.61 16.96
N ARG J 123 -51.90 40.72 17.82
CA ARG J 123 -50.52 40.24 17.71
C ARG J 123 -50.41 39.32 16.49
N MET J 124 -49.36 39.53 15.70
CA MET J 124 -49.19 38.76 14.47
C MET J 124 -48.97 37.28 14.79
N VAL J 125 -49.71 36.42 14.10
CA VAL J 125 -49.53 34.98 14.20
C VAL J 125 -48.85 34.50 12.93
N GLY J 126 -48.08 33.41 13.07
CA GLY J 126 -47.31 32.92 11.94
C GLY J 126 -48.19 32.29 10.88
N PHE J 127 -47.88 32.62 9.62
CA PHE J 127 -48.54 32.04 8.47
C PHE J 127 -47.89 30.71 8.11
N PRO J 128 -48.52 29.90 7.24
CA PRO J 128 -47.93 28.58 6.92
C PRO J 128 -46.47 28.62 6.51
N ASN J 129 -46.10 29.44 5.53
CA ASN J 129 -44.72 29.50 5.06
C ASN J 129 -43.80 30.24 6.01
N ASP J 130 -44.30 30.74 7.13
CA ASP J 130 -43.49 31.57 8.01
C ASP J 130 -42.49 30.73 8.79
N ALA J 131 -41.39 31.38 9.17
CA ALA J 131 -40.43 30.87 10.14
C ALA J 131 -40.05 32.03 11.06
N LEU J 132 -41.05 32.53 11.79
CA LEU J 132 -40.88 33.75 12.56
C LEU J 132 -39.89 33.55 13.70
N GLU J 133 -39.06 34.57 13.93
CA GLU J 133 -38.14 34.61 15.06
C GLU J 133 -38.68 35.60 16.09
N PRO J 134 -38.89 35.18 17.34
CA PRO J 134 -39.49 36.09 18.33
C PRO J 134 -38.70 37.38 18.54
N ALA J 135 -37.37 37.33 18.42
CA ALA J 135 -36.57 38.53 18.62
C ALA J 135 -36.78 39.57 17.53
N CYS J 136 -37.36 39.17 16.39
CA CYS J 136 -37.59 40.08 15.27
C CYS J 136 -39.08 40.33 15.02
N CYS J 137 -39.92 40.17 16.03
CA CYS J 137 -41.36 40.27 15.87
C CYS J 137 -41.96 41.19 16.92
N HIS J 138 -43.12 41.76 16.56
CA HIS J 138 -43.97 42.51 17.48
C HIS J 138 -43.27 43.73 18.08
N GLY J 139 -43.83 44.26 19.15
CA GLY J 139 -43.29 45.43 19.82
C GLY J 139 -44.38 46.39 20.23
N ASP J 140 -44.11 47.16 21.28
CA ASP J 140 -45.08 48.14 21.77
C ASP J 140 -45.30 49.24 20.74
N LEU J 141 -44.22 49.80 20.21
CA LEU J 141 -44.27 50.98 19.35
C LEU J 141 -43.38 50.76 18.13
N SER J 142 -43.77 51.36 17.01
CA SER J 142 -43.03 51.24 15.77
C SER J 142 -42.78 52.63 15.20
N LEU J 143 -41.58 52.83 14.63
CA LEU J 143 -41.22 54.07 13.97
C LEU J 143 -40.69 53.75 12.59
N GLN J 144 -41.28 54.35 11.56
CA GLN J 144 -40.87 54.15 10.18
C GLN J 144 -40.17 55.41 9.69
N PHE J 145 -38.90 55.29 9.33
CA PHE J 145 -38.11 56.39 8.82
C PHE J 145 -37.94 56.26 7.32
N CYS J 146 -38.13 57.36 6.59
CA CYS J 146 -37.96 57.38 5.15
C CYS J 146 -37.31 58.69 4.74
N SER J 147 -36.20 58.62 4.02
CA SER J 147 -35.47 59.80 3.58
C SER J 147 -34.69 59.45 2.31
N ASN J 148 -33.90 60.43 1.86
CA ASN J 148 -33.13 60.24 0.63
C ASN J 148 -31.90 59.37 0.85
N THR J 149 -31.31 59.42 2.04
CA THR J 149 -30.12 58.65 2.36
C THR J 149 -30.31 57.90 3.67
N ALA J 150 -29.59 56.78 3.80
CA ALA J 150 -29.69 55.98 5.02
C ALA J 150 -29.12 56.73 6.22
N ASP J 151 -28.11 57.56 6.01
CA ASP J 151 -27.50 58.29 7.12
C ASP J 151 -28.49 59.30 7.72
N THR J 152 -29.38 59.85 6.91
CA THR J 152 -30.42 60.74 7.44
C THR J 152 -31.38 59.96 8.33
N ASN J 153 -31.76 58.75 7.93
CA ASN J 153 -32.59 57.91 8.78
C ASN J 153 -31.88 57.59 10.10
N ILE J 154 -30.58 57.34 10.04
CA ILE J 154 -29.82 56.96 11.23
C ILE J 154 -29.65 58.16 12.16
N HIS J 155 -29.37 59.34 11.58
CA HIS J 155 -29.27 60.55 12.41
C HIS J 155 -30.59 60.81 13.13
N ALA J 156 -31.72 60.53 12.48
CA ALA J 156 -33.01 60.68 13.13
C ALA J 156 -33.18 59.66 14.25
N LEU J 157 -32.83 58.41 13.99
CA LEU J 157 -32.99 57.36 14.99
C LEU J 157 -32.11 57.60 16.20
N ARG J 158 -30.86 58.01 15.98
CA ARG J 158 -29.97 58.31 17.10
C ARG J 158 -30.48 59.49 17.91
N ASP J 159 -31.15 60.44 17.25
CA ASP J 159 -31.75 61.56 17.98
C ASP J 159 -32.90 61.08 18.87
N ILE J 160 -33.73 60.16 18.37
CA ILE J 160 -34.86 59.65 19.15
C ILE J 160 -34.36 58.82 20.33
N VAL J 161 -33.39 57.94 20.08
CA VAL J 161 -32.88 57.07 21.13
C VAL J 161 -32.17 57.88 22.21
N LYS J 162 -31.47 58.95 21.80
CA LYS J 162 -30.75 59.76 22.78
C LYS J 162 -31.72 60.52 23.69
N ASN J 163 -32.75 61.13 23.12
CA ASN J 163 -33.67 61.94 23.90
C ASN J 163 -34.69 61.12 24.68
N LEU J 164 -34.85 59.84 24.35
CA LEU J 164 -35.74 58.94 25.08
C LEU J 164 -34.98 57.69 25.52
N PRO J 165 -33.98 57.86 26.40
CA PRO J 165 -33.12 56.71 26.74
C PRO J 165 -33.75 55.78 27.76
N ASP J 166 -34.64 56.29 28.60
CA ASP J 166 -35.26 55.51 29.66
C ASP J 166 -36.74 55.23 29.41
N LEU J 167 -37.28 55.67 28.27
CA LEU J 167 -38.68 55.41 27.93
C LEU J 167 -38.85 54.52 26.72
N LEU J 168 -37.82 54.36 25.89
CA LEU J 168 -37.87 53.49 24.72
C LEU J 168 -36.69 52.54 24.73
N LEU J 169 -36.90 51.35 24.18
CA LEU J 169 -35.84 50.36 24.04
C LEU J 169 -36.01 49.67 22.69
N VAL J 170 -34.99 49.80 21.84
CA VAL J 170 -35.05 49.17 20.52
C VAL J 170 -35.16 47.66 20.68
N ARG J 171 -36.20 47.07 20.09
CA ARG J 171 -36.46 45.64 20.17
C ARG J 171 -35.98 44.91 18.92
N TRP J 172 -36.33 45.39 17.74
CA TRP J 172 -35.78 44.89 16.49
C TRP J 172 -35.91 45.98 15.44
N LYS J 173 -35.15 45.85 14.36
CA LYS J 173 -35.14 46.85 13.31
C LYS J 173 -34.61 46.23 12.03
N GLN J 174 -34.95 46.87 10.91
CA GLN J 174 -34.50 46.43 9.59
C GLN J 174 -34.50 47.63 8.66
N GLU J 175 -33.39 47.82 7.95
CA GLU J 175 -33.24 48.91 7.01
C GLU J 175 -33.29 48.39 5.58
N GLY J 176 -33.69 49.27 4.66
CA GLY J 176 -33.80 48.89 3.27
C GLY J 176 -33.73 50.11 2.37
N SER J 177 -33.86 49.85 1.07
CA SER J 177 -33.77 50.91 0.07
C SER J 177 -34.43 50.43 -1.22
N VAL J 178 -34.66 51.37 -2.12
CA VAL J 178 -35.19 51.07 -3.46
C VAL J 178 -34.27 51.74 -4.48
N PRO J 179 -34.10 51.16 -5.66
CA PRO J 179 -33.16 51.73 -6.63
C PRO J 179 -33.77 52.92 -7.35
N PRO J 180 -33.06 54.05 -7.39
CA PRO J 180 -33.53 55.20 -8.17
C PRO J 180 -33.40 54.94 -9.66
N GLN J 181 -34.01 55.83 -10.44
CA GLN J 181 -33.95 55.76 -11.89
C GLN J 181 -33.76 57.15 -12.47
N ALA J 182 -33.33 57.21 -13.72
CA ALA J 182 -33.19 58.48 -14.41
C ALA J 182 -34.57 59.12 -14.57
N PRO J 183 -34.64 60.46 -14.62
CA PRO J 183 -35.94 61.13 -14.77
C PRO J 183 -36.62 60.77 -16.09
N ALA J 184 -37.82 61.30 -16.28
CA ALA J 184 -38.60 61.02 -17.48
C ALA J 184 -39.38 62.26 -17.86
N LYS J 185 -39.43 62.54 -19.16
CA LYS J 185 -40.19 63.70 -19.62
C LYS J 185 -41.65 63.56 -19.22
N PRO J 186 -42.28 64.66 -18.74
CA PRO J 186 -43.71 64.59 -18.39
C PRO J 186 -44.56 64.04 -19.52
N GLY J 187 -45.26 62.94 -19.26
CA GLY J 187 -45.93 62.17 -20.28
C GLY J 187 -45.32 60.80 -20.51
N GLU J 188 -44.13 60.56 -19.97
CA GLU J 188 -43.50 59.25 -20.05
C GLU J 188 -44.21 58.29 -19.09
N PRO J 189 -44.14 56.98 -19.36
CA PRO J 189 -44.71 56.01 -18.42
C PRO J 189 -44.17 56.17 -17.02
N ALA J 190 -45.06 56.12 -16.04
CA ALA J 190 -44.70 56.18 -14.63
C ALA J 190 -44.26 54.78 -14.19
N GLN J 191 -43.00 54.64 -13.83
CA GLN J 191 -42.41 53.34 -13.54
C GLN J 191 -42.24 53.15 -12.04
N SER J 192 -42.78 52.05 -11.53
CA SER J 192 -42.61 51.71 -10.12
C SER J 192 -41.23 51.10 -9.89
N ALA J 193 -40.72 51.28 -8.68
CA ALA J 193 -39.41 50.74 -8.33
C ALA J 193 -39.43 49.21 -8.34
N ARG J 194 -38.24 48.62 -8.41
CA ARG J 194 -38.09 47.18 -8.52
C ARG J 194 -37.64 46.58 -7.19
N ASN J 195 -38.07 45.35 -6.95
CA ASN J 195 -37.65 44.60 -5.77
C ASN J 195 -36.43 43.77 -6.10
N PHE J 196 -35.91 43.05 -5.09
CA PHE J 196 -34.71 42.26 -5.29
C PHE J 196 -34.95 40.99 -6.10
N LEU J 197 -36.18 40.77 -6.58
CA LEU J 197 -36.47 39.72 -7.54
C LEU J 197 -36.42 40.23 -8.97
N GLY J 198 -36.24 41.53 -9.17
CA GLY J 198 -36.09 42.11 -10.49
C GLY J 198 -37.36 42.65 -11.10
N PHE J 199 -38.49 42.56 -10.42
CA PHE J 199 -39.77 43.00 -10.96
C PHE J 199 -40.18 44.33 -10.34
N ARG J 200 -40.86 45.15 -11.15
CA ARG J 200 -41.43 46.39 -10.64
C ARG J 200 -42.44 46.08 -9.53
N ASP J 201 -42.40 46.88 -8.47
CA ASP J 201 -43.14 46.59 -7.25
C ASP J 201 -44.02 47.79 -6.88
N GLY J 202 -45.33 47.61 -6.99
CA GLY J 202 -46.26 48.65 -6.58
C GLY J 202 -47.09 49.22 -7.72
N SER J 203 -47.07 48.55 -8.88
CA SER J 203 -47.78 49.07 -10.04
C SER J 203 -49.29 49.04 -9.84
N ALA J 204 -49.80 48.01 -9.18
CA ALA J 204 -51.24 47.85 -8.98
C ALA J 204 -51.74 48.48 -7.69
N ASN J 205 -50.90 49.27 -7.01
CA ASN J 205 -51.36 50.00 -5.84
C ASN J 205 -52.50 50.94 -6.23
N PRO J 206 -53.43 51.22 -5.31
CA PRO J 206 -54.45 52.23 -5.59
C PRO J 206 -53.83 53.60 -5.78
N ASP J 207 -54.62 54.49 -6.38
CA ASP J 207 -54.14 55.83 -6.71
C ASP J 207 -53.87 56.63 -5.43
N SER J 208 -52.64 57.09 -5.27
CA SER J 208 -52.31 57.94 -4.14
C SER J 208 -53.00 59.30 -4.23
N ASN J 209 -53.28 59.75 -5.45
CA ASN J 209 -53.92 61.04 -5.67
C ASN J 209 -55.44 60.98 -5.62
N ASP J 210 -56.02 59.80 -5.40
CA ASP J 210 -57.46 59.65 -5.28
C ASP J 210 -57.84 59.70 -3.80
N PRO J 211 -58.37 60.82 -3.30
CA PRO J 211 -58.70 60.88 -1.86
C PRO J 211 -59.79 59.91 -1.46
N LYS J 212 -60.79 59.72 -2.32
CA LYS J 212 -61.87 58.80 -2.00
C LYS J 212 -61.35 57.36 -1.91
N ALA J 213 -60.42 56.99 -2.80
CA ALA J 213 -59.86 55.64 -2.76
C ALA J 213 -59.06 55.43 -1.49
N MET J 214 -58.30 56.44 -1.06
CA MET J 214 -57.47 56.28 0.14
C MET J 214 -58.31 56.29 1.41
N GLN J 215 -59.40 57.06 1.42
CA GLN J 215 -60.28 57.06 2.59
C GLN J 215 -61.02 55.74 2.75
N GLN J 216 -61.32 55.07 1.64
CA GLN J 216 -62.03 53.79 1.68
C GLN J 216 -61.10 52.60 1.86
N ILE J 217 -59.80 52.78 1.67
CA ILE J 217 -58.84 51.70 1.72
C ILE J 217 -57.85 51.88 2.88
N VAL J 218 -57.29 53.08 3.01
CA VAL J 218 -56.16 53.32 3.91
C VAL J 218 -56.61 53.96 5.23
N TRP J 219 -57.36 55.05 5.16
CA TRP J 219 -57.64 55.87 6.33
C TRP J 219 -58.87 55.37 7.06
N VAL J 220 -58.77 55.27 8.38
CA VAL J 220 -59.94 54.99 9.23
C VAL J 220 -60.85 56.21 9.19
N GLN J 221 -62.09 56.01 8.76
CA GLN J 221 -62.94 57.18 8.58
C GLN J 221 -63.69 57.51 9.87
N PRO J 222 -63.98 58.80 10.10
CA PRO J 222 -64.52 59.22 11.40
C PRO J 222 -65.80 58.51 11.82
N GLY J 223 -66.61 58.04 10.88
CA GLY J 223 -67.85 57.37 11.23
C GLY J 223 -67.78 55.86 11.10
N SER J 224 -66.71 55.26 11.60
CA SER J 224 -66.50 53.82 11.49
C SER J 224 -66.84 53.13 12.81
N ASP J 225 -66.73 51.80 12.80
CA ASP J 225 -66.91 51.01 14.00
C ASP J 225 -65.71 51.05 14.92
N GLU J 226 -64.62 51.69 14.49
CA GLU J 226 -63.45 51.86 15.33
C GLU J 226 -63.71 52.94 16.39
N PRO J 227 -62.93 52.95 17.47
CA PRO J 227 -63.06 54.04 18.44
C PRO J 227 -62.80 55.39 17.79
N ALA J 228 -63.49 56.41 18.30
CA ALA J 228 -63.50 57.71 17.65
C ALA J 228 -62.10 58.32 17.56
N TRP J 229 -61.22 57.99 18.50
CA TRP J 229 -59.88 58.57 18.50
C TRP J 229 -59.06 58.10 17.29
N ALA J 230 -59.31 56.88 16.82
CA ALA J 230 -58.47 56.27 15.80
C ALA J 230 -58.76 56.78 14.38
N ALA J 231 -59.64 57.77 14.23
CA ALA J 231 -59.95 58.28 12.90
C ALA J 231 -58.70 58.90 12.27
N HIS J 232 -58.64 58.80 10.95
CA HIS J 232 -57.52 59.29 10.15
C HIS J 232 -56.21 58.59 10.50
N GLY J 233 -56.30 57.43 11.15
CA GLY J 233 -55.17 56.54 11.31
C GLY J 233 -55.24 55.39 10.31
N SER J 234 -54.29 54.46 10.44
CA SER J 234 -54.24 53.34 9.52
C SER J 234 -53.52 52.17 10.17
N TYR J 235 -53.87 50.97 9.73
CA TYR J 235 -53.21 49.76 10.20
C TYR J 235 -51.91 49.54 9.43
N GLN J 236 -50.87 49.14 10.15
CA GLN J 236 -49.54 48.96 9.59
C GLN J 236 -49.14 47.50 9.69
N ALA J 237 -48.72 46.91 8.57
CA ALA J 237 -48.27 45.53 8.52
C ALA J 237 -46.83 45.51 8.02
N VAL J 238 -45.92 45.00 8.84
CA VAL J 238 -44.51 44.90 8.50
C VAL J 238 -44.16 43.42 8.38
N ARG J 239 -43.44 43.07 7.32
CA ARG J 239 -43.06 41.68 7.07
C ARG J 239 -41.64 41.65 6.53
N ILE J 240 -40.73 41.03 7.27
CA ILE J 240 -39.36 40.83 6.83
C ILE J 240 -39.34 39.52 6.04
N ILE J 241 -39.40 39.63 4.71
CA ILE J 241 -39.54 38.49 3.83
C ILE J 241 -38.19 38.19 3.20
N ARG J 242 -37.61 37.04 3.55
CA ARG J 242 -36.33 36.64 2.98
C ARG J 242 -36.52 36.18 1.54
N ASN J 243 -35.58 36.58 0.68
CA ASN J 243 -35.56 36.17 -0.72
C ASN J 243 -34.40 35.20 -0.92
N PHE J 244 -34.68 34.05 -1.55
CA PHE J 244 -33.65 33.09 -1.93
C PHE J 244 -33.19 33.46 -3.34
N VAL J 245 -32.28 34.44 -3.40
CA VAL J 245 -31.98 35.12 -4.66
C VAL J 245 -31.12 34.25 -5.57
N GLU J 246 -30.15 33.53 -5.01
CA GLU J 246 -29.30 32.67 -5.84
C GLU J 246 -30.10 31.58 -6.54
N ARG J 247 -31.25 31.22 -5.98
CA ARG J 247 -32.14 30.24 -6.60
C ARG J 247 -33.16 30.89 -7.53
N TRP J 248 -33.64 32.07 -7.17
CA TRP J 248 -34.51 32.84 -8.07
C TRP J 248 -33.76 33.19 -9.35
N ASP J 249 -32.46 33.48 -9.24
CA ASP J 249 -31.67 33.80 -10.42
C ASP J 249 -31.40 32.58 -11.30
N ARG J 250 -31.54 31.37 -10.74
CA ARG J 250 -31.45 30.15 -11.54
C ARG J 250 -32.78 29.72 -12.13
N THR J 251 -33.86 30.41 -11.79
CA THR J 251 -35.18 30.08 -12.31
C THR J 251 -35.36 30.68 -13.69
N PRO J 252 -35.86 29.92 -14.67
CA PRO J 252 -36.08 30.48 -16.01
C PRO J 252 -37.06 31.64 -15.98
N LEU J 253 -36.90 32.55 -16.95
CA LEU J 253 -37.77 33.72 -17.03
C LEU J 253 -39.22 33.32 -17.21
N GLN J 254 -39.48 32.23 -17.93
CA GLN J 254 -40.85 31.75 -18.09
C GLN J 254 -41.50 31.45 -16.75
N GLU J 255 -40.78 30.74 -15.88
CA GLU J 255 -41.33 30.42 -14.56
C GLU J 255 -41.38 31.65 -13.66
N GLN J 256 -40.43 32.57 -13.81
CA GLN J 256 -40.45 33.79 -13.02
C GLN J 256 -41.71 34.62 -13.31
N GLU J 257 -42.06 34.75 -14.58
CA GLU J 257 -43.17 35.63 -14.95
C GLU J 257 -44.53 34.97 -14.72
N SER J 258 -44.62 33.65 -14.85
CA SER J 258 -45.89 32.98 -14.57
C SER J 258 -46.15 32.89 -13.07
N ILE J 259 -45.09 32.88 -12.26
CA ILE J 259 -45.28 32.84 -10.80
C ILE J 259 -45.84 34.17 -10.31
N ILE J 260 -45.35 35.28 -10.86
CA ILE J 260 -45.76 36.60 -10.40
C ILE J 260 -47.03 37.07 -11.10
N GLY J 261 -47.12 36.85 -12.41
CA GLY J 261 -48.24 37.33 -13.19
C GLY J 261 -47.98 38.59 -13.98
N ARG J 262 -46.71 38.99 -14.12
CA ARG J 262 -46.34 40.19 -14.86
C ARG J 262 -45.09 39.92 -15.67
N ILE J 263 -44.94 40.65 -16.76
CA ILE J 263 -43.71 40.60 -17.55
C ILE J 263 -42.63 41.38 -16.81
N LYS J 264 -41.42 40.82 -16.77
CA LYS J 264 -40.37 41.38 -15.91
C LYS J 264 -39.91 42.75 -16.40
N THR J 265 -39.44 42.82 -17.65
CA THR J 265 -38.84 44.07 -18.13
C THR J 265 -39.87 45.19 -18.24
N SER J 266 -41.08 44.87 -18.71
CA SER J 266 -42.08 45.90 -18.95
C SER J 266 -42.99 46.16 -17.76
N GLY J 267 -43.09 45.21 -16.82
CA GLY J 267 -44.06 45.29 -15.77
C GLY J 267 -45.50 45.12 -16.21
N ALA J 268 -45.72 44.82 -17.49
CA ALA J 268 -47.06 44.66 -18.04
C ALA J 268 -47.69 43.36 -17.59
N PRO J 269 -49.02 43.29 -17.57
CA PRO J 269 -49.70 42.02 -17.29
C PRO J 269 -49.46 41.03 -18.42
N MET J 270 -49.85 39.78 -18.17
CA MET J 270 -49.65 38.72 -19.16
C MET J 270 -50.41 38.99 -20.45
N ASP J 271 -51.47 39.81 -20.40
CA ASP J 271 -52.27 40.13 -21.58
C ASP J 271 -52.11 41.58 -22.02
N GLY J 272 -51.07 42.26 -21.54
CA GLY J 272 -50.87 43.66 -21.84
C GLY J 272 -49.47 43.95 -22.32
N GLN J 273 -49.22 45.23 -22.59
CA GLN J 273 -47.92 45.70 -23.05
C GLN J 273 -47.36 46.86 -22.23
N LYS J 274 -48.15 47.48 -21.37
CA LYS J 274 -47.70 48.57 -20.53
C LYS J 274 -47.91 48.23 -19.06
N GLU J 275 -47.04 48.78 -18.20
CA GLU J 275 -47.10 48.47 -16.78
C GLU J 275 -48.38 48.97 -16.14
N SER J 276 -48.92 50.10 -16.63
CA SER J 276 -50.12 50.67 -16.05
C SER J 276 -51.39 49.90 -16.41
N GLN J 277 -51.29 48.84 -17.21
CA GLN J 277 -52.44 48.05 -17.60
C GLN J 277 -52.71 46.95 -16.58
N VAL J 278 -53.96 46.53 -16.51
CA VAL J 278 -54.38 45.47 -15.57
C VAL J 278 -54.84 44.25 -16.36
N PRO J 279 -54.62 43.04 -15.87
CA PRO J 279 -55.11 41.86 -16.58
C PRO J 279 -56.62 41.74 -16.44
N ASP J 280 -57.24 41.10 -17.42
CA ASP J 280 -58.69 40.89 -17.45
C ASP J 280 -58.96 39.42 -17.17
N TYR J 281 -59.10 39.09 -15.87
CA TYR J 281 -59.42 37.71 -15.50
C TYR J 281 -60.79 37.27 -15.97
N ALA J 282 -61.64 38.21 -16.40
CA ALA J 282 -62.94 37.84 -16.95
C ALA J 282 -62.79 37.07 -18.25
N ARG J 283 -61.99 37.59 -19.18
CA ARG J 283 -61.71 36.89 -20.43
C ARG J 283 -60.76 35.72 -20.26
N ASP J 284 -60.24 35.51 -19.05
CA ASP J 284 -59.37 34.38 -18.73
C ASP J 284 -59.86 33.72 -17.46
N PRO J 285 -61.03 33.06 -17.51
CA PRO J 285 -61.58 32.47 -16.27
C PRO J 285 -60.72 31.35 -15.72
N HIS J 286 -60.12 30.55 -16.60
CA HIS J 286 -59.12 29.57 -16.20
C HIS J 286 -57.73 30.16 -16.37
N GLY J 287 -56.77 29.64 -15.61
CA GLY J 287 -55.44 30.21 -15.55
C GLY J 287 -54.59 30.04 -16.79
N LYS J 288 -55.20 30.17 -17.97
CA LYS J 288 -54.47 29.93 -19.22
C LYS J 288 -53.52 31.06 -19.56
N VAL J 289 -53.88 32.31 -19.25
CA VAL J 289 -53.02 33.46 -19.54
C VAL J 289 -52.27 33.86 -18.28
N THR J 290 -53.02 34.20 -17.23
CA THR J 290 -52.46 34.48 -15.92
C THR J 290 -52.80 33.31 -15.00
N LYS J 291 -51.78 32.71 -14.41
CA LYS J 291 -51.97 31.50 -13.61
C LYS J 291 -52.91 31.76 -12.45
N LEU J 292 -53.77 30.77 -12.15
CA LEU J 292 -54.68 30.88 -11.02
C LEU J 292 -53.94 30.96 -9.70
N ASP J 293 -52.68 30.52 -9.66
CA ASP J 293 -51.84 30.63 -8.48
C ASP J 293 -50.75 31.70 -8.63
N ALA J 294 -50.83 32.51 -9.69
CA ALA J 294 -49.90 33.62 -9.83
C ALA J 294 -50.05 34.59 -8.66
N HIS J 295 -48.95 35.27 -8.34
CA HIS J 295 -48.93 36.14 -7.16
C HIS J 295 -50.00 37.21 -7.24
N ILE J 296 -50.03 37.97 -8.33
CA ILE J 296 -50.97 39.08 -8.45
C ILE J 296 -52.40 38.57 -8.55
N ARG J 297 -52.59 37.35 -9.04
CA ARG J 297 -53.95 36.81 -9.16
C ARG J 297 -54.51 36.39 -7.81
N LEU J 298 -53.65 35.85 -6.93
CA LEU J 298 -54.12 35.49 -5.59
C LEU J 298 -54.26 36.70 -4.69
N ALA J 299 -53.50 37.77 -4.94
CA ALA J 299 -53.66 39.00 -4.18
C ALA J 299 -54.79 39.86 -4.72
N ASN J 300 -55.04 39.84 -6.02
CA ASN J 300 -56.20 40.62 -6.51
C ASN J 300 -57.04 39.78 -7.47
N PRO J 301 -58.12 39.13 -6.98
CA PRO J 301 -59.04 38.37 -7.83
C PRO J 301 -59.90 39.24 -8.73
N ARG J 302 -59.86 40.57 -8.55
CA ARG J 302 -60.51 41.53 -9.45
C ARG J 302 -62.03 41.32 -9.49
N THR J 303 -62.62 40.97 -8.35
CA THR J 303 -64.04 40.74 -8.26
C THR J 303 -64.69 41.83 -7.41
N ALA J 304 -66.01 41.73 -7.25
CA ALA J 304 -66.73 42.65 -6.37
C ALA J 304 -66.34 42.44 -4.93
N GLN J 305 -66.26 41.18 -4.49
CA GLN J 305 -65.79 40.85 -3.15
C GLN J 305 -64.33 41.24 -2.93
N SER J 306 -63.60 41.56 -4.00
CA SER J 306 -62.17 41.83 -3.92
C SER J 306 -61.82 43.30 -3.78
N GLN J 307 -62.74 44.21 -4.13
CA GLN J 307 -62.45 45.62 -3.88
C GLN J 307 -62.43 45.95 -2.39
N GLN J 308 -62.70 44.96 -1.55
CA GLN J 308 -62.77 45.12 -0.10
C GLN J 308 -61.42 44.90 0.58
N ASN J 309 -60.56 44.05 0.01
CA ASN J 309 -59.26 43.73 0.58
C ASN J 309 -58.11 44.38 -0.20
N LEU J 310 -58.33 45.60 -0.67
CA LEU J 310 -57.26 46.36 -1.30
C LEU J 310 -56.34 46.95 -0.23
N ILE J 311 -55.05 47.04 -0.56
CA ILE J 311 -54.04 47.56 0.36
C ILE J 311 -53.13 48.53 -0.39
N LEU J 312 -52.42 49.34 0.39
CA LEU J 312 -51.43 50.29 -0.14
C LEU J 312 -50.06 49.84 0.34
N ARG J 313 -49.27 49.29 -0.58
CA ARG J 313 -47.94 48.79 -0.26
C ARG J 313 -46.89 49.85 -0.56
N ARG J 314 -45.84 49.87 0.27
CA ARG J 314 -44.65 50.69 0.02
C ARG J 314 -43.46 50.04 0.69
N PRO J 315 -42.95 48.95 0.11
CA PRO J 315 -41.85 48.22 0.76
C PRO J 315 -40.49 48.78 0.44
N PHE J 316 -39.45 48.13 0.97
CA PHE J 316 -38.07 48.43 0.64
C PHE J 316 -37.33 47.11 0.45
N ASN J 317 -36.17 47.20 -0.21
CA ASN J 317 -35.30 46.05 -0.40
C ASN J 317 -34.25 46.03 0.69
N TYR J 318 -34.25 44.98 1.50
CA TYR J 318 -33.30 44.85 2.59
C TYR J 318 -32.16 43.92 2.21
N SER J 319 -31.01 44.14 2.85
CA SER J 319 -29.83 43.32 2.61
C SER J 319 -29.05 43.21 3.91
N ASN J 320 -28.86 41.98 4.39
CA ASN J 320 -28.16 41.77 5.65
C ASN J 320 -26.85 41.03 5.43
N GLY J 321 -26.52 40.12 6.33
CA GLY J 321 -25.28 39.37 6.25
C GLY J 321 -25.34 38.21 5.28
N VAL J 322 -24.60 37.16 5.60
CA VAL J 322 -24.50 35.98 4.75
C VAL J 322 -24.85 34.76 5.58
N ASN J 323 -25.73 33.92 5.07
CA ASN J 323 -26.04 32.67 5.74
C ASN J 323 -24.82 31.75 5.75
N LYS J 324 -24.88 30.73 6.60
CA LYS J 324 -23.73 29.86 6.81
C LYS J 324 -23.37 29.06 5.56
N ASN J 325 -24.32 28.87 4.65
CA ASN J 325 -24.06 28.18 3.39
C ASN J 325 -23.68 29.14 2.26
N GLY J 326 -23.25 30.35 2.59
CA GLY J 326 -22.85 31.32 1.59
C GLY J 326 -23.98 32.00 0.86
N GLN J 327 -25.21 31.89 1.35
CA GLN J 327 -26.35 32.52 0.70
C GLN J 327 -26.56 33.93 1.23
N LEU J 328 -26.81 34.86 0.32
CA LEU J 328 -27.02 36.25 0.71
C LEU J 328 -28.39 36.42 1.36
N ASP J 329 -28.42 37.05 2.53
CA ASP J 329 -29.67 37.32 3.24
C ASP J 329 -30.19 38.67 2.76
N MET J 330 -31.05 38.65 1.75
CA MET J 330 -31.72 39.84 1.27
C MET J 330 -33.15 39.50 0.91
N GLY J 331 -33.97 40.53 0.77
CA GLY J 331 -35.37 40.32 0.43
C GLY J 331 -36.17 41.60 0.38
N LEU J 332 -37.35 41.59 0.99
CA LEU J 332 -38.31 42.69 0.90
C LEU J 332 -38.74 43.07 2.31
N LEU J 333 -38.39 44.28 2.73
CA LEU J 333 -38.98 44.85 3.94
C LEU J 333 -40.41 45.27 3.61
N PHE J 334 -41.35 44.33 3.74
CA PHE J 334 -42.72 44.56 3.31
C PHE J 334 -43.44 45.46 4.30
N ILE J 335 -44.01 46.56 3.80
CA ILE J 335 -44.77 47.50 4.61
C ILE J 335 -45.99 47.92 3.80
N CYS J 336 -47.18 47.72 4.37
CA CYS J 336 -48.41 48.13 3.71
C CYS J 336 -49.36 48.73 4.75
N TYR J 337 -50.24 49.61 4.27
CA TYR J 337 -51.18 50.32 5.12
C TYR J 337 -52.61 50.08 4.61
N GLN J 338 -53.57 50.13 5.55
CA GLN J 338 -54.95 49.84 5.23
C GLN J 338 -55.83 50.31 6.39
N ALA J 339 -57.10 50.57 6.08
CA ALA J 339 -58.06 50.97 7.09
C ALA J 339 -58.56 49.81 7.92
N ASP J 340 -58.49 48.59 7.38
CA ASP J 340 -58.93 47.38 8.10
C ASP J 340 -57.84 46.34 7.96
N LEU J 341 -57.26 45.93 9.09
CA LEU J 341 -56.19 44.95 9.07
C LEU J 341 -56.70 43.58 8.61
N GLU J 342 -57.82 43.13 9.16
CA GLU J 342 -58.40 41.85 8.77
C GLU J 342 -58.78 41.85 7.30
N LYS J 343 -59.55 42.87 6.88
CA LYS J 343 -59.91 42.98 5.47
C LYS J 343 -58.67 43.13 4.60
N GLY J 344 -57.70 43.93 5.05
CA GLY J 344 -56.53 44.22 4.24
C GLY J 344 -55.50 43.10 4.16
N PHE J 345 -54.45 43.21 4.97
CA PHE J 345 -53.28 42.34 4.82
C PHE J 345 -53.62 40.89 5.14
N ILE J 346 -54.29 40.66 6.27
CA ILE J 346 -54.55 39.29 6.72
C ILE J 346 -55.35 38.52 5.67
N ALA J 347 -56.28 39.20 4.99
CA ALA J 347 -57.07 38.52 3.97
C ALA J 347 -56.24 38.23 2.73
N VAL J 348 -55.36 39.15 2.34
CA VAL J 348 -54.54 38.95 1.14
C VAL J 348 -53.54 37.82 1.38
N GLN J 349 -52.85 37.85 2.52
CA GLN J 349 -51.87 36.81 2.81
C GLN J 349 -52.53 35.45 2.97
N THR J 350 -53.76 35.42 3.50
CA THR J 350 -54.49 34.16 3.58
C THR J 350 -54.81 33.63 2.18
N ARG J 351 -55.16 34.53 1.26
CA ARG J 351 -55.33 34.13 -0.13
C ARG J 351 -54.01 33.69 -0.76
N LEU J 352 -52.90 34.32 -0.36
CA LEU J 352 -51.59 34.00 -0.92
C LEU J 352 -50.98 32.75 -0.31
N ASN J 353 -51.59 32.18 0.73
CA ASN J 353 -51.02 31.01 1.39
C ASN J 353 -50.90 29.85 0.42
N GLY J 354 -49.69 29.32 0.27
CA GLY J 354 -49.42 28.23 -0.62
C GLY J 354 -49.06 28.62 -2.04
N GLU J 355 -48.87 29.91 -2.30
CA GLU J 355 -48.51 30.34 -3.65
C GLU J 355 -47.14 29.79 -4.05
N PRO J 356 -46.93 29.54 -5.34
CA PRO J 356 -45.62 29.01 -5.77
C PRO J 356 -44.45 29.93 -5.47
N LEU J 357 -44.70 31.23 -5.27
CA LEU J 357 -43.63 32.14 -4.91
C LEU J 357 -43.02 31.81 -3.54
N GLU J 358 -43.75 31.07 -2.70
CA GLU J 358 -43.25 30.72 -1.37
C GLU J 358 -41.95 29.91 -1.45
N GLU J 359 -41.73 29.22 -2.57
CA GLU J 359 -40.48 28.48 -2.77
C GLU J 359 -39.26 29.38 -2.66
N TYR J 360 -39.42 30.67 -2.92
CA TYR J 360 -38.32 31.63 -2.84
C TYR J 360 -38.50 32.64 -1.71
N LEU J 361 -39.60 32.57 -0.96
CA LEU J 361 -39.87 33.48 0.15
C LEU J 361 -39.72 32.77 1.48
N LYS J 362 -39.45 33.56 2.52
CA LYS J 362 -39.35 33.05 3.88
C LYS J 362 -39.50 34.19 4.88
N PRO J 363 -40.72 34.53 5.30
CA PRO J 363 -40.90 35.58 6.30
C PRO J 363 -40.31 35.16 7.64
N THR J 364 -39.56 36.08 8.25
CA THR J 364 -38.88 35.81 9.51
C THR J 364 -39.21 36.79 10.62
N GLY J 365 -39.82 37.93 10.31
CA GLY J 365 -40.13 38.89 11.35
C GLY J 365 -41.10 39.94 10.86
N GLY J 366 -41.44 40.84 11.77
CA GLY J 366 -42.39 41.92 11.54
C GLY J 366 -43.44 41.93 12.61
N GLY J 367 -44.50 42.70 12.38
CA GLY J 367 -45.59 42.77 13.34
C GLY J 367 -46.70 43.66 12.84
N TYR J 368 -47.77 43.71 13.62
CA TYR J 368 -48.93 44.53 13.33
C TYR J 368 -48.91 45.76 14.22
N PHE J 369 -49.06 46.94 13.62
CA PHE J 369 -49.11 48.20 14.35
C PHE J 369 -50.22 49.06 13.76
N PHE J 370 -50.63 50.06 14.53
CA PHE J 370 -51.66 51.00 14.10
C PHE J 370 -51.06 52.39 14.05
N THR J 371 -50.97 52.96 12.85
CA THR J 371 -50.49 54.33 12.69
C THR J 371 -51.44 55.30 13.38
N LEU J 372 -50.91 56.09 14.30
CA LEU J 372 -51.72 57.05 15.03
C LEU J 372 -52.26 58.12 14.10
N PRO J 373 -53.35 58.77 14.48
CA PRO J 373 -53.86 59.88 13.66
C PRO J 373 -52.84 61.00 13.52
N GLY J 374 -52.90 61.70 12.40
CA GLY J 374 -52.08 62.87 12.22
C GLY J 374 -52.43 63.97 13.20
N VAL J 375 -51.46 64.84 13.45
CA VAL J 375 -51.62 65.93 14.40
C VAL J 375 -51.67 67.25 13.63
N THR J 376 -52.48 68.17 14.13
CA THR J 376 -52.64 69.47 13.49
C THR J 376 -53.00 70.49 14.55
N GLY J 377 -52.43 71.68 14.44
CA GLY J 377 -52.57 72.70 15.45
C GLY J 377 -51.39 72.71 16.41
N GLU J 378 -51.19 73.87 17.04
CA GLU J 378 -50.05 74.05 17.95
C GLU J 378 -50.29 73.44 19.32
N GLU J 379 -51.43 72.80 19.55
CA GLU J 379 -51.72 72.16 20.83
C GLU J 379 -51.85 70.66 20.75
N ASP J 380 -52.18 70.11 19.59
CA ASP J 380 -52.25 68.67 19.41
C ASP J 380 -50.85 68.09 19.26
N PHE J 381 -50.66 66.88 19.80
CA PHE J 381 -49.39 66.17 19.68
C PHE J 381 -49.67 64.70 19.39
N ILE J 382 -48.59 63.97 19.10
CA ILE J 382 -48.71 62.58 18.68
C ILE J 382 -49.34 61.75 19.79
N GLY J 383 -50.40 61.01 19.46
CA GLY J 383 -51.05 60.14 20.40
C GLY J 383 -51.90 60.81 21.45
N ARG J 384 -52.13 62.13 21.35
CA ARG J 384 -52.94 62.80 22.36
C ARG J 384 -54.40 62.35 22.29
N SER J 385 -54.95 62.24 21.08
CA SER J 385 -56.33 61.80 20.94
C SER J 385 -56.54 60.44 21.59
N LEU J 386 -55.56 59.55 21.46
CA LEU J 386 -55.62 58.27 22.17
C LEU J 386 -55.52 58.49 23.68
N LEU J 387 -54.66 59.40 24.12
CA LEU J 387 -54.50 59.65 25.54
C LEU J 387 -55.75 60.27 26.14
N ASP J 388 -56.41 61.18 25.40
CA ASP J 388 -57.57 61.86 25.94
C ASP J 388 -58.82 60.99 25.92
N ALA J 389 -58.90 60.04 24.98
CA ALA J 389 -60.04 59.13 24.93
C ALA J 389 -60.00 58.09 26.04
N THR J 390 -58.93 58.05 26.84
CA THR J 390 -58.77 57.04 27.89
C THR J 390 -58.42 57.66 29.23
N ARG J 391 -58.64 58.97 29.38
CA ARG J 391 -58.41 59.63 30.66
C ARG J 391 -59.33 59.06 31.73
N PRO J 392 -58.95 59.18 33.01
CA PRO J 392 -59.81 58.66 34.08
C PRO J 392 -61.16 59.38 34.16
N ALA K 1 36.38 -15.08 21.09
CA ALA K 1 36.05 -14.49 19.81
C ALA K 1 36.09 -12.96 19.87
N ALA K 2 37.22 -12.38 19.49
CA ALA K 2 37.35 -10.94 19.48
C ALA K 2 36.41 -10.34 18.44
N PRO K 3 36.01 -9.08 18.60
CA PRO K 3 35.19 -8.42 17.57
C PRO K 3 35.94 -8.37 16.24
N ALA K 4 35.17 -8.40 15.15
CA ALA K 4 35.76 -8.40 13.82
C ALA K 4 36.51 -7.09 13.57
N GLN K 5 37.57 -7.18 12.77
CA GLN K 5 38.31 -6.00 12.35
C GLN K 5 37.42 -5.12 11.48
N VAL K 6 37.86 -3.88 11.28
CA VAL K 6 37.06 -2.91 10.51
C VAL K 6 36.88 -3.40 9.07
N THR K 7 37.99 -3.62 8.36
CA THR K 7 37.92 -4.05 6.98
C THR K 7 37.61 -5.52 6.81
N GLU K 8 37.35 -6.25 7.90
CA GLU K 8 36.92 -7.64 7.79
C GLU K 8 35.68 -7.73 6.92
N ALA K 9 35.71 -8.63 5.95
CA ALA K 9 34.64 -8.71 4.98
C ALA K 9 33.33 -9.10 5.66
N PRO K 10 32.20 -8.56 5.22
CA PRO K 10 30.92 -8.94 5.83
C PRO K 10 30.62 -10.42 5.59
N SER K 11 29.81 -10.98 6.48
CA SER K 11 29.47 -12.39 6.45
C SER K 11 28.15 -12.61 5.73
N SER K 12 28.15 -13.55 4.79
CA SER K 12 26.96 -13.89 4.03
C SER K 12 26.81 -15.40 3.95
N ASP K 13 25.64 -15.90 4.32
CA ASP K 13 25.29 -17.31 4.18
C ASP K 13 24.73 -17.64 2.80
N LYS K 14 24.82 -16.71 1.85
CA LYS K 14 24.15 -16.84 0.56
C LYS K 14 25.12 -16.91 -0.62
N THR K 15 26.43 -17.02 -0.36
CA THR K 15 27.39 -17.00 -1.45
C THR K 15 27.27 -18.21 -2.37
N GLN K 16 26.68 -19.31 -1.90
CA GLN K 16 26.51 -20.50 -2.72
C GLN K 16 25.12 -20.57 -3.35
N ASP K 17 24.40 -19.44 -3.39
CA ASP K 17 23.12 -19.40 -4.08
C ASP K 17 23.34 -19.68 -5.57
N ARG K 18 22.57 -20.63 -6.10
CA ARG K 18 22.83 -21.20 -7.41
C ARG K 18 21.59 -21.17 -8.28
N HIS K 19 21.81 -21.08 -9.59
CA HIS K 19 20.75 -21.14 -10.58
C HIS K 19 21.26 -21.88 -11.80
N ASP K 20 20.34 -22.56 -12.50
CA ASP K 20 20.70 -23.34 -13.68
C ASP K 20 20.86 -22.42 -14.88
N PHE K 21 22.05 -22.47 -15.51
CA PHE K 21 22.25 -21.70 -16.74
C PHE K 21 21.53 -22.36 -17.91
N HIS K 22 21.51 -23.69 -17.93
CA HIS K 22 20.82 -24.41 -19.00
C HIS K 22 19.33 -24.52 -18.69
N GLY K 23 18.57 -24.80 -19.72
CA GLY K 23 17.12 -24.89 -19.63
C GLY K 23 16.46 -24.38 -20.90
N GLN K 24 15.19 -24.75 -21.05
CA GLN K 24 14.45 -24.32 -22.24
C GLN K 24 14.40 -22.80 -22.34
N HIS K 25 14.31 -22.12 -21.20
CA HIS K 25 14.36 -20.67 -21.15
C HIS K 25 15.70 -20.23 -20.59
N GLN K 26 16.10 -19.00 -20.94
CA GLN K 26 17.23 -18.37 -20.28
C GLN K 26 16.83 -17.94 -18.88
N SER K 27 17.76 -18.07 -17.94
CA SER K 27 17.50 -17.62 -16.59
C SER K 27 17.47 -16.09 -16.53
N GLY K 28 16.91 -15.58 -15.43
CA GLY K 28 16.83 -14.14 -15.21
C GLY K 28 15.54 -13.48 -15.64
N ILE K 29 14.50 -14.25 -15.95
CA ILE K 29 13.22 -13.69 -16.34
C ILE K 29 12.15 -14.13 -15.35
N VAL K 30 11.81 -15.43 -15.37
CA VAL K 30 10.86 -15.97 -14.41
C VAL K 30 11.52 -16.42 -13.11
N THR K 31 12.85 -16.54 -13.10
CA THR K 31 13.55 -16.84 -11.85
C THR K 31 13.35 -15.69 -10.86
N PRO K 32 13.25 -15.98 -9.56
CA PRO K 32 13.04 -14.91 -8.59
C PRO K 32 14.14 -13.86 -8.67
N ARG K 33 13.75 -12.59 -8.52
CA ARG K 33 14.68 -11.49 -8.68
C ARG K 33 15.54 -11.35 -7.42
N PRO K 34 16.86 -11.40 -7.54
CA PRO K 34 17.71 -11.18 -6.36
C PRO K 34 17.82 -9.71 -6.00
N ALA K 35 18.69 -9.39 -5.04
CA ALA K 35 18.76 -8.05 -4.50
C ALA K 35 19.46 -7.06 -5.41
N ALA K 36 20.35 -7.51 -6.29
CA ALA K 36 21.18 -6.62 -7.10
C ALA K 36 21.01 -6.92 -8.58
N GLY K 37 20.83 -5.87 -9.39
CA GLY K 37 20.67 -6.02 -10.81
C GLY K 37 21.60 -5.09 -11.57
N MET K 38 21.84 -5.47 -12.82
CA MET K 38 22.75 -4.69 -13.68
C MET K 38 22.42 -5.02 -15.14
N LEU K 39 22.14 -3.98 -15.92
CA LEU K 39 21.85 -4.12 -17.35
C LEU K 39 22.92 -3.37 -18.13
N VAL K 40 23.68 -4.10 -18.94
CA VAL K 40 24.76 -3.52 -19.74
C VAL K 40 24.44 -3.75 -21.21
N SER K 41 24.52 -2.67 -22.00
CA SER K 41 24.32 -2.74 -23.44
C SER K 41 25.67 -2.67 -24.15
N PHE K 42 25.88 -3.58 -25.10
CA PHE K 42 27.16 -3.70 -25.78
C PHE K 42 27.01 -3.39 -27.26
N ASP K 43 28.10 -2.92 -27.85
CA ASP K 43 28.24 -2.82 -29.30
C ASP K 43 29.06 -4.02 -29.77
N VAL K 44 28.51 -4.77 -30.72
CA VAL K 44 29.17 -5.97 -31.22
C VAL K 44 30.14 -5.55 -32.32
N LEU K 45 31.44 -5.64 -32.02
CA LEU K 45 32.48 -5.28 -32.96
C LEU K 45 32.91 -6.44 -33.85
N ALA K 46 32.12 -7.51 -33.91
CA ALA K 46 32.35 -8.54 -34.91
C ALA K 46 32.19 -7.95 -36.31
N SER K 47 33.05 -8.37 -37.22
CA SER K 47 32.95 -7.98 -38.61
C SER K 47 32.39 -9.06 -39.52
N ASP K 48 32.57 -10.33 -39.14
CA ASP K 48 32.06 -11.48 -39.88
C ASP K 48 31.15 -12.29 -38.97
N ARG K 49 30.47 -13.27 -39.57
CA ARG K 49 29.69 -14.20 -38.77
C ARG K 49 30.59 -15.10 -37.93
N ASP K 50 31.78 -15.40 -38.43
CA ASP K 50 32.73 -16.21 -37.65
C ASP K 50 33.06 -15.52 -36.32
N ASP K 51 33.31 -14.22 -36.36
CA ASP K 51 33.53 -13.48 -35.12
C ASP K 51 32.26 -13.45 -34.27
N LEU K 52 31.08 -13.42 -34.91
CA LEU K 52 29.84 -13.46 -34.15
C LEU K 52 29.64 -14.81 -33.46
N GLU K 53 30.11 -15.89 -34.09
CA GLU K 53 30.06 -17.19 -33.42
C GLU K 53 31.05 -17.26 -32.27
N ARG K 54 32.28 -16.79 -32.50
CA ARG K 54 33.27 -16.76 -31.42
C ARG K 54 32.79 -15.90 -30.26
N LEU K 55 32.07 -14.81 -30.55
CA LEU K 55 31.47 -14.00 -29.50
C LEU K 55 30.42 -14.81 -28.74
N PHE K 56 29.50 -15.43 -29.48
CA PHE K 56 28.43 -16.20 -28.83
C PHE K 56 28.99 -17.38 -28.05
N ARG K 57 29.95 -18.11 -28.63
CA ARG K 57 30.51 -19.28 -27.97
C ARG K 57 31.32 -18.89 -26.74
N THR K 58 31.98 -17.73 -26.77
CA THR K 58 32.70 -17.28 -25.59
C THR K 58 31.73 -16.86 -24.48
N LEU K 59 30.66 -16.16 -24.86
CA LEU K 59 29.65 -15.76 -23.87
C LEU K 59 29.04 -16.98 -23.19
N ASP K 60 28.76 -18.03 -23.96
CA ASP K 60 28.23 -19.26 -23.37
C ASP K 60 29.22 -19.87 -22.38
N GLN K 61 30.51 -19.86 -22.72
CA GLN K 61 31.52 -20.43 -21.85
C GLN K 61 31.63 -19.65 -20.54
N ARG K 62 31.69 -18.32 -20.64
CA ARG K 62 31.88 -17.50 -19.44
C ARG K 62 30.67 -17.59 -18.52
N ILE K 63 29.46 -17.44 -19.06
CA ILE K 63 28.27 -17.42 -18.24
C ILE K 63 28.09 -18.75 -17.52
N ALA K 64 28.39 -19.86 -18.20
CA ALA K 64 28.26 -21.18 -17.57
C ALA K 64 29.17 -21.30 -16.35
N PHE K 65 30.39 -20.78 -16.44
CA PHE K 65 31.29 -20.86 -15.30
C PHE K 65 30.90 -19.87 -14.21
N LEU K 66 30.57 -18.63 -14.60
CA LEU K 66 30.28 -17.60 -13.61
C LEU K 66 29.01 -17.93 -12.83
N MET K 67 28.02 -18.52 -13.49
CA MET K 67 26.79 -18.90 -12.80
C MET K 67 26.95 -20.15 -11.95
N ARG K 68 27.95 -20.97 -12.24
CA ARG K 68 28.23 -22.17 -11.45
C ARG K 68 29.31 -21.95 -10.40
N GLY K 69 30.29 -21.10 -10.68
CA GLY K 69 31.39 -20.89 -9.77
C GLY K 69 32.41 -22.00 -9.86
N GLY K 70 33.43 -21.88 -9.03
CA GLY K 70 34.48 -22.88 -8.97
C GLY K 70 35.86 -22.28 -8.87
N PRO K 71 36.87 -23.15 -8.76
CA PRO K 71 38.25 -22.67 -8.61
C PRO K 71 38.76 -22.04 -9.90
N VAL K 72 39.57 -21.00 -9.75
CA VAL K 72 40.26 -20.37 -10.87
C VAL K 72 41.72 -20.82 -10.82
N ALA K 73 42.14 -21.54 -11.86
CA ALA K 73 43.50 -22.06 -11.89
C ALA K 73 44.51 -20.93 -11.98
N GLN K 74 45.70 -21.18 -11.44
CA GLN K 74 46.81 -20.24 -11.56
C GLN K 74 47.63 -20.58 -12.79
N VAL K 75 48.12 -19.54 -13.45
CA VAL K 75 48.87 -19.70 -14.69
C VAL K 75 50.25 -19.09 -14.55
N ASP K 76 50.97 -18.96 -15.67
CA ASP K 76 52.25 -18.28 -15.72
C ASP K 76 52.13 -16.90 -15.06
N PRO K 77 52.93 -16.60 -14.04
CA PRO K 77 52.86 -15.26 -13.42
C PRO K 77 53.11 -14.14 -14.41
N LYS K 78 53.73 -14.43 -15.54
CA LYS K 78 53.99 -13.43 -16.57
C LYS K 78 52.78 -13.15 -17.43
N LEU K 79 51.71 -13.98 -17.32
CA LEU K 79 50.44 -13.69 -17.94
C LEU K 79 49.55 -12.92 -16.99
N PRO K 80 48.63 -12.11 -17.50
CA PRO K 80 47.59 -11.52 -16.65
C PRO K 80 46.78 -12.62 -15.99
N PRO K 81 46.35 -12.42 -14.74
CA PRO K 81 45.58 -13.46 -14.06
C PRO K 81 44.29 -13.78 -14.80
N LEU K 82 43.86 -15.03 -14.71
CA LEU K 82 42.65 -15.46 -15.40
C LEU K 82 41.44 -14.67 -14.91
N ASP K 83 41.29 -14.54 -13.60
CA ASP K 83 40.15 -13.87 -12.98
C ASP K 83 40.58 -12.55 -12.39
N SER K 84 39.59 -11.67 -12.16
CA SER K 84 39.87 -10.38 -11.53
C SER K 84 40.25 -10.54 -10.06
N GLY K 85 39.74 -11.58 -9.40
CA GLY K 85 40.03 -11.82 -8.01
C GLY K 85 39.10 -11.14 -7.03
N ILE K 86 38.05 -10.46 -7.52
CA ILE K 86 37.16 -9.72 -6.63
C ILE K 86 36.45 -10.64 -5.66
N LEU K 87 36.13 -11.86 -6.08
CA LEU K 87 35.45 -12.83 -5.23
C LEU K 87 36.40 -13.87 -4.64
N GLY K 88 37.70 -13.58 -4.63
CA GLY K 88 38.68 -14.52 -4.11
C GLY K 88 39.17 -15.47 -5.16
N PRO K 89 40.08 -16.37 -4.78
CA PRO K 89 40.61 -17.33 -5.77
C PRO K 89 39.57 -18.33 -6.25
N VAL K 90 38.56 -18.64 -5.45
CA VAL K 90 37.48 -19.53 -5.83
C VAL K 90 36.24 -18.68 -6.11
N VAL K 91 35.74 -18.74 -7.34
CA VAL K 91 34.59 -17.94 -7.72
C VAL K 91 33.33 -18.56 -7.12
N THR K 92 32.46 -17.70 -6.54
CA THR K 92 31.25 -18.12 -5.87
C THR K 92 30.02 -17.69 -6.67
N PRO K 93 29.01 -18.57 -6.78
CA PRO K 93 27.85 -18.26 -7.63
C PRO K 93 27.04 -17.06 -7.15
N ASP K 94 26.56 -17.10 -5.90
CA ASP K 94 25.89 -15.96 -5.28
C ASP K 94 24.65 -15.52 -6.07
N ASN K 95 23.83 -16.50 -6.45
CA ASN K 95 22.54 -16.24 -7.11
C ASN K 95 22.71 -15.53 -8.45
N LEU K 96 23.83 -15.74 -9.13
CA LEU K 96 24.12 -15.01 -10.35
C LEU K 96 23.38 -15.62 -11.54
N THR K 97 22.74 -14.75 -12.33
CA THR K 97 22.16 -15.11 -13.62
C THR K 97 22.55 -14.04 -14.63
N ILE K 98 22.97 -14.48 -15.83
CA ILE K 98 23.33 -13.58 -16.91
C ILE K 98 22.45 -13.90 -18.10
N THR K 99 21.65 -12.93 -18.53
CA THR K 99 20.71 -13.10 -19.63
C THR K 99 21.24 -12.41 -20.88
N VAL K 100 21.30 -13.16 -21.98
CA VAL K 100 21.79 -12.63 -23.25
C VAL K 100 20.59 -12.22 -24.10
N SER K 101 20.63 -11.01 -24.64
CA SER K 101 19.58 -10.50 -25.50
C SER K 101 20.20 -9.71 -26.64
N VAL K 102 19.63 -9.85 -27.83
CA VAL K 102 20.13 -9.20 -29.04
C VAL K 102 19.25 -8.01 -29.36
N GLY K 103 19.88 -6.94 -29.87
CA GLY K 103 19.17 -5.72 -30.22
C GLY K 103 18.83 -5.65 -31.70
N GLU K 104 18.08 -4.61 -32.04
CA GLU K 104 17.68 -4.40 -33.44
C GLU K 104 18.88 -4.15 -34.34
N SER K 105 19.92 -3.48 -33.81
CA SER K 105 21.07 -3.12 -34.62
C SER K 105 21.86 -4.33 -35.09
N LEU K 106 21.75 -5.48 -34.42
CA LEU K 106 22.49 -6.66 -34.83
C LEU K 106 21.98 -7.24 -36.14
N PHE K 107 20.73 -6.98 -36.49
CA PHE K 107 20.12 -7.54 -37.71
C PHE K 107 20.29 -6.65 -38.92
N ASP K 108 21.47 -6.06 -39.10
CA ASP K 108 21.76 -5.24 -40.26
C ASP K 108 22.48 -6.08 -41.32
N GLU K 109 23.17 -5.42 -42.24
CA GLU K 109 23.85 -6.09 -43.35
C GLU K 109 25.17 -6.74 -42.93
N ARG K 110 25.51 -6.73 -41.65
CA ARG K 110 26.83 -7.20 -41.23
C ARG K 110 26.88 -8.72 -41.10
N PHE K 111 25.84 -9.32 -40.52
CA PHE K 111 25.86 -10.74 -40.21
C PHE K 111 24.76 -11.53 -40.91
N GLY K 112 23.95 -10.90 -41.75
CA GLY K 112 22.95 -11.63 -42.52
C GLY K 112 21.86 -12.28 -41.70
N LEU K 113 21.33 -11.56 -40.71
CA LEU K 113 20.26 -12.07 -39.86
C LEU K 113 18.95 -11.33 -40.03
N GLU K 114 18.89 -10.38 -40.96
CA GLU K 114 17.68 -9.56 -41.15
C GLU K 114 16.47 -10.40 -41.49
N ALA K 115 16.65 -11.53 -42.18
CA ALA K 115 15.52 -12.38 -42.52
C ALA K 115 14.96 -13.08 -41.29
N ALA K 116 15.83 -13.52 -40.39
CA ALA K 116 15.43 -14.19 -39.17
C ALA K 116 15.15 -13.22 -38.02
N LYS K 117 15.04 -11.93 -38.33
CA LYS K 117 14.82 -10.94 -37.29
C LYS K 117 13.45 -11.15 -36.63
N PRO K 118 13.36 -11.08 -35.31
CA PRO K 118 12.04 -11.17 -34.66
C PRO K 118 11.11 -10.07 -35.16
N LYS K 119 9.87 -10.46 -35.42
CA LYS K 119 8.94 -9.60 -36.16
C LYS K 119 8.60 -8.31 -35.43
N ARG K 120 8.80 -8.25 -34.12
CA ARG K 120 8.44 -7.08 -33.33
C ARG K 120 9.63 -6.33 -32.75
N LEU K 121 10.85 -6.83 -32.97
CA LEU K 121 12.04 -6.15 -32.47
C LEU K 121 12.33 -4.93 -33.34
N ILE K 122 12.31 -3.75 -32.73
CA ILE K 122 12.54 -2.49 -33.43
C ILE K 122 13.49 -1.64 -32.59
N ARG K 123 13.85 -0.48 -33.14
CA ARG K 123 14.67 0.50 -32.43
C ARG K 123 13.76 1.40 -31.62
N MET K 124 14.01 1.49 -30.31
CA MET K 124 13.15 2.26 -29.43
C MET K 124 13.22 3.74 -29.78
N VAL K 125 12.06 4.35 -29.99
CA VAL K 125 11.96 5.78 -30.25
C VAL K 125 11.37 6.46 -29.03
N GLY K 126 11.62 7.76 -28.93
CA GLY K 126 11.20 8.50 -27.75
C GLY K 126 9.69 8.63 -27.65
N PHE K 127 9.21 8.66 -26.41
CA PHE K 127 7.81 8.87 -26.09
C PHE K 127 7.60 10.33 -25.68
N PRO K 128 6.34 10.78 -25.64
CA PRO K 128 6.08 12.20 -25.27
C PRO K 128 6.84 12.70 -24.06
N ASN K 129 6.80 11.98 -22.94
CA ASN K 129 7.48 12.39 -21.72
C ASN K 129 8.97 12.09 -21.74
N ASP K 130 9.48 11.45 -22.80
CA ASP K 130 10.85 11.02 -22.83
C ASP K 130 11.80 12.18 -23.14
N ALA K 131 13.05 12.03 -22.65
CA ALA K 131 14.15 12.90 -23.01
C ALA K 131 15.36 11.98 -23.24
N LEU K 132 15.27 11.18 -24.30
CA LEU K 132 16.26 10.13 -24.54
C LEU K 132 17.61 10.74 -24.90
N GLU K 133 18.66 10.24 -24.24
CA GLU K 133 20.04 10.62 -24.53
C GLU K 133 20.69 9.54 -25.37
N PRO K 134 21.42 9.90 -26.43
CA PRO K 134 21.86 8.87 -27.39
C PRO K 134 22.84 7.87 -26.81
N ALA K 135 23.70 8.30 -25.88
CA ALA K 135 24.68 7.39 -25.31
C ALA K 135 24.04 6.32 -24.44
N CYS K 136 22.84 6.57 -23.91
CA CYS K 136 22.18 5.65 -22.99
C CYS K 136 21.05 4.87 -23.65
N CYS K 137 21.06 4.76 -24.97
CA CYS K 137 19.97 4.12 -25.69
C CYS K 137 20.50 3.08 -26.68
N HIS K 138 19.71 2.03 -26.88
CA HIS K 138 19.93 1.01 -27.90
C HIS K 138 21.24 0.25 -27.70
N GLY K 139 21.63 -0.53 -28.69
CA GLY K 139 22.84 -1.32 -28.63
C GLY K 139 22.67 -2.61 -29.41
N ASP K 140 23.80 -3.25 -29.70
CA ASP K 140 23.78 -4.52 -30.43
C ASP K 140 23.37 -5.68 -29.54
N LEU K 141 23.90 -5.73 -28.31
CA LEU K 141 23.69 -6.84 -27.40
C LEU K 141 23.53 -6.30 -25.99
N SER K 142 22.68 -6.95 -25.21
CA SER K 142 22.45 -6.58 -23.82
C SER K 142 22.71 -7.77 -22.91
N LEU K 143 23.35 -7.50 -21.78
CA LEU K 143 23.59 -8.50 -20.74
C LEU K 143 22.94 -8.03 -19.45
N GLN K 144 22.09 -8.87 -18.87
CA GLN K 144 21.43 -8.58 -17.61
C GLN K 144 22.08 -9.42 -16.52
N PHE K 145 22.84 -8.76 -15.65
CA PHE K 145 23.47 -9.42 -14.50
C PHE K 145 22.56 -9.27 -13.30
N CYS K 146 22.31 -10.39 -12.61
CA CYS K 146 21.46 -10.39 -11.42
C CYS K 146 22.06 -11.36 -10.41
N SER K 147 22.33 -10.87 -9.20
CA SER K 147 22.93 -11.68 -8.15
C SER K 147 22.58 -11.07 -6.81
N ASN K 148 23.13 -11.67 -5.74
CA ASN K 148 22.84 -11.21 -4.39
C ASN K 148 23.47 -9.85 -4.10
N THR K 149 24.64 -9.58 -4.68
CA THR K 149 25.41 -8.38 -4.38
C THR K 149 25.87 -7.72 -5.67
N ALA K 150 26.15 -6.41 -5.57
CA ALA K 150 26.64 -5.69 -6.74
C ALA K 150 28.05 -6.11 -7.12
N ASP K 151 28.84 -6.58 -6.15
CA ASP K 151 30.21 -6.99 -6.44
C ASP K 151 30.25 -8.28 -7.25
N THR K 152 29.31 -9.20 -7.01
CA THR K 152 29.22 -10.40 -7.82
C THR K 152 28.88 -10.06 -9.26
N ASN K 153 27.97 -9.11 -9.45
CA ASN K 153 27.66 -8.65 -10.81
C ASN K 153 28.86 -8.00 -11.46
N ILE K 154 29.57 -7.14 -10.72
CA ILE K 154 30.71 -6.43 -11.28
C ILE K 154 31.82 -7.39 -11.65
N HIS K 155 32.07 -8.39 -10.79
CA HIS K 155 33.05 -9.41 -11.12
C HIS K 155 32.68 -10.13 -12.41
N ALA K 156 31.39 -10.45 -12.59
CA ALA K 156 30.96 -11.11 -13.82
C ALA K 156 31.16 -10.22 -15.03
N LEU K 157 30.85 -8.93 -14.90
CA LEU K 157 31.06 -8.01 -16.01
C LEU K 157 32.54 -7.84 -16.31
N ARG K 158 33.37 -7.71 -15.28
CA ARG K 158 34.82 -7.65 -15.50
C ARG K 158 35.33 -8.90 -16.19
N ASP K 159 34.73 -10.05 -15.90
CA ASP K 159 35.12 -11.29 -16.57
C ASP K 159 34.73 -11.25 -18.05
N ILE K 160 33.55 -10.70 -18.36
CA ILE K 160 33.08 -10.68 -19.74
C ILE K 160 33.91 -9.73 -20.58
N VAL K 161 34.15 -8.52 -20.08
CA VAL K 161 34.87 -7.52 -20.87
C VAL K 161 36.34 -7.89 -21.02
N LYS K 162 36.90 -8.59 -20.03
CA LYS K 162 38.30 -9.01 -20.14
C LYS K 162 38.48 -10.09 -21.19
N ASN K 163 37.50 -10.99 -21.32
CA ASN K 163 37.59 -12.12 -22.24
C ASN K 163 37.15 -11.76 -23.65
N LEU K 164 36.48 -10.63 -23.85
CA LEU K 164 36.10 -10.13 -25.17
C LEU K 164 36.50 -8.66 -25.28
N PRO K 165 37.81 -8.36 -25.30
CA PRO K 165 38.22 -6.96 -25.36
C PRO K 165 38.00 -6.32 -26.72
N ASP K 166 38.09 -7.08 -27.80
CA ASP K 166 37.96 -6.54 -29.14
C ASP K 166 36.65 -6.91 -29.83
N LEU K 167 35.82 -7.76 -29.21
CA LEU K 167 34.55 -8.13 -29.80
C LEU K 167 33.35 -7.42 -29.16
N LEU K 168 33.53 -6.88 -27.95
CA LEU K 168 32.45 -6.20 -27.25
C LEU K 168 32.93 -4.83 -26.79
N LEU K 169 32.05 -3.83 -26.90
CA LEU K 169 32.31 -2.48 -26.43
C LEU K 169 31.13 -2.05 -25.56
N VAL K 170 31.42 -1.69 -24.31
CA VAL K 170 30.38 -1.25 -23.40
C VAL K 170 29.83 0.08 -23.89
N ARG K 171 28.54 0.10 -24.23
CA ARG K 171 27.87 1.31 -24.73
C ARG K 171 27.28 2.12 -23.57
N TRP K 172 26.43 1.51 -22.76
CA TRP K 172 25.90 2.14 -21.57
C TRP K 172 25.51 1.04 -20.59
N LYS K 173 25.39 1.42 -19.32
CA LYS K 173 25.06 0.46 -18.28
C LYS K 173 24.34 1.16 -17.14
N GLN K 174 23.64 0.37 -16.34
CA GLN K 174 22.89 0.91 -15.20
C GLN K 174 22.69 -0.21 -14.19
N GLU K 175 23.24 -0.03 -12.99
CA GLU K 175 23.06 -0.99 -11.90
C GLU K 175 21.92 -0.54 -10.99
N GLY K 176 21.37 -1.50 -10.26
CA GLY K 176 20.26 -1.21 -9.37
C GLY K 176 20.17 -2.24 -8.27
N SER K 177 19.20 -2.01 -7.38
CA SER K 177 19.00 -2.90 -6.24
C SER K 177 17.54 -2.81 -5.80
N VAL K 178 17.14 -3.76 -4.97
CA VAL K 178 15.81 -3.77 -4.37
C VAL K 178 15.96 -4.00 -2.86
N PRO K 179 15.15 -3.35 -2.03
CA PRO K 179 15.32 -3.49 -0.58
C PRO K 179 14.92 -4.87 -0.10
N PRO K 180 15.83 -5.58 0.57
CA PRO K 180 15.45 -6.87 1.14
C PRO K 180 14.57 -6.67 2.37
N GLN K 181 13.56 -7.52 2.48
CA GLN K 181 12.61 -7.46 3.58
C GLN K 181 12.81 -8.64 4.51
N ALA K 182 12.37 -8.46 5.76
CA ALA K 182 12.40 -9.54 6.72
C ALA K 182 11.48 -10.67 6.25
N PRO K 183 11.73 -11.91 6.66
CA PRO K 183 10.84 -13.00 6.26
C PRO K 183 9.43 -12.77 6.79
N ALA K 184 8.47 -13.39 6.11
CA ALA K 184 7.08 -13.16 6.41
C ALA K 184 6.73 -13.65 7.81
N LYS K 185 5.90 -12.89 8.52
CA LYS K 185 5.33 -13.34 9.78
C LYS K 185 4.54 -14.62 9.54
N PRO K 186 4.36 -15.45 10.58
CA PRO K 186 3.72 -16.76 10.37
C PRO K 186 2.39 -16.71 9.64
N GLY K 187 1.53 -15.75 9.97
CA GLY K 187 0.23 -15.66 9.31
C GLY K 187 0.21 -14.77 8.09
N GLU K 188 1.17 -13.85 8.00
CA GLU K 188 1.19 -12.87 6.94
C GLU K 188 1.80 -13.45 5.66
N PRO K 189 1.43 -12.93 4.50
CA PRO K 189 2.04 -13.37 3.24
C PRO K 189 3.25 -12.50 2.89
N ALA K 190 3.94 -12.92 1.83
CA ALA K 190 5.07 -12.15 1.33
C ALA K 190 4.58 -10.92 0.57
N GLN K 191 5.51 -9.99 0.32
CA GLN K 191 5.19 -8.76 -0.39
C GLN K 191 6.19 -8.51 -1.50
N SER K 192 5.75 -7.77 -2.51
CA SER K 192 6.66 -7.31 -3.54
C SER K 192 7.59 -6.23 -2.99
N ALA K 193 8.74 -6.08 -3.62
CA ALA K 193 9.68 -5.05 -3.19
C ALA K 193 9.17 -3.66 -3.58
N ARG K 194 9.75 -2.65 -2.96
CA ARG K 194 9.35 -1.26 -3.17
C ARG K 194 10.34 -0.54 -4.06
N ASN K 195 9.83 0.39 -4.86
CA ASN K 195 10.67 1.24 -5.69
C ASN K 195 11.07 2.48 -4.91
N PHE K 196 11.79 3.38 -5.58
CA PHE K 196 12.25 4.60 -4.91
C PHE K 196 11.19 5.68 -4.83
N LEU K 197 9.95 5.37 -5.19
CA LEU K 197 8.80 6.20 -4.86
C LEU K 197 8.09 5.73 -3.61
N GLY K 198 8.60 4.69 -2.95
CA GLY K 198 8.03 4.16 -1.73
C GLY K 198 6.91 3.15 -1.91
N PHE K 199 6.49 2.91 -3.14
CA PHE K 199 5.37 2.01 -3.41
C PHE K 199 5.87 0.61 -3.75
N ARG K 200 5.10 -0.40 -3.36
CA ARG K 200 5.38 -1.76 -3.77
C ARG K 200 5.28 -1.88 -5.29
N ASP K 201 6.24 -2.58 -5.88
CA ASP K 201 6.38 -2.65 -7.33
C ASP K 201 6.31 -4.11 -7.77
N GLY K 202 5.30 -4.44 -8.57
CA GLY K 202 5.12 -5.76 -9.09
C GLY K 202 4.02 -6.59 -8.47
N SER K 203 3.09 -5.98 -7.73
CA SER K 203 2.04 -6.75 -7.08
C SER K 203 1.14 -7.45 -8.10
N ALA K 204 0.81 -6.76 -9.20
CA ALA K 204 -0.10 -7.28 -10.21
C ALA K 204 0.64 -8.00 -11.34
N ASN K 205 1.88 -8.42 -11.11
CA ASN K 205 2.56 -9.24 -12.10
C ASN K 205 1.80 -10.57 -12.25
N PRO K 206 1.62 -11.05 -13.48
CA PRO K 206 0.96 -12.34 -13.67
C PRO K 206 1.71 -13.45 -12.94
N ASP K 207 0.96 -14.48 -12.53
CA ASP K 207 1.53 -15.56 -11.73
C ASP K 207 2.72 -16.22 -12.43
N SER K 208 3.92 -15.95 -11.94
CA SER K 208 5.12 -16.54 -12.50
C SER K 208 5.21 -18.04 -12.25
N ASN K 209 4.34 -18.60 -11.41
CA ASN K 209 4.27 -20.03 -11.20
C ASN K 209 3.28 -20.71 -12.14
N ASP K 210 2.56 -19.95 -12.96
CA ASP K 210 1.61 -20.51 -13.92
C ASP K 210 2.32 -20.70 -15.25
N PRO K 211 2.63 -21.94 -15.65
CA PRO K 211 3.33 -22.14 -16.93
C PRO K 211 2.52 -21.68 -18.13
N LYS K 212 1.19 -21.83 -18.09
CA LYS K 212 0.37 -21.35 -19.20
C LYS K 212 0.40 -19.83 -19.29
N ALA K 213 0.29 -19.14 -18.17
CA ALA K 213 0.34 -17.68 -18.19
C ALA K 213 1.68 -17.18 -18.74
N MET K 214 2.78 -17.85 -18.37
CA MET K 214 4.06 -17.47 -18.92
C MET K 214 4.17 -17.84 -20.39
N GLN K 215 3.45 -18.88 -20.83
CA GLN K 215 3.49 -19.27 -22.23
C GLN K 215 2.76 -18.25 -23.10
N GLN K 216 1.63 -17.73 -22.63
CA GLN K 216 0.84 -16.80 -23.43
C GLN K 216 1.34 -15.36 -23.34
N ILE K 217 2.11 -15.02 -22.32
CA ILE K 217 2.50 -13.64 -22.05
C ILE K 217 3.98 -13.41 -22.34
N VAL K 218 4.86 -14.25 -21.79
CA VAL K 218 6.29 -13.97 -21.75
C VAL K 218 7.04 -14.69 -22.86
N TRP K 219 6.81 -15.99 -23.04
CA TRP K 219 7.64 -16.80 -23.92
C TRP K 219 7.03 -16.87 -25.32
N VAL K 220 7.89 -16.67 -26.32
CA VAL K 220 7.47 -16.84 -27.71
C VAL K 220 7.27 -18.33 -27.99
N GLN K 221 6.12 -18.67 -28.57
CA GLN K 221 5.78 -20.07 -28.76
C GLN K 221 6.11 -20.54 -30.17
N PRO K 222 6.48 -21.82 -30.32
CA PRO K 222 6.63 -22.37 -31.67
C PRO K 222 5.27 -22.48 -32.34
N GLY K 223 5.29 -22.28 -33.66
CA GLY K 223 4.06 -22.27 -34.44
C GLY K 223 3.38 -20.93 -34.56
N SER K 224 3.97 -19.87 -33.99
CA SER K 224 3.43 -18.53 -34.12
C SER K 224 4.02 -17.86 -35.36
N ASP K 225 3.68 -16.58 -35.55
CA ASP K 225 4.19 -15.82 -36.69
C ASP K 225 5.62 -15.35 -36.49
N GLU K 226 6.29 -15.79 -35.44
CA GLU K 226 7.69 -15.47 -35.20
C GLU K 226 8.58 -16.52 -35.83
N PRO K 227 9.85 -16.18 -36.10
CA PRO K 227 10.77 -17.18 -36.66
C PRO K 227 10.90 -18.40 -35.76
N ALA K 228 11.19 -19.55 -36.39
CA ALA K 228 11.25 -20.80 -35.65
C ALA K 228 12.40 -20.81 -34.65
N TRP K 229 13.53 -20.19 -35.00
CA TRP K 229 14.67 -20.15 -34.09
C TRP K 229 14.33 -19.40 -32.81
N ALA K 230 13.42 -18.43 -32.88
CA ALA K 230 13.13 -17.54 -31.76
C ALA K 230 12.18 -18.14 -30.74
N ALA K 231 11.80 -19.41 -30.89
CA ALA K 231 10.90 -20.04 -29.93
C ALA K 231 11.58 -20.14 -28.57
N HIS K 232 10.79 -19.96 -27.52
CA HIS K 232 11.20 -19.98 -26.11
C HIS K 232 12.07 -18.79 -25.73
N GLY K 233 12.24 -17.82 -26.62
CA GLY K 233 12.84 -16.55 -26.28
C GLY K 233 11.80 -15.58 -25.75
N SER K 234 12.21 -14.33 -25.59
CA SER K 234 11.28 -13.32 -25.10
C SER K 234 11.80 -11.94 -25.48
N TYR K 235 10.86 -11.00 -25.62
CA TYR K 235 11.20 -9.61 -25.88
C TYR K 235 11.52 -8.92 -24.56
N GLN K 236 12.69 -8.27 -24.51
CA GLN K 236 13.12 -7.54 -23.33
C GLN K 236 13.01 -6.04 -23.61
N ALA K 237 12.33 -5.33 -22.70
CA ALA K 237 12.19 -3.89 -22.78
C ALA K 237 12.86 -3.26 -21.57
N VAL K 238 13.77 -2.33 -21.82
CA VAL K 238 14.58 -1.71 -20.76
C VAL K 238 14.39 -0.20 -20.83
N ARG K 239 14.10 0.41 -19.68
CA ARG K 239 13.84 1.85 -19.60
C ARG K 239 14.52 2.42 -18.37
N ILE K 240 15.39 3.39 -18.58
CA ILE K 240 16.03 4.12 -17.48
C ILE K 240 15.16 5.34 -17.20
N ILE K 241 14.36 5.28 -16.14
CA ILE K 241 13.40 6.33 -15.80
C ILE K 241 13.85 6.98 -14.50
N ARG K 242 14.02 8.30 -14.54
CA ARG K 242 14.39 9.06 -13.35
C ARG K 242 13.15 9.40 -12.54
N ASN K 243 13.34 9.53 -11.23
CA ASN K 243 12.31 10.00 -10.32
C ASN K 243 12.74 11.32 -9.71
N PHE K 244 11.80 12.26 -9.63
CA PHE K 244 12.04 13.54 -8.97
C PHE K 244 11.62 13.36 -7.51
N VAL K 245 12.56 12.88 -6.70
CA VAL K 245 12.23 12.40 -5.36
C VAL K 245 11.88 13.56 -4.43
N GLU K 246 12.63 14.66 -4.53
CA GLU K 246 12.33 15.82 -3.69
C GLU K 246 10.95 16.38 -4.00
N ARG K 247 10.60 16.47 -5.28
CA ARG K 247 9.25 16.87 -5.67
C ARG K 247 8.23 15.82 -5.25
N TRP K 248 8.61 14.54 -5.30
CA TRP K 248 7.69 13.48 -4.92
C TRP K 248 7.46 13.46 -3.41
N ASP K 249 8.50 13.69 -2.62
CA ASP K 249 8.37 13.64 -1.17
C ASP K 249 7.57 14.81 -0.62
N ARG K 250 7.52 15.93 -1.34
CA ARG K 250 6.68 17.05 -0.94
C ARG K 250 5.25 16.92 -1.45
N THR K 251 4.96 15.90 -2.25
CA THR K 251 3.61 15.69 -2.73
C THR K 251 2.74 15.12 -1.60
N PRO K 252 1.52 15.62 -1.43
CA PRO K 252 0.62 15.04 -0.42
C PRO K 252 0.39 13.55 -0.66
N LEU K 253 0.25 12.81 0.44
CA LEU K 253 0.05 11.37 0.33
C LEU K 253 -1.22 11.03 -0.42
N GLN K 254 -2.27 11.85 -0.29
CA GLN K 254 -3.50 11.59 -1.02
C GLN K 254 -3.28 11.69 -2.53
N GLU K 255 -2.35 12.54 -2.97
CA GLU K 255 -2.08 12.68 -4.39
C GLU K 255 -1.21 11.55 -4.91
N GLN K 256 -0.27 11.08 -4.10
CA GLN K 256 0.59 9.97 -4.51
C GLN K 256 -0.22 8.70 -4.71
N GLU K 257 -1.18 8.43 -3.83
CA GLU K 257 -1.96 7.20 -3.93
C GLU K 257 -2.99 7.27 -5.05
N SER K 258 -3.57 8.45 -5.30
CA SER K 258 -4.49 8.60 -6.41
C SER K 258 -3.77 8.51 -7.75
N ILE K 259 -2.50 8.96 -7.80
CA ILE K 259 -1.74 8.89 -9.04
C ILE K 259 -1.33 7.46 -9.34
N ILE K 260 -0.78 6.77 -8.34
CA ILE K 260 -0.38 5.38 -8.54
C ILE K 260 -1.61 4.49 -8.70
N GLY K 261 -2.61 4.68 -7.85
CA GLY K 261 -3.79 3.85 -7.85
C GLY K 261 -3.85 2.81 -6.75
N ARG K 262 -2.89 2.82 -5.83
CA ARG K 262 -2.87 1.88 -4.71
C ARG K 262 -2.43 2.60 -3.46
N ILE K 263 -2.84 2.05 -2.31
CA ILE K 263 -2.44 2.60 -1.03
C ILE K 263 -0.97 2.28 -0.77
N LYS K 264 -0.22 3.29 -0.31
CA LYS K 264 1.22 3.13 -0.15
C LYS K 264 1.55 2.12 0.94
N THR K 265 0.99 2.31 2.13
CA THR K 265 1.34 1.46 3.27
C THR K 265 0.98 0.01 3.02
N SER K 266 -0.24 -0.25 2.55
CA SER K 266 -0.73 -1.61 2.41
C SER K 266 -0.45 -2.22 1.04
N GLY K 267 -0.30 -1.40 0.01
CA GLY K 267 -0.19 -1.93 -1.34
C GLY K 267 -1.49 -2.46 -1.90
N ALA K 268 -2.61 -2.15 -1.27
CA ALA K 268 -3.92 -2.61 -1.67
C ALA K 268 -4.52 -1.71 -2.74
N PRO K 269 -5.45 -2.22 -3.54
CA PRO K 269 -6.21 -1.34 -4.42
C PRO K 269 -7.08 -0.39 -3.62
N MET K 270 -7.51 0.68 -4.28
CA MET K 270 -8.29 1.70 -3.60
C MET K 270 -9.65 1.21 -3.11
N ASP K 271 -10.08 0.02 -3.54
CA ASP K 271 -11.32 -0.58 -3.06
C ASP K 271 -11.10 -1.86 -2.27
N GLY K 272 -9.87 -2.13 -1.84
CA GLY K 272 -9.57 -3.33 -1.08
C GLY K 272 -8.68 -3.06 0.12
N GLN K 273 -8.15 -4.13 0.73
CA GLN K 273 -7.30 -3.97 1.90
C GLN K 273 -6.07 -4.86 1.89
N LYS K 274 -5.84 -5.64 0.85
CA LYS K 274 -4.66 -6.49 0.75
C LYS K 274 -3.98 -6.26 -0.59
N GLU K 275 -2.66 -6.44 -0.61
CA GLU K 275 -1.89 -6.26 -1.83
C GLU K 275 -2.27 -7.30 -2.88
N SER K 276 -2.60 -8.52 -2.45
CA SER K 276 -2.94 -9.59 -3.38
C SER K 276 -4.23 -9.32 -4.14
N GLN K 277 -5.05 -8.39 -3.68
CA GLN K 277 -6.32 -8.10 -4.33
C GLN K 277 -6.12 -7.18 -5.54
N VAL K 278 -7.14 -7.12 -6.38
CA VAL K 278 -7.13 -6.26 -7.57
C VAL K 278 -8.39 -5.41 -7.55
N PRO K 279 -8.38 -4.22 -8.14
CA PRO K 279 -9.57 -3.37 -8.12
C PRO K 279 -10.64 -3.87 -9.08
N ASP K 280 -11.88 -3.45 -8.79
CA ASP K 280 -13.05 -3.79 -9.60
C ASP K 280 -13.43 -2.52 -10.37
N TYR K 281 -12.86 -2.38 -11.57
CA TYR K 281 -13.15 -1.21 -12.40
C TYR K 281 -14.57 -1.23 -12.94
N ALA K 282 -15.25 -2.38 -12.92
CA ALA K 282 -16.63 -2.45 -13.39
C ALA K 282 -17.59 -1.70 -12.49
N ARG K 283 -17.23 -1.52 -11.21
CA ARG K 283 -18.06 -0.79 -10.27
C ARG K 283 -17.54 0.62 -10.00
N ASP K 284 -16.50 1.05 -10.72
CA ASP K 284 -15.98 2.41 -10.64
C ASP K 284 -15.82 2.95 -12.06
N PRO K 285 -16.92 3.16 -12.78
CA PRO K 285 -16.81 3.62 -14.17
C PRO K 285 -16.35 5.06 -14.28
N HIS K 286 -16.60 5.88 -13.25
CA HIS K 286 -16.29 7.29 -13.30
C HIS K 286 -14.95 7.64 -12.70
N GLY K 287 -14.33 6.73 -11.95
CA GLY K 287 -13.06 7.00 -11.33
C GLY K 287 -13.14 7.60 -9.94
N LYS K 288 -14.20 7.34 -9.20
CA LYS K 288 -14.32 7.87 -7.86
C LYS K 288 -13.36 7.16 -6.90
N VAL K 289 -13.23 5.85 -7.03
CA VAL K 289 -12.35 5.06 -6.17
C VAL K 289 -10.94 5.08 -6.73
N THR K 290 -10.74 4.43 -7.88
CA THR K 290 -9.46 4.43 -8.58
C THR K 290 -9.56 5.42 -9.75
N LYS K 291 -8.69 6.42 -9.75
CA LYS K 291 -8.77 7.48 -10.75
C LYS K 291 -8.58 6.94 -12.15
N LEU K 292 -9.14 7.65 -13.13
CA LEU K 292 -9.09 7.18 -14.52
C LEU K 292 -7.68 7.31 -15.11
N ASP K 293 -6.93 8.33 -14.70
CA ASP K 293 -5.55 8.50 -15.15
C ASP K 293 -4.55 7.90 -14.16
N ALA K 294 -5.02 7.05 -13.24
CA ALA K 294 -4.12 6.37 -12.33
C ALA K 294 -3.19 5.45 -13.09
N HIS K 295 -2.00 5.23 -12.53
CA HIS K 295 -0.96 4.48 -13.23
C HIS K 295 -1.43 3.06 -13.56
N ILE K 296 -1.95 2.34 -12.56
CA ILE K 296 -2.32 0.94 -12.78
C ILE K 296 -3.61 0.84 -13.59
N ARG K 297 -4.50 1.82 -13.49
CA ARG K 297 -5.73 1.77 -14.27
C ARG K 297 -5.45 2.01 -15.74
N LEU K 298 -4.48 2.86 -16.06
CA LEU K 298 -4.06 3.02 -17.45
C LEU K 298 -3.27 1.81 -17.93
N ALA K 299 -2.33 1.33 -17.11
CA ALA K 299 -1.50 0.20 -17.49
C ALA K 299 -2.31 -1.09 -17.64
N ASN K 300 -3.47 -1.18 -16.98
CA ASN K 300 -4.30 -2.38 -17.04
C ASN K 300 -5.76 -1.97 -16.92
N PRO K 301 -6.41 -1.65 -18.04
CA PRO K 301 -7.86 -1.37 -17.99
C PRO K 301 -8.68 -2.53 -17.48
N ARG K 302 -8.10 -3.73 -17.42
CA ARG K 302 -8.77 -4.92 -16.88
C ARG K 302 -10.07 -5.21 -17.63
N THR K 303 -9.96 -5.24 -18.96
CA THR K 303 -11.05 -5.59 -19.85
C THR K 303 -10.71 -6.89 -20.57
N ALA K 304 -11.64 -7.33 -21.42
CA ALA K 304 -11.42 -8.56 -22.18
C ALA K 304 -10.25 -8.41 -23.15
N GLN K 305 -10.04 -7.22 -23.69
CA GLN K 305 -8.90 -6.99 -24.58
C GLN K 305 -7.60 -6.98 -23.79
N SER K 306 -7.49 -6.07 -22.82
CA SER K 306 -6.23 -5.70 -22.17
C SER K 306 -5.43 -6.88 -21.65
N GLN K 307 -6.06 -8.05 -21.55
CA GLN K 307 -5.34 -9.24 -21.13
C GLN K 307 -4.26 -9.65 -22.13
N GLN K 308 -4.39 -9.25 -23.39
CA GLN K 308 -3.35 -9.49 -24.38
C GLN K 308 -2.16 -8.55 -24.23
N ASN K 309 -2.30 -7.47 -23.45
CA ASN K 309 -1.23 -6.51 -23.23
C ASN K 309 -0.62 -6.63 -21.84
N LEU K 310 -0.61 -7.84 -21.28
CA LEU K 310 0.00 -8.05 -19.98
C LEU K 310 1.51 -8.25 -20.13
N ILE K 311 2.26 -7.77 -19.15
CA ILE K 311 3.71 -7.82 -19.18
C ILE K 311 4.21 -8.41 -17.87
N LEU K 312 5.46 -8.87 -17.90
CA LEU K 312 6.14 -9.39 -16.71
C LEU K 312 7.29 -8.44 -16.39
N ARG K 313 7.12 -7.64 -15.35
CA ARG K 313 8.09 -6.62 -14.97
C ARG K 313 8.96 -7.12 -13.83
N ARG K 314 10.28 -6.91 -13.97
CA ARG K 314 11.22 -7.14 -12.88
C ARG K 314 12.25 -6.02 -12.90
N PRO K 315 11.92 -4.87 -12.34
CA PRO K 315 12.84 -3.72 -12.36
C PRO K 315 13.71 -3.68 -11.12
N PHE K 316 14.64 -2.73 -11.13
CA PHE K 316 15.51 -2.45 -10.00
C PHE K 316 15.48 -0.95 -9.72
N ASN K 317 15.92 -0.59 -8.52
CA ASN K 317 16.01 0.81 -8.10
C ASN K 317 17.44 1.28 -8.32
N TYR K 318 17.63 2.23 -9.22
CA TYR K 318 18.94 2.76 -9.53
C TYR K 318 19.20 4.04 -8.75
N SER K 319 20.49 4.36 -8.61
CA SER K 319 20.92 5.54 -7.85
C SER K 319 22.26 6.01 -8.39
N ASN K 320 22.31 7.21 -8.93
CA ASN K 320 23.55 7.76 -9.46
C ASN K 320 23.98 9.00 -8.68
N GLY K 321 24.75 9.87 -9.31
CA GLY K 321 25.21 11.08 -8.65
C GLY K 321 24.15 12.18 -8.64
N VAL K 322 24.50 13.27 -8.00
CA VAL K 322 23.61 14.43 -7.89
C VAL K 322 23.86 15.36 -9.08
N ASN K 323 22.79 15.89 -9.65
CA ASN K 323 22.92 16.77 -10.80
C ASN K 323 23.38 18.16 -10.34
N LYS K 324 23.50 19.08 -11.30
CA LYS K 324 23.96 20.43 -11.00
C LYS K 324 22.89 21.28 -10.34
N ASN K 325 21.74 20.72 -10.01
CA ASN K 325 20.68 21.41 -9.29
C ASN K 325 20.65 21.06 -7.81
N GLY K 326 21.58 20.23 -7.34
CA GLY K 326 21.49 19.67 -6.02
C GLY K 326 20.50 18.55 -5.87
N GLN K 327 19.85 18.14 -6.96
CA GLN K 327 18.85 17.09 -6.94
C GLN K 327 19.49 15.73 -7.21
N LEU K 328 18.93 14.70 -6.59
CA LEU K 328 19.50 13.35 -6.64
C LEU K 328 18.97 12.60 -7.84
N ASP K 329 19.86 12.20 -8.74
CA ASP K 329 19.50 11.33 -9.86
C ASP K 329 19.17 9.95 -9.29
N MET K 330 17.88 9.61 -9.29
CA MET K 330 17.39 8.45 -8.57
C MET K 330 16.09 8.01 -9.22
N GLY K 331 15.90 6.70 -9.37
CA GLY K 331 14.69 6.22 -9.99
C GLY K 331 14.60 4.73 -10.21
N LEU K 332 13.96 4.33 -11.31
CA LEU K 332 13.63 2.94 -11.58
C LEU K 332 14.39 2.45 -12.81
N LEU K 333 15.05 1.30 -12.68
CA LEU K 333 15.62 0.59 -13.82
C LEU K 333 14.56 -0.37 -14.32
N PHE K 334 13.68 0.16 -15.18
CA PHE K 334 12.53 -0.62 -15.65
C PHE K 334 12.98 -1.69 -16.63
N ILE K 335 12.68 -2.94 -16.31
CA ILE K 335 12.94 -4.08 -17.18
C ILE K 335 11.70 -4.97 -17.18
N CYS K 336 11.14 -5.21 -18.37
CA CYS K 336 9.97 -6.06 -18.49
C CYS K 336 10.15 -7.00 -19.67
N TYR K 337 9.49 -8.16 -19.59
CA TYR K 337 9.58 -9.19 -20.61
C TYR K 337 8.21 -9.52 -21.15
N GLN K 338 8.16 -9.89 -22.43
CA GLN K 338 6.91 -10.21 -23.09
C GLN K 338 7.20 -11.04 -24.33
N ALA K 339 6.19 -11.80 -24.76
CA ALA K 339 6.31 -12.55 -26.01
C ALA K 339 6.07 -11.67 -27.23
N ASP K 340 5.38 -10.54 -27.07
CA ASP K 340 5.13 -9.59 -28.14
C ASP K 340 5.49 -8.21 -27.63
N LEU K 341 6.54 -7.61 -28.21
CA LEU K 341 6.96 -6.29 -27.76
C LEU K 341 5.92 -5.23 -28.10
N GLU K 342 5.25 -5.37 -29.25
CA GLU K 342 4.22 -4.40 -29.63
C GLU K 342 3.01 -4.51 -28.72
N LYS K 343 2.48 -5.72 -28.56
CA LYS K 343 1.35 -5.92 -27.65
C LYS K 343 1.74 -5.72 -26.20
N GLY K 344 3.02 -5.85 -25.86
CA GLY K 344 3.47 -5.73 -24.50
C GLY K 344 3.77 -4.30 -24.05
N PHE K 345 5.05 -3.98 -23.92
CA PHE K 345 5.45 -2.70 -23.34
C PHE K 345 4.97 -1.52 -24.18
N ILE K 346 5.04 -1.63 -25.50
CA ILE K 346 4.66 -0.52 -26.36
C ILE K 346 3.18 -0.19 -26.21
N ALA K 347 2.34 -1.23 -26.13
CA ALA K 347 0.90 -1.00 -25.97
C ALA K 347 0.57 -0.41 -24.60
N VAL K 348 1.30 -0.80 -23.56
CA VAL K 348 1.05 -0.27 -22.24
C VAL K 348 1.55 1.16 -22.12
N GLN K 349 2.74 1.45 -22.68
CA GLN K 349 3.28 2.80 -22.61
C GLN K 349 2.42 3.77 -23.41
N THR K 350 1.85 3.31 -24.53
CA THR K 350 0.94 4.16 -25.30
C THR K 350 -0.27 4.56 -24.47
N ARG K 351 -0.71 3.68 -23.56
CA ARG K 351 -1.80 4.04 -22.65
C ARG K 351 -1.32 5.03 -21.60
N LEU K 352 -0.16 4.77 -20.99
CA LEU K 352 0.36 5.62 -19.93
C LEU K 352 0.79 7.00 -20.43
N ASN K 353 0.86 7.21 -21.74
CA ASN K 353 1.27 8.50 -22.28
C ASN K 353 0.36 9.61 -21.78
N GLY K 354 0.92 10.52 -21.00
CA GLY K 354 0.17 11.63 -20.43
C GLY K 354 -0.32 11.42 -19.01
N GLU K 355 0.10 10.35 -18.35
CA GLU K 355 -0.35 10.10 -17.00
C GLU K 355 0.18 11.18 -16.05
N PRO K 356 -0.56 11.51 -14.99
CA PRO K 356 -0.08 12.51 -14.03
C PRO K 356 1.19 12.09 -13.32
N LEU K 357 1.55 10.80 -13.34
CA LEU K 357 2.81 10.36 -12.78
C LEU K 357 4.00 10.89 -13.56
N GLU K 358 3.80 11.28 -14.83
CA GLU K 358 4.88 11.82 -15.65
C GLU K 358 5.47 13.11 -15.07
N GLU K 359 4.73 13.79 -14.18
CA GLU K 359 5.26 14.98 -13.52
C GLU K 359 6.49 14.66 -12.69
N TYR K 360 6.59 13.42 -12.19
CA TYR K 360 7.72 12.99 -11.38
C TYR K 360 8.60 11.97 -12.08
N LEU K 361 8.43 11.80 -13.39
CA LEU K 361 9.20 10.83 -14.17
C LEU K 361 9.92 11.53 -15.32
N LYS K 362 10.98 10.89 -15.80
CA LYS K 362 11.70 11.34 -16.98
C LYS K 362 12.58 10.21 -17.51
N PRO K 363 12.11 9.43 -18.47
CA PRO K 363 12.96 8.39 -19.07
C PRO K 363 14.10 9.02 -19.86
N THR K 364 15.32 8.58 -19.54
CA THR K 364 16.52 9.12 -20.18
C THR K 364 17.22 8.13 -21.11
N GLY K 365 16.95 6.84 -21.00
CA GLY K 365 17.60 5.87 -21.85
C GLY K 365 17.00 4.49 -21.69
N GLY K 366 17.54 3.56 -22.43
CA GLY K 366 17.08 2.18 -22.40
C GLY K 366 17.23 1.55 -23.78
N GLY K 367 16.24 0.74 -24.15
CA GLY K 367 16.24 0.12 -25.45
C GLY K 367 15.44 -1.16 -25.45
N TYR K 368 15.25 -1.69 -26.65
CA TYR K 368 14.53 -2.94 -26.87
C TYR K 368 15.52 -4.03 -27.24
N PHE K 369 15.31 -5.23 -26.71
CA PHE K 369 16.18 -6.37 -26.98
C PHE K 369 15.34 -7.64 -27.02
N PHE K 370 15.83 -8.63 -27.75
CA PHE K 370 15.19 -9.93 -27.81
C PHE K 370 16.07 -10.93 -27.06
N THR K 371 15.56 -11.44 -25.93
CA THR K 371 16.27 -12.45 -25.17
C THR K 371 16.35 -13.74 -25.98
N LEU K 372 17.58 -14.22 -26.21
CA LEU K 372 17.77 -15.43 -27.00
C LEU K 372 17.13 -16.62 -26.29
N PRO K 373 16.69 -17.63 -27.03
CA PRO K 373 16.09 -18.81 -26.40
C PRO K 373 17.09 -19.53 -25.51
N GLY K 374 16.54 -20.26 -24.55
CA GLY K 374 17.38 -21.03 -23.64
C GLY K 374 18.15 -22.12 -24.35
N VAL K 375 19.21 -22.59 -23.69
CA VAL K 375 20.10 -23.60 -24.22
C VAL K 375 20.04 -24.83 -23.32
N THR K 376 19.96 -26.01 -23.95
CA THR K 376 19.85 -27.25 -23.19
C THR K 376 20.94 -28.24 -23.59
N GLY K 377 21.14 -28.43 -24.88
CA GLY K 377 22.14 -29.35 -25.36
C GLY K 377 23.52 -29.04 -24.83
N GLU K 378 24.34 -30.06 -24.62
CA GLU K 378 25.70 -29.84 -24.15
C GLU K 378 26.65 -29.52 -25.30
N GLU K 379 26.29 -29.88 -26.52
CA GLU K 379 26.90 -29.33 -27.73
C GLU K 379 26.26 -28.01 -28.13
N ASP K 380 25.24 -27.56 -27.41
CA ASP K 380 24.56 -26.30 -27.68
C ASP K 380 25.30 -25.14 -27.02
N PHE K 381 25.02 -23.94 -27.51
CA PHE K 381 25.53 -22.72 -26.91
C PHE K 381 24.56 -21.59 -27.21
N ILE K 382 24.72 -20.48 -26.48
CA ILE K 382 23.78 -19.37 -26.60
C ILE K 382 23.93 -18.71 -27.96
N GLY K 383 22.80 -18.48 -28.63
CA GLY K 383 22.80 -17.89 -29.95
C GLY K 383 22.96 -18.86 -31.10
N ARG K 384 23.15 -20.16 -30.81
CA ARG K 384 23.32 -21.13 -31.90
C ARG K 384 22.06 -21.27 -32.74
N SER K 385 20.89 -21.10 -32.12
CA SER K 385 19.64 -21.14 -32.89
C SER K 385 19.60 -20.02 -33.92
N LEU K 386 20.13 -18.85 -33.56
CA LEU K 386 20.19 -17.74 -34.53
C LEU K 386 21.15 -18.07 -35.66
N LEU K 387 22.30 -18.68 -35.35
CA LEU K 387 23.32 -18.91 -36.37
C LEU K 387 22.89 -19.97 -37.36
N ASP K 388 22.33 -21.08 -36.87
CA ASP K 388 21.92 -22.16 -37.76
C ASP K 388 20.77 -21.74 -38.68
N ALA K 389 19.87 -20.89 -38.19
CA ALA K 389 18.75 -20.45 -39.00
C ALA K 389 19.16 -19.47 -40.09
N THR K 390 20.36 -18.89 -39.99
CA THR K 390 20.84 -17.93 -40.97
C THR K 390 22.06 -18.42 -41.73
N ARG K 391 22.40 -19.70 -41.62
CA ARG K 391 23.56 -20.23 -42.32
C ARG K 391 23.29 -20.25 -43.82
N PRO K 392 24.14 -19.62 -44.65
CA PRO K 392 23.94 -19.55 -46.10
C PRO K 392 24.34 -20.84 -46.81
N ALA L 2 -14.91 30.94 -62.76
CA ALA L 2 -13.74 30.22 -62.28
C ALA L 2 -14.14 29.08 -61.35
N PRO L 3 -13.53 27.91 -61.55
CA PRO L 3 -13.87 26.75 -60.71
C PRO L 3 -13.51 27.00 -59.25
N ALA L 4 -14.19 26.25 -58.38
CA ALA L 4 -14.03 26.41 -56.95
C ALA L 4 -12.62 26.04 -56.50
N GLN L 5 -12.17 26.69 -55.43
CA GLN L 5 -10.91 26.30 -54.80
C GLN L 5 -11.06 24.92 -54.17
N VAL L 6 -9.91 24.28 -53.92
CA VAL L 6 -9.92 22.90 -53.45
C VAL L 6 -10.65 22.78 -52.12
N THR L 7 -10.30 23.64 -51.18
CA THR L 7 -10.78 23.55 -49.81
C THR L 7 -12.16 24.18 -49.61
N GLU L 8 -12.73 24.79 -50.63
CA GLU L 8 -14.02 25.46 -50.50
C GLU L 8 -15.10 24.48 -50.06
N ALA L 9 -16.04 24.96 -49.25
CA ALA L 9 -17.09 24.09 -48.71
C ALA L 9 -18.03 23.62 -49.83
N PRO L 10 -18.53 22.39 -49.76
CA PRO L 10 -19.52 21.95 -50.74
C PRO L 10 -20.79 22.79 -50.66
N SER L 11 -21.47 22.91 -51.80
CA SER L 11 -22.72 23.66 -51.87
C SER L 11 -23.89 22.70 -51.66
N SER L 12 -24.82 23.10 -50.80
CA SER L 12 -25.98 22.28 -50.48
C SER L 12 -27.22 23.17 -50.45
N ASP L 13 -28.34 22.59 -50.89
CA ASP L 13 -29.62 23.28 -50.91
C ASP L 13 -30.54 22.86 -49.78
N LYS L 14 -30.09 21.94 -48.92
CA LYS L 14 -30.92 21.38 -47.87
C LYS L 14 -30.59 21.95 -46.49
N THR L 15 -29.85 23.06 -46.43
CA THR L 15 -29.41 23.58 -45.14
C THR L 15 -30.55 24.19 -44.33
N GLN L 16 -31.67 24.53 -44.96
CA GLN L 16 -32.84 25.04 -44.25
C GLN L 16 -33.92 23.98 -44.07
N ASP L 17 -33.61 22.72 -44.37
CA ASP L 17 -34.54 21.63 -44.07
C ASP L 17 -34.86 21.64 -42.58
N ARG L 18 -36.16 21.68 -42.26
CA ARG L 18 -36.60 21.95 -40.91
C ARG L 18 -37.63 20.92 -40.48
N HIS L 19 -37.64 20.62 -39.18
CA HIS L 19 -38.61 19.71 -38.58
C HIS L 19 -39.13 20.31 -37.29
N ASP L 20 -40.41 20.08 -37.02
CA ASP L 20 -41.04 20.60 -35.81
C ASP L 20 -40.46 19.93 -34.57
N PHE L 21 -40.07 20.74 -33.59
CA PHE L 21 -39.63 20.19 -32.32
C PHE L 21 -40.83 19.87 -31.42
N HIS L 22 -41.80 20.77 -31.35
CA HIS L 22 -43.00 20.53 -30.57
C HIS L 22 -43.90 19.52 -31.28
N GLY L 23 -44.72 18.85 -30.50
CA GLY L 23 -45.65 17.86 -31.03
C GLY L 23 -46.02 16.84 -29.98
N GLN L 24 -47.11 16.13 -30.24
CA GLN L 24 -47.55 15.07 -29.33
C GLN L 24 -46.47 14.00 -29.20
N HIS L 25 -45.78 13.68 -30.28
CA HIS L 25 -44.66 12.76 -30.27
C HIS L 25 -43.36 13.54 -30.45
N GLN L 26 -42.28 13.00 -29.88
CA GLN L 26 -40.96 13.53 -30.16
C GLN L 26 -40.58 13.21 -31.60
N SER L 27 -39.95 14.18 -32.26
CA SER L 27 -39.51 13.95 -33.63
C SER L 27 -38.40 12.91 -33.67
N GLY L 28 -38.18 12.35 -34.86
CA GLY L 28 -37.13 11.37 -35.05
C GLY L 28 -37.55 9.93 -34.92
N ILE L 29 -38.85 9.65 -35.00
CA ILE L 29 -39.34 8.27 -34.97
C ILE L 29 -40.17 8.02 -36.22
N VAL L 30 -41.34 8.65 -36.31
CA VAL L 30 -42.11 8.61 -37.55
C VAL L 30 -41.62 9.63 -38.56
N THR L 31 -40.70 10.50 -38.16
CA THR L 31 -40.09 11.44 -39.09
C THR L 31 -39.34 10.67 -40.18
N PRO L 32 -39.46 11.08 -41.44
CA PRO L 32 -38.65 10.46 -42.50
C PRO L 32 -37.17 10.55 -42.16
N ARG L 33 -36.47 9.43 -42.34
CA ARG L 33 -35.08 9.34 -41.89
C ARG L 33 -34.16 10.09 -42.84
N PRO L 34 -33.36 11.02 -42.35
CA PRO L 34 -32.39 11.71 -43.20
C PRO L 34 -31.13 10.86 -43.38
N ALA L 35 -30.15 11.44 -44.07
CA ALA L 35 -28.98 10.67 -44.48
C ALA L 35 -28.05 10.37 -43.31
N ALA L 36 -27.92 11.29 -42.36
CA ALA L 36 -26.94 11.17 -41.29
C ALA L 36 -27.62 10.94 -39.95
N GLY L 37 -27.14 9.94 -39.21
CA GLY L 37 -27.68 9.64 -37.91
C GLY L 37 -26.57 9.39 -36.90
N MET L 38 -26.93 9.54 -35.62
CA MET L 38 -25.98 9.36 -34.54
C MET L 38 -26.74 9.18 -33.24
N LEU L 39 -26.33 8.19 -32.44
CA LEU L 39 -26.95 7.93 -31.15
C LEU L 39 -25.87 7.95 -30.07
N VAL L 40 -26.07 8.79 -29.07
CA VAL L 40 -25.13 8.94 -27.95
C VAL L 40 -25.82 8.50 -26.67
N SER L 41 -25.10 7.74 -25.85
CA SER L 41 -25.59 7.32 -24.54
C SER L 41 -24.85 8.11 -23.46
N PHE L 42 -25.61 8.58 -22.48
CA PHE L 42 -25.07 9.43 -21.42
C PHE L 42 -25.34 8.80 -20.06
N ASP L 43 -24.53 9.20 -19.09
CA ASP L 43 -24.79 8.95 -17.68
C ASP L 43 -25.17 10.27 -17.02
N VAL L 44 -26.32 10.29 -16.35
CA VAL L 44 -26.79 11.50 -15.68
C VAL L 44 -26.00 11.66 -14.39
N LEU L 45 -25.22 12.73 -14.30
CA LEU L 45 -24.40 13.01 -13.13
C LEU L 45 -25.11 13.89 -12.11
N ALA L 46 -26.41 14.09 -12.25
CA ALA L 46 -27.16 14.91 -11.31
C ALA L 46 -27.16 14.29 -9.93
N SER L 47 -27.26 15.14 -8.92
CA SER L 47 -27.26 14.69 -7.52
C SER L 47 -28.64 14.66 -6.90
N ASP L 48 -29.56 15.52 -7.35
CA ASP L 48 -30.89 15.57 -6.78
C ASP L 48 -31.88 15.81 -7.92
N ARG L 49 -33.15 15.99 -7.56
CA ARG L 49 -34.19 16.26 -8.54
C ARG L 49 -34.12 17.68 -9.10
N ASP L 50 -33.44 18.60 -8.41
CA ASP L 50 -33.28 19.95 -8.95
C ASP L 50 -32.30 19.95 -10.12
N ASP L 51 -31.18 19.23 -9.99
CA ASP L 51 -30.25 19.12 -11.11
C ASP L 51 -30.88 18.38 -12.29
N LEU L 52 -31.76 17.41 -12.00
CA LEU L 52 -32.40 16.66 -13.07
C LEU L 52 -33.38 17.55 -13.85
N GLU L 53 -34.11 18.42 -13.16
CA GLU L 53 -35.01 19.34 -13.84
C GLU L 53 -34.21 20.34 -14.68
N ARG L 54 -33.06 20.80 -14.17
CA ARG L 54 -32.23 21.72 -14.94
C ARG L 54 -31.65 21.03 -16.16
N LEU L 55 -31.20 19.78 -16.02
CA LEU L 55 -30.72 19.02 -17.16
C LEU L 55 -31.82 18.86 -18.21
N PHE L 56 -33.04 18.58 -17.77
CA PHE L 56 -34.15 18.41 -18.71
C PHE L 56 -34.49 19.72 -19.40
N ARG L 57 -34.66 20.80 -18.62
CA ARG L 57 -34.98 22.09 -19.21
C ARG L 57 -33.88 22.56 -20.15
N THR L 58 -32.63 22.27 -19.82
CA THR L 58 -31.53 22.64 -20.70
C THR L 58 -31.58 21.85 -22.00
N LEU L 59 -31.83 20.54 -21.91
CA LEU L 59 -31.98 19.72 -23.11
C LEU L 59 -33.11 20.26 -23.99
N ASP L 60 -34.24 20.63 -23.38
CA ASP L 60 -35.37 21.11 -24.14
C ASP L 60 -35.06 22.42 -24.85
N GLN L 61 -34.40 23.35 -24.14
CA GLN L 61 -34.10 24.65 -24.74
C GLN L 61 -33.07 24.51 -25.86
N ARG L 62 -32.10 23.60 -25.71
CA ARG L 62 -31.05 23.47 -26.71
C ARG L 62 -31.55 22.75 -27.96
N ILE L 63 -32.36 21.70 -27.78
CA ILE L 63 -32.86 20.96 -28.94
C ILE L 63 -33.80 21.82 -29.76
N ALA L 64 -34.61 22.65 -29.11
CA ALA L 64 -35.53 23.52 -29.83
C ALA L 64 -34.78 24.52 -30.69
N PHE L 65 -33.67 25.07 -30.18
CA PHE L 65 -32.89 26.02 -30.97
C PHE L 65 -32.13 25.32 -32.09
N LEU L 66 -31.50 24.19 -31.80
CA LEU L 66 -30.70 23.50 -32.81
C LEU L 66 -31.56 22.96 -33.94
N MET L 67 -32.83 22.61 -33.65
CA MET L 67 -33.71 22.12 -34.69
C MET L 67 -34.31 23.23 -35.55
N ARG L 68 -34.29 24.46 -35.06
CA ARG L 68 -34.81 25.61 -35.80
C ARG L 68 -33.72 26.42 -36.47
N GLY L 69 -32.56 26.57 -35.83
CA GLY L 69 -31.47 27.36 -36.37
C GLY L 69 -31.65 28.83 -36.10
N GLY L 70 -30.65 29.60 -36.52
CA GLY L 70 -30.68 31.04 -36.35
C GLY L 70 -29.35 31.61 -35.93
N PRO L 71 -29.29 32.94 -35.79
CA PRO L 71 -28.02 33.58 -35.44
C PRO L 71 -27.61 33.28 -34.00
N VAL L 72 -26.29 33.20 -33.80
CA VAL L 72 -25.69 33.03 -32.49
C VAL L 72 -25.07 34.35 -32.08
N ALA L 73 -25.34 34.78 -30.84
CA ALA L 73 -24.86 36.07 -30.38
C ALA L 73 -23.33 36.11 -30.30
N GLN L 74 -22.76 37.21 -30.76
CA GLN L 74 -21.31 37.45 -30.67
C GLN L 74 -21.07 38.23 -29.38
N VAL L 75 -20.66 37.53 -28.32
CA VAL L 75 -20.54 38.13 -27.00
C VAL L 75 -19.14 38.68 -26.78
N ASP L 76 -18.84 39.06 -25.53
CA ASP L 76 -17.56 39.63 -25.18
C ASP L 76 -16.42 38.70 -25.59
N PRO L 77 -15.42 39.19 -26.33
CA PRO L 77 -14.32 38.30 -26.75
C PRO L 77 -13.51 37.73 -25.60
N LYS L 78 -13.56 38.34 -24.41
CA LYS L 78 -12.86 37.80 -23.26
C LYS L 78 -13.46 36.47 -22.79
N LEU L 79 -14.72 36.21 -23.15
CA LEU L 79 -15.39 34.97 -22.80
C LEU L 79 -15.24 33.94 -23.91
N PRO L 80 -15.39 32.66 -23.60
CA PRO L 80 -15.43 31.65 -24.66
C PRO L 80 -16.63 31.89 -25.55
N PRO L 81 -16.55 31.48 -26.81
CA PRO L 81 -17.70 31.64 -27.72
C PRO L 81 -18.86 30.76 -27.30
N LEU L 82 -20.05 31.20 -27.69
CA LEU L 82 -21.27 30.49 -27.30
C LEU L 82 -21.47 29.22 -28.09
N ASP L 83 -21.07 29.20 -29.36
CA ASP L 83 -21.22 28.06 -30.24
C ASP L 83 -19.85 27.63 -30.74
N SER L 84 -19.75 26.35 -31.11
CA SER L 84 -18.48 25.85 -31.65
C SER L 84 -18.12 26.57 -32.94
N GLY L 85 -19.11 26.98 -33.72
CA GLY L 85 -18.88 27.65 -34.98
C GLY L 85 -18.71 26.74 -36.17
N ILE L 86 -18.90 25.42 -35.98
CA ILE L 86 -18.70 24.47 -37.08
C ILE L 86 -19.61 24.80 -38.25
N LEU L 87 -20.85 25.20 -37.97
CA LEU L 87 -21.79 25.57 -39.01
C LEU L 87 -21.72 27.05 -39.38
N GLY L 88 -20.93 27.85 -38.67
CA GLY L 88 -20.78 29.25 -38.98
C GLY L 88 -21.46 30.16 -37.97
N PRO L 89 -21.51 31.46 -38.29
CA PRO L 89 -22.13 32.41 -37.36
C PRO L 89 -23.62 32.20 -37.18
N VAL L 90 -24.29 31.61 -38.17
CA VAL L 90 -25.72 31.34 -38.11
C VAL L 90 -25.91 29.82 -38.15
N VAL L 91 -26.46 29.27 -37.07
CA VAL L 91 -26.70 27.83 -37.02
C VAL L 91 -27.79 27.46 -38.02
N THR L 92 -27.57 26.37 -38.75
CA THR L 92 -28.51 25.93 -39.77
C THR L 92 -29.21 24.66 -39.34
N PRO L 93 -30.53 24.55 -39.60
CA PRO L 93 -31.26 23.35 -39.15
C PRO L 93 -30.78 22.07 -39.83
N ASP L 94 -30.73 22.06 -41.17
CA ASP L 94 -30.18 20.94 -41.94
C ASP L 94 -30.89 19.63 -41.59
N ASN L 95 -32.21 19.68 -41.46
CA ASN L 95 -33.07 18.52 -41.19
C ASN L 95 -32.81 17.90 -39.83
N LEU L 96 -32.30 18.66 -38.87
CA LEU L 96 -31.91 18.10 -37.59
C LEU L 96 -33.13 17.75 -36.74
N THR L 97 -33.07 16.56 -36.13
CA THR L 97 -33.99 16.17 -35.06
C THR L 97 -33.17 15.52 -33.94
N ILE L 98 -33.56 15.79 -32.70
CA ILE L 98 -32.91 15.22 -31.53
C ILE L 98 -33.96 14.59 -30.64
N THR L 99 -33.78 13.32 -30.29
CA THR L 99 -34.74 12.56 -29.51
C THR L 99 -34.12 12.18 -28.17
N VAL L 100 -34.82 12.52 -27.09
CA VAL L 100 -34.36 12.25 -25.73
C VAL L 100 -35.07 11.00 -25.22
N SER L 101 -34.30 10.06 -24.68
CA SER L 101 -34.84 8.84 -24.12
C SER L 101 -34.11 8.51 -22.83
N VAL L 102 -34.84 7.94 -21.87
CA VAL L 102 -34.31 7.65 -20.55
C VAL L 102 -34.11 6.14 -20.42
N GLY L 103 -33.05 5.76 -19.72
CA GLY L 103 -32.72 4.37 -19.52
C GLY L 103 -33.29 3.81 -18.22
N GLU L 104 -33.09 2.50 -18.04
CA GLU L 104 -33.60 1.84 -16.85
C GLU L 104 -32.91 2.33 -15.58
N SER L 105 -31.61 2.64 -15.68
CA SER L 105 -30.84 3.02 -14.51
C SER L 105 -31.23 4.39 -13.96
N LEU L 106 -31.91 5.22 -14.76
CA LEU L 106 -32.39 6.51 -14.25
C LEU L 106 -33.48 6.34 -13.21
N PHE L 107 -34.19 5.22 -13.23
CA PHE L 107 -35.29 4.96 -12.28
C PHE L 107 -34.83 4.22 -11.04
N ASP L 108 -33.64 4.54 -10.52
CA ASP L 108 -33.19 3.97 -9.26
C ASP L 108 -33.53 4.89 -8.10
N GLU L 109 -32.75 4.79 -7.02
CA GLU L 109 -33.01 5.58 -5.82
C GLU L 109 -32.52 7.02 -5.93
N ARG L 110 -31.87 7.38 -7.04
CA ARG L 110 -31.24 8.70 -7.12
C ARG L 110 -32.28 9.81 -7.22
N PHE L 111 -33.33 9.62 -8.01
CA PHE L 111 -34.29 10.68 -8.30
C PHE L 111 -35.73 10.31 -7.94
N GLY L 112 -35.94 9.18 -7.27
CA GLY L 112 -37.28 8.79 -6.85
C GLY L 112 -38.25 8.58 -7.99
N LEU L 113 -37.77 8.03 -9.11
CA LEU L 113 -38.61 7.74 -10.27
C LEU L 113 -38.99 6.26 -10.36
N GLU L 114 -38.59 5.45 -9.38
CA GLU L 114 -38.74 4.00 -9.50
C GLU L 114 -40.20 3.59 -9.65
N ALA L 115 -41.13 4.35 -9.05
CA ALA L 115 -42.54 3.99 -9.15
C ALA L 115 -43.07 4.23 -10.56
N ALA L 116 -42.60 5.29 -11.23
CA ALA L 116 -43.09 5.65 -12.55
C ALA L 116 -42.32 4.97 -13.67
N LYS L 117 -41.50 3.98 -13.35
CA LYS L 117 -40.68 3.32 -14.37
C LYS L 117 -41.57 2.61 -15.39
N PRO L 118 -41.25 2.70 -16.68
CA PRO L 118 -42.04 1.98 -17.69
C PRO L 118 -42.11 0.49 -17.39
N LYS L 119 -43.25 -0.11 -17.74
CA LYS L 119 -43.53 -1.47 -17.31
C LYS L 119 -42.57 -2.49 -17.90
N ARG L 120 -41.99 -2.19 -19.07
CA ARG L 120 -41.11 -3.14 -19.74
C ARG L 120 -39.77 -2.53 -20.11
N LEU L 121 -39.38 -1.42 -19.49
CA LEU L 121 -38.05 -0.86 -19.67
C LEU L 121 -37.10 -1.59 -18.74
N ILE L 122 -36.26 -2.46 -19.30
CA ILE L 122 -35.32 -3.25 -18.52
C ILE L 122 -33.91 -3.00 -19.03
N ARG L 123 -32.94 -3.38 -18.21
CA ARG L 123 -31.55 -3.34 -18.64
C ARG L 123 -31.30 -4.42 -19.69
N MET L 124 -30.48 -4.09 -20.69
CA MET L 124 -30.24 -5.01 -21.78
C MET L 124 -29.38 -6.17 -21.33
N VAL L 125 -29.78 -7.39 -21.70
CA VAL L 125 -29.00 -8.59 -21.43
C VAL L 125 -28.62 -9.21 -22.78
N GLY L 126 -27.54 -10.00 -22.74
CA GLY L 126 -26.99 -10.53 -23.98
C GLY L 126 -27.85 -11.66 -24.54
N PHE L 127 -27.92 -11.70 -25.86
CA PHE L 127 -28.53 -12.79 -26.62
C PHE L 127 -27.46 -13.79 -27.03
N PRO L 128 -27.85 -15.00 -27.42
CA PRO L 128 -26.83 -16.05 -27.68
C PRO L 128 -25.69 -15.62 -28.60
N ASN L 129 -25.99 -14.98 -29.72
CA ASN L 129 -24.95 -14.58 -30.66
C ASN L 129 -24.17 -13.35 -30.22
N ASP L 130 -24.59 -12.69 -29.14
CA ASP L 130 -23.99 -11.42 -28.77
C ASP L 130 -22.58 -11.61 -28.22
N ALA L 131 -21.79 -10.55 -28.34
CA ALA L 131 -20.50 -10.43 -27.67
C ALA L 131 -20.41 -9.02 -27.09
N LEU L 132 -21.28 -8.73 -26.13
CA LEU L 132 -21.47 -7.37 -25.64
C LEU L 132 -20.21 -6.87 -24.93
N GLU L 133 -19.91 -5.59 -25.15
CA GLU L 133 -18.82 -4.92 -24.45
C GLU L 133 -19.42 -3.93 -23.46
N PRO L 134 -19.09 -4.04 -22.16
CA PRO L 134 -19.72 -3.15 -21.18
C PRO L 134 -19.53 -1.67 -21.46
N ALA L 135 -18.39 -1.28 -22.03
CA ALA L 135 -18.13 0.12 -22.34
C ALA L 135 -18.95 0.63 -23.52
N CYS L 136 -19.84 -0.18 -24.09
CA CYS L 136 -20.64 0.21 -25.23
C CYS L 136 -22.10 -0.17 -25.04
N CYS L 137 -22.56 -0.28 -23.80
CA CYS L 137 -23.91 -0.75 -23.53
C CYS L 137 -24.56 0.12 -22.46
N HIS L 138 -25.90 0.16 -22.51
CA HIS L 138 -26.75 0.79 -21.50
C HIS L 138 -26.44 2.27 -21.29
N GLY L 139 -26.91 2.82 -20.18
CA GLY L 139 -26.74 4.23 -19.87
C GLY L 139 -27.98 4.83 -19.23
N ASP L 140 -27.85 6.03 -18.66
CA ASP L 140 -28.99 6.68 -18.03
C ASP L 140 -29.86 7.42 -19.04
N LEU L 141 -29.26 7.97 -20.09
CA LEU L 141 -29.98 8.79 -21.05
C LEU L 141 -29.36 8.61 -22.43
N SER L 142 -30.21 8.61 -23.45
CA SER L 142 -29.76 8.46 -24.83
C SER L 142 -30.28 9.62 -25.68
N LEU L 143 -29.46 10.07 -26.61
CA LEU L 143 -29.82 11.14 -27.52
C LEU L 143 -29.61 10.66 -28.95
N GLN L 144 -30.64 10.78 -29.77
CA GLN L 144 -30.59 10.37 -31.18
C GLN L 144 -30.54 11.63 -32.05
N PHE L 145 -29.39 11.88 -32.66
CA PHE L 145 -29.20 13.00 -33.58
C PHE L 145 -29.38 12.49 -35.00
N CYS L 146 -30.22 13.18 -35.77
CA CYS L 146 -30.44 12.85 -37.17
C CYS L 146 -30.52 14.14 -37.97
N SER L 147 -29.82 14.18 -39.10
CA SER L 147 -29.82 15.35 -39.97
C SER L 147 -29.30 14.93 -41.34
N ASN L 148 -29.05 15.93 -42.20
CA ASN L 148 -28.57 15.65 -43.55
C ASN L 148 -27.09 15.30 -43.59
N THR L 149 -26.29 15.87 -42.67
CA THR L 149 -24.85 15.68 -42.69
C THR L 149 -24.35 15.35 -41.28
N ALA L 150 -23.20 14.65 -41.24
CA ALA L 150 -22.62 14.29 -39.95
C ALA L 150 -22.13 15.52 -39.20
N ASP L 151 -21.60 16.52 -39.93
CA ASP L 151 -21.10 17.72 -39.29
C ASP L 151 -22.21 18.48 -38.57
N THR L 152 -23.44 18.44 -39.11
CA THR L 152 -24.56 19.06 -38.41
C THR L 152 -24.87 18.32 -37.11
N ASN L 153 -24.82 16.98 -37.14
CA ASN L 153 -25.00 16.20 -35.93
C ASN L 153 -23.90 16.49 -34.92
N ILE L 154 -22.65 16.58 -35.38
CA ILE L 154 -21.53 16.80 -34.48
C ILE L 154 -21.62 18.18 -33.84
N HIS L 155 -22.03 19.19 -34.61
CA HIS L 155 -22.24 20.51 -34.03
C HIS L 155 -23.31 20.47 -32.95
N ALA L 156 -24.36 19.68 -33.16
CA ALA L 156 -25.43 19.58 -32.17
C ALA L 156 -24.91 18.96 -30.87
N LEU L 157 -24.15 17.87 -30.99
CA LEU L 157 -23.63 17.20 -29.79
C LEU L 157 -22.64 18.09 -29.05
N ARG L 158 -21.73 18.74 -29.78
CA ARG L 158 -20.80 19.67 -29.16
C ARG L 158 -21.55 20.78 -28.43
N ASP L 159 -22.70 21.19 -28.96
CA ASP L 159 -23.52 22.19 -28.28
C ASP L 159 -24.12 21.62 -27.00
N ILE L 160 -24.50 20.35 -27.00
CA ILE L 160 -25.11 19.75 -25.82
C ILE L 160 -24.08 19.61 -24.70
N VAL L 161 -22.93 19.00 -25.02
CA VAL L 161 -21.92 18.77 -23.98
C VAL L 161 -21.29 20.07 -23.50
N LYS L 162 -21.34 21.13 -24.29
CA LYS L 162 -20.82 22.42 -23.83
C LYS L 162 -21.75 23.04 -22.80
N ASN L 163 -23.06 22.94 -23.02
CA ASN L 163 -24.05 23.53 -22.13
C ASN L 163 -24.39 22.63 -20.94
N LEU L 164 -23.99 21.36 -20.98
CA LEU L 164 -24.19 20.44 -19.85
C LEU L 164 -22.88 19.70 -19.56
N PRO L 165 -21.81 20.43 -19.20
CA PRO L 165 -20.53 19.77 -18.99
C PRO L 165 -20.44 18.99 -17.69
N ASP L 166 -21.25 19.33 -16.68
CA ASP L 166 -21.21 18.65 -15.39
C ASP L 166 -22.39 17.72 -15.15
N LEU L 167 -23.49 17.88 -15.88
CA LEU L 167 -24.67 17.06 -15.66
C LEU L 167 -24.73 15.83 -16.54
N LEU L 168 -23.96 15.78 -17.62
CA LEU L 168 -23.96 14.65 -18.53
C LEU L 168 -22.55 14.14 -18.75
N LEU L 169 -22.41 12.82 -18.84
CA LEU L 169 -21.13 12.18 -19.14
C LEU L 169 -21.33 11.26 -20.33
N VAL L 170 -20.64 11.56 -21.44
CA VAL L 170 -20.76 10.75 -22.64
C VAL L 170 -20.24 9.35 -22.36
N ARG L 171 -21.10 8.35 -22.53
CA ARG L 171 -20.76 6.97 -22.21
C ARG L 171 -20.23 6.23 -23.44
N TRP L 172 -21.08 6.07 -24.46
CA TRP L 172 -20.65 5.48 -25.72
C TRP L 172 -21.41 6.16 -26.86
N LYS L 173 -20.87 6.04 -28.06
CA LYS L 173 -21.39 6.76 -29.21
C LYS L 173 -21.20 5.92 -30.46
N GLN L 174 -22.06 6.15 -31.45
CA GLN L 174 -21.95 5.49 -32.74
C GLN L 174 -22.67 6.32 -33.79
N GLU L 175 -21.92 6.80 -34.77
CA GLU L 175 -22.50 7.55 -35.88
C GLU L 175 -22.82 6.60 -37.04
N GLY L 176 -23.74 7.04 -37.91
CA GLY L 176 -24.18 6.22 -39.01
C GLY L 176 -24.66 7.06 -40.17
N SER L 177 -24.94 6.38 -41.28
CA SER L 177 -25.42 7.03 -42.48
C SER L 177 -26.20 6.03 -43.32
N VAL L 178 -27.02 6.56 -44.23
CA VAL L 178 -27.75 5.74 -45.18
C VAL L 178 -27.50 6.33 -46.57
N PRO L 179 -27.42 5.51 -47.61
CA PRO L 179 -27.08 6.02 -48.95
C PRO L 179 -28.29 6.64 -49.62
N PRO L 180 -28.21 7.92 -49.97
CA PRO L 180 -29.30 8.54 -50.73
C PRO L 180 -29.31 8.05 -52.17
N GLN L 181 -30.49 8.15 -52.79
CA GLN L 181 -30.68 7.70 -54.16
C GLN L 181 -31.23 8.83 -55.01
N ALA L 182 -31.10 8.65 -56.33
CA ALA L 182 -31.68 9.59 -57.27
C ALA L 182 -33.19 9.63 -57.12
N PRO L 183 -33.83 10.73 -57.51
CA PRO L 183 -35.29 10.80 -57.42
C PRO L 183 -35.95 9.74 -58.27
N ALA L 184 -36.99 9.13 -57.73
CA ALA L 184 -37.78 8.15 -58.46
C ALA L 184 -38.70 8.88 -59.44
N LYS L 185 -39.61 8.14 -60.07
CA LYS L 185 -40.57 8.78 -60.96
C LYS L 185 -41.49 9.70 -60.15
N PRO L 186 -41.90 10.83 -60.71
CA PRO L 186 -42.75 11.77 -59.96
C PRO L 186 -44.05 11.11 -59.51
N GLY L 187 -44.45 11.41 -58.29
CA GLY L 187 -45.65 10.84 -57.74
C GLY L 187 -45.55 9.35 -57.41
N GLU L 188 -44.33 8.83 -57.31
CA GLU L 188 -44.11 7.43 -56.98
C GLU L 188 -43.19 7.32 -55.78
N PRO L 189 -43.37 6.29 -54.95
CA PRO L 189 -42.59 6.20 -53.71
C PRO L 189 -41.13 5.93 -53.98
N ALA L 190 -40.28 6.43 -53.09
CA ALA L 190 -38.86 6.16 -53.15
C ALA L 190 -38.55 4.79 -52.55
N GLN L 191 -37.41 4.23 -52.95
CA GLN L 191 -36.99 2.94 -52.43
C GLN L 191 -36.51 3.09 -50.99
N SER L 192 -36.73 2.04 -50.21
CA SER L 192 -36.14 1.98 -48.87
C SER L 192 -34.64 1.86 -48.98
N ALA L 193 -33.92 2.56 -48.09
CA ALA L 193 -32.47 2.62 -48.17
C ALA L 193 -31.86 1.24 -47.96
N ARG L 194 -30.59 1.12 -48.34
CA ARG L 194 -29.87 -0.14 -48.30
C ARG L 194 -28.85 -0.13 -47.18
N ASN L 195 -28.62 -1.32 -46.60
CA ASN L 195 -27.65 -1.49 -45.53
C ASN L 195 -26.32 -1.97 -46.12
N PHE L 196 -25.34 -2.17 -45.26
CA PHE L 196 -24.00 -2.56 -45.69
C PHE L 196 -23.91 -4.03 -46.09
N LEU L 197 -25.02 -4.77 -46.01
CA LEU L 197 -25.09 -6.10 -46.60
C LEU L 197 -25.61 -6.07 -48.04
N GLY L 198 -26.00 -4.88 -48.53
CA GLY L 198 -26.41 -4.70 -49.90
C GLY L 198 -27.91 -4.71 -50.12
N PHE L 199 -28.68 -5.20 -49.16
CA PHE L 199 -30.12 -5.34 -49.31
C PHE L 199 -30.84 -4.07 -48.85
N ARG L 200 -32.06 -3.89 -49.37
CA ARG L 200 -32.91 -2.81 -48.90
C ARG L 200 -33.35 -3.09 -47.47
N ASP L 201 -33.41 -2.03 -46.67
CA ASP L 201 -33.66 -2.15 -45.23
C ASP L 201 -34.86 -1.30 -44.86
N GLY L 202 -35.96 -1.95 -44.50
CA GLY L 202 -37.18 -1.26 -44.12
C GLY L 202 -38.35 -1.42 -45.08
N SER L 203 -38.34 -2.44 -45.94
CA SER L 203 -39.39 -2.59 -46.93
C SER L 203 -40.72 -2.94 -46.27
N ALA L 204 -40.71 -3.85 -45.30
CA ALA L 204 -41.92 -4.32 -44.64
C ALA L 204 -42.25 -3.53 -43.38
N ASN L 205 -41.67 -2.34 -43.22
CA ASN L 205 -41.99 -1.51 -42.07
C ASN L 205 -43.48 -1.15 -42.11
N PRO L 206 -44.14 -1.06 -40.95
CA PRO L 206 -45.54 -0.64 -40.94
C PRO L 206 -45.71 0.76 -41.51
N ASP L 207 -46.88 1.02 -42.07
CA ASP L 207 -47.17 2.31 -42.70
C ASP L 207 -47.05 3.44 -41.70
N SER L 208 -45.97 4.21 -41.76
CA SER L 208 -45.78 5.35 -40.87
C SER L 208 -46.72 6.50 -41.18
N ASN L 209 -47.57 6.39 -42.20
CA ASN L 209 -48.60 7.37 -42.49
C ASN L 209 -49.96 6.98 -41.93
N ASP L 210 -50.10 5.77 -41.41
CA ASP L 210 -51.35 5.33 -40.81
C ASP L 210 -51.31 5.65 -39.32
N PRO L 211 -52.12 6.60 -38.83
CA PRO L 211 -52.04 6.94 -37.41
C PRO L 211 -52.48 5.82 -36.49
N LYS L 212 -53.50 5.04 -36.89
CA LYS L 212 -53.94 3.93 -36.07
C LYS L 212 -52.89 2.83 -36.01
N ALA L 213 -52.15 2.61 -37.09
CA ALA L 213 -51.08 1.62 -37.07
C ALA L 213 -49.99 2.01 -36.08
N MET L 214 -49.57 3.27 -36.10
CA MET L 214 -48.55 3.73 -35.16
C MET L 214 -49.09 3.78 -33.74
N GLN L 215 -50.39 4.03 -33.58
CA GLN L 215 -50.97 4.08 -32.24
C GLN L 215 -50.92 2.72 -31.55
N GLN L 216 -51.07 1.63 -32.31
CA GLN L 216 -51.09 0.30 -31.73
C GLN L 216 -49.73 -0.40 -31.75
N ILE L 217 -48.73 0.17 -32.43
CA ILE L 217 -47.43 -0.47 -32.60
C ILE L 217 -46.31 0.33 -31.96
N VAL L 218 -46.30 1.65 -32.14
CA VAL L 218 -45.18 2.48 -31.75
C VAL L 218 -45.48 3.28 -30.48
N TRP L 219 -46.64 3.92 -30.41
CA TRP L 219 -46.92 4.88 -29.36
C TRP L 219 -47.66 4.23 -28.20
N VAL L 220 -47.17 4.47 -26.98
CA VAL L 220 -47.90 4.07 -25.79
C VAL L 220 -49.17 4.89 -25.69
N GLN L 221 -50.31 4.21 -25.54
CA GLN L 221 -51.57 4.92 -25.54
C GLN L 221 -52.04 5.22 -24.12
N PRO L 222 -52.79 6.30 -23.93
CA PRO L 222 -53.42 6.52 -22.63
C PRO L 222 -54.52 5.50 -22.39
N GLY L 223 -54.54 4.95 -21.17
CA GLY L 223 -55.45 3.88 -20.84
C GLY L 223 -54.83 2.50 -20.84
N SER L 224 -53.55 2.39 -21.21
CA SER L 224 -52.86 1.12 -21.17
C SER L 224 -52.31 0.88 -19.76
N ASP L 225 -51.63 -0.26 -19.58
CA ASP L 225 -51.08 -0.60 -18.28
C ASP L 225 -49.87 0.24 -17.90
N GLU L 226 -49.33 1.02 -18.84
CA GLU L 226 -48.21 1.88 -18.54
C GLU L 226 -48.65 3.07 -17.70
N PRO L 227 -47.74 3.66 -16.93
CA PRO L 227 -48.09 4.86 -16.15
C PRO L 227 -48.58 5.98 -17.06
N ALA L 228 -49.44 6.84 -16.49
CA ALA L 228 -50.10 7.86 -17.30
C ALA L 228 -49.12 8.86 -17.89
N TRP L 229 -48.01 9.13 -17.20
CA TRP L 229 -47.04 10.09 -17.72
C TRP L 229 -46.44 9.61 -19.04
N ALA L 230 -46.32 8.30 -19.23
CA ALA L 230 -45.62 7.72 -20.37
C ALA L 230 -46.48 7.69 -21.64
N ALA L 231 -47.67 8.26 -21.61
CA ALA L 231 -48.51 8.28 -22.81
C ALA L 231 -47.80 9.03 -23.93
N HIS L 232 -48.05 8.56 -25.17
CA HIS L 232 -47.47 9.13 -26.39
C HIS L 232 -45.95 8.98 -26.44
N GLY L 233 -45.39 8.10 -25.60
CA GLY L 233 -44.00 7.74 -25.68
C GLY L 233 -43.78 6.45 -26.44
N SER L 234 -42.55 5.97 -26.41
CA SER L 234 -42.20 4.74 -27.12
C SER L 234 -40.92 4.16 -26.56
N TYR L 235 -40.80 2.84 -26.66
CA TYR L 235 -39.59 2.14 -26.26
C TYR L 235 -38.59 2.14 -27.41
N GLN L 236 -37.35 2.54 -27.13
CA GLN L 236 -36.29 2.58 -28.12
C GLN L 236 -35.27 1.51 -27.82
N ALA L 237 -34.97 0.67 -28.82
CA ALA L 237 -33.96 -0.37 -28.70
C ALA L 237 -32.82 -0.08 -29.66
N VAL L 238 -31.59 -0.11 -29.13
CA VAL L 238 -30.39 0.18 -29.91
C VAL L 238 -29.50 -1.06 -29.91
N ARG L 239 -28.96 -1.39 -31.08
CA ARG L 239 -28.08 -2.54 -31.23
C ARG L 239 -26.98 -2.20 -32.21
N ILE L 240 -25.74 -2.18 -31.74
CA ILE L 240 -24.57 -1.98 -32.61
C ILE L 240 -24.19 -3.36 -33.13
N ILE L 241 -24.69 -3.71 -34.30
CA ILE L 241 -24.50 -5.03 -34.89
C ILE L 241 -23.45 -4.93 -35.97
N ARG L 242 -22.38 -5.72 -35.85
CA ARG L 242 -21.30 -5.73 -36.81
C ARG L 242 -21.61 -6.69 -37.96
N ASN L 243 -21.06 -6.38 -39.13
CA ASN L 243 -21.18 -7.22 -40.30
C ASN L 243 -19.79 -7.72 -40.72
N PHE L 244 -19.65 -9.03 -40.85
CA PHE L 244 -18.43 -9.61 -41.40
C PHE L 244 -18.54 -9.55 -42.92
N VAL L 245 -18.21 -8.38 -43.46
CA VAL L 245 -18.53 -8.06 -44.84
C VAL L 245 -17.69 -8.88 -45.82
N GLU L 246 -16.46 -9.23 -45.45
CA GLU L 246 -15.64 -10.05 -46.33
C GLU L 246 -16.21 -11.44 -46.49
N ARG L 247 -16.65 -12.05 -45.39
CA ARG L 247 -17.35 -13.33 -45.47
C ARG L 247 -18.67 -13.18 -46.24
N TRP L 248 -19.35 -12.05 -46.04
CA TRP L 248 -20.61 -11.81 -46.75
C TRP L 248 -20.37 -11.62 -48.24
N ASP L 249 -19.35 -10.84 -48.61
CA ASP L 249 -19.06 -10.62 -50.02
C ASP L 249 -18.58 -11.87 -50.73
N ARG L 250 -18.04 -12.84 -50.00
CA ARG L 250 -17.65 -14.13 -50.57
C ARG L 250 -18.79 -15.12 -50.62
N THR L 251 -19.91 -14.84 -49.95
CA THR L 251 -21.05 -15.74 -49.90
C THR L 251 -21.82 -15.70 -51.22
N PRO L 252 -22.21 -16.84 -51.76
CA PRO L 252 -22.98 -16.86 -53.01
C PRO L 252 -24.25 -16.02 -52.89
N LEU L 253 -24.66 -15.45 -54.03
CA LEU L 253 -25.83 -14.57 -54.04
C LEU L 253 -27.09 -15.34 -53.69
N GLN L 254 -27.22 -16.59 -54.16
CA GLN L 254 -28.39 -17.38 -53.85
C GLN L 254 -28.47 -17.70 -52.36
N GLU L 255 -27.32 -17.79 -51.68
CA GLU L 255 -27.32 -17.99 -50.23
C GLU L 255 -27.51 -16.68 -49.49
N GLN L 256 -27.05 -15.57 -50.06
CA GLN L 256 -27.33 -14.26 -49.49
C GLN L 256 -28.82 -13.98 -49.47
N GLU L 257 -29.50 -14.27 -50.58
CA GLU L 257 -30.94 -14.04 -50.65
C GLU L 257 -31.70 -15.07 -49.83
N SER L 258 -31.22 -16.31 -49.79
CA SER L 258 -31.91 -17.36 -49.04
C SER L 258 -31.94 -17.04 -47.55
N ILE L 259 -30.86 -16.48 -47.02
CA ILE L 259 -30.80 -16.15 -45.61
C ILE L 259 -31.73 -14.99 -45.30
N ILE L 260 -31.71 -13.95 -46.13
CA ILE L 260 -32.52 -12.77 -45.87
C ILE L 260 -34.00 -13.06 -46.13
N GLY L 261 -34.30 -13.73 -47.23
CA GLY L 261 -35.67 -13.91 -47.66
C GLY L 261 -36.14 -12.91 -48.69
N ARG L 262 -35.23 -12.14 -49.28
CA ARG L 262 -35.59 -11.13 -50.28
C ARG L 262 -34.58 -11.20 -51.42
N ILE L 263 -35.04 -10.80 -52.61
CA ILE L 263 -34.15 -10.69 -53.76
C ILE L 263 -33.34 -9.41 -53.62
N LYS L 264 -32.02 -9.51 -53.81
CA LYS L 264 -31.14 -8.40 -53.50
C LYS L 264 -31.39 -7.20 -54.42
N THR L 265 -31.48 -7.45 -55.73
CA THR L 265 -31.60 -6.34 -56.68
C THR L 265 -32.94 -5.63 -56.53
N SER L 266 -34.04 -6.37 -56.58
CA SER L 266 -35.37 -5.77 -56.58
C SER L 266 -35.94 -5.53 -55.19
N GLY L 267 -35.38 -6.17 -54.17
CA GLY L 267 -35.99 -6.09 -52.85
C GLY L 267 -37.32 -6.79 -52.73
N ALA L 268 -37.65 -7.65 -53.68
CA ALA L 268 -38.92 -8.33 -53.76
C ALA L 268 -38.91 -9.60 -52.93
N PRO L 269 -40.08 -10.06 -52.49
CA PRO L 269 -40.15 -11.37 -51.83
C PRO L 269 -39.83 -12.48 -52.81
N MET L 270 -39.63 -13.68 -52.26
CA MET L 270 -39.26 -14.83 -53.08
C MET L 270 -40.34 -15.18 -54.09
N ASP L 271 -41.62 -14.99 -53.73
CA ASP L 271 -42.74 -15.27 -54.61
C ASP L 271 -43.28 -14.01 -55.28
N GLY L 272 -42.54 -12.90 -55.23
CA GLY L 272 -43.02 -11.66 -55.79
C GLY L 272 -42.08 -11.03 -56.79
N GLN L 273 -42.41 -9.82 -57.24
CA GLN L 273 -41.60 -9.10 -58.22
C GLN L 273 -41.22 -7.70 -57.80
N LYS L 274 -41.94 -7.07 -56.88
CA LYS L 274 -41.66 -5.70 -56.45
C LYS L 274 -41.34 -5.68 -54.97
N GLU L 275 -40.70 -4.59 -54.53
CA GLU L 275 -40.31 -4.46 -53.13
C GLU L 275 -41.52 -4.24 -52.23
N SER L 276 -42.54 -3.54 -52.72
CA SER L 276 -43.73 -3.27 -51.93
C SER L 276 -44.62 -4.49 -51.73
N GLN L 277 -44.21 -5.65 -52.21
CA GLN L 277 -44.99 -6.87 -52.05
C GLN L 277 -44.60 -7.59 -50.75
N VAL L 278 -45.42 -8.58 -50.38
CA VAL L 278 -45.19 -9.36 -49.18
C VAL L 278 -45.33 -10.84 -49.52
N PRO L 279 -44.63 -11.74 -48.85
CA PRO L 279 -44.76 -13.16 -49.18
C PRO L 279 -46.06 -13.74 -48.65
N ASP L 280 -46.42 -14.88 -49.21
CA ASP L 280 -47.61 -15.63 -48.80
C ASP L 280 -47.13 -16.91 -48.14
N TYR L 281 -46.88 -16.85 -46.83
CA TYR L 281 -46.43 -18.02 -46.09
C TYR L 281 -47.51 -19.08 -45.98
N ALA L 282 -48.77 -18.74 -46.25
CA ALA L 282 -49.85 -19.72 -46.15
C ALA L 282 -49.79 -20.73 -47.30
N ARG L 283 -49.24 -20.33 -48.44
CA ARG L 283 -49.04 -21.26 -49.56
C ARG L 283 -47.68 -21.93 -49.54
N ASP L 284 -46.83 -21.57 -48.58
CA ASP L 284 -45.53 -22.22 -48.38
C ASP L 284 -45.42 -22.65 -46.92
N PRO L 285 -46.13 -23.71 -46.53
CA PRO L 285 -46.11 -24.14 -45.12
C PRO L 285 -44.75 -24.66 -44.67
N HIS L 286 -43.85 -24.96 -45.59
CA HIS L 286 -42.62 -25.69 -45.31
C HIS L 286 -41.36 -24.95 -45.74
N GLY L 287 -41.49 -23.73 -46.24
CA GLY L 287 -40.32 -22.94 -46.61
C GLY L 287 -39.65 -23.37 -47.90
N LYS L 288 -40.42 -23.68 -48.93
CA LYS L 288 -39.80 -23.99 -50.22
C LYS L 288 -39.44 -22.72 -50.99
N VAL L 289 -40.35 -21.74 -51.02
CA VAL L 289 -40.04 -20.48 -51.69
C VAL L 289 -39.31 -19.51 -50.76
N THR L 290 -39.75 -19.41 -49.50
CA THR L 290 -39.10 -18.58 -48.49
C THR L 290 -38.75 -19.47 -47.31
N LYS L 291 -37.46 -19.68 -47.08
CA LYS L 291 -37.00 -20.65 -46.09
C LYS L 291 -37.53 -20.30 -44.69
N LEU L 292 -37.54 -21.31 -43.82
CA LEU L 292 -38.07 -21.15 -42.48
C LEU L 292 -37.05 -20.57 -41.50
N ASP L 293 -35.76 -20.70 -41.78
CA ASP L 293 -34.74 -19.99 -41.01
C ASP L 293 -34.41 -18.63 -41.63
N ALA L 294 -35.16 -18.21 -42.65
CA ALA L 294 -34.93 -16.91 -43.27
C ALA L 294 -35.15 -15.80 -42.26
N HIS L 295 -34.44 -14.69 -42.47
CA HIS L 295 -34.45 -13.60 -41.50
C HIS L 295 -35.83 -12.95 -41.40
N ILE L 296 -36.50 -12.75 -42.53
CA ILE L 296 -37.79 -12.06 -42.50
C ILE L 296 -38.91 -12.97 -42.02
N ARG L 297 -38.83 -14.27 -42.29
CA ARG L 297 -39.86 -15.18 -41.82
C ARG L 297 -39.77 -15.39 -40.32
N LEU L 298 -38.56 -15.40 -39.75
CA LEU L 298 -38.42 -15.49 -38.31
C LEU L 298 -38.80 -14.19 -37.62
N ALA L 299 -38.55 -13.05 -38.26
CA ALA L 299 -38.85 -11.76 -37.64
C ALA L 299 -40.33 -11.43 -37.68
N ASN L 300 -41.06 -11.94 -38.67
CA ASN L 300 -42.50 -11.70 -38.78
C ASN L 300 -43.12 -12.90 -39.48
N PRO L 301 -43.66 -13.86 -38.70
CA PRO L 301 -44.36 -15.00 -39.32
C PRO L 301 -45.58 -14.59 -40.14
N ARG L 302 -46.01 -13.33 -40.06
CA ARG L 302 -47.19 -12.83 -40.79
C ARG L 302 -48.42 -13.66 -40.46
N THR L 303 -48.58 -13.99 -39.18
CA THR L 303 -49.76 -14.65 -38.65
C THR L 303 -50.53 -13.68 -37.78
N ALA L 304 -51.80 -14.02 -37.53
CA ALA L 304 -52.65 -13.14 -36.74
C ALA L 304 -52.14 -12.95 -35.31
N GLN L 305 -51.25 -13.83 -34.84
CA GLN L 305 -50.70 -13.72 -33.49
C GLN L 305 -49.32 -13.10 -33.46
N SER L 306 -48.66 -12.93 -34.60
CA SER L 306 -47.39 -12.23 -34.68
C SER L 306 -47.56 -10.76 -34.98
N GLN L 307 -48.80 -10.24 -34.93
CA GLN L 307 -49.04 -8.84 -35.24
C GLN L 307 -48.73 -7.92 -34.07
N GLN L 308 -48.92 -8.40 -32.84
CA GLN L 308 -48.48 -7.61 -31.69
C GLN L 308 -46.96 -7.55 -31.56
N ASN L 309 -46.24 -8.20 -32.47
CA ASN L 309 -44.78 -8.21 -32.47
C ASN L 309 -44.19 -7.34 -33.57
N LEU L 310 -44.98 -6.48 -34.19
CA LEU L 310 -44.47 -5.58 -35.21
C LEU L 310 -43.64 -4.47 -34.57
N ILE L 311 -42.62 -4.01 -35.29
CA ILE L 311 -41.75 -2.95 -34.83
C ILE L 311 -41.54 -1.96 -35.97
N LEU L 312 -41.13 -0.75 -35.61
CA LEU L 312 -40.77 0.28 -36.57
C LEU L 312 -39.25 0.44 -36.55
N ARG L 313 -38.60 -0.05 -37.61
CA ARG L 313 -37.15 -0.03 -37.69
C ARG L 313 -36.68 1.27 -38.34
N ARG L 314 -35.63 1.87 -37.78
CA ARG L 314 -35.09 3.13 -38.26
C ARG L 314 -33.58 3.13 -38.06
N PRO L 315 -32.85 2.30 -38.82
CA PRO L 315 -31.42 2.13 -38.56
C PRO L 315 -30.53 3.03 -39.40
N PHE L 316 -29.23 2.94 -39.14
CA PHE L 316 -28.20 3.59 -39.95
C PHE L 316 -27.06 2.60 -40.16
N ASN L 317 -26.30 2.84 -41.22
CA ASN L 317 -25.11 2.03 -41.51
C ASN L 317 -23.90 2.72 -40.88
N TYR L 318 -23.20 2.01 -40.00
CA TYR L 318 -22.03 2.54 -39.32
C TYR L 318 -20.75 1.96 -39.92
N SER L 319 -19.68 2.75 -39.86
CA SER L 319 -18.38 2.34 -40.36
C SER L 319 -17.32 2.89 -39.41
N ASN L 320 -16.65 2.00 -38.68
CA ASN L 320 -15.59 2.41 -37.77
C ASN L 320 -14.22 2.11 -38.38
N GLY L 321 -13.32 1.56 -37.57
CA GLY L 321 -11.96 1.29 -38.01
C GLY L 321 -11.78 -0.12 -38.55
N VAL L 322 -10.59 -0.66 -38.29
CA VAL L 322 -10.20 -1.97 -38.79
C VAL L 322 -9.61 -2.76 -37.64
N ASN L 323 -10.04 -4.01 -37.49
CA ASN L 323 -9.51 -4.86 -36.44
C ASN L 323 -8.07 -5.26 -36.74
N LYS L 324 -7.39 -5.76 -35.71
CA LYS L 324 -6.03 -6.26 -35.89
C LYS L 324 -5.96 -7.40 -36.90
N ASN L 325 -7.07 -8.09 -37.13
CA ASN L 325 -7.18 -9.16 -38.13
C ASN L 325 -7.05 -8.61 -39.55
N GLY L 326 -6.97 -7.31 -39.73
CA GLY L 326 -7.03 -6.70 -41.04
C GLY L 326 -8.41 -6.57 -41.62
N GLN L 327 -9.42 -7.16 -40.98
CA GLN L 327 -10.79 -7.11 -41.44
C GLN L 327 -11.40 -5.74 -41.16
N LEU L 328 -12.44 -5.41 -41.94
CA LEU L 328 -13.13 -4.15 -41.80
C LEU L 328 -14.25 -4.26 -40.78
N ASP L 329 -14.45 -3.20 -40.00
CA ASP L 329 -15.46 -3.15 -38.95
C ASP L 329 -16.55 -2.18 -39.39
N MET L 330 -17.59 -2.71 -40.03
CA MET L 330 -18.80 -1.98 -40.34
C MET L 330 -19.99 -2.84 -39.97
N GLY L 331 -21.19 -2.29 -40.14
CA GLY L 331 -22.39 -3.05 -39.82
C GLY L 331 -23.61 -2.15 -39.78
N LEU L 332 -24.56 -2.54 -38.95
CA LEU L 332 -25.86 -1.87 -38.86
C LEU L 332 -26.03 -1.26 -37.48
N LEU L 333 -26.22 0.06 -37.43
CA LEU L 333 -26.64 0.74 -36.21
C LEU L 333 -28.14 0.53 -36.09
N PHE L 334 -28.53 -0.56 -35.44
CA PHE L 334 -29.93 -0.94 -35.37
C PHE L 334 -30.65 -0.11 -34.31
N ILE L 335 -31.65 0.64 -34.75
CA ILE L 335 -32.53 1.41 -33.86
C ILE L 335 -33.97 1.10 -34.25
N CYS L 336 -34.78 0.67 -33.29
CA CYS L 336 -36.17 0.35 -33.55
C CYS L 336 -37.02 0.84 -32.38
N TYR L 337 -38.25 1.25 -32.70
CA TYR L 337 -39.18 1.78 -31.73
C TYR L 337 -40.44 0.93 -31.67
N GLN L 338 -41.03 0.85 -30.48
CA GLN L 338 -42.20 0.02 -30.27
C GLN L 338 -42.89 0.47 -28.98
N ALA L 339 -44.21 0.34 -28.96
CA ALA L 339 -44.98 0.68 -27.76
C ALA L 339 -44.79 -0.33 -26.64
N ASP L 340 -44.28 -1.52 -26.97
CA ASP L 340 -44.10 -2.59 -25.98
C ASP L 340 -42.75 -3.24 -26.28
N LEU L 341 -41.75 -2.94 -25.46
CA LEU L 341 -40.41 -3.47 -25.69
C LEU L 341 -40.39 -4.99 -25.63
N GLU L 342 -41.24 -5.59 -24.79
CA GLU L 342 -41.28 -7.05 -24.68
C GLU L 342 -41.90 -7.67 -25.94
N LYS L 343 -43.06 -7.18 -26.34
CA LYS L 343 -43.68 -7.67 -27.57
C LYS L 343 -42.90 -7.26 -28.81
N GLY L 344 -42.17 -6.15 -28.73
CA GLY L 344 -41.45 -5.63 -29.88
C GLY L 344 -40.10 -6.28 -30.10
N PHE L 345 -39.02 -5.56 -29.80
CA PHE L 345 -37.68 -6.03 -30.11
C PHE L 345 -37.36 -7.35 -29.42
N ILE L 346 -37.76 -7.48 -28.15
CA ILE L 346 -37.41 -8.68 -27.39
C ILE L 346 -38.02 -9.92 -28.02
N ALA L 347 -39.31 -9.87 -28.34
CA ALA L 347 -39.97 -11.03 -28.92
C ALA L 347 -39.42 -11.35 -30.30
N VAL L 348 -39.14 -10.33 -31.12
CA VAL L 348 -38.62 -10.57 -32.46
C VAL L 348 -37.20 -11.14 -32.39
N GLN L 349 -36.33 -10.50 -31.59
CA GLN L 349 -34.95 -10.98 -31.46
C GLN L 349 -34.91 -12.36 -30.82
N THR L 350 -35.88 -12.68 -29.96
CA THR L 350 -35.94 -14.02 -29.37
C THR L 350 -36.13 -15.08 -30.45
N ARG L 351 -36.95 -14.78 -31.46
CA ARG L 351 -37.18 -15.73 -32.55
C ARG L 351 -36.00 -15.79 -33.51
N LEU L 352 -35.27 -14.69 -33.66
CA LEU L 352 -34.14 -14.64 -34.60
C LEU L 352 -32.90 -15.35 -34.07
N ASN L 353 -32.87 -15.71 -32.78
CA ASN L 353 -31.69 -16.33 -32.20
C ASN L 353 -31.38 -17.65 -32.89
N GLY L 354 -30.18 -17.77 -33.44
CA GLY L 354 -29.79 -18.95 -34.17
C GLY L 354 -30.03 -18.89 -35.66
N GLU L 355 -30.49 -17.75 -36.19
CA GLU L 355 -30.72 -17.63 -37.61
C GLU L 355 -29.39 -17.76 -38.36
N PRO L 356 -29.44 -18.25 -39.61
CA PRO L 356 -28.20 -18.36 -40.39
C PRO L 356 -27.53 -17.03 -40.66
N LEU L 357 -28.24 -15.92 -40.54
CA LEU L 357 -27.61 -14.61 -40.68
C LEU L 357 -26.60 -14.34 -39.59
N GLU L 358 -26.71 -15.01 -38.44
CA GLU L 358 -25.80 -14.78 -37.32
C GLU L 358 -24.36 -15.14 -37.67
N GLU L 359 -24.14 -15.92 -38.73
CA GLU L 359 -22.78 -16.19 -39.18
C GLU L 359 -22.07 -14.94 -39.66
N TYR L 360 -22.83 -13.91 -40.06
CA TYR L 360 -22.25 -12.66 -40.52
C TYR L 360 -22.62 -11.49 -39.61
N LEU L 361 -23.18 -11.76 -38.43
CA LEU L 361 -23.54 -10.73 -37.48
C LEU L 361 -22.85 -10.98 -36.14
N LYS L 362 -22.68 -9.89 -35.38
CA LYS L 362 -22.16 -9.95 -34.03
C LYS L 362 -22.48 -8.65 -33.31
N PRO L 363 -23.60 -8.58 -32.60
CA PRO L 363 -23.91 -7.37 -31.84
C PRO L 363 -22.94 -7.19 -30.68
N THR L 364 -22.36 -5.99 -30.59
CA THR L 364 -21.36 -5.69 -29.57
C THR L 364 -21.82 -4.66 -28.54
N GLY L 365 -22.84 -3.87 -28.84
CA GLY L 365 -23.30 -2.87 -27.91
C GLY L 365 -24.73 -2.46 -28.18
N GLY L 366 -25.19 -1.46 -27.43
CA GLY L 366 -26.53 -0.95 -27.57
C GLY L 366 -27.20 -0.67 -26.22
N GLY L 367 -28.49 -0.87 -26.14
CA GLY L 367 -29.22 -0.67 -24.90
C GLY L 367 -30.67 -0.31 -25.17
N TYR L 368 -31.47 -0.40 -24.11
CA TYR L 368 -32.89 -0.10 -24.18
C TYR L 368 -33.17 1.23 -23.48
N PHE L 369 -34.05 2.03 -24.08
CA PHE L 369 -34.43 3.31 -23.54
C PHE L 369 -35.91 3.54 -23.81
N PHE L 370 -36.48 4.55 -23.14
CA PHE L 370 -37.86 4.96 -23.37
C PHE L 370 -37.86 6.40 -23.83
N THR L 371 -38.35 6.63 -25.04
CA THR L 371 -38.49 7.98 -25.57
C THR L 371 -39.56 8.73 -24.78
N LEU L 372 -39.18 9.86 -24.20
CA LEU L 372 -40.11 10.64 -23.40
C LEU L 372 -41.24 11.18 -24.27
N PRO L 373 -42.41 11.43 -23.67
CA PRO L 373 -43.53 11.99 -24.46
C PRO L 373 -43.15 13.31 -25.12
N GLY L 374 -43.88 13.62 -26.19
CA GLY L 374 -43.68 14.88 -26.88
C GLY L 374 -44.05 16.07 -26.01
N VAL L 375 -43.74 17.26 -26.52
CA VAL L 375 -43.98 18.50 -25.80
C VAL L 375 -44.83 19.42 -26.67
N THR L 376 -45.71 20.18 -26.02
CA THR L 376 -46.60 21.11 -26.71
C THR L 376 -46.94 22.23 -25.73
N GLY L 377 -46.85 23.47 -26.19
CA GLY L 377 -47.12 24.61 -25.34
C GLY L 377 -45.84 25.31 -24.91
N GLU L 378 -45.98 26.59 -24.57
CA GLU L 378 -44.81 27.41 -24.27
C GLU L 378 -44.12 26.98 -22.98
N GLU L 379 -44.87 26.45 -22.02
CA GLU L 379 -44.33 26.17 -20.69
C GLU L 379 -44.08 24.68 -20.44
N ASP L 380 -44.17 23.84 -21.46
CA ASP L 380 -43.86 22.43 -21.35
C ASP L 380 -42.44 22.17 -21.87
N PHE L 381 -41.81 21.12 -21.33
CA PHE L 381 -40.46 20.78 -21.72
C PHE L 381 -40.26 19.28 -21.62
N ILE L 382 -39.14 18.82 -22.17
CA ILE L 382 -38.85 17.38 -22.23
C ILE L 382 -38.68 16.85 -20.82
N GLY L 383 -39.48 15.83 -20.48
CA GLY L 383 -39.39 15.19 -19.19
C GLY L 383 -40.18 15.86 -18.07
N ARG L 384 -40.99 16.87 -18.38
CA ARG L 384 -41.74 17.54 -17.33
C ARG L 384 -42.79 16.62 -16.73
N SER L 385 -43.55 15.92 -17.58
CA SER L 385 -44.58 15.01 -17.09
C SER L 385 -43.98 13.90 -16.23
N LEU L 386 -42.76 13.46 -16.56
CA LEU L 386 -42.08 12.49 -15.72
C LEU L 386 -41.72 13.08 -14.36
N LEU L 387 -41.28 14.35 -14.34
CA LEU L 387 -40.95 15.00 -13.08
C LEU L 387 -42.20 15.30 -12.26
N ASP L 388 -43.27 15.73 -12.93
CA ASP L 388 -44.50 16.08 -12.21
C ASP L 388 -45.12 14.85 -11.54
N ALA L 389 -45.06 13.70 -12.21
CA ALA L 389 -45.66 12.48 -11.69
C ALA L 389 -44.82 11.81 -10.61
N THR L 390 -43.69 12.41 -10.20
CA THR L 390 -42.80 11.80 -9.23
C THR L 390 -42.40 12.79 -8.14
N ARG L 391 -43.24 13.78 -7.87
CA ARG L 391 -42.94 14.73 -6.81
C ARG L 391 -43.32 14.14 -5.45
N PRO L 392 -42.42 14.13 -4.47
CA PRO L 392 -42.72 13.61 -3.13
C PRO L 392 -43.39 14.64 -2.23
#